data_7LMY
#
_entry.id   7LMY
#
_cell.length_a   1.00
_cell.length_b   1.00
_cell.length_c   1.00
_cell.angle_alpha   90.00
_cell.angle_beta   90.00
_cell.angle_gamma   90.00
#
_symmetry.space_group_name_H-M   'P 1'
#
loop_
_entity.id
_entity.type
_entity.pdbx_description
1 polymer 'Transitional endoplasmic reticulum ATPase'
2 non-polymer "ADENOSINE-5'-TRIPHOSPHATE"
3 non-polymer 3-[3-cyclopentylsulfanyl-5-[[3-methyl-4-(4-methylsulfonylphenyl)phenoxy]methyl]-1,2,4-triazol-4-yl]pyridine
4 non-polymer 'MAGNESIUM ION'
#
_entity_poly.entity_id   1
_entity_poly.type   'polypeptide(L)'
_entity_poly.pdbx_seq_one_letter_code
;MASGADSKGDDLSTAILKQKNRPNRLIVDEAINEDNSVVSLSQPKMDELQLFRGDTVLLKGKKRREAVCIVLSDDTCSDE
KIRMNRVVRNNLRVRLGDVISIQPCPDVKYGKRIHVLPIDDTVEGITGNLFEVYLKPYFLEAYRPIRKGDIFLVRGGMRA
VEFKVVETDPSPYCIVAPDTVIHCEGEPIKREDEEESLNEVGYDDIGGCRKQLAQIKEMVELPLRHPALFKEIGVKPPRG
ILLYGPPGTGKTLIARAVANETGAFFFLINGPEIMSKLAGESESNLRKAFEEAEKNAPAIIFIDELDAIAPKREKTHGEV
ERRIVSQLLTLMDGLKQRAHVIVMAATNRPNSIDPALRRFGRFDREVDIGIPDATGRLEILQIHTKNMKLADDVDLEQVA
NETHGHVGADLAALCSEAALQAIRKKMDLIDLEDETIDAEVMNSLAVTMDDFRWALSQSNPSALRETVVEVPQVTWEDIG
GLEDVKRELQELVQYPVEHPDKFLKFGMTPSKGVLFYGPPGCGKTLLAKAIANECQANFISIKGPELLTMWFGESEANVR
EIFDKARQAAPCVLFFDQLDSIAKARGGNIGDGGGAADRVINQILTEMDGMSTKKNVFIIGATNRPDIIDPAILRPGRLD
QLIYIPLPDEKSRVAILKANLRKSPVAKDVDLEFLAKMTNGFSGADLTEICQRACKLAIRESIESEIRRERERQTNPSAM
EVEEDDPVPEIRRDHFEEAMRFARRSVSDNDIRKYEMFAQTLQQSRGFGSFRFPSGNQGGAGPSQGSGGGTGGSVYTEDN
DDDLYG
;
_entity_poly.pdbx_strand_id   A,B,C,D,E,F
#
# COMPACT_ATOMS: atom_id res chain seq x y z
N LEU A 12 32.29 -25.02 -32.77
CA LEU A 12 32.85 -24.54 -31.52
C LEU A 12 32.28 -23.17 -31.18
N SER A 13 32.19 -22.86 -29.88
CA SER A 13 31.47 -21.67 -29.45
C SER A 13 32.11 -20.39 -29.97
N THR A 14 33.45 -20.31 -29.93
CA THR A 14 34.17 -19.12 -30.37
C THR A 14 34.83 -19.33 -31.73
N ALA A 15 34.31 -20.25 -32.55
CA ALA A 15 34.87 -20.47 -33.88
C ALA A 15 34.69 -19.27 -34.78
N ILE A 16 33.68 -18.43 -34.52
CA ILE A 16 33.47 -17.23 -35.32
C ILE A 16 34.56 -16.19 -35.06
N LEU A 17 35.13 -16.16 -33.86
CA LEU A 17 36.22 -15.24 -33.56
C LEU A 17 37.51 -15.63 -34.25
N LYS A 18 37.61 -16.86 -34.71
CA LYS A 18 38.76 -17.32 -35.48
C LYS A 18 38.83 -16.59 -36.82
N GLN A 19 39.87 -15.77 -36.99
CA GLN A 19 40.17 -15.25 -38.31
C GLN A 19 41.17 -16.16 -39.02
N LYS A 20 40.97 -16.32 -40.32
CA LYS A 20 41.42 -17.51 -41.05
C LYS A 20 42.86 -17.34 -41.49
N ASN A 21 43.57 -18.46 -41.60
CA ASN A 21 44.91 -18.50 -42.21
C ASN A 21 44.77 -18.42 -43.73
N ARG A 22 44.78 -17.21 -44.27
CA ARG A 22 44.51 -16.96 -45.68
C ARG A 22 45.69 -16.24 -46.32
N PRO A 23 45.90 -16.43 -47.63
CA PRO A 23 46.99 -15.69 -48.30
C PRO A 23 46.83 -14.20 -48.24
N ASN A 24 45.59 -13.69 -48.26
CA ASN A 24 45.37 -12.25 -48.16
C ASN A 24 45.77 -11.71 -46.79
N ARG A 25 45.64 -12.53 -45.74
CA ARG A 25 46.03 -12.10 -44.41
C ARG A 25 47.54 -11.95 -44.32
N LEU A 26 48.01 -10.82 -43.82
CA LEU A 26 49.42 -10.51 -43.77
C LEU A 26 49.77 -9.88 -42.43
N ILE A 27 50.93 -10.25 -41.90
CA ILE A 27 51.43 -9.70 -40.64
C ILE A 27 52.12 -8.38 -40.91
N VAL A 28 51.78 -7.35 -40.14
CA VAL A 28 52.37 -6.03 -40.33
C VAL A 28 53.83 -6.07 -39.93
N ASP A 29 54.70 -5.56 -40.80
CA ASP A 29 56.13 -5.55 -40.57
C ASP A 29 56.70 -4.18 -40.92
N GLU A 30 57.87 -3.89 -40.36
CA GLU A 30 58.53 -2.61 -40.58
C GLU A 30 58.99 -2.50 -42.04
N ALA A 31 59.15 -1.25 -42.48
CA ALA A 31 59.52 -0.94 -43.85
C ALA A 31 60.98 -0.50 -43.90
N ILE A 32 61.75 -1.10 -44.81
CA ILE A 32 63.16 -0.75 -44.97
C ILE A 32 63.25 0.60 -45.66
N ASN A 33 62.78 0.68 -46.90
CA ASN A 33 62.71 1.93 -47.65
C ASN A 33 61.37 1.97 -48.40
N GLU A 34 60.34 2.49 -47.75
CA GLU A 34 59.01 2.60 -48.30
C GLU A 34 58.45 3.98 -47.98
N ASP A 35 57.87 4.63 -48.98
CA ASP A 35 57.21 5.90 -48.74
C ASP A 35 55.77 5.67 -48.29
N ASN A 36 55.01 6.75 -48.21
CA ASN A 36 53.65 6.69 -47.66
C ASN A 36 52.65 6.14 -48.68
N SER A 37 53.15 5.64 -49.82
CA SER A 37 52.27 5.19 -50.89
C SER A 37 52.53 3.78 -51.37
N VAL A 38 53.53 3.08 -50.84
CA VAL A 38 53.86 1.74 -51.30
C VAL A 38 53.98 0.79 -50.11
N VAL A 39 53.80 -0.50 -50.39
CA VAL A 39 54.03 -1.58 -49.45
C VAL A 39 54.80 -2.67 -50.19
N SER A 40 55.54 -3.47 -49.44
CA SER A 40 56.43 -4.48 -50.01
C SER A 40 56.03 -5.87 -49.53
N LEU A 41 56.01 -6.82 -50.47
CA LEU A 41 55.68 -8.21 -50.19
C LEU A 41 56.72 -9.11 -50.86
N SER A 42 56.74 -10.37 -50.45
CA SER A 42 57.65 -11.34 -51.03
C SER A 42 57.14 -11.81 -52.39
N GLN A 43 58.08 -12.13 -53.28
CA GLN A 43 57.70 -12.57 -54.63
C GLN A 43 56.80 -13.79 -54.65
N PRO A 44 57.04 -14.84 -53.84
CA PRO A 44 56.05 -15.92 -53.77
C PRO A 44 54.68 -15.45 -53.36
N LYS A 45 54.59 -14.40 -52.55
CA LYS A 45 53.28 -13.89 -52.15
C LYS A 45 52.54 -13.25 -53.32
N MET A 46 53.25 -12.47 -54.15
CA MET A 46 52.61 -11.96 -55.37
C MET A 46 52.23 -13.10 -56.31
N ASP A 47 53.09 -14.11 -56.44
CA ASP A 47 52.76 -15.24 -57.30
C ASP A 47 51.50 -15.96 -56.83
N GLU A 48 51.37 -16.16 -55.52
CA GLU A 48 50.18 -16.81 -54.98
C GLU A 48 48.96 -15.91 -55.13
N LEU A 49 49.12 -14.61 -54.94
CA LEU A 49 48.01 -13.66 -55.01
C LEU A 49 47.80 -13.10 -56.41
N GLN A 50 48.59 -13.51 -57.39
CA GLN A 50 48.48 -13.03 -58.78
C GLN A 50 48.58 -11.51 -58.85
N LEU A 51 49.51 -10.94 -58.08
CA LEU A 51 49.70 -9.50 -58.01
C LEU A 51 50.95 -9.10 -58.79
N PHE A 52 50.81 -8.09 -59.64
CA PHE A 52 51.93 -7.55 -60.40
C PHE A 52 52.58 -6.40 -59.64
N ARG A 53 53.87 -6.22 -59.88
CA ARG A 53 54.59 -5.10 -59.28
C ARG A 53 54.05 -3.79 -59.84
N GLY A 54 53.83 -2.80 -58.97
CA GLY A 54 53.25 -1.55 -59.36
C GLY A 54 51.74 -1.50 -59.31
N ASP A 55 51.08 -2.63 -59.03
CA ASP A 55 49.63 -2.65 -58.95
C ASP A 55 49.15 -1.89 -57.72
N THR A 56 48.00 -1.22 -57.86
CA THR A 56 47.37 -0.58 -56.71
C THR A 56 46.57 -1.63 -55.94
N VAL A 57 46.74 -1.64 -54.62
CA VAL A 57 46.18 -2.69 -53.77
C VAL A 57 45.45 -2.03 -52.61
N LEU A 58 44.30 -2.61 -52.25
CA LEU A 58 43.48 -2.16 -51.13
C LEU A 58 43.82 -2.97 -49.88
N LEU A 59 44.10 -2.27 -48.80
CA LEU A 59 44.45 -2.86 -47.52
C LEU A 59 43.38 -2.54 -46.50
N LYS A 60 42.85 -3.56 -45.85
CA LYS A 60 41.82 -3.42 -44.83
C LYS A 60 42.40 -3.82 -43.48
N GLY A 61 42.09 -3.03 -42.46
CA GLY A 61 42.59 -3.27 -41.12
C GLY A 61 41.54 -3.18 -40.04
N LYS A 62 41.97 -3.00 -38.79
CA LYS A 62 41.04 -2.92 -37.68
C LYS A 62 40.21 -1.63 -37.76
N LYS A 63 38.99 -1.70 -37.22
CA LYS A 63 38.11 -0.54 -37.07
C LYS A 63 37.68 0.07 -38.42
N ARG A 64 37.16 -0.75 -39.32
CA ARG A 64 36.53 -0.27 -40.56
C ARG A 64 37.52 0.44 -41.49
N ARG A 65 38.81 0.25 -41.26
CA ARG A 65 39.82 1.04 -41.95
C ARG A 65 40.25 0.43 -43.27
N GLU A 66 40.34 1.30 -44.27
CA GLU A 66 40.78 0.94 -45.61
C GLU A 66 41.84 1.92 -46.07
N ALA A 67 42.72 1.46 -46.96
CA ALA A 67 43.75 2.29 -47.55
C ALA A 67 44.18 1.69 -48.88
N VAL A 68 44.92 2.47 -49.67
CA VAL A 68 45.44 2.01 -50.96
C VAL A 68 46.94 2.24 -51.00
N CYS A 69 47.66 1.27 -51.53
CA CYS A 69 49.11 1.36 -51.66
C CYS A 69 49.54 0.76 -52.99
N ILE A 70 50.84 0.81 -53.25
CA ILE A 70 51.44 0.22 -54.45
C ILE A 70 52.25 -0.98 -54.01
N VAL A 71 51.92 -2.16 -54.54
CA VAL A 71 52.58 -3.39 -54.15
C VAL A 71 53.91 -3.51 -54.87
N LEU A 72 54.98 -3.79 -54.12
CA LEU A 72 56.31 -3.95 -54.66
C LEU A 72 56.93 -5.23 -54.11
N SER A 73 58.04 -5.63 -54.72
CA SER A 73 58.73 -6.86 -54.36
C SER A 73 59.90 -6.55 -53.43
N ASP A 74 60.11 -7.42 -52.44
CA ASP A 74 61.24 -7.30 -51.53
C ASP A 74 61.74 -8.70 -51.20
N ASP A 75 62.97 -8.99 -51.60
CA ASP A 75 63.55 -10.31 -51.37
C ASP A 75 63.85 -10.57 -49.90
N THR A 76 63.96 -9.52 -49.08
CA THR A 76 64.18 -9.67 -47.65
C THR A 76 62.88 -9.77 -46.87
N CYS A 77 61.73 -9.62 -47.52
CA CYS A 77 60.44 -9.66 -46.86
C CYS A 77 59.96 -11.11 -46.73
N SER A 78 59.42 -11.43 -45.56
CA SER A 78 58.88 -12.76 -45.33
C SER A 78 57.60 -12.97 -46.14
N ASP A 79 57.28 -14.24 -46.39
CA ASP A 79 56.09 -14.57 -47.17
C ASP A 79 54.82 -14.13 -46.45
N GLU A 80 54.76 -14.34 -45.14
CA GLU A 80 53.57 -14.05 -44.36
C GLU A 80 53.53 -12.62 -43.83
N LYS A 81 54.52 -11.79 -44.16
CA LYS A 81 54.60 -10.44 -43.64
C LYS A 81 54.56 -9.42 -44.77
N ILE A 82 54.12 -8.21 -44.42
CA ILE A 82 54.09 -7.09 -45.36
C ILE A 82 54.86 -5.93 -44.74
N ARG A 83 55.82 -5.38 -45.49
CA ARG A 83 56.60 -4.25 -45.04
C ARG A 83 55.73 -3.00 -45.11
N MET A 84 55.86 -2.12 -44.12
CA MET A 84 54.80 -1.16 -43.84
C MET A 84 55.37 -0.01 -43.02
N ASN A 85 55.33 1.20 -43.57
CA ASN A 85 55.85 2.35 -42.86
C ASN A 85 54.86 2.83 -41.80
N ARG A 86 55.33 3.76 -40.96
CA ARG A 86 54.54 4.18 -39.81
C ARG A 86 53.28 4.95 -40.20
N VAL A 87 53.36 5.76 -41.26
CA VAL A 87 52.23 6.62 -41.61
C VAL A 87 51.00 5.79 -41.97
N VAL A 88 51.18 4.78 -42.82
CA VAL A 88 50.04 4.00 -43.25
C VAL A 88 49.64 2.99 -42.18
N ARG A 89 50.57 2.64 -41.27
CA ARG A 89 50.17 1.92 -40.06
C ARG A 89 49.20 2.75 -39.23
N ASN A 90 49.48 4.05 -39.09
CA ASN A 90 48.55 4.93 -38.40
C ASN A 90 47.24 5.05 -39.18
N ASN A 91 47.32 5.03 -40.51
CA ASN A 91 46.11 5.12 -41.32
C ASN A 91 45.18 3.94 -41.10
N LEU A 92 45.74 2.74 -41.02
CA LEU A 92 44.94 1.53 -40.81
C LEU A 92 44.70 1.23 -39.34
N ARG A 93 45.21 2.06 -38.43
CA ARG A 93 45.05 1.87 -36.99
C ARG A 93 45.57 0.51 -36.54
N VAL A 94 46.73 0.12 -37.06
CA VAL A 94 47.34 -1.17 -36.74
C VAL A 94 48.77 -0.94 -36.26
N ARG A 95 49.28 -1.92 -35.53
CA ARG A 95 50.63 -1.89 -34.98
C ARG A 95 51.44 -3.02 -35.58
N LEU A 96 52.72 -3.06 -35.23
CA LEU A 96 53.60 -4.13 -35.70
C LEU A 96 53.13 -5.46 -35.13
N GLY A 97 53.06 -6.47 -36.00
CA GLY A 97 52.56 -7.78 -35.64
C GLY A 97 51.09 -7.98 -35.85
N ASP A 98 50.34 -6.92 -36.18
CA ASP A 98 48.92 -7.04 -36.45
C ASP A 98 48.69 -7.72 -37.80
N VAL A 99 47.44 -8.09 -38.06
CA VAL A 99 47.05 -8.77 -39.28
C VAL A 99 46.17 -7.83 -40.10
N ILE A 100 46.52 -7.66 -41.38
CA ILE A 100 45.73 -6.87 -42.30
C ILE A 100 45.37 -7.75 -43.49
N SER A 101 44.43 -7.27 -44.31
CA SER A 101 44.00 -8.00 -45.50
C SER A 101 44.33 -7.18 -46.73
N ILE A 102 44.85 -7.86 -47.76
CA ILE A 102 45.25 -7.22 -49.01
C ILE A 102 44.42 -7.79 -50.14
N GLN A 103 43.91 -6.93 -51.01
CA GLN A 103 43.13 -7.34 -52.16
C GLN A 103 43.48 -6.44 -53.33
N PRO A 104 43.22 -6.88 -54.56
CA PRO A 104 43.36 -5.99 -55.70
C PRO A 104 42.35 -4.86 -55.64
N CYS A 105 42.72 -3.70 -56.18
CA CYS A 105 41.87 -2.52 -56.20
C CYS A 105 41.79 -2.01 -57.64
N PRO A 106 41.01 -2.68 -58.47
CA PRO A 106 40.94 -2.30 -59.90
C PRO A 106 40.12 -1.04 -60.13
N ASP A 107 40.33 -0.46 -61.31
CA ASP A 107 39.56 0.69 -61.78
C ASP A 107 39.67 1.89 -60.84
N VAL A 108 40.91 2.23 -60.46
CA VAL A 108 41.16 3.45 -59.71
C VAL A 108 41.48 4.56 -60.69
N LYS A 109 40.59 5.54 -60.79
CA LYS A 109 40.69 6.59 -61.79
C LYS A 109 41.56 7.74 -61.28
N TYR A 110 42.04 8.55 -62.22
CA TYR A 110 42.81 9.73 -61.87
C TYR A 110 41.96 10.73 -61.12
N GLY A 111 42.52 11.32 -60.07
CA GLY A 111 41.77 12.27 -59.26
C GLY A 111 41.45 13.53 -60.04
N LYS A 112 40.20 13.98 -59.96
CA LYS A 112 39.82 15.24 -60.58
C LYS A 112 40.09 16.42 -59.66
N ARG A 113 39.82 16.26 -58.36
CA ARG A 113 40.03 17.35 -57.41
C ARG A 113 40.10 16.77 -56.01
N ILE A 114 41.13 17.15 -55.25
CA ILE A 114 41.31 16.68 -53.88
C ILE A 114 41.49 17.88 -52.96
N HIS A 115 40.76 17.84 -51.83
CA HIS A 115 40.83 18.84 -50.78
C HIS A 115 41.43 18.19 -49.55
N VAL A 116 42.50 18.79 -49.03
CA VAL A 116 43.20 18.28 -47.86
C VAL A 116 43.28 19.40 -46.82
N LEU A 117 43.57 19.01 -45.57
CA LEU A 117 43.68 19.95 -44.48
C LEU A 117 44.77 19.50 -43.52
N PRO A 118 45.56 20.43 -42.99
CA PRO A 118 46.65 20.05 -42.09
C PRO A 118 46.18 19.88 -40.64
N ILE A 119 47.02 19.20 -39.87
CA ILE A 119 46.80 19.02 -38.44
C ILE A 119 47.34 20.23 -37.70
N ASP A 120 46.67 20.61 -36.61
CA ASP A 120 46.87 21.93 -36.01
C ASP A 120 48.31 22.12 -35.53
N ASP A 121 48.82 21.20 -34.70
CA ASP A 121 50.16 21.41 -34.17
C ASP A 121 51.24 21.27 -35.24
N THR A 122 51.02 20.43 -36.25
CA THR A 122 51.93 20.36 -37.39
C THR A 122 51.98 21.66 -38.18
N VAL A 123 50.91 22.46 -38.15
CA VAL A 123 50.87 23.73 -38.86
C VAL A 123 50.95 24.91 -37.90
N GLU A 124 50.93 24.67 -36.59
CA GLU A 124 51.10 25.75 -35.62
C GLU A 124 52.44 26.43 -35.81
N GLY A 125 52.40 27.73 -36.07
CA GLY A 125 53.60 28.48 -36.37
C GLY A 125 54.03 28.47 -37.81
N ILE A 126 53.35 27.71 -38.67
CA ILE A 126 53.66 27.65 -40.09
C ILE A 126 52.77 28.67 -40.80
N THR A 127 53.40 29.69 -41.39
CA THR A 127 52.69 30.76 -42.08
C THR A 127 52.93 30.76 -43.58
N GLY A 128 53.81 29.91 -44.09
CA GLY A 128 54.08 29.87 -45.51
C GLY A 128 52.98 29.18 -46.30
N ASN A 129 53.12 29.22 -47.61
CA ASN A 129 52.16 28.57 -48.50
C ASN A 129 52.29 27.06 -48.35
N LEU A 130 51.24 26.42 -47.82
CA LEU A 130 51.30 24.98 -47.59
C LEU A 130 51.44 24.23 -48.91
N PHE A 131 50.72 24.66 -49.95
CA PHE A 131 50.74 23.95 -51.22
C PHE A 131 52.16 23.83 -51.77
N GLU A 132 52.77 24.97 -52.10
CA GLU A 132 54.07 24.96 -52.77
C GLU A 132 55.15 24.30 -51.90
N VAL A 133 55.13 24.59 -50.60
CA VAL A 133 56.19 24.08 -49.73
C VAL A 133 56.07 22.58 -49.54
N TYR A 134 54.86 22.06 -49.34
CA TYR A 134 54.67 20.67 -48.95
C TYR A 134 54.02 19.81 -50.02
N LEU A 135 52.83 20.18 -50.49
CA LEU A 135 52.03 19.25 -51.28
C LEU A 135 52.56 19.11 -52.70
N LYS A 136 52.97 20.21 -53.32
CA LYS A 136 53.44 20.15 -54.70
C LYS A 136 54.67 19.26 -54.86
N PRO A 137 55.74 19.40 -54.08
CA PRO A 137 56.86 18.44 -54.21
C PRO A 137 56.47 17.02 -53.83
N TYR A 138 55.48 16.86 -52.94
CA TYR A 138 55.09 15.52 -52.50
C TYR A 138 54.26 14.79 -53.56
N PHE A 139 53.55 15.54 -54.42
CA PHE A 139 52.65 14.94 -55.40
C PHE A 139 53.09 15.20 -56.84
N LEU A 140 54.34 15.61 -57.05
CA LEU A 140 54.83 15.93 -58.39
C LEU A 140 55.43 14.67 -59.02
N GLU A 141 54.82 14.21 -60.11
CA GLU A 141 55.28 13.04 -60.85
C GLU A 141 55.44 11.83 -59.94
N ALA A 142 54.40 11.57 -59.14
CA ALA A 142 54.42 10.47 -58.19
C ALA A 142 53.26 9.51 -58.40
N TYR A 143 52.11 10.06 -58.81
CA TYR A 143 50.89 9.28 -59.04
C TYR A 143 50.49 8.49 -57.79
N ARG A 144 50.50 9.16 -56.65
CA ARG A 144 50.22 8.50 -55.38
C ARG A 144 48.73 8.15 -55.28
N PRO A 145 48.39 6.94 -54.86
CA PRO A 145 46.98 6.63 -54.58
C PRO A 145 46.60 7.06 -53.16
N ILE A 146 45.45 7.71 -53.03
CA ILE A 146 45.01 8.25 -51.76
C ILE A 146 43.55 7.86 -51.52
N ARG A 147 43.12 8.03 -50.27
CA ARG A 147 41.75 7.76 -49.85
C ARG A 147 41.22 8.93 -49.04
N LYS A 148 39.91 9.12 -49.09
CA LYS A 148 39.26 10.09 -48.23
C LYS A 148 39.48 9.73 -46.78
N GLY A 149 39.88 10.72 -45.97
CA GLY A 149 40.17 10.51 -44.57
C GLY A 149 41.58 10.02 -44.29
N ASP A 150 42.42 9.89 -45.30
CA ASP A 150 43.80 9.47 -45.09
C ASP A 150 44.59 10.54 -44.33
N ILE A 151 45.53 10.08 -43.52
CA ILE A 151 46.45 10.96 -42.80
C ILE A 151 47.86 10.67 -43.30
N PHE A 152 48.50 11.69 -43.88
CA PHE A 152 49.83 11.50 -44.45
C PHE A 152 50.74 12.66 -44.05
N LEU A 153 52.00 12.32 -43.76
CA LEU A 153 52.98 13.28 -43.28
C LEU A 153 53.87 13.71 -44.44
N VAL A 154 54.12 15.01 -44.56
CA VAL A 154 54.90 15.57 -45.66
C VAL A 154 56.11 16.30 -45.09
N ARG A 155 57.26 16.08 -45.71
CA ARG A 155 58.49 16.76 -45.32
C ARG A 155 58.53 18.15 -45.96
N GLY A 156 59.66 18.84 -45.78
CA GLY A 156 59.81 20.19 -46.27
C GLY A 156 59.51 21.24 -45.21
N GLY A 157 59.75 22.50 -45.58
CA GLY A 157 59.64 23.58 -44.65
C GLY A 157 60.71 23.49 -43.57
N MET A 158 60.40 24.11 -42.44
CA MET A 158 61.16 23.87 -41.22
C MET A 158 60.68 22.63 -40.47
N ARG A 159 59.48 22.15 -40.79
CA ARG A 159 58.80 21.18 -39.94
C ARG A 159 57.84 20.35 -40.78
N ALA A 160 57.93 19.03 -40.66
CA ALA A 160 57.02 18.15 -41.38
C ALA A 160 55.58 18.35 -40.90
N VAL A 161 54.65 18.32 -41.84
CA VAL A 161 53.26 18.65 -41.57
C VAL A 161 52.38 17.47 -41.96
N GLU A 162 51.46 17.10 -41.07
CA GLU A 162 50.50 16.05 -41.34
C GLU A 162 49.25 16.64 -41.97
N PHE A 163 48.73 15.96 -43.00
CA PHE A 163 47.56 16.41 -43.73
C PHE A 163 46.51 15.31 -43.74
N LYS A 164 45.25 15.73 -43.73
CA LYS A 164 44.11 14.83 -43.80
C LYS A 164 43.36 15.07 -45.10
N VAL A 165 43.16 14.02 -45.88
CA VAL A 165 42.44 14.10 -47.14
C VAL A 165 40.96 14.19 -46.83
N VAL A 166 40.40 15.40 -46.88
CA VAL A 166 39.01 15.58 -46.49
C VAL A 166 38.02 15.44 -47.64
N GLU A 167 38.49 15.51 -48.89
CA GLU A 167 37.58 15.34 -50.02
C GLU A 167 38.34 14.82 -51.23
N THR A 168 37.73 13.88 -51.95
CA THR A 168 38.30 13.36 -53.18
C THR A 168 37.23 13.32 -54.26
N ASP A 169 37.66 13.55 -55.49
CA ASP A 169 36.82 13.35 -56.67
C ASP A 169 37.69 12.88 -57.82
N PRO A 170 37.46 11.66 -58.36
CA PRO A 170 36.39 10.73 -57.97
C PRO A 170 36.62 10.06 -56.62
N SER A 171 35.53 9.60 -56.01
CA SER A 171 35.52 9.06 -54.66
C SER A 171 35.25 7.56 -54.67
N PRO A 172 35.74 6.82 -53.67
CA PRO A 172 36.60 7.32 -52.59
C PRO A 172 38.08 7.31 -52.96
N TYR A 173 38.47 6.38 -53.83
CA TYR A 173 39.87 6.20 -54.18
C TYR A 173 40.19 6.91 -55.48
N CYS A 174 41.29 7.67 -55.49
CA CYS A 174 41.70 8.41 -56.67
C CYS A 174 43.22 8.45 -56.73
N ILE A 175 43.73 8.64 -57.95
CA ILE A 175 45.17 8.77 -58.19
C ILE A 175 45.50 10.25 -58.33
N VAL A 176 46.57 10.69 -57.69
CA VAL A 176 46.98 12.08 -57.78
C VAL A 176 47.74 12.28 -59.08
N ALA A 177 47.01 12.63 -60.14
CA ALA A 177 47.59 12.86 -61.45
C ALA A 177 48.21 14.25 -61.52
N PRO A 178 49.08 14.50 -62.51
CA PRO A 178 49.63 15.86 -62.65
C PRO A 178 48.57 16.93 -62.86
N ASP A 179 47.46 16.61 -63.52
CA ASP A 179 46.38 17.56 -63.72
C ASP A 179 45.36 17.57 -62.58
N THR A 180 45.55 16.74 -61.56
CA THR A 180 44.67 16.75 -60.41
C THR A 180 44.84 18.05 -59.63
N VAL A 181 43.73 18.68 -59.27
CA VAL A 181 43.74 19.95 -58.56
C VAL A 181 43.73 19.68 -57.07
N ILE A 182 44.83 20.02 -56.40
CA ILE A 182 45.00 19.83 -54.96
C ILE A 182 44.84 21.18 -54.28
N HIS A 183 43.95 21.26 -53.28
CA HIS A 183 43.82 22.49 -52.52
C HIS A 183 43.67 22.20 -51.04
N CYS A 184 44.15 23.13 -50.23
CA CYS A 184 44.20 23.00 -48.77
C CYS A 184 43.75 24.27 -48.10
N GLU A 185 42.66 24.86 -48.58
CA GLU A 185 42.10 26.08 -48.00
C GLU A 185 40.83 25.71 -47.23
N GLY A 186 40.87 25.86 -45.91
CA GLY A 186 39.73 25.55 -45.08
C GLY A 186 40.12 25.57 -43.62
N GLU A 187 39.13 25.31 -42.77
CA GLU A 187 39.37 25.26 -41.34
C GLU A 187 40.29 24.08 -41.02
N PRO A 188 41.42 24.31 -40.37
CA PRO A 188 42.37 23.20 -40.12
C PRO A 188 41.73 22.12 -39.25
N ILE A 189 42.05 20.86 -39.56
CA ILE A 189 41.51 19.75 -38.79
C ILE A 189 42.14 19.74 -37.40
N LYS A 190 41.29 19.90 -36.38
CA LYS A 190 41.78 19.98 -35.02
C LYS A 190 42.32 18.63 -34.55
N ARG A 191 43.26 18.70 -33.60
CA ARG A 191 43.85 17.47 -33.07
C ARG A 191 42.84 16.68 -32.24
N GLU A 192 41.84 17.36 -31.69
CA GLU A 192 40.84 16.69 -30.87
C GLU A 192 40.06 15.67 -31.69
N ASP A 193 39.67 16.06 -32.91
CA ASP A 193 38.94 15.16 -33.80
C ASP A 193 39.80 13.96 -34.16
N GLU A 194 41.07 14.20 -34.48
CA GLU A 194 41.98 13.10 -34.84
C GLU A 194 42.17 12.15 -33.67
N GLU A 195 42.33 12.69 -32.46
CA GLU A 195 42.51 11.84 -31.28
C GLU A 195 41.25 11.05 -30.98
N GLU A 196 40.08 11.67 -31.12
CA GLU A 196 38.83 10.95 -30.89
C GLU A 196 38.65 9.83 -31.91
N SER A 197 39.00 10.09 -33.17
CA SER A 197 38.93 9.03 -34.18
C SER A 197 39.93 7.92 -33.88
N LEU A 198 41.13 8.28 -33.41
CA LEU A 198 42.16 7.29 -33.12
C LEU A 198 41.75 6.41 -31.95
N ASN A 199 41.18 6.99 -30.90
CA ASN A 199 40.83 6.26 -29.69
C ASN A 199 39.41 5.71 -29.72
N GLU A 200 38.83 5.52 -30.91
CA GLU A 200 37.52 4.92 -31.00
C GLU A 200 37.56 3.46 -30.58
N VAL A 201 36.47 2.98 -29.99
CA VAL A 201 36.46 1.65 -29.38
C VAL A 201 36.16 0.59 -30.43
N GLY A 202 37.02 -0.43 -30.48
CA GLY A 202 36.76 -1.60 -31.30
C GLY A 202 36.57 -2.83 -30.43
N TYR A 203 36.48 -4.02 -31.04
CA TYR A 203 36.31 -5.24 -30.26
C TYR A 203 37.52 -5.51 -29.38
N ASP A 204 38.70 -5.06 -29.80
CA ASP A 204 39.92 -5.30 -29.03
C ASP A 204 39.95 -4.52 -27.72
N ASP A 205 39.03 -3.58 -27.51
CA ASP A 205 38.97 -2.81 -26.28
C ASP A 205 38.10 -3.47 -25.21
N ILE A 206 37.55 -4.65 -25.49
CA ILE A 206 36.73 -5.38 -24.53
C ILE A 206 37.51 -6.59 -24.04
N GLY A 207 37.62 -6.73 -22.72
CA GLY A 207 38.32 -7.84 -22.12
C GLY A 207 37.36 -8.70 -21.30
N GLY A 208 37.64 -10.00 -21.27
CA GLY A 208 36.86 -10.91 -20.47
C GLY A 208 35.49 -11.26 -21.00
N CYS A 209 35.19 -10.93 -22.26
CA CYS A 209 33.88 -11.19 -22.85
C CYS A 209 34.03 -11.93 -24.18
N ARG A 210 34.88 -12.96 -24.21
CA ARG A 210 35.14 -13.66 -25.46
C ARG A 210 33.93 -14.47 -25.90
N LYS A 211 33.31 -15.20 -24.96
CA LYS A 211 32.05 -15.88 -25.24
C LYS A 211 31.00 -14.90 -25.74
N GLN A 212 30.85 -13.77 -25.04
CA GLN A 212 29.77 -12.84 -25.37
C GLN A 212 30.02 -12.19 -26.72
N LEU A 213 31.27 -11.87 -27.03
CA LEU A 213 31.59 -11.32 -28.35
C LEU A 213 31.30 -12.33 -29.45
N ALA A 214 31.66 -13.60 -29.23
CA ALA A 214 31.35 -14.63 -30.22
C ALA A 214 29.85 -14.76 -30.42
N GLN A 215 29.08 -14.77 -29.34
CA GLN A 215 27.63 -14.89 -29.44
C GLN A 215 27.03 -13.70 -30.16
N ILE A 216 27.52 -12.49 -29.87
CA ILE A 216 27.00 -11.30 -30.52
C ILE A 216 27.30 -11.32 -32.01
N LYS A 217 28.52 -11.74 -32.40
CA LYS A 217 28.82 -11.85 -33.82
C LYS A 217 27.94 -12.91 -34.48
N GLU A 218 27.67 -14.01 -33.80
CA GLU A 218 26.83 -15.05 -34.38
C GLU A 218 25.39 -14.59 -34.56
N MET A 219 24.86 -13.84 -33.60
CA MET A 219 23.45 -13.47 -33.61
C MET A 219 23.19 -12.09 -34.22
N VAL A 220 24.21 -11.27 -34.43
CA VAL A 220 23.99 -9.93 -34.96
C VAL A 220 24.74 -9.77 -36.28
N GLU A 221 26.06 -9.91 -36.23
CA GLU A 221 26.86 -9.68 -37.41
C GLU A 221 26.62 -10.75 -38.48
N LEU A 222 26.54 -12.02 -38.07
CA LEU A 222 26.37 -13.08 -39.04
C LEU A 222 25.05 -13.02 -39.81
N PRO A 223 23.88 -12.87 -39.18
CA PRO A 223 22.63 -12.83 -39.96
C PRO A 223 22.57 -11.70 -40.97
N LEU A 224 23.07 -10.51 -40.62
CA LEU A 224 23.09 -9.40 -41.57
C LEU A 224 24.21 -9.57 -42.59
N ARG A 225 25.31 -10.20 -42.20
CA ARG A 225 26.45 -10.36 -43.08
C ARG A 225 26.08 -11.28 -44.24
N HIS A 226 25.49 -12.44 -43.89
CA HIS A 226 25.15 -13.50 -44.84
C HIS A 226 23.72 -13.99 -44.57
N PRO A 227 22.70 -13.23 -44.94
CA PRO A 227 21.33 -13.72 -44.75
C PRO A 227 21.03 -14.99 -45.52
N ALA A 228 21.67 -15.18 -46.69
CA ALA A 228 21.44 -16.39 -47.48
C ALA A 228 21.93 -17.63 -46.76
N LEU A 229 22.90 -17.49 -45.85
CA LEU A 229 23.37 -18.63 -45.08
C LEU A 229 22.24 -19.22 -44.24
N PHE A 230 21.45 -18.35 -43.58
CA PHE A 230 20.31 -18.81 -42.80
C PHE A 230 19.13 -19.18 -43.70
N LYS A 231 18.98 -18.49 -44.84
CA LYS A 231 17.89 -18.82 -45.75
C LYS A 231 18.05 -20.23 -46.33
N GLU A 232 19.29 -20.60 -46.68
CA GLU A 232 19.52 -21.90 -47.30
C GLU A 232 19.19 -23.04 -46.34
N ILE A 233 19.60 -22.91 -45.07
CA ILE A 233 19.34 -23.95 -44.08
C ILE A 233 17.93 -23.86 -43.53
N GLY A 234 17.14 -22.90 -43.99
CA GLY A 234 15.74 -22.81 -43.62
C GLY A 234 15.43 -22.43 -42.19
N VAL A 235 16.18 -21.50 -41.62
CA VAL A 235 15.90 -20.96 -40.29
C VAL A 235 15.93 -19.45 -40.36
N LYS A 236 15.20 -18.82 -39.45
CA LYS A 236 15.13 -17.37 -39.37
C LYS A 236 15.95 -16.87 -38.18
N PRO A 237 16.85 -15.93 -38.38
CA PRO A 237 17.68 -15.44 -37.28
C PRO A 237 16.84 -14.68 -36.26
N PRO A 238 17.19 -14.78 -34.98
CA PRO A 238 16.50 -14.00 -33.97
C PRO A 238 16.48 -12.50 -34.29
N ARG A 239 15.42 -11.85 -33.86
CA ARG A 239 15.23 -10.42 -34.10
C ARG A 239 15.68 -9.56 -32.93
N GLY A 240 15.60 -10.08 -31.70
CA GLY A 240 15.91 -9.28 -30.53
C GLY A 240 16.96 -9.89 -29.62
N ILE A 241 18.07 -9.17 -29.44
CA ILE A 241 19.16 -9.57 -28.57
C ILE A 241 19.25 -8.55 -27.44
N LEU A 242 19.16 -9.04 -26.21
CA LEU A 242 19.18 -8.20 -25.02
C LEU A 242 20.46 -8.50 -24.23
N LEU A 243 21.31 -7.48 -24.08
CA LEU A 243 22.50 -7.61 -23.26
C LEU A 243 22.15 -7.24 -21.82
N TYR A 244 22.48 -8.12 -20.88
CA TYR A 244 22.23 -7.80 -19.49
C TYR A 244 23.47 -8.12 -18.65
N GLY A 245 23.50 -7.56 -17.45
CA GLY A 245 24.59 -7.74 -16.53
C GLY A 245 24.65 -6.61 -15.53
N PRO A 246 25.45 -6.76 -14.48
CA PRO A 246 25.56 -5.71 -13.47
C PRO A 246 26.18 -4.46 -14.05
N PRO A 247 25.95 -3.29 -13.45
CA PRO A 247 26.47 -2.04 -14.02
C PRO A 247 27.99 -2.05 -14.11
N GLY A 248 28.50 -1.44 -15.17
CA GLY A 248 29.93 -1.32 -15.38
C GLY A 248 30.59 -2.53 -16.00
N THR A 249 29.83 -3.49 -16.52
CA THR A 249 30.41 -4.68 -17.12
C THR A 249 30.79 -4.51 -18.58
N GLY A 250 30.44 -3.39 -19.19
CA GLY A 250 30.84 -3.09 -20.54
C GLY A 250 29.77 -3.24 -21.61
N LYS A 251 28.49 -3.20 -21.25
CA LYS A 251 27.43 -3.31 -22.25
C LYS A 251 27.44 -2.11 -23.21
N THR A 252 27.58 -0.91 -22.67
CA THR A 252 27.68 0.27 -23.51
C THR A 252 28.99 0.27 -24.29
N LEU A 253 30.07 -0.22 -23.68
CA LEU A 253 31.33 -0.36 -24.40
C LEU A 253 31.20 -1.34 -25.56
N ILE A 254 30.48 -2.45 -25.33
CA ILE A 254 30.22 -3.40 -26.42
C ILE A 254 29.38 -2.75 -27.50
N ALA A 255 28.41 -1.91 -27.11
CA ALA A 255 27.61 -1.19 -28.10
C ALA A 255 28.48 -0.27 -28.95
N ARG A 256 29.38 0.47 -28.31
CA ARG A 256 30.29 1.35 -29.04
C ARG A 256 31.17 0.54 -29.98
N ALA A 257 31.69 -0.60 -29.50
CA ALA A 257 32.52 -1.45 -30.35
C ALA A 257 31.74 -1.96 -31.56
N VAL A 258 30.52 -2.42 -31.34
CA VAL A 258 29.70 -2.91 -32.45
C VAL A 258 29.45 -1.80 -33.45
N ALA A 259 29.17 -0.59 -32.95
CA ALA A 259 28.94 0.55 -33.84
C ALA A 259 30.18 0.85 -34.67
N ASN A 260 31.36 0.79 -34.06
CA ASN A 260 32.58 1.12 -34.79
C ASN A 260 33.15 -0.04 -35.59
N GLU A 261 32.56 -1.24 -35.47
CA GLU A 261 33.12 -2.43 -36.12
C GLU A 261 32.18 -3.03 -37.17
N THR A 262 30.96 -2.52 -37.29
CA THR A 262 29.96 -3.17 -38.12
C THR A 262 29.88 -2.52 -39.49
N GLY A 263 29.59 -3.33 -40.51
CA GLY A 263 29.34 -2.80 -41.83
C GLY A 263 27.90 -2.37 -42.00
N ALA A 264 27.00 -2.90 -41.17
CA ALA A 264 25.61 -2.52 -41.23
C ALA A 264 25.40 -1.10 -40.69
N PHE A 265 24.30 -0.49 -41.09
CA PHE A 265 23.93 0.81 -40.56
C PHE A 265 23.60 0.69 -39.09
N PHE A 266 24.12 1.60 -38.27
CA PHE A 266 23.96 1.53 -36.82
C PHE A 266 23.19 2.76 -36.34
N PHE A 267 22.13 2.52 -35.58
CA PHE A 267 21.37 3.57 -34.93
C PHE A 267 21.39 3.32 -33.43
N LEU A 268 21.76 4.34 -32.66
CA LEU A 268 21.87 4.23 -31.21
C LEU A 268 20.71 4.97 -30.56
N ILE A 269 20.02 4.28 -29.66
CA ILE A 269 18.94 4.87 -28.87
C ILE A 269 19.28 4.72 -27.39
N ASN A 270 19.19 5.81 -26.65
CA ASN A 270 19.40 5.80 -25.21
C ASN A 270 18.06 5.90 -24.51
N GLY A 271 17.96 5.34 -23.31
CA GLY A 271 16.78 5.46 -22.50
C GLY A 271 16.46 6.89 -22.12
N PRO A 272 17.35 7.52 -21.34
CA PRO A 272 17.14 8.94 -20.99
C PRO A 272 17.04 9.85 -22.20
N GLU A 273 17.67 9.48 -23.33
CA GLU A 273 17.40 10.11 -24.61
C GLU A 273 15.90 10.24 -24.85
N ILE A 274 15.20 9.10 -24.91
CA ILE A 274 13.79 9.10 -25.30
C ILE A 274 12.92 9.65 -24.18
N MET A 275 13.22 9.31 -22.93
CA MET A 275 12.33 9.67 -21.83
C MET A 275 12.42 11.15 -21.46
N SER A 276 13.45 11.86 -21.91
CA SER A 276 13.58 13.29 -21.60
C SER A 276 12.78 14.17 -22.55
N LYS A 277 12.21 13.62 -23.61
CA LYS A 277 11.44 14.39 -24.57
C LYS A 277 9.99 14.52 -24.12
N LEU A 278 9.31 15.51 -24.69
CA LEU A 278 7.91 15.72 -24.40
C LEU A 278 7.07 14.59 -25.00
N ALA A 279 5.87 14.40 -24.44
CA ALA A 279 4.97 13.38 -24.95
C ALA A 279 4.65 13.63 -26.41
N GLY A 280 4.77 12.59 -27.23
CA GLY A 280 4.59 12.70 -28.65
C GLY A 280 5.87 12.91 -29.43
N GLU A 281 6.94 13.36 -28.77
CA GLU A 281 8.25 13.46 -29.41
C GLU A 281 9.08 12.21 -29.17
N SER A 282 8.92 11.57 -28.02
CA SER A 282 9.59 10.30 -27.76
C SER A 282 9.11 9.23 -28.73
N GLU A 283 7.79 9.12 -28.91
CA GLU A 283 7.22 8.16 -29.84
C GLU A 283 7.66 8.46 -31.27
N SER A 284 7.66 9.74 -31.63
CA SER A 284 8.10 10.13 -32.98
C SER A 284 9.56 9.77 -33.21
N ASN A 285 10.41 10.00 -32.21
CA ASN A 285 11.82 9.64 -32.34
C ASN A 285 12.00 8.13 -32.47
N LEU A 286 11.26 7.35 -31.68
CA LEU A 286 11.37 5.90 -31.77
C LEU A 286 10.92 5.39 -33.14
N ARG A 287 9.78 5.88 -33.63
CA ARG A 287 9.30 5.48 -34.95
C ARG A 287 10.27 5.91 -36.04
N LYS A 288 10.82 7.12 -35.93
CA LYS A 288 11.79 7.59 -36.91
C LYS A 288 13.05 6.73 -36.91
N ALA A 289 13.49 6.30 -35.72
CA ALA A 289 14.66 5.44 -35.64
C ALA A 289 14.39 4.11 -36.33
N PHE A 290 13.23 3.51 -36.07
CA PHE A 290 12.93 2.22 -36.70
C PHE A 290 12.79 2.37 -38.22
N GLU A 291 12.15 3.45 -38.68
CA GLU A 291 12.02 3.67 -40.12
C GLU A 291 13.38 3.94 -40.77
N GLU A 292 14.25 4.68 -40.09
CA GLU A 292 15.58 4.95 -40.60
C GLU A 292 16.39 3.67 -40.72
N ALA A 293 16.28 2.78 -39.72
CA ALA A 293 16.95 1.50 -39.79
C ALA A 293 16.41 0.65 -40.95
N GLU A 294 15.09 0.65 -41.14
CA GLU A 294 14.51 -0.15 -42.20
C GLU A 294 14.91 0.39 -43.58
N LYS A 295 15.07 1.71 -43.70
CA LYS A 295 15.46 2.30 -44.97
C LYS A 295 16.90 1.96 -45.33
N ASN A 296 17.78 1.92 -44.33
CA ASN A 296 19.20 1.67 -44.53
C ASN A 296 19.59 0.23 -44.25
N ALA A 297 18.71 -0.72 -44.56
CA ALA A 297 18.99 -2.12 -44.28
C ALA A 297 20.17 -2.62 -45.10
N PRO A 298 20.98 -3.55 -44.55
CA PRO A 298 20.87 -4.11 -43.19
C PRO A 298 21.29 -3.11 -42.12
N ALA A 299 20.58 -3.13 -40.99
CA ALA A 299 20.79 -2.14 -39.94
C ALA A 299 20.73 -2.80 -38.57
N ILE A 300 21.36 -2.13 -37.61
CA ILE A 300 21.31 -2.53 -36.20
C ILE A 300 20.74 -1.38 -35.40
N ILE A 301 19.74 -1.66 -34.58
CA ILE A 301 19.20 -0.70 -33.62
C ILE A 301 19.66 -1.12 -32.24
N PHE A 302 20.37 -0.23 -31.55
CA PHE A 302 20.79 -0.48 -30.18
C PHE A 302 20.02 0.47 -29.27
N ILE A 303 19.29 -0.09 -28.31
CA ILE A 303 18.55 0.69 -27.34
C ILE A 303 19.25 0.51 -26.00
N ASP A 304 20.16 1.43 -25.70
CA ASP A 304 20.87 1.41 -24.42
C ASP A 304 19.94 1.84 -23.30
N GLU A 305 20.07 1.18 -22.15
CA GLU A 305 19.22 1.42 -20.98
C GLU A 305 17.74 1.23 -21.35
N LEU A 306 17.42 -0.02 -21.71
CA LEU A 306 16.06 -0.34 -22.11
C LEU A 306 15.07 -0.19 -20.96
N ASP A 307 15.52 -0.42 -19.73
CA ASP A 307 14.61 -0.31 -18.59
C ASP A 307 14.14 1.13 -18.38
N ALA A 308 14.87 2.10 -18.91
CA ALA A 308 14.44 3.49 -18.78
C ALA A 308 13.17 3.75 -19.57
N ILE A 309 13.02 3.12 -20.74
CA ILE A 309 11.86 3.35 -21.58
C ILE A 309 10.78 2.28 -21.44
N ALA A 310 11.13 1.08 -20.99
CA ALA A 310 10.18 -0.04 -20.97
C ALA A 310 10.21 -0.75 -19.62
N PRO A 311 9.66 -0.14 -18.59
CA PRO A 311 9.41 -0.87 -17.34
C PRO A 311 8.14 -1.71 -17.46
N LYS A 312 7.84 -2.44 -16.39
CA LYS A 312 6.64 -3.26 -16.37
C LYS A 312 5.40 -2.37 -16.45
N ARG A 313 4.52 -2.68 -17.41
CA ARG A 313 3.41 -1.78 -17.73
C ARG A 313 2.45 -1.65 -16.55
N GLU A 314 2.13 -2.77 -15.89
CA GLU A 314 1.22 -2.71 -14.75
C GLU A 314 1.83 -1.92 -13.60
N LYS A 315 3.13 -2.10 -13.37
CA LYS A 315 3.85 -1.37 -12.32
C LYS A 315 4.23 0.04 -12.74
N THR A 316 3.71 0.53 -13.86
CA THR A 316 3.91 1.89 -14.30
C THR A 316 2.61 2.68 -14.15
N HIS A 317 2.75 3.95 -13.79
CA HIS A 317 1.60 4.80 -13.53
C HIS A 317 1.37 5.85 -14.61
N GLY A 318 2.39 6.23 -15.36
CA GLY A 318 2.22 7.21 -16.41
C GLY A 318 1.43 6.66 -17.59
N GLU A 319 0.55 7.51 -18.13
CA GLU A 319 -0.18 7.14 -19.34
C GLU A 319 0.78 7.14 -20.52
N VAL A 320 1.62 8.17 -20.62
CA VAL A 320 2.55 8.30 -21.73
C VAL A 320 3.59 7.21 -21.69
N GLU A 321 4.03 6.80 -20.49
CA GLU A 321 5.01 5.73 -20.38
C GLU A 321 4.46 4.41 -20.90
N ARG A 322 3.22 4.07 -20.54
CA ARG A 322 2.60 2.86 -21.07
C ARG A 322 2.44 2.95 -22.57
N ARG A 323 2.07 4.14 -23.07
CA ARG A 323 1.96 4.31 -24.52
C ARG A 323 3.30 4.11 -25.22
N ILE A 324 4.39 4.57 -24.61
CA ILE A 324 5.73 4.37 -25.18
C ILE A 324 6.09 2.88 -25.20
N VAL A 325 5.78 2.16 -24.12
CA VAL A 325 6.06 0.72 -24.09
C VAL A 325 5.26 0.00 -25.17
N SER A 326 3.99 0.36 -25.31
CA SER A 326 3.17 -0.25 -26.35
C SER A 326 3.69 0.06 -27.75
N GLN A 327 4.16 1.30 -27.95
CA GLN A 327 4.74 1.67 -29.25
C GLN A 327 5.99 0.86 -29.53
N LEU A 328 6.83 0.65 -28.53
CA LEU A 328 8.02 -0.18 -28.71
C LEU A 328 7.65 -1.60 -29.07
N LEU A 329 6.64 -2.16 -28.39
CA LEU A 329 6.19 -3.51 -28.72
C LEU A 329 5.68 -3.59 -30.15
N THR A 330 4.91 -2.59 -30.58
CA THR A 330 4.39 -2.56 -31.94
C THR A 330 5.52 -2.48 -32.96
N LEU A 331 6.52 -1.63 -32.69
CA LEU A 331 7.64 -1.50 -33.62
C LEU A 331 8.44 -2.80 -33.70
N MET A 332 8.64 -3.48 -32.56
CA MET A 332 9.33 -4.76 -32.58
C MET A 332 8.54 -5.80 -33.38
N ASP A 333 7.21 -5.80 -33.25
CA ASP A 333 6.40 -6.73 -34.02
C ASP A 333 6.34 -6.35 -35.50
N GLY A 334 6.61 -5.09 -35.84
CA GLY A 334 6.46 -4.64 -37.21
C GLY A 334 7.50 -5.19 -38.16
N LEU A 335 8.64 -5.65 -37.64
CA LEU A 335 9.67 -6.23 -38.49
C LEU A 335 9.18 -7.54 -39.09
N LYS A 336 9.47 -7.74 -40.37
CA LYS A 336 9.03 -8.91 -41.12
C LYS A 336 10.15 -9.89 -41.41
N GLN A 337 11.30 -9.76 -40.74
CA GLN A 337 12.43 -10.69 -40.82
C GLN A 337 13.11 -10.67 -42.18
N ARG A 338 12.55 -9.92 -43.13
CA ARG A 338 13.22 -9.58 -44.37
C ARG A 338 13.70 -8.14 -44.37
N ALA A 339 13.28 -7.35 -43.38
CA ALA A 339 13.76 -5.98 -43.27
C ALA A 339 15.24 -5.94 -42.93
N HIS A 340 15.81 -7.07 -42.52
CA HIS A 340 17.23 -7.17 -42.19
C HIS A 340 17.63 -6.15 -41.13
N VAL A 341 16.75 -5.95 -40.16
CA VAL A 341 16.98 -5.05 -39.04
C VAL A 341 17.01 -5.89 -37.77
N ILE A 342 18.10 -5.79 -37.03
CA ILE A 342 18.27 -6.49 -35.76
C ILE A 342 18.29 -5.45 -34.65
N VAL A 343 17.43 -5.63 -33.67
CA VAL A 343 17.32 -4.70 -32.55
C VAL A 343 18.11 -5.27 -31.37
N MET A 344 19.06 -4.50 -30.87
CA MET A 344 19.84 -4.87 -29.70
C MET A 344 19.48 -3.93 -28.55
N ALA A 345 19.49 -4.46 -27.33
CA ALA A 345 19.18 -3.66 -26.16
C ALA A 345 20.10 -4.06 -25.02
N ALA A 346 20.42 -3.10 -24.17
CA ALA A 346 21.25 -3.32 -23.00
C ALA A 346 20.50 -2.83 -21.76
N THR A 347 20.52 -3.65 -20.72
CA THR A 347 19.92 -3.26 -19.45
C THR A 347 20.68 -3.93 -18.32
N ASN A 348 20.79 -3.23 -17.20
CA ASN A 348 21.34 -3.80 -15.98
C ASN A 348 20.26 -4.25 -15.02
N ARG A 349 18.99 -4.14 -15.40
CA ARG A 349 17.86 -4.66 -14.63
C ARG A 349 16.97 -5.46 -15.56
N PRO A 350 17.40 -6.67 -15.92
CA PRO A 350 16.59 -7.48 -16.87
C PRO A 350 15.21 -7.82 -16.33
N ASN A 351 15.07 -8.00 -15.01
CA ASN A 351 13.75 -8.27 -14.45
C ASN A 351 12.84 -7.06 -14.54
N SER A 352 13.42 -5.85 -14.56
CA SER A 352 12.60 -4.64 -14.64
C SER A 352 11.98 -4.45 -16.01
N ILE A 353 12.43 -5.19 -17.02
CA ILE A 353 11.85 -5.07 -18.35
C ILE A 353 10.45 -5.65 -18.35
N ASP A 354 9.56 -5.03 -19.12
CA ASP A 354 8.23 -5.56 -19.32
C ASP A 354 8.34 -6.96 -19.93
N PRO A 355 7.69 -7.98 -19.34
CA PRO A 355 7.84 -9.35 -19.86
C PRO A 355 7.38 -9.50 -21.30
N ALA A 356 6.45 -8.68 -21.77
CA ALA A 356 5.97 -8.79 -23.14
C ALA A 356 7.10 -8.59 -24.15
N LEU A 357 8.10 -7.79 -23.81
CA LEU A 357 9.23 -7.56 -24.71
C LEU A 357 10.16 -8.76 -24.78
N ARG A 358 10.02 -9.74 -23.89
CA ARG A 358 10.88 -10.92 -23.89
C ARG A 358 10.21 -12.13 -24.53
N ARG A 359 9.16 -11.91 -25.31
CA ARG A 359 8.42 -12.98 -25.96
C ARG A 359 9.04 -13.33 -27.30
N PHE A 360 8.37 -14.22 -28.04
CA PHE A 360 8.83 -14.59 -29.37
C PHE A 360 8.62 -13.43 -30.34
N GLY A 361 9.54 -13.31 -31.31
CA GLY A 361 9.51 -12.19 -32.22
C GLY A 361 9.97 -10.89 -31.64
N ARG A 362 10.55 -10.92 -30.44
CA ARG A 362 10.96 -9.75 -29.69
C ARG A 362 12.32 -10.09 -29.07
N PHE A 363 12.68 -9.40 -28.00
CA PHE A 363 13.99 -9.66 -27.38
C PHE A 363 13.99 -11.06 -26.78
N ASP A 364 14.10 -12.06 -27.64
CA ASP A 364 14.06 -13.46 -27.22
C ASP A 364 15.42 -14.04 -26.93
N ARG A 365 16.49 -13.46 -27.47
CA ARG A 365 17.84 -13.88 -27.16
C ARG A 365 18.43 -12.95 -26.10
N GLU A 366 19.15 -13.53 -25.14
CA GLU A 366 19.74 -12.75 -24.06
C GLU A 366 21.20 -13.15 -23.89
N VAL A 367 22.07 -12.15 -23.78
CA VAL A 367 23.50 -12.35 -23.58
C VAL A 367 23.88 -11.76 -22.24
N ASP A 368 24.50 -12.58 -21.40
CA ASP A 368 24.88 -12.18 -20.05
C ASP A 368 26.30 -11.66 -20.04
N ILE A 369 26.46 -10.34 -19.89
CA ILE A 369 27.76 -9.72 -19.70
C ILE A 369 28.01 -9.74 -18.19
N GLY A 370 28.53 -10.86 -17.70
CA GLY A 370 28.67 -11.07 -16.28
C GLY A 370 29.93 -10.46 -15.70
N ILE A 371 30.15 -10.75 -14.42
CA ILE A 371 31.35 -10.27 -13.73
C ILE A 371 32.57 -11.01 -14.26
N PRO A 372 33.63 -10.33 -14.67
CA PRO A 372 34.82 -11.04 -15.16
C PRO A 372 35.52 -11.81 -14.05
N ASP A 373 36.19 -12.88 -14.46
CA ASP A 373 37.04 -13.64 -13.55
C ASP A 373 38.44 -13.03 -13.53
N ALA A 374 39.39 -13.75 -12.93
CA ALA A 374 40.74 -13.23 -12.79
C ALA A 374 41.40 -13.02 -14.15
N THR A 375 41.25 -13.97 -15.07
CA THR A 375 41.78 -13.80 -16.41
C THR A 375 41.10 -12.66 -17.15
N GLY A 376 39.78 -12.57 -17.03
CA GLY A 376 39.06 -11.50 -17.69
C GLY A 376 39.46 -10.13 -17.17
N ARG A 377 39.61 -10.00 -15.85
CA ARG A 377 39.98 -8.70 -15.31
C ARG A 377 41.45 -8.39 -15.56
N LEU A 378 42.29 -9.42 -15.70
CA LEU A 378 43.65 -9.18 -16.18
C LEU A 378 43.64 -8.62 -17.61
N GLU A 379 42.79 -9.18 -18.46
CA GLU A 379 42.64 -8.64 -19.82
C GLU A 379 42.14 -7.20 -19.79
N ILE A 380 41.18 -6.91 -18.92
CA ILE A 380 40.67 -5.54 -18.81
C ILE A 380 41.76 -4.59 -18.33
N LEU A 381 42.56 -5.01 -17.34
CA LEU A 381 43.65 -4.16 -16.86
C LEU A 381 44.69 -3.92 -17.94
N GLN A 382 45.00 -4.95 -18.74
CA GLN A 382 45.95 -4.77 -19.83
C GLN A 382 45.40 -3.81 -20.88
N ILE A 383 44.10 -3.91 -21.18
CA ILE A 383 43.50 -3.01 -22.15
C ILE A 383 43.52 -1.57 -21.64
N HIS A 384 43.18 -1.37 -20.37
CA HIS A 384 43.00 0.00 -19.87
C HIS A 384 44.34 0.69 -19.64
N THR A 385 45.39 -0.07 -19.35
CA THR A 385 46.71 0.49 -19.09
C THR A 385 47.62 0.45 -20.31
N LYS A 386 47.07 0.17 -21.50
CA LYS A 386 47.91 0.04 -22.68
C LYS A 386 48.51 1.39 -23.08
N ASN A 387 47.79 2.48 -22.84
CA ASN A 387 48.28 3.82 -23.13
C ASN A 387 48.68 4.57 -21.86
N MET A 388 48.88 3.85 -20.76
CA MET A 388 49.21 4.43 -19.48
C MET A 388 50.70 4.25 -19.20
N LYS A 389 51.32 5.29 -18.65
CA LYS A 389 52.73 5.24 -18.31
C LYS A 389 52.92 4.42 -17.05
N LEU A 390 53.52 3.24 -17.18
CA LEU A 390 53.71 2.33 -16.08
C LEU A 390 55.20 2.08 -15.85
N ALA A 391 55.51 1.56 -14.68
CA ALA A 391 56.87 1.17 -14.31
C ALA A 391 57.02 -0.34 -14.38
N ASP A 392 58.26 -0.81 -14.24
CA ASP A 392 58.55 -2.23 -14.35
C ASP A 392 58.06 -3.03 -13.16
N ASP A 393 57.89 -2.41 -12.00
CA ASP A 393 57.43 -3.13 -10.82
C ASP A 393 55.94 -3.44 -10.88
N VAL A 394 55.22 -2.86 -11.84
CA VAL A 394 53.78 -3.06 -11.93
C VAL A 394 53.51 -4.46 -12.44
N ASP A 395 52.85 -5.29 -11.63
CA ASP A 395 52.48 -6.65 -12.02
C ASP A 395 50.96 -6.68 -12.19
N LEU A 396 50.50 -6.67 -13.45
CA LEU A 396 49.06 -6.71 -13.70
C LEU A 396 48.48 -8.06 -13.28
N GLU A 397 49.34 -9.08 -13.22
CA GLU A 397 48.96 -10.33 -12.59
C GLU A 397 48.46 -10.10 -11.18
N GLN A 398 49.24 -9.38 -10.38
CA GLN A 398 48.98 -9.30 -8.95
C GLN A 398 47.75 -8.45 -8.67
N VAL A 399 47.59 -7.37 -9.44
CA VAL A 399 46.39 -6.55 -9.34
C VAL A 399 45.17 -7.38 -9.72
N ALA A 400 45.28 -8.17 -10.79
CA ALA A 400 44.13 -8.95 -11.24
C ALA A 400 43.71 -9.98 -10.21
N ASN A 401 44.67 -10.62 -9.55
CA ASN A 401 44.32 -11.62 -8.53
C ASN A 401 43.70 -10.98 -7.29
N GLU A 402 43.95 -9.69 -7.06
CA GLU A 402 43.55 -8.99 -5.86
C GLU A 402 42.27 -8.19 -6.02
N THR A 403 41.64 -8.21 -7.20
CA THR A 403 40.47 -7.40 -7.49
C THR A 403 39.20 -8.23 -7.63
N HIS A 404 39.01 -9.22 -6.75
CA HIS A 404 37.75 -9.96 -6.70
C HIS A 404 36.60 -9.00 -6.43
N GLY A 405 35.50 -9.17 -7.17
CA GLY A 405 34.35 -8.31 -7.06
C GLY A 405 34.40 -7.07 -7.94
N HIS A 406 35.50 -6.86 -8.66
CA HIS A 406 35.62 -5.70 -9.52
C HIS A 406 35.04 -6.00 -10.90
N VAL A 407 34.37 -5.01 -11.48
CA VAL A 407 33.94 -5.05 -12.88
C VAL A 407 34.86 -4.12 -13.64
N GLY A 408 34.70 -4.07 -14.97
CA GLY A 408 35.59 -3.26 -15.79
C GLY A 408 35.62 -1.80 -15.37
N ALA A 409 34.46 -1.25 -15.01
CA ALA A 409 34.40 0.13 -14.54
C ALA A 409 35.19 0.30 -13.24
N ASP A 410 35.10 -0.68 -12.34
CA ASP A 410 35.87 -0.63 -11.10
C ASP A 410 37.37 -0.65 -11.40
N LEU A 411 37.80 -1.46 -12.37
CA LEU A 411 39.21 -1.51 -12.72
C LEU A 411 39.68 -0.20 -13.37
N ALA A 412 38.82 0.42 -14.18
CA ALA A 412 39.15 1.73 -14.73
C ALA A 412 39.31 2.77 -13.62
N ALA A 413 38.40 2.75 -12.64
CA ALA A 413 38.53 3.66 -11.51
C ALA A 413 39.80 3.37 -10.71
N LEU A 414 40.14 2.09 -10.57
CA LEU A 414 41.37 1.71 -9.88
C LEU A 414 42.60 2.28 -10.58
N CYS A 415 42.65 2.17 -11.91
CA CYS A 415 43.78 2.73 -12.65
C CYS A 415 43.83 4.24 -12.53
N SER A 416 42.67 4.91 -12.58
CA SER A 416 42.64 6.35 -12.42
C SER A 416 43.15 6.76 -11.03
N GLU A 417 42.74 6.03 -9.99
CA GLU A 417 43.21 6.35 -8.65
C GLU A 417 44.71 6.10 -8.49
N ALA A 418 45.23 5.04 -9.13
CA ALA A 418 46.67 4.80 -9.11
C ALA A 418 47.42 5.95 -9.76
N ALA A 419 46.92 6.44 -10.90
CA ALA A 419 47.55 7.58 -11.55
C ALA A 419 47.47 8.82 -10.67
N LEU A 420 46.35 9.02 -9.98
CA LEU A 420 46.21 10.16 -9.08
C LEU A 420 47.21 10.09 -7.93
N GLN A 421 47.44 8.89 -7.40
CA GLN A 421 48.45 8.73 -6.36
C GLN A 421 49.85 9.01 -6.91
N ALA A 422 50.10 8.59 -8.15
CA ALA A 422 51.38 8.91 -8.79
C ALA A 422 51.58 10.41 -8.88
N ILE A 423 50.52 11.15 -9.22
CA ILE A 423 50.60 12.61 -9.27
C ILE A 423 50.80 13.19 -7.87
N ARG A 424 50.14 12.59 -6.87
CA ARG A 424 50.32 13.04 -5.50
C ARG A 424 51.78 12.92 -5.08
N LYS A 425 52.46 11.87 -5.56
CA LYS A 425 53.87 11.68 -5.25
C LYS A 425 54.76 12.76 -5.86
N LYS A 426 54.27 13.50 -6.87
CA LYS A 426 55.01 14.59 -7.48
C LYS A 426 54.39 15.95 -7.17
N MET A 427 53.37 15.97 -6.30
CA MET A 427 52.71 17.22 -5.87
C MET A 427 53.68 18.35 -5.55
N ASP A 428 54.85 18.05 -4.97
CA ASP A 428 55.70 19.14 -4.50
C ASP A 428 56.24 19.97 -5.64
N LEU A 429 56.46 19.35 -6.79
CA LEU A 429 56.97 20.04 -7.97
C LEU A 429 55.86 20.64 -8.83
N ILE A 430 54.59 20.47 -8.43
CA ILE A 430 53.45 20.92 -9.21
C ILE A 430 52.63 21.87 -8.37
N ASP A 431 52.37 23.07 -8.89
CA ASP A 431 51.56 24.05 -8.18
C ASP A 431 50.31 24.37 -8.99
N LEU A 432 49.21 24.57 -8.28
CA LEU A 432 47.94 24.89 -8.95
C LEU A 432 48.04 26.24 -9.64
N GLU A 433 48.64 27.23 -8.97
CA GLU A 433 48.73 28.58 -9.51
C GLU A 433 49.66 28.65 -10.72
N ASP A 434 50.54 27.67 -10.86
CA ASP A 434 51.45 27.63 -12.00
C ASP A 434 50.67 27.53 -13.30
N GLU A 435 51.05 28.34 -14.28
CA GLU A 435 50.41 28.32 -15.58
C GLU A 435 50.83 27.11 -16.42
N THR A 436 51.98 26.51 -16.13
CA THR A 436 52.46 25.35 -16.87
C THR A 436 53.25 24.46 -15.94
N ILE A 437 53.40 23.20 -16.34
CA ILE A 437 54.09 22.19 -15.54
C ILE A 437 55.38 21.82 -16.25
N ASP A 438 56.47 21.75 -15.48
CA ASP A 438 57.79 21.48 -16.04
C ASP A 438 57.82 20.12 -16.72
N ALA A 439 58.54 20.04 -17.85
CA ALA A 439 58.61 18.81 -18.62
C ALA A 439 59.38 17.71 -17.89
N GLU A 440 60.31 18.06 -17.00
CA GLU A 440 60.98 17.04 -16.21
C GLU A 440 59.99 16.29 -15.34
N VAL A 441 59.04 16.99 -14.73
CA VAL A 441 57.97 16.32 -14.00
C VAL A 441 57.14 15.48 -14.95
N MET A 442 56.86 16.00 -16.15
CA MET A 442 56.03 15.28 -17.11
C MET A 442 56.63 13.92 -17.48
N ASN A 443 57.90 13.89 -17.87
CA ASN A 443 58.50 12.61 -18.26
C ASN A 443 58.88 11.78 -17.04
N SER A 444 58.94 12.40 -15.86
CA SER A 444 59.18 11.64 -14.64
C SER A 444 57.92 10.88 -14.21
N LEU A 445 56.73 11.41 -14.53
CA LEU A 445 55.49 10.79 -14.13
C LEU A 445 55.35 9.36 -14.63
N ALA A 446 55.26 8.41 -13.70
CA ALA A 446 54.98 7.03 -14.03
C ALA A 446 54.18 6.41 -12.89
N VAL A 447 53.38 5.40 -13.23
CA VAL A 447 52.56 4.71 -12.25
C VAL A 447 53.33 3.47 -11.81
N THR A 448 53.68 3.42 -10.53
CA THR A 448 54.43 2.32 -9.96
C THR A 448 53.50 1.32 -9.30
N MET A 449 54.08 0.21 -8.84
CA MET A 449 53.29 -0.81 -8.16
C MET A 449 52.73 -0.30 -6.84
N ASP A 450 53.46 0.59 -6.16
CA ASP A 450 52.97 1.13 -4.89
C ASP A 450 51.70 1.94 -5.09
N ASP A 451 51.63 2.69 -6.20
CA ASP A 451 50.40 3.42 -6.51
C ASP A 451 49.23 2.47 -6.70
N PHE A 452 49.47 1.35 -7.39
CA PHE A 452 48.41 0.36 -7.58
C PHE A 452 48.01 -0.28 -6.25
N ARG A 453 48.98 -0.52 -5.37
CA ARG A 453 48.65 -1.07 -4.05
C ARG A 453 47.79 -0.10 -3.25
N TRP A 454 48.13 1.18 -3.30
CA TRP A 454 47.31 2.17 -2.60
C TRP A 454 45.91 2.26 -3.19
N ALA A 455 45.80 2.26 -4.52
CA ALA A 455 44.49 2.27 -5.16
C ALA A 455 43.68 1.04 -4.78
N LEU A 456 44.34 -0.11 -4.69
CA LEU A 456 43.68 -1.33 -4.24
C LEU A 456 43.17 -1.19 -2.82
N SER A 457 43.98 -0.59 -1.94
CA SER A 457 43.55 -0.38 -0.56
C SER A 457 42.36 0.55 -0.49
N GLN A 458 42.28 1.54 -1.37
CA GLN A 458 41.18 2.49 -1.33
C GLN A 458 39.99 2.09 -2.20
N SER A 459 40.09 1.02 -2.97
CA SER A 459 39.03 0.66 -3.90
C SER A 459 37.91 -0.13 -3.22
N ASN A 460 36.68 0.20 -3.57
CA ASN A 460 35.50 -0.50 -3.06
C ASN A 460 34.74 -1.11 -4.22
N PRO A 461 34.79 -2.43 -4.40
CA PRO A 461 34.13 -3.05 -5.57
C PRO A 461 32.62 -2.91 -5.51
N SER A 462 32.00 -2.88 -6.69
CA SER A 462 30.57 -2.75 -6.82
C SER A 462 29.84 -4.08 -7.00
N ALA A 463 30.57 -5.18 -7.17
CA ALA A 463 29.96 -6.48 -7.42
C ALA A 463 30.39 -7.53 -6.40
N LEU A 464 30.68 -7.11 -5.17
CA LEU A 464 31.11 -8.07 -4.15
C LEU A 464 29.96 -8.91 -3.66
N ARG A 465 28.73 -8.38 -3.69
CA ARG A 465 27.57 -9.10 -3.21
C ARG A 465 26.90 -9.96 -4.28
N GLU A 466 27.41 -9.95 -5.50
CA GLU A 466 26.88 -10.80 -6.56
C GLU A 466 27.35 -12.23 -6.37
N THR A 467 26.51 -13.18 -6.77
CA THR A 467 26.87 -14.59 -6.69
C THR A 467 28.04 -14.89 -7.62
N VAL A 468 29.05 -15.57 -7.09
CA VAL A 468 30.24 -15.90 -7.87
C VAL A 468 29.96 -17.18 -8.66
N VAL A 469 30.09 -17.10 -9.97
CA VAL A 469 29.88 -18.23 -10.87
C VAL A 469 31.14 -18.36 -11.73
N GLU A 470 31.97 -19.36 -11.43
CA GLU A 470 33.26 -19.49 -12.09
C GLU A 470 33.79 -20.89 -11.86
N VAL A 471 34.84 -21.23 -12.60
CA VAL A 471 35.52 -22.51 -12.41
C VAL A 471 36.46 -22.39 -11.22
N PRO A 472 36.38 -23.27 -10.23
CA PRO A 472 37.24 -23.15 -9.06
C PRO A 472 38.70 -23.38 -9.39
N GLN A 473 39.57 -22.76 -8.59
CA GLN A 473 41.00 -22.96 -8.70
C GLN A 473 41.47 -24.24 -8.01
N VAL A 474 40.63 -24.83 -7.16
CA VAL A 474 41.03 -26.00 -6.39
C VAL A 474 41.14 -27.20 -7.31
N THR A 475 42.28 -27.90 -7.26
CA THR A 475 42.53 -29.12 -8.02
C THR A 475 42.71 -30.30 -7.08
N TRP A 476 43.03 -31.45 -7.66
CA TRP A 476 43.20 -32.65 -6.86
C TRP A 476 44.49 -32.62 -6.04
N GLU A 477 45.51 -31.89 -6.47
CA GLU A 477 46.72 -31.74 -5.65
C GLU A 477 46.44 -30.93 -4.39
N ASP A 478 45.44 -30.05 -4.44
CA ASP A 478 44.98 -29.30 -3.28
C ASP A 478 44.30 -30.18 -2.24
N ILE A 479 43.96 -31.41 -2.58
CA ILE A 479 43.31 -32.35 -1.66
C ILE A 479 44.27 -33.49 -1.39
N GLY A 480 44.44 -33.82 -0.11
CA GLY A 480 45.28 -34.94 0.28
C GLY A 480 44.42 -36.14 0.64
N GLY A 481 44.83 -37.31 0.15
CA GLY A 481 44.08 -38.52 0.41
C GLY A 481 42.78 -38.57 -0.38
N LEU A 482 41.81 -39.32 0.17
CA LEU A 482 40.47 -39.44 -0.40
C LEU A 482 40.49 -40.00 -1.81
N GLU A 483 41.40 -40.93 -2.09
CA GLU A 483 41.57 -41.42 -3.45
C GLU A 483 40.35 -42.18 -3.95
N ASP A 484 39.76 -43.03 -3.11
CA ASP A 484 38.54 -43.74 -3.48
C ASP A 484 37.39 -42.76 -3.68
N VAL A 485 37.31 -41.73 -2.82
CA VAL A 485 36.28 -40.70 -2.98
C VAL A 485 36.49 -39.94 -4.28
N LYS A 486 37.76 -39.65 -4.61
CA LYS A 486 38.04 -38.97 -5.88
C LYS A 486 37.61 -39.82 -7.06
N ARG A 487 37.92 -41.12 -7.03
CA ARG A 487 37.52 -42.00 -8.13
C ARG A 487 36.01 -42.11 -8.24
N GLU A 488 35.32 -42.19 -7.10
CA GLU A 488 33.87 -42.31 -7.11
C GLU A 488 33.22 -41.05 -7.66
N LEU A 489 33.73 -39.88 -7.26
CA LEU A 489 33.23 -38.62 -7.81
C LEU A 489 33.48 -38.53 -9.30
N GLN A 490 34.69 -38.92 -9.73
CA GLN A 490 35.00 -38.87 -11.15
C GLN A 490 34.07 -39.77 -11.95
N GLU A 491 33.82 -40.99 -11.47
CA GLU A 491 32.87 -41.85 -12.14
C GLU A 491 31.50 -41.19 -12.22
N LEU A 492 30.95 -40.79 -11.06
CA LEU A 492 29.59 -40.28 -11.00
C LEU A 492 29.39 -39.07 -11.90
N VAL A 493 30.38 -38.20 -11.99
CA VAL A 493 30.19 -36.94 -12.71
C VAL A 493 30.62 -37.06 -14.17
N GLN A 494 31.62 -37.87 -14.49
CA GLN A 494 32.21 -37.84 -15.83
C GLN A 494 31.80 -39.01 -16.71
N TYR A 495 31.57 -40.19 -16.13
CA TYR A 495 31.20 -41.33 -16.95
C TYR A 495 29.95 -41.08 -17.79
N PRO A 496 28.87 -40.48 -17.27
CA PRO A 496 27.76 -40.10 -18.16
C PRO A 496 28.16 -39.11 -19.23
N VAL A 497 29.07 -38.19 -18.92
CA VAL A 497 29.50 -37.19 -19.90
C VAL A 497 30.37 -37.84 -20.98
N GLU A 498 31.32 -38.68 -20.56
CA GLU A 498 32.29 -39.20 -21.52
C GLU A 498 31.77 -40.42 -22.25
N HIS A 499 30.97 -41.25 -21.58
CA HIS A 499 30.45 -42.50 -22.17
C HIS A 499 28.94 -42.58 -21.97
N PRO A 500 28.18 -41.70 -22.63
CA PRO A 500 26.72 -41.78 -22.51
C PRO A 500 26.12 -43.02 -23.15
N ASP A 501 26.75 -43.53 -24.22
CA ASP A 501 26.21 -44.70 -24.91
C ASP A 501 26.24 -45.93 -24.01
N LYS A 502 27.21 -46.02 -23.10
CA LYS A 502 27.24 -47.13 -22.17
C LYS A 502 26.04 -47.10 -21.23
N PHE A 503 25.68 -45.90 -20.76
CA PHE A 503 24.50 -45.77 -19.90
C PHE A 503 23.22 -46.05 -20.67
N LEU A 504 23.15 -45.61 -21.93
CA LEU A 504 21.97 -45.89 -22.74
C LEU A 504 21.83 -47.39 -23.02
N LYS A 505 22.95 -48.08 -23.25
CA LYS A 505 22.89 -49.50 -23.59
C LYS A 505 22.29 -50.32 -22.46
N PHE A 506 22.71 -50.05 -21.23
CA PHE A 506 22.19 -50.77 -20.07
C PHE A 506 20.89 -50.19 -19.55
N GLY A 507 20.41 -49.10 -20.12
CA GLY A 507 19.12 -48.54 -19.76
C GLY A 507 19.06 -47.88 -18.40
N MET A 508 20.19 -47.44 -17.86
CA MET A 508 20.22 -46.80 -16.55
C MET A 508 20.40 -45.30 -16.70
N THR A 509 19.49 -44.54 -16.09
CA THR A 509 19.64 -43.09 -16.03
C THR A 509 20.59 -42.73 -14.90
N PRO A 510 21.66 -41.98 -15.17
CA PRO A 510 22.65 -41.73 -14.12
C PRO A 510 22.11 -40.86 -13.01
N SER A 511 22.61 -41.08 -11.80
CA SER A 511 22.27 -40.21 -10.68
C SER A 511 22.94 -38.85 -10.86
N LYS A 512 22.15 -37.79 -10.65
CA LYS A 512 22.61 -36.43 -10.88
C LYS A 512 22.67 -35.66 -9.55
N GLY A 513 22.70 -36.38 -8.45
CA GLY A 513 22.77 -35.76 -7.13
C GLY A 513 23.50 -36.58 -6.09
N VAL A 514 24.47 -35.96 -5.44
CA VAL A 514 25.29 -36.62 -4.43
C VAL A 514 25.31 -35.77 -3.16
N LEU A 515 25.34 -36.44 -2.02
CA LEU A 515 25.44 -35.81 -0.71
C LEU A 515 26.73 -36.26 -0.04
N PHE A 516 27.60 -35.31 0.26
CA PHE A 516 28.78 -35.57 1.08
C PHE A 516 28.40 -35.46 2.54
N TYR A 517 28.75 -36.47 3.33
CA TYR A 517 28.53 -36.39 4.77
C TYR A 517 29.77 -36.89 5.50
N GLY A 518 30.01 -36.33 6.68
CA GLY A 518 31.15 -36.69 7.49
C GLY A 518 31.49 -35.62 8.50
N PRO A 519 32.58 -35.84 9.25
CA PRO A 519 32.96 -34.87 10.26
C PRO A 519 33.42 -33.57 9.62
N PRO A 520 33.32 -32.45 10.33
CA PRO A 520 33.69 -31.16 9.74
C PRO A 520 35.18 -31.07 9.42
N GLY A 521 35.49 -30.26 8.42
CA GLY A 521 36.87 -30.01 8.05
C GLY A 521 37.60 -31.20 7.47
N CYS A 522 36.93 -32.00 6.64
CA CYS A 522 37.56 -33.17 6.03
C CYS A 522 37.65 -33.07 4.51
N GLY A 523 37.18 -31.98 3.92
CA GLY A 523 37.39 -31.72 2.51
C GLY A 523 36.18 -31.83 1.60
N LYS A 524 34.97 -31.77 2.14
CA LYS A 524 33.78 -31.86 1.28
C LYS A 524 33.70 -30.68 0.33
N THR A 525 33.94 -29.47 0.83
CA THR A 525 33.97 -28.29 -0.04
C THR A 525 35.09 -28.39 -1.06
N LEU A 526 36.27 -28.86 -0.62
CA LEU A 526 37.38 -29.05 -1.54
C LEU A 526 37.05 -30.08 -2.61
N LEU A 527 36.38 -31.17 -2.23
CA LEU A 527 36.01 -32.19 -3.21
C LEU A 527 35.03 -31.64 -4.23
N ALA A 528 34.03 -30.87 -3.78
CA ALA A 528 33.08 -30.29 -4.72
C ALA A 528 33.79 -29.33 -5.67
N LYS A 529 34.67 -28.48 -5.15
CA LYS A 529 35.40 -27.55 -6.00
C LYS A 529 36.30 -28.29 -6.98
N ALA A 530 36.97 -29.35 -6.53
CA ALA A 530 37.88 -30.08 -7.40
C ALA A 530 37.14 -30.82 -8.50
N ILE A 531 35.99 -31.42 -8.19
CA ILE A 531 35.24 -32.10 -9.23
C ILE A 531 34.65 -31.10 -10.22
N ALA A 532 34.32 -29.89 -9.75
CA ALA A 532 33.91 -28.85 -10.68
C ALA A 532 35.09 -28.41 -11.56
N ASN A 533 36.29 -28.37 -10.98
CA ASN A 533 37.46 -27.90 -11.73
C ASN A 533 37.89 -28.91 -12.78
N GLU A 534 37.85 -30.21 -12.45
CA GLU A 534 38.29 -31.22 -13.41
C GLU A 534 37.44 -31.20 -14.68
N CYS A 535 36.12 -31.07 -14.52
CA CYS A 535 35.21 -30.98 -15.65
C CYS A 535 35.20 -29.59 -16.28
N GLN A 536 35.92 -28.62 -15.69
CA GLN A 536 35.92 -27.25 -16.17
C GLN A 536 34.51 -26.68 -16.24
N ALA A 537 33.70 -27.01 -15.23
CA ALA A 537 32.33 -26.53 -15.13
C ALA A 537 32.25 -25.38 -14.13
N ASN A 538 31.24 -24.54 -14.29
CA ASN A 538 31.00 -23.46 -13.35
C ASN A 538 30.61 -24.03 -11.99
N PHE A 539 30.95 -23.29 -10.94
CA PHE A 539 30.69 -23.71 -9.57
C PHE A 539 29.90 -22.63 -8.85
N ILE A 540 28.75 -23.01 -8.30
CA ILE A 540 27.94 -22.14 -7.47
C ILE A 540 27.85 -22.74 -6.08
N SER A 541 28.28 -21.98 -5.08
CA SER A 541 28.31 -22.44 -3.70
C SER A 541 27.24 -21.69 -2.90
N ILE A 542 26.32 -22.43 -2.31
CA ILE A 542 25.32 -21.90 -1.40
C ILE A 542 25.68 -22.37 0.00
N LYS A 543 26.11 -21.43 0.84
CA LYS A 543 26.57 -21.79 2.17
C LYS A 543 25.43 -21.74 3.18
N GLY A 544 25.71 -22.21 4.39
CA GLY A 544 24.75 -22.22 5.46
C GLY A 544 24.16 -20.87 5.83
N PRO A 545 24.97 -19.80 5.92
CA PRO A 545 24.38 -18.49 6.21
C PRO A 545 23.36 -18.02 5.18
N GLU A 546 23.51 -18.38 3.90
CA GLU A 546 22.52 -17.96 2.91
C GLU A 546 21.18 -18.68 3.13
N LEU A 547 21.24 -19.99 3.36
CA LEU A 547 20.03 -20.74 3.68
C LEU A 547 19.39 -20.20 4.96
N LEU A 548 20.20 -19.87 5.95
CA LEU A 548 19.67 -19.32 7.20
C LEU A 548 19.06 -17.95 6.99
N THR A 549 19.63 -17.15 6.08
CA THR A 549 19.05 -15.86 5.74
C THR A 549 17.67 -16.03 5.12
N MET A 550 17.54 -17.00 4.22
CA MET A 550 16.23 -17.25 3.63
C MET A 550 15.25 -17.81 4.66
N TRP A 551 15.75 -18.58 5.62
CA TRP A 551 14.87 -19.14 6.64
C TRP A 551 14.37 -18.08 7.62
N PHE A 552 15.28 -17.26 8.14
CA PHE A 552 14.89 -16.22 9.10
C PHE A 552 13.98 -15.19 8.47
N GLY A 553 14.28 -14.77 7.25
CA GLY A 553 13.45 -13.80 6.57
C GLY A 553 12.21 -14.35 5.91
N GLU A 554 12.02 -15.67 5.97
CA GLU A 554 10.89 -16.34 5.33
C GLU A 554 10.78 -15.96 3.86
N SER A 555 11.91 -16.07 3.16
CA SER A 555 12.06 -15.66 1.78
C SER A 555 12.39 -16.85 0.89
N GLU A 556 11.55 -17.89 0.95
CA GLU A 556 11.80 -19.12 0.20
C GLU A 556 12.02 -18.86 -1.27
N ALA A 557 11.31 -17.87 -1.84
CA ALA A 557 11.24 -17.66 -3.28
C ALA A 557 12.60 -17.36 -3.90
N ASN A 558 13.59 -16.93 -3.11
CA ASN A 558 14.92 -16.70 -3.65
C ASN A 558 15.63 -18.00 -4.03
N VAL A 559 15.23 -19.13 -3.45
CA VAL A 559 15.86 -20.41 -3.80
C VAL A 559 15.77 -20.65 -5.29
N ARG A 560 14.60 -20.42 -5.88
CA ARG A 560 14.43 -20.59 -7.31
C ARG A 560 15.45 -19.77 -8.09
N GLU A 561 15.70 -18.53 -7.66
CA GLU A 561 16.70 -17.70 -8.32
C GLU A 561 18.03 -18.44 -8.44
N ILE A 562 18.47 -19.07 -7.34
CA ILE A 562 19.73 -19.81 -7.35
C ILE A 562 19.71 -20.83 -8.47
N PHE A 563 18.65 -21.63 -8.54
CA PHE A 563 18.59 -22.68 -9.56
C PHE A 563 18.57 -22.07 -10.95
N ASP A 564 17.91 -20.92 -11.12
CA ASP A 564 17.92 -20.26 -12.41
C ASP A 564 19.34 -19.93 -12.82
N LYS A 565 20.16 -19.44 -11.87
CA LYS A 565 21.56 -19.19 -12.18
C LYS A 565 22.23 -20.47 -12.66
N ALA A 566 21.98 -21.58 -11.96
CA ALA A 566 22.61 -22.84 -12.34
C ALA A 566 22.21 -23.24 -13.75
N ARG A 567 21.03 -22.82 -14.21
CA ARG A 567 20.61 -23.13 -15.56
C ARG A 567 21.37 -22.28 -16.57
N GLN A 568 21.60 -21.00 -16.25
CA GLN A 568 22.26 -20.13 -17.21
C GLN A 568 23.76 -20.40 -17.25
N ALA A 569 24.29 -21.01 -16.19
CA ALA A 569 25.71 -21.30 -16.07
C ALA A 569 26.07 -22.73 -16.45
N ALA A 570 25.12 -23.51 -16.93
CA ALA A 570 25.39 -24.90 -17.27
C ALA A 570 26.40 -24.97 -18.42
N PRO A 571 27.35 -25.92 -18.38
CA PRO A 571 27.58 -26.94 -17.35
C PRO A 571 28.01 -26.36 -16.01
N CYS A 572 27.29 -26.70 -14.95
CA CYS A 572 27.52 -26.09 -13.64
C CYS A 572 27.38 -27.15 -12.56
N VAL A 573 28.11 -26.94 -11.47
CA VAL A 573 27.98 -27.75 -10.27
C VAL A 573 27.34 -26.87 -9.20
N LEU A 574 26.13 -27.23 -8.78
CA LEU A 574 25.41 -26.52 -7.74
C LEU A 574 25.72 -27.19 -6.41
N PHE A 575 26.40 -26.47 -5.53
CA PHE A 575 26.88 -27.02 -4.26
C PHE A 575 26.14 -26.36 -3.11
N PHE A 576 25.51 -27.18 -2.27
CA PHE A 576 24.81 -26.71 -1.07
C PHE A 576 25.64 -27.15 0.14
N ASP A 577 26.43 -26.24 0.67
CA ASP A 577 27.25 -26.52 1.84
C ASP A 577 26.45 -26.30 3.11
N GLN A 578 26.65 -27.19 4.07
CA GLN A 578 25.98 -27.14 5.38
C GLN A 578 24.46 -27.16 5.21
N LEU A 579 23.96 -28.27 4.68
CA LEU A 579 22.52 -28.43 4.54
C LEU A 579 21.81 -28.54 5.88
N ASP A 580 22.54 -28.79 6.96
CA ASP A 580 21.96 -28.94 8.28
C ASP A 580 21.89 -27.63 9.05
N SER A 581 22.25 -26.50 8.43
CA SER A 581 22.29 -25.23 9.15
C SER A 581 20.92 -24.87 9.70
N ILE A 582 19.88 -24.99 8.88
CA ILE A 582 18.53 -24.72 9.37
C ILE A 582 18.11 -25.76 10.39
N ALA A 583 18.55 -27.01 10.23
CA ALA A 583 18.22 -28.06 11.18
C ALA A 583 18.81 -27.76 12.55
N LYS A 584 20.06 -27.31 12.61
CA LYS A 584 20.64 -26.92 13.90
C LYS A 584 19.98 -25.66 14.44
N ALA A 585 19.65 -24.71 13.54
CA ALA A 585 19.03 -23.47 13.98
C ALA A 585 17.70 -23.74 14.67
N ARG A 586 16.99 -24.79 14.26
CA ARG A 586 15.76 -25.19 14.92
C ARG A 586 16.01 -25.95 16.21
N GLY A 587 17.28 -26.22 16.52
CA GLY A 587 17.64 -26.87 17.76
C GLY A 587 18.20 -28.26 17.63
N GLY A 588 18.39 -28.77 16.42
CA GLY A 588 18.95 -30.09 16.23
C GLY A 588 17.88 -31.16 16.09
N ASN A 589 18.22 -32.34 16.60
CA ASN A 589 17.31 -33.48 16.46
C ASN A 589 16.05 -33.29 17.30
N ILE A 590 16.20 -32.81 18.53
CA ILE A 590 15.08 -32.64 19.45
C ILE A 590 14.78 -31.17 19.72
N GLY A 591 15.28 -30.26 18.88
CA GLY A 591 15.11 -28.85 19.16
C GLY A 591 13.68 -28.37 19.06
N ASP A 592 12.96 -28.83 18.03
CA ASP A 592 11.61 -28.34 17.76
C ASP A 592 10.64 -29.51 17.69
N GLY A 593 9.36 -29.20 17.88
CA GLY A 593 8.33 -30.21 17.77
C GLY A 593 8.20 -30.76 16.36
N GLY A 594 8.30 -29.88 15.36
CA GLY A 594 8.21 -30.34 13.98
C GLY A 594 9.38 -31.24 13.62
N GLY A 595 9.17 -32.07 12.60
CA GLY A 595 10.20 -33.02 12.23
C GLY A 595 10.71 -32.96 10.81
N ALA A 596 11.95 -32.53 10.65
CA ALA A 596 12.72 -32.66 9.41
C ALA A 596 11.96 -32.13 8.20
N ALA A 597 11.47 -30.90 8.31
CA ALA A 597 10.78 -30.26 7.19
C ALA A 597 10.79 -28.75 7.43
N ASP A 598 11.41 -28.01 6.53
CA ASP A 598 11.45 -26.55 6.61
C ASP A 598 11.21 -25.96 5.22
N ARG A 599 10.88 -24.66 5.24
CA ARG A 599 10.43 -23.98 4.03
C ARG A 599 11.53 -23.95 2.96
N VAL A 600 12.77 -23.64 3.35
CA VAL A 600 13.84 -23.47 2.38
C VAL A 600 14.20 -24.80 1.74
N ILE A 601 14.35 -25.85 2.55
CA ILE A 601 14.66 -27.17 2.00
C ILE A 601 13.50 -27.67 1.15
N ASN A 602 12.26 -27.30 1.48
CA ASN A 602 11.12 -27.67 0.65
C ASN A 602 11.24 -27.05 -0.74
N GLN A 603 11.56 -25.76 -0.80
CA GLN A 603 11.77 -25.13 -2.10
C GLN A 603 12.95 -25.76 -2.83
N ILE A 604 13.99 -26.13 -2.10
CA ILE A 604 15.13 -26.80 -2.73
C ILE A 604 14.69 -28.13 -3.34
N LEU A 605 13.82 -28.87 -2.64
CA LEU A 605 13.30 -30.12 -3.19
C LEU A 605 12.53 -29.89 -4.48
N THR A 606 11.64 -28.89 -4.47
CA THR A 606 10.86 -28.60 -5.68
C THR A 606 11.77 -28.19 -6.82
N GLU A 607 12.79 -27.38 -6.54
CA GLU A 607 13.69 -26.93 -7.60
C GLU A 607 14.56 -28.07 -8.11
N MET A 608 14.93 -29.01 -7.23
CA MET A 608 15.65 -30.19 -7.69
C MET A 608 14.79 -31.03 -8.62
N ASP A 609 13.51 -31.20 -8.28
CA ASP A 609 12.60 -31.92 -9.16
C ASP A 609 12.48 -31.21 -10.50
N GLY A 610 12.44 -29.88 -10.50
CA GLY A 610 12.42 -29.13 -11.73
C GLY A 610 13.71 -29.23 -12.54
N MET A 611 14.85 -29.28 -11.88
CA MET A 611 16.16 -29.35 -12.52
C MET A 611 16.54 -30.75 -12.95
N SER A 612 15.76 -31.76 -12.56
CA SER A 612 16.09 -33.14 -12.93
C SER A 612 16.18 -33.33 -14.44
N THR A 613 15.50 -32.49 -15.23
CA THR A 613 15.54 -32.60 -16.68
C THR A 613 16.74 -31.90 -17.31
N LYS A 614 17.50 -31.12 -16.55
CA LYS A 614 18.67 -30.41 -17.08
C LYS A 614 19.88 -31.32 -16.86
N LYS A 615 20.39 -31.91 -17.96
CA LYS A 615 21.42 -32.93 -17.85
C LYS A 615 22.74 -32.37 -17.34
N ASN A 616 23.14 -31.19 -17.78
CA ASN A 616 24.47 -30.67 -17.49
C ASN A 616 24.54 -29.82 -16.23
N VAL A 617 23.59 -29.97 -15.30
CA VAL A 617 23.67 -29.34 -13.98
C VAL A 617 23.72 -30.45 -12.95
N PHE A 618 24.82 -30.54 -12.22
CA PHE A 618 25.02 -31.54 -11.19
C PHE A 618 24.93 -30.87 -9.82
N ILE A 619 24.10 -31.45 -8.95
CA ILE A 619 23.85 -30.87 -7.63
C ILE A 619 24.57 -31.69 -6.57
N ILE A 620 25.32 -31.01 -5.72
CA ILE A 620 26.08 -31.63 -4.64
C ILE A 620 25.64 -30.99 -3.33
N GLY A 621 25.37 -31.82 -2.33
CA GLY A 621 25.06 -31.35 -0.99
C GLY A 621 26.12 -31.84 -0.01
N ALA A 622 26.33 -31.04 1.03
CA ALA A 622 27.28 -31.40 2.09
C ALA A 622 26.64 -31.12 3.44
N THR A 623 26.89 -32.01 4.40
CA THR A 623 26.37 -31.85 5.74
C THR A 623 27.31 -32.53 6.73
N ASN A 624 27.43 -31.93 7.91
CA ASN A 624 28.12 -32.54 9.03
C ASN A 624 27.19 -33.29 9.97
N ARG A 625 25.88 -33.18 9.76
CA ARG A 625 24.88 -33.83 10.60
C ARG A 625 23.87 -34.54 9.71
N PRO A 626 24.25 -35.68 9.13
CA PRO A 626 23.32 -36.38 8.24
C PRO A 626 22.08 -36.90 8.95
N ASP A 627 22.14 -37.06 10.29
CA ASP A 627 21.00 -37.60 11.02
C ASP A 627 19.81 -36.65 10.99
N ILE A 628 20.07 -35.34 11.09
CA ILE A 628 18.99 -34.35 11.12
C ILE A 628 18.66 -33.79 9.75
N ILE A 629 19.16 -34.41 8.68
CA ILE A 629 18.81 -33.97 7.33
C ILE A 629 17.43 -34.52 6.97
N ASP A 630 16.66 -33.72 6.25
CA ASP A 630 15.35 -34.14 5.77
C ASP A 630 15.52 -35.35 4.85
N PRO A 631 14.91 -36.50 5.16
CA PRO A 631 15.10 -37.68 4.30
C PRO A 631 14.57 -37.50 2.88
N ALA A 632 13.63 -36.57 2.68
CA ALA A 632 13.08 -36.38 1.34
C ALA A 632 14.13 -35.93 0.34
N ILE A 633 15.26 -35.39 0.83
CA ILE A 633 16.31 -34.94 -0.08
C ILE A 633 17.13 -36.12 -0.60
N LEU A 634 16.99 -37.30 0.02
CA LEU A 634 17.72 -38.48 -0.41
C LEU A 634 16.93 -39.37 -1.36
N ARG A 635 15.73 -38.95 -1.75
CA ARG A 635 14.90 -39.75 -2.63
C ARG A 635 15.44 -39.69 -4.07
N PRO A 636 15.06 -40.65 -4.91
CA PRO A 636 15.52 -40.64 -6.31
C PRO A 636 15.09 -39.37 -7.03
N GLY A 637 15.96 -38.91 -7.93
CA GLY A 637 15.80 -37.60 -8.54
C GLY A 637 16.37 -36.47 -7.73
N ARG A 638 16.88 -36.76 -6.54
CA ARG A 638 17.46 -35.78 -5.62
C ARG A 638 18.85 -36.28 -5.24
N LEU A 639 19.47 -35.78 -4.17
CA LEU A 639 20.81 -36.22 -3.80
C LEU A 639 20.72 -37.66 -3.31
N ASP A 640 20.55 -38.56 -4.28
CA ASP A 640 20.32 -39.97 -4.01
C ASP A 640 21.61 -40.78 -3.90
N GLN A 641 22.75 -40.21 -4.25
CA GLN A 641 24.04 -40.82 -3.98
C GLN A 641 24.55 -40.26 -2.66
N LEU A 642 25.19 -41.10 -1.85
CA LEU A 642 25.72 -40.67 -0.57
C LEU A 642 27.18 -41.10 -0.46
N ILE A 643 28.06 -40.15 -0.12
CA ILE A 643 29.48 -40.41 0.03
C ILE A 643 29.90 -39.97 1.42
N TYR A 644 30.52 -40.88 2.17
CA TYR A 644 31.04 -40.58 3.49
C TYR A 644 32.48 -40.05 3.36
N ILE A 645 32.72 -38.86 3.89
CA ILE A 645 34.06 -38.28 3.92
C ILE A 645 34.59 -38.43 5.34
N PRO A 646 35.42 -39.44 5.61
CA PRO A 646 35.85 -39.71 6.99
C PRO A 646 37.05 -38.85 7.38
N LEU A 647 37.42 -38.97 8.64
CA LEU A 647 38.66 -38.37 9.10
C LEU A 647 39.85 -39.03 8.39
N PRO A 648 40.86 -38.27 8.01
CA PRO A 648 42.00 -38.86 7.29
C PRO A 648 42.78 -39.82 8.16
N ASP A 649 43.31 -40.87 7.54
CA ASP A 649 44.25 -41.74 8.22
C ASP A 649 45.66 -41.16 8.10
N GLU A 650 46.65 -41.93 8.57
CA GLU A 650 48.00 -41.38 8.70
C GLU A 650 48.58 -40.99 7.35
N LYS A 651 48.41 -41.84 6.33
CA LYS A 651 48.90 -41.49 4.99
C LYS A 651 48.18 -40.26 4.44
N SER A 652 46.85 -40.22 4.60
CA SER A 652 46.10 -39.06 4.16
C SER A 652 46.50 -37.81 4.95
N ARG A 653 46.87 -37.98 6.22
CA ARG A 653 47.30 -36.83 7.01
C ARG A 653 48.66 -36.32 6.55
N VAL A 654 49.56 -37.23 6.17
CA VAL A 654 50.82 -36.80 5.55
C VAL A 654 50.54 -36.02 4.28
N ALA A 655 49.61 -36.52 3.46
CA ALA A 655 49.27 -35.83 2.21
C ALA A 655 48.67 -34.45 2.50
N ILE A 656 47.81 -34.35 3.50
CA ILE A 656 47.20 -33.07 3.85
C ILE A 656 48.25 -32.08 4.33
N LEU A 657 49.15 -32.53 5.20
CA LEU A 657 50.20 -31.65 5.70
C LEU A 657 51.11 -31.19 4.57
N LYS A 658 51.43 -32.10 3.64
CA LYS A 658 52.24 -31.71 2.49
C LYS A 658 51.51 -30.69 1.61
N ALA A 659 50.21 -30.88 1.40
CA ALA A 659 49.45 -29.96 0.56
C ALA A 659 49.36 -28.58 1.20
N ASN A 660 49.18 -28.53 2.53
CA ASN A 660 49.04 -27.24 3.20
C ASN A 660 50.35 -26.47 3.21
N LEU A 661 51.48 -27.17 3.18
CA LEU A 661 52.79 -26.54 3.33
C LEU A 661 53.49 -26.32 1.99
N ARG A 662 52.79 -26.47 0.87
CA ARG A 662 53.41 -26.28 -0.44
C ARG A 662 53.87 -24.84 -0.61
N LYS A 663 53.07 -23.88 -0.17
CA LYS A 663 53.35 -22.45 -0.32
C LYS A 663 54.13 -21.86 0.84
N SER A 664 54.54 -22.67 1.81
CA SER A 664 55.31 -22.21 2.95
C SER A 664 56.71 -22.81 2.92
N PRO A 665 57.76 -22.00 3.06
CA PRO A 665 59.12 -22.56 3.11
C PRO A 665 59.35 -23.34 4.40
N VAL A 666 59.57 -24.64 4.26
CA VAL A 666 59.73 -25.54 5.39
C VAL A 666 61.09 -26.22 5.29
N ALA A 667 61.83 -26.22 6.39
CA ALA A 667 63.11 -26.91 6.44
C ALA A 667 62.91 -28.42 6.30
N LYS A 668 63.83 -29.06 5.58
CA LYS A 668 63.67 -30.49 5.28
C LYS A 668 63.92 -31.35 6.51
N ASP A 669 64.45 -30.77 7.59
CA ASP A 669 64.62 -31.53 8.82
C ASP A 669 63.27 -31.82 9.48
N VAL A 670 62.24 -31.04 9.15
CA VAL A 670 60.91 -31.30 9.69
C VAL A 670 60.35 -32.57 9.08
N ASP A 671 59.87 -33.47 9.94
CA ASP A 671 59.32 -34.74 9.52
C ASP A 671 57.80 -34.68 9.62
N LEU A 672 57.13 -34.60 8.46
CA LEU A 672 55.68 -34.52 8.46
C LEU A 672 55.04 -35.87 8.80
N GLU A 673 55.76 -36.97 8.57
CA GLU A 673 55.22 -38.28 8.90
C GLU A 673 55.00 -38.41 10.40
N PHE A 674 55.93 -37.91 11.21
CA PHE A 674 55.75 -37.94 12.66
C PHE A 674 54.60 -37.05 13.08
N LEU A 675 54.47 -35.88 12.46
CA LEU A 675 53.33 -35.00 12.75
C LEU A 675 52.02 -35.70 12.46
N ALA A 676 51.95 -36.43 11.35
CA ALA A 676 50.71 -37.12 11.00
C ALA A 676 50.43 -38.28 11.95
N LYS A 677 51.46 -39.04 12.32
CA LYS A 677 51.24 -40.21 13.17
C LYS A 677 50.90 -39.80 14.59
N MET A 678 51.33 -38.61 15.02
CA MET A 678 50.97 -38.16 16.36
C MET A 678 49.57 -37.53 16.40
N THR A 679 49.07 -37.04 15.28
CA THR A 679 47.76 -36.42 15.22
C THR A 679 46.72 -37.44 14.76
N ASN A 680 46.36 -38.33 15.69
CA ASN A 680 45.54 -39.49 15.33
C ASN A 680 44.14 -39.09 14.91
N GLY A 681 43.46 -38.29 15.73
CA GLY A 681 42.07 -37.97 15.47
C GLY A 681 41.84 -36.61 14.84
N PHE A 682 42.90 -36.02 14.28
CA PHE A 682 42.80 -34.69 13.72
C PHE A 682 42.14 -34.72 12.34
N SER A 683 41.46 -33.63 12.01
CA SER A 683 40.90 -33.43 10.69
C SER A 683 41.83 -32.56 9.85
N GLY A 684 41.47 -32.40 8.58
CA GLY A 684 42.26 -31.55 7.70
C GLY A 684 42.30 -30.11 8.16
N ALA A 685 41.17 -29.61 8.68
CA ALA A 685 41.13 -28.26 9.21
C ALA A 685 42.07 -28.10 10.40
N ASP A 686 42.14 -29.11 11.26
CA ASP A 686 43.05 -29.05 12.41
C ASP A 686 44.50 -29.03 11.96
N LEU A 687 44.85 -29.84 10.95
CA LEU A 687 46.21 -29.83 10.43
C LEU A 687 46.55 -28.49 9.79
N THR A 688 45.58 -27.91 9.08
CA THR A 688 45.79 -26.56 8.53
C THR A 688 45.98 -25.55 9.64
N GLU A 689 45.25 -25.71 10.74
CA GLU A 689 45.45 -24.83 11.89
C GLU A 689 46.86 -24.95 12.45
N ILE A 690 47.37 -26.18 12.56
CA ILE A 690 48.72 -26.40 13.04
C ILE A 690 49.73 -25.72 12.13
N CYS A 691 49.57 -25.91 10.83
CA CYS A 691 50.50 -25.30 9.87
C CYS A 691 50.44 -23.78 9.94
N GLN A 692 49.22 -23.21 10.04
CA GLN A 692 49.08 -21.76 10.12
C GLN A 692 49.72 -21.21 11.39
N ARG A 693 49.56 -21.90 12.52
CA ARG A 693 50.17 -21.44 13.75
C ARG A 693 51.69 -21.52 13.67
N ALA A 694 52.22 -22.57 13.05
CA ALA A 694 53.66 -22.66 12.86
C ALA A 694 54.18 -21.52 11.98
N CYS A 695 53.45 -21.21 10.89
CA CYS A 695 53.84 -20.08 10.06
C CYS A 695 53.77 -18.77 10.83
N LYS A 696 52.76 -18.62 11.69
CA LYS A 696 52.64 -17.41 12.49
C LYS A 696 53.82 -17.26 13.44
N LEU A 697 54.22 -18.36 14.09
CA LEU A 697 55.38 -18.33 14.97
C LEU A 697 56.65 -17.97 14.21
N ALA A 698 56.83 -18.56 13.02
CA ALA A 698 58.01 -18.24 12.21
C ALA A 698 58.02 -16.78 11.78
N ILE A 699 56.86 -16.26 11.39
CA ILE A 699 56.78 -14.86 10.97
C ILE A 699 57.07 -13.93 12.14
N ARG A 700 56.55 -14.26 13.33
CA ARG A 700 56.83 -13.45 14.50
C ARG A 700 58.33 -13.46 14.82
N GLU A 701 58.96 -14.64 14.72
CA GLU A 701 60.39 -14.73 14.97
C GLU A 701 61.17 -13.88 13.97
N SER A 702 60.83 -13.97 12.70
CA SER A 702 61.55 -13.23 11.67
C SER A 702 61.36 -11.72 11.84
N ILE A 703 60.14 -11.29 12.18
CA ILE A 703 59.89 -9.88 12.39
C ILE A 703 60.67 -9.38 13.60
N GLU A 704 60.69 -10.16 14.68
CA GLU A 704 61.43 -9.73 15.88
C GLU A 704 62.93 -9.69 15.61
N SER A 705 63.45 -10.63 14.81
CA SER A 705 64.87 -10.62 14.49
C SER A 705 65.22 -9.43 13.60
N GLU A 706 64.35 -9.12 12.64
CA GLU A 706 64.57 -7.95 11.81
C GLU A 706 64.51 -6.67 12.63
N ILE A 707 63.61 -6.61 13.61
CA ILE A 707 63.55 -5.46 14.50
C ILE A 707 64.81 -5.37 15.35
N ARG A 708 65.32 -6.52 15.83
CA ARG A 708 66.53 -6.50 16.63
C ARG A 708 67.72 -5.98 15.82
N ARG A 709 67.86 -6.45 14.58
CA ARG A 709 68.94 -5.96 13.74
C ARG A 709 68.75 -4.48 13.40
N GLU A 710 67.50 -4.07 13.16
CA GLU A 710 67.21 -2.69 12.81
C GLU A 710 67.50 -1.75 13.98
N ARG A 711 67.32 -2.24 15.21
CA ARG A 711 67.79 -1.52 16.39
C ARG A 711 69.31 -1.49 16.47
N GLU A 712 69.96 -2.64 16.29
CA GLU A 712 71.40 -2.71 16.53
C GLU A 712 72.18 -1.84 15.55
N ARG A 713 71.73 -1.81 14.28
CA ARG A 713 72.46 -1.03 13.29
C ARG A 713 72.41 0.46 13.63
N GLN A 714 71.35 0.90 14.31
CA GLN A 714 71.19 2.31 14.67
C GLN A 714 71.99 2.64 15.93
N PRO A 727 68.77 -15.61 9.46
CA PRO A 727 67.91 -15.63 10.65
C PRO A 727 66.88 -16.76 10.59
N VAL A 728 65.70 -16.46 10.06
CA VAL A 728 64.62 -17.43 9.94
C VAL A 728 64.19 -17.51 8.48
N PRO A 729 64.81 -18.34 7.65
CA PRO A 729 64.40 -18.44 6.25
C PRO A 729 63.30 -19.47 6.03
N GLU A 730 63.13 -20.38 6.98
CA GLU A 730 62.20 -21.49 6.84
C GLU A 730 61.56 -21.80 8.18
N ILE A 731 60.41 -22.46 8.13
CA ILE A 731 59.79 -22.97 9.34
C ILE A 731 60.57 -24.16 9.86
N ARG A 732 60.76 -24.21 11.18
CA ARG A 732 61.64 -25.16 11.82
C ARG A 732 60.84 -26.09 12.72
N ARG A 733 61.54 -27.08 13.29
CA ARG A 733 60.87 -28.10 14.10
C ARG A 733 60.34 -27.51 15.41
N ASP A 734 61.07 -26.56 16.00
CA ASP A 734 60.59 -25.94 17.22
C ASP A 734 59.29 -25.17 16.97
N HIS A 735 59.15 -24.58 15.79
CA HIS A 735 57.90 -23.90 15.44
C HIS A 735 56.74 -24.89 15.45
N PHE A 736 56.95 -26.07 14.87
CA PHE A 736 55.87 -27.06 14.81
C PHE A 736 55.57 -27.63 16.18
N GLU A 737 56.59 -27.78 17.03
CA GLU A 737 56.35 -28.22 18.41
C GLU A 737 55.53 -27.18 19.18
N GLU A 738 55.89 -25.91 19.05
CA GLU A 738 55.15 -24.86 19.75
C GLU A 738 53.74 -24.70 19.18
N ALA A 739 53.54 -25.07 17.91
CA ALA A 739 52.19 -25.13 17.36
C ALA A 739 51.42 -26.31 17.92
N MET A 740 52.08 -27.44 18.11
CA MET A 740 51.47 -28.62 18.71
C MET A 740 51.15 -28.41 20.18
N ARG A 741 51.70 -27.38 20.82
CA ARG A 741 51.10 -26.90 22.07
C ARG A 741 49.59 -26.74 21.95
N PHE A 742 49.15 -25.85 21.06
CA PHE A 742 47.76 -25.41 20.96
C PHE A 742 46.90 -26.29 20.06
N ALA A 743 47.48 -27.30 19.42
CA ALA A 743 46.72 -28.12 18.48
C ALA A 743 45.87 -29.12 19.24
N ARG A 744 44.59 -29.20 18.87
CA ARG A 744 43.65 -30.11 19.52
C ARG A 744 42.61 -30.57 18.51
N ARG A 745 42.11 -31.78 18.70
CA ARG A 745 41.23 -32.42 17.74
C ARG A 745 39.81 -31.88 17.92
N SER A 746 39.22 -31.40 16.82
CA SER A 746 37.90 -30.77 16.89
C SER A 746 36.78 -31.81 16.98
N VAL A 747 36.99 -33.00 16.45
CA VAL A 747 35.96 -34.02 16.37
C VAL A 747 36.25 -35.08 17.42
N SER A 748 35.30 -35.31 18.32
CA SER A 748 35.44 -36.33 19.34
C SER A 748 35.04 -37.69 18.80
N ASP A 749 35.31 -38.73 19.59
CA ASP A 749 34.97 -40.09 19.18
C ASP A 749 33.46 -40.29 19.14
N ASN A 750 32.70 -39.54 19.95
CA ASN A 750 31.25 -39.59 19.90
C ASN A 750 30.74 -39.28 18.49
N ASP A 751 31.25 -38.19 17.90
CA ASP A 751 30.81 -37.80 16.58
C ASP A 751 31.20 -38.83 15.54
N ILE A 752 32.43 -39.35 15.62
CA ILE A 752 32.88 -40.36 14.68
C ILE A 752 31.96 -41.56 14.71
N ARG A 753 31.64 -42.04 15.91
CA ARG A 753 30.75 -43.19 16.02
C ARG A 753 29.37 -42.88 15.47
N LYS A 754 28.87 -41.66 15.68
CA LYS A 754 27.56 -41.32 15.12
C LYS A 754 27.59 -41.45 13.60
N TYR A 755 28.65 -40.96 12.96
CA TYR A 755 28.80 -41.16 11.52
C TYR A 755 28.90 -42.64 11.17
N GLU A 756 29.51 -43.43 12.05
CA GLU A 756 29.66 -44.86 11.75
C GLU A 756 28.30 -45.57 11.73
N MET A 757 27.44 -45.32 12.71
CA MET A 757 26.10 -45.91 12.63
C MET A 757 25.23 -45.25 11.57
N PHE A 758 25.55 -44.02 11.15
CA PHE A 758 24.87 -43.52 9.96
C PHE A 758 25.29 -44.30 8.71
N ALA A 759 26.58 -44.63 8.62
CA ALA A 759 27.08 -45.35 7.44
C ALA A 759 26.60 -46.80 7.43
N GLN A 760 26.55 -47.44 8.60
CA GLN A 760 26.09 -48.81 8.69
C GLN A 760 24.62 -48.93 8.29
N THR A 761 23.80 -47.97 8.69
CA THR A 761 22.37 -48.01 8.42
C THR A 761 22.00 -47.48 7.04
N LEU A 762 22.94 -47.45 6.11
CA LEU A 762 22.64 -47.02 4.74
C LEU A 762 21.87 -48.11 4.00
N SER A 770 27.88 -62.21 1.96
CA SER A 770 27.07 -63.34 2.38
C SER A 770 26.20 -63.90 1.25
N PHE A 771 25.57 -63.01 0.48
CA PHE A 771 24.61 -63.47 -0.51
C PHE A 771 25.32 -63.94 -1.78
N ARG A 772 25.03 -65.17 -2.16
CA ARG A 772 25.44 -65.79 -3.41
C ARG A 772 24.24 -66.44 -4.09
N PHE A 773 24.25 -66.37 -5.42
CA PHE A 773 23.32 -67.15 -6.20
C PHE A 773 23.62 -68.63 -6.00
N PRO A 774 22.61 -69.50 -6.12
CA PRO A 774 22.87 -70.94 -5.96
C PRO A 774 23.85 -71.44 -7.00
N SER A 775 24.72 -72.35 -6.58
CA SER A 775 25.76 -72.88 -7.47
C SER A 775 25.15 -73.76 -8.56
N LEU B 12 -18.78 -36.79 -32.15
CA LEU B 12 -17.39 -36.94 -31.71
C LEU B 12 -16.72 -35.58 -31.68
N SER B 13 -15.74 -35.42 -30.78
CA SER B 13 -15.17 -34.10 -30.53
C SER B 13 -14.47 -33.54 -31.77
N THR B 14 -13.72 -34.38 -32.49
CA THR B 14 -12.98 -33.95 -33.67
C THR B 14 -13.65 -34.40 -34.97
N ALA B 15 -14.96 -34.66 -34.93
CA ALA B 15 -15.68 -35.06 -36.14
C ALA B 15 -15.70 -33.96 -37.19
N ILE B 16 -15.58 -32.70 -36.77
CA ILE B 16 -15.54 -31.60 -37.73
C ILE B 16 -14.25 -31.59 -38.53
N LEU B 17 -13.15 -32.05 -37.95
CA LEU B 17 -11.89 -32.13 -38.67
C LEU B 17 -11.89 -33.23 -39.73
N LYS B 18 -12.84 -34.15 -39.65
CA LYS B 18 -13.00 -35.18 -40.66
C LYS B 18 -13.43 -34.56 -41.99
N GLN B 19 -12.56 -34.63 -42.99
CA GLN B 19 -13.00 -34.32 -44.34
C GLN B 19 -13.44 -35.59 -45.05
N LYS B 20 -14.49 -35.45 -45.86
CA LYS B 20 -15.40 -36.55 -46.19
C LYS B 20 -14.85 -37.36 -47.36
N ASN B 21 -15.19 -38.65 -47.39
CA ASN B 21 -14.93 -39.50 -48.55
C ASN B 21 -15.94 -39.21 -49.63
N ARG B 22 -15.62 -38.27 -50.51
CA ARG B 22 -16.55 -37.77 -51.52
C ARG B 22 -15.98 -37.96 -52.91
N PRO B 23 -16.83 -38.12 -53.93
CA PRO B 23 -16.32 -38.24 -55.30
C PRO B 23 -15.53 -37.02 -55.76
N ASN B 24 -15.90 -35.82 -55.31
CA ASN B 24 -15.15 -34.63 -55.67
C ASN B 24 -13.74 -34.63 -55.07
N ARG B 25 -13.57 -35.25 -53.91
CA ARG B 25 -12.26 -35.32 -53.28
C ARG B 25 -11.35 -36.24 -54.09
N LEU B 26 -10.16 -35.76 -54.41
CA LEU B 26 -9.22 -36.48 -55.26
C LEU B 26 -7.81 -36.39 -54.68
N ILE B 27 -7.08 -37.49 -54.78
CA ILE B 27 -5.70 -37.53 -54.32
C ILE B 27 -4.79 -36.99 -55.41
N VAL B 28 -3.88 -36.08 -55.04
CA VAL B 28 -2.99 -35.48 -56.02
C VAL B 28 -1.98 -36.53 -56.49
N ASP B 29 -1.84 -36.65 -57.81
CA ASP B 29 -0.95 -37.63 -58.41
C ASP B 29 -0.12 -36.96 -59.51
N GLU B 30 1.01 -37.59 -59.83
CA GLU B 30 1.90 -37.06 -60.86
C GLU B 30 1.24 -37.13 -62.23
N ALA B 31 1.73 -36.28 -63.14
CA ALA B 31 1.18 -36.17 -64.49
C ALA B 31 2.14 -36.82 -65.48
N ILE B 32 1.61 -37.68 -66.34
CA ILE B 32 2.41 -38.34 -67.35
C ILE B 32 2.76 -37.35 -68.45
N ASN B 33 1.74 -36.85 -69.15
CA ASN B 33 1.89 -35.82 -70.16
C ASN B 33 0.74 -34.82 -70.02
N GLU B 34 0.94 -33.82 -69.17
CA GLU B 34 -0.05 -32.79 -68.92
C GLU B 34 0.63 -31.43 -68.91
N ASP B 35 0.04 -30.46 -69.60
CA ASP B 35 0.56 -29.10 -69.56
C ASP B 35 -0.02 -28.36 -68.35
N ASN B 36 0.25 -27.06 -68.31
CA ASN B 36 -0.13 -26.25 -67.14
C ASN B 36 -1.61 -25.89 -67.15
N SER B 37 -2.38 -26.47 -68.07
CA SER B 37 -3.78 -26.12 -68.22
C SER B 37 -4.74 -27.29 -68.17
N VAL B 38 -4.27 -28.53 -68.04
CA VAL B 38 -5.14 -29.69 -68.05
C VAL B 38 -4.83 -30.57 -66.85
N VAL B 39 -5.81 -31.38 -66.46
CA VAL B 39 -5.67 -32.42 -65.46
C VAL B 39 -6.36 -33.67 -66.01
N SER B 40 -5.93 -34.83 -65.53
CA SER B 40 -6.41 -36.11 -66.03
C SER B 40 -7.07 -36.91 -64.92
N LEU B 41 -8.21 -37.51 -65.24
CA LEU B 41 -8.96 -38.35 -64.32
C LEU B 41 -9.37 -39.64 -65.03
N SER B 42 -9.79 -40.62 -64.23
CA SER B 42 -10.25 -41.88 -64.78
C SER B 42 -11.65 -41.75 -65.34
N GLN B 43 -11.94 -42.53 -66.39
CA GLN B 43 -13.26 -42.47 -67.02
C GLN B 43 -14.41 -42.77 -66.07
N PRO B 44 -14.33 -43.79 -65.19
CA PRO B 44 -15.40 -43.93 -64.19
C PRO B 44 -15.56 -42.70 -63.32
N LYS B 45 -14.49 -41.94 -63.08
CA LYS B 45 -14.62 -40.73 -62.27
C LYS B 45 -15.42 -39.66 -63.00
N MET B 46 -15.17 -39.47 -64.31
CA MET B 46 -16.02 -38.55 -65.07
C MET B 46 -17.46 -39.04 -65.12
N ASP B 47 -17.66 -40.35 -65.28
CA ASP B 47 -19.02 -40.89 -65.32
C ASP B 47 -19.75 -40.62 -64.01
N GLU B 48 -19.06 -40.81 -62.88
CA GLU B 48 -19.68 -40.54 -61.59
C GLU B 48 -19.92 -39.04 -61.38
N LEU B 49 -18.99 -38.20 -61.83
CA LEU B 49 -19.09 -36.76 -61.66
C LEU B 49 -19.80 -36.06 -62.81
N GLN B 50 -20.26 -36.81 -63.82
CA GLN B 50 -20.97 -36.25 -64.97
C GLN B 50 -20.12 -35.18 -65.67
N LEU B 51 -18.83 -35.46 -65.82
CA LEU B 51 -17.88 -34.54 -66.43
C LEU B 51 -17.54 -35.00 -67.85
N PHE B 52 -17.61 -34.07 -68.80
CA PHE B 52 -17.24 -34.35 -70.18
C PHE B 52 -15.78 -34.02 -70.41
N ARG B 53 -15.17 -34.73 -71.35
CA ARG B 53 -13.80 -34.43 -71.73
C ARG B 53 -13.71 -33.06 -72.38
N GLY B 54 -12.71 -32.28 -71.98
CA GLY B 54 -12.56 -30.91 -72.45
C GLY B 54 -13.28 -29.87 -71.61
N ASP B 55 -14.06 -30.29 -70.61
CA ASP B 55 -14.76 -29.34 -69.76
C ASP B 55 -13.78 -28.58 -68.88
N THR B 56 -14.08 -27.30 -68.64
CA THR B 56 -13.31 -26.53 -67.68
C THR B 56 -13.79 -26.84 -66.27
N VAL B 57 -12.83 -27.10 -65.37
CA VAL B 57 -13.14 -27.57 -64.03
C VAL B 57 -12.39 -26.71 -63.01
N LEU B 58 -13.06 -26.41 -61.90
CA LEU B 58 -12.50 -25.64 -60.81
C LEU B 58 -11.95 -26.58 -59.74
N LEU B 59 -10.71 -26.36 -59.36
CA LEU B 59 -10.02 -27.16 -58.35
C LEU B 59 -9.72 -26.29 -57.14
N LYS B 60 -10.13 -26.76 -55.97
CA LYS B 60 -9.90 -26.07 -54.71
C LYS B 60 -8.93 -26.88 -53.86
N GLY B 61 -7.99 -26.19 -53.24
CA GLY B 61 -6.98 -26.83 -52.42
C GLY B 61 -6.77 -26.17 -51.08
N LYS B 62 -5.63 -26.44 -50.45
CA LYS B 62 -5.32 -25.88 -49.14
C LYS B 62 -5.09 -24.37 -49.26
N LYS B 63 -5.42 -23.65 -48.18
CA LYS B 63 -5.12 -22.22 -48.04
C LYS B 63 -5.87 -21.36 -49.05
N ARG B 64 -7.20 -21.52 -49.13
CA ARG B 64 -8.07 -20.62 -49.90
C ARG B 64 -7.78 -20.67 -51.41
N ARG B 65 -7.07 -21.70 -51.86
CA ARG B 65 -6.56 -21.72 -53.21
C ARG B 65 -7.56 -22.33 -54.20
N GLU B 66 -7.68 -21.66 -55.34
CA GLU B 66 -8.55 -22.09 -56.44
C GLU B 66 -7.76 -22.03 -57.73
N ALA B 67 -8.15 -22.87 -58.69
CA ALA B 67 -7.55 -22.88 -60.01
C ALA B 67 -8.53 -23.49 -61.01
N VAL B 68 -8.26 -23.33 -62.29
CA VAL B 68 -9.09 -23.88 -63.35
C VAL B 68 -8.21 -24.71 -64.29
N CYS B 69 -8.73 -25.86 -64.69
CA CYS B 69 -8.01 -26.75 -65.61
C CYS B 69 -9.01 -27.35 -66.60
N ILE B 70 -8.49 -28.16 -67.51
CA ILE B 70 -9.29 -28.88 -68.50
C ILE B 70 -9.24 -30.35 -68.14
N VAL B 71 -10.41 -30.94 -67.91
CA VAL B 71 -10.50 -32.33 -67.47
C VAL B 71 -10.36 -33.25 -68.69
N LEU B 72 -9.48 -34.23 -68.59
CA LEU B 72 -9.23 -35.19 -69.65
C LEU B 72 -9.27 -36.60 -69.08
N SER B 73 -9.32 -37.58 -69.98
CA SER B 73 -9.40 -38.98 -69.60
C SER B 73 -8.02 -39.63 -69.66
N ASP B 74 -7.74 -40.50 -68.70
CA ASP B 74 -6.49 -41.25 -68.66
C ASP B 74 -6.80 -42.65 -68.14
N ASP B 75 -6.59 -43.66 -69.00
CA ASP B 75 -6.87 -45.04 -68.62
C ASP B 75 -5.89 -45.57 -67.59
N THR B 76 -4.73 -44.96 -67.43
CA THR B 76 -3.75 -45.35 -66.43
C THR B 76 -3.95 -44.62 -65.10
N CYS B 77 -4.89 -43.69 -65.03
CA CYS B 77 -5.14 -42.93 -63.82
C CYS B 77 -6.10 -43.67 -62.90
N SER B 78 -5.78 -43.67 -61.62
CA SER B 78 -6.65 -44.32 -60.64
C SER B 78 -7.95 -43.54 -60.47
N ASP B 79 -8.98 -44.23 -59.99
CA ASP B 79 -10.28 -43.60 -59.81
C ASP B 79 -10.23 -42.50 -58.76
N GLU B 80 -9.50 -42.74 -57.67
CA GLU B 80 -9.44 -41.80 -56.55
C GLU B 80 -8.32 -40.77 -56.70
N LYS B 81 -7.57 -40.79 -57.78
CA LYS B 81 -6.44 -39.90 -57.97
C LYS B 81 -6.65 -39.02 -59.19
N ILE B 82 -5.98 -37.87 -59.18
CA ILE B 82 -5.98 -36.93 -60.29
C ILE B 82 -4.55 -36.65 -60.70
N ARG B 83 -4.24 -36.81 -61.98
CA ARG B 83 -2.92 -36.54 -62.51
C ARG B 83 -2.73 -35.02 -62.58
N MET B 84 -1.52 -34.56 -62.25
CA MET B 84 -1.35 -33.18 -61.85
C MET B 84 0.11 -32.80 -61.99
N ASN B 85 0.39 -31.82 -62.85
CA ASN B 85 1.77 -31.39 -63.05
C ASN B 85 2.22 -30.47 -61.92
N ARG B 86 3.53 -30.19 -61.90
CA ARG B 86 4.12 -29.46 -60.77
C ARG B 86 3.64 -28.01 -60.69
N VAL B 87 3.42 -27.36 -61.84
CA VAL B 87 3.09 -25.94 -61.83
C VAL B 87 1.77 -25.70 -61.12
N VAL B 88 0.75 -26.48 -61.45
CA VAL B 88 -0.56 -26.25 -60.86
C VAL B 88 -0.61 -26.83 -59.44
N ARG B 89 0.26 -27.80 -59.13
CA ARG B 89 0.46 -28.18 -57.73
C ARG B 89 0.96 -27.00 -56.91
N ASN B 90 1.92 -26.25 -57.45
CA ASN B 90 2.38 -25.04 -56.79
C ASN B 90 1.27 -24.01 -56.71
N ASN B 91 0.42 -23.94 -57.74
CA ASN B 91 -0.68 -22.99 -57.74
C ASN B 91 -1.66 -23.26 -56.60
N LEU B 92 -1.99 -24.53 -56.38
CA LEU B 92 -2.93 -24.90 -55.32
C LEU B 92 -2.25 -25.11 -53.97
N ARG B 93 -0.93 -24.92 -53.90
CA ARG B 93 -0.17 -25.09 -52.66
C ARG B 93 -0.36 -26.50 -52.07
N VAL B 94 -0.32 -27.50 -52.94
CA VAL B 94 -0.52 -28.88 -52.53
C VAL B 94 0.66 -29.71 -53.02
N ARG B 95 0.87 -30.85 -52.37
CA ARG B 95 1.93 -31.78 -52.70
C ARG B 95 1.33 -33.12 -53.14
N LEU B 96 2.19 -34.03 -53.57
CA LEU B 96 1.75 -35.35 -53.96
C LEU B 96 1.14 -36.09 -52.76
N GLY B 97 -0.02 -36.69 -52.98
CA GLY B 97 -0.75 -37.36 -51.93
C GLY B 97 -1.77 -36.50 -51.21
N ASP B 98 -1.78 -35.19 -51.48
CA ASP B 98 -2.76 -34.31 -50.86
C ASP B 98 -4.13 -34.51 -51.50
N VAL B 99 -5.14 -33.93 -50.86
CA VAL B 99 -6.53 -34.05 -51.30
C VAL B 99 -6.99 -32.69 -51.80
N ILE B 100 -7.56 -32.67 -53.01
CA ILE B 100 -8.14 -31.47 -53.59
C ILE B 100 -9.60 -31.76 -53.94
N SER B 101 -10.35 -30.70 -54.23
CA SER B 101 -11.75 -30.84 -54.60
C SER B 101 -11.95 -30.33 -56.02
N ILE B 102 -12.73 -31.08 -56.81
CA ILE B 102 -12.99 -30.75 -58.20
C ILE B 102 -14.48 -30.52 -58.37
N GLN B 103 -14.83 -29.44 -59.08
CA GLN B 103 -16.22 -29.11 -59.36
C GLN B 103 -16.32 -28.56 -60.78
N PRO B 104 -17.50 -28.62 -61.39
CA PRO B 104 -17.68 -27.92 -62.67
C PRO B 104 -17.54 -26.42 -62.51
N CYS B 105 -17.07 -25.77 -63.56
CA CYS B 105 -16.85 -24.33 -63.58
C CYS B 105 -17.57 -23.76 -64.81
N PRO B 106 -18.89 -23.64 -64.76
CA PRO B 106 -19.64 -23.19 -65.93
C PRO B 106 -19.52 -21.69 -66.15
N ASP B 107 -19.87 -21.28 -67.37
CA ASP B 107 -19.95 -19.87 -67.75
C ASP B 107 -18.60 -19.15 -67.59
N VAL B 108 -17.54 -19.77 -68.10
CA VAL B 108 -16.23 -19.11 -68.15
C VAL B 108 -16.10 -18.40 -69.49
N LYS B 109 -16.09 -17.08 -69.46
CA LYS B 109 -16.11 -16.28 -70.68
C LYS B 109 -14.70 -16.06 -71.21
N TYR B 110 -14.62 -15.69 -72.48
CA TYR B 110 -13.34 -15.38 -73.10
C TYR B 110 -12.74 -14.13 -72.47
N GLY B 111 -11.43 -14.18 -72.22
CA GLY B 111 -10.77 -13.06 -71.57
C GLY B 111 -10.73 -11.85 -72.48
N LYS B 112 -11.08 -10.69 -71.92
CA LYS B 112 -10.99 -9.44 -72.68
C LYS B 112 -9.59 -8.84 -72.59
N ARG B 113 -8.96 -8.90 -71.42
CA ARG B 113 -7.63 -8.33 -71.24
C ARG B 113 -6.99 -8.95 -70.00
N ILE B 114 -5.75 -9.42 -70.14
CA ILE B 114 -5.02 -10.03 -69.03
C ILE B 114 -3.67 -9.35 -68.90
N HIS B 115 -3.32 -9.01 -67.66
CA HIS B 115 -2.04 -8.41 -67.31
C HIS B 115 -1.27 -9.42 -66.45
N VAL B 116 -0.06 -9.74 -66.87
CA VAL B 116 0.80 -10.70 -66.18
C VAL B 116 2.13 -10.03 -65.88
N LEU B 117 2.88 -10.63 -64.95
CA LEU B 117 4.18 -10.11 -64.55
C LEU B 117 5.12 -11.27 -64.25
N PRO B 118 6.38 -11.17 -64.64
CA PRO B 118 7.34 -12.26 -64.41
C PRO B 118 7.94 -12.22 -63.02
N ILE B 119 8.51 -13.36 -62.63
CA ILE B 119 9.24 -13.48 -61.37
C ILE B 119 10.68 -13.01 -61.58
N ASP B 120 11.25 -12.40 -60.55
CA ASP B 120 12.48 -11.62 -60.73
C ASP B 120 13.64 -12.49 -61.21
N ASP B 121 13.93 -13.59 -60.52
CA ASP B 121 15.09 -14.39 -60.93
C ASP B 121 14.86 -15.11 -62.24
N THR B 122 13.61 -15.47 -62.56
CA THR B 122 13.31 -16.02 -63.86
C THR B 122 13.52 -15.02 -64.99
N VAL B 123 13.44 -13.72 -64.71
CA VAL B 123 13.65 -12.68 -65.70
C VAL B 123 14.98 -11.96 -65.49
N GLU B 124 15.69 -12.26 -64.41
CA GLU B 124 17.01 -11.67 -64.19
C GLU B 124 17.94 -12.04 -65.33
N GLY B 125 18.47 -11.04 -66.02
CA GLY B 125 19.31 -11.26 -67.17
C GLY B 125 18.57 -11.41 -68.48
N ILE B 126 17.24 -11.43 -68.45
CA ILE B 126 16.43 -11.54 -69.66
C ILE B 126 16.08 -10.13 -70.11
N THR B 127 16.57 -9.74 -71.28
CA THR B 127 16.33 -8.41 -71.83
C THR B 127 15.48 -8.41 -73.08
N GLY B 128 15.13 -9.59 -73.61
CA GLY B 128 14.31 -9.65 -74.80
C GLY B 128 12.85 -9.36 -74.52
N ASN B 129 12.08 -9.29 -75.60
CA ASN B 129 10.64 -9.05 -75.49
C ASN B 129 9.97 -10.26 -74.86
N LEU B 130 9.44 -10.08 -73.65
CA LEU B 130 8.81 -11.19 -72.95
C LEU B 130 7.61 -11.73 -73.72
N PHE B 131 6.79 -10.82 -74.27
CA PHE B 131 5.57 -11.24 -74.96
C PHE B 131 5.87 -12.22 -76.08
N GLU B 132 6.60 -11.75 -77.11
CA GLU B 132 6.82 -12.56 -78.30
C GLU B 132 7.58 -13.85 -77.98
N VAL B 133 8.59 -13.76 -77.11
CA VAL B 133 9.42 -14.93 -76.84
C VAL B 133 8.65 -15.98 -76.05
N TYR B 134 7.87 -15.56 -75.04
CA TYR B 134 7.28 -16.50 -74.10
C TYR B 134 5.76 -16.60 -74.21
N LEU B 135 5.05 -15.48 -74.06
CA LEU B 135 3.60 -15.55 -73.87
C LEU B 135 2.86 -15.87 -75.15
N LYS B 136 3.27 -15.28 -76.27
CA LYS B 136 2.57 -15.50 -77.53
C LYS B 136 2.60 -16.96 -77.97
N PRO B 137 3.75 -17.66 -78.02
CA PRO B 137 3.70 -19.09 -78.33
C PRO B 137 2.97 -19.92 -77.29
N TYR B 138 2.96 -19.46 -76.04
CA TYR B 138 2.31 -20.22 -74.98
C TYR B 138 0.78 -20.10 -75.04
N PHE B 139 0.27 -19.01 -75.59
CA PHE B 139 -1.16 -18.74 -75.60
C PHE B 139 -1.74 -18.71 -77.01
N LEU B 140 -1.02 -19.22 -78.00
CA LEU B 140 -1.48 -19.18 -79.38
C LEU B 140 -2.27 -20.44 -79.69
N GLU B 141 -3.56 -20.27 -80.00
CA GLU B 141 -4.45 -21.37 -80.34
C GLU B 141 -4.44 -22.45 -79.27
N ALA B 142 -4.59 -22.03 -78.01
CA ALA B 142 -4.57 -22.96 -76.90
C ALA B 142 -5.83 -22.85 -76.06
N TYR B 143 -6.38 -21.64 -75.94
CA TYR B 143 -7.59 -21.38 -75.16
C TYR B 143 -7.41 -21.83 -73.71
N ARG B 144 -6.28 -21.44 -73.12
CA ARG B 144 -5.96 -21.86 -71.76
C ARG B 144 -6.85 -21.14 -70.75
N PRO B 145 -7.42 -21.84 -69.77
CA PRO B 145 -8.13 -21.16 -68.69
C PRO B 145 -7.15 -20.73 -67.60
N ILE B 146 -7.29 -19.49 -67.13
CA ILE B 146 -6.39 -18.92 -66.15
C ILE B 146 -7.18 -18.25 -65.04
N ARG B 147 -6.49 -17.97 -63.94
CA ARG B 147 -7.07 -17.30 -62.79
C ARG B 147 -6.16 -16.15 -62.35
N LYS B 148 -6.77 -15.13 -61.75
CA LYS B 148 -6.00 -14.06 -61.14
C LYS B 148 -5.12 -14.63 -60.03
N GLY B 149 -3.85 -14.23 -60.03
CA GLY B 149 -2.89 -14.72 -59.06
C GLY B 149 -2.25 -16.06 -59.41
N ASP B 150 -2.56 -16.62 -60.58
CA ASP B 150 -1.95 -17.87 -61.00
C ASP B 150 -0.46 -17.68 -61.27
N ILE B 151 0.31 -18.73 -61.00
CA ILE B 151 1.74 -18.77 -61.28
C ILE B 151 1.97 -19.86 -62.31
N PHE B 152 2.49 -19.49 -63.49
CA PHE B 152 2.69 -20.46 -64.56
C PHE B 152 4.05 -20.26 -65.20
N LEU B 153 4.71 -21.37 -65.53
CA LEU B 153 6.05 -21.37 -66.08
C LEU B 153 5.99 -21.54 -67.60
N VAL B 154 6.75 -20.73 -68.33
CA VAL B 154 6.74 -20.73 -69.78
C VAL B 154 8.13 -21.06 -70.29
N ARG B 155 8.20 -21.93 -71.29
CA ARG B 155 9.45 -22.29 -71.93
C ARG B 155 9.83 -21.24 -72.96
N GLY B 156 10.90 -21.50 -73.71
CA GLY B 156 11.41 -20.55 -74.68
C GLY B 156 12.52 -19.68 -74.14
N GLY B 157 13.09 -18.88 -75.03
CA GLY B 157 14.26 -18.09 -74.70
C GLY B 157 15.45 -18.98 -74.43
N MET B 158 16.39 -18.43 -73.66
CA MET B 158 17.46 -19.23 -73.07
C MET B 158 17.01 -19.91 -71.77
N ARG B 159 15.92 -19.42 -71.16
CA ARG B 159 15.59 -19.76 -69.79
C ARG B 159 14.09 -19.65 -69.58
N ALA B 160 13.49 -20.69 -69.02
CA ALA B 160 12.07 -20.66 -68.73
C ALA B 160 11.75 -19.61 -67.68
N VAL B 161 10.64 -18.91 -67.86
CA VAL B 161 10.28 -17.77 -67.04
C VAL B 161 8.93 -18.00 -66.40
N GLU B 162 8.84 -17.75 -65.09
CA GLU B 162 7.59 -17.86 -64.37
C GLU B 162 6.86 -16.52 -64.41
N PHE B 163 5.55 -16.58 -64.62
CA PHE B 163 4.72 -15.38 -64.70
C PHE B 163 3.56 -15.50 -63.72
N LYS B 164 3.15 -14.35 -63.20
CA LYS B 164 2.02 -14.25 -62.29
C LYS B 164 0.92 -13.44 -62.95
N VAL B 165 -0.28 -14.01 -63.01
CA VAL B 165 -1.43 -13.34 -63.61
C VAL B 165 -1.94 -12.31 -62.61
N VAL B 166 -1.60 -11.05 -62.81
CA VAL B 166 -1.94 -10.02 -61.83
C VAL B 166 -3.29 -9.35 -62.12
N GLU B 167 -3.84 -9.49 -63.33
CA GLU B 167 -5.14 -8.91 -63.61
C GLU B 167 -5.83 -9.67 -64.73
N THR B 168 -7.13 -9.90 -64.57
CA THR B 168 -7.94 -10.53 -65.58
C THR B 168 -9.22 -9.74 -65.81
N ASP B 169 -9.68 -9.73 -67.05
CA ASP B 169 -11.00 -9.21 -67.39
C ASP B 169 -11.57 -10.02 -68.54
N PRO B 170 -12.71 -10.72 -68.35
CA PRO B 170 -13.51 -10.72 -67.12
C PRO B 170 -12.89 -11.50 -65.97
N SER B 171 -13.30 -11.17 -64.75
CA SER B 171 -12.71 -11.71 -63.53
C SER B 171 -13.68 -12.62 -62.80
N PRO B 172 -13.19 -13.60 -62.02
CA PRO B 172 -11.75 -13.91 -61.87
C PRO B 172 -11.25 -14.86 -62.94
N TYR B 173 -12.13 -15.72 -63.46
CA TYR B 173 -11.74 -16.75 -64.40
C TYR B 173 -12.04 -16.32 -65.82
N CYS B 174 -11.06 -16.50 -66.71
CA CYS B 174 -11.22 -16.12 -68.10
C CYS B 174 -10.46 -17.09 -68.99
N ILE B 175 -10.89 -17.18 -70.24
CA ILE B 175 -10.24 -18.01 -71.24
C ILE B 175 -9.36 -17.13 -72.11
N VAL B 176 -8.13 -17.58 -72.38
CA VAL B 176 -7.21 -16.83 -73.20
C VAL B 176 -7.57 -17.07 -74.67
N ALA B 177 -8.45 -16.21 -75.21
CA ALA B 177 -8.89 -16.30 -76.58
C ALA B 177 -7.85 -15.68 -77.51
N PRO B 178 -7.92 -15.98 -78.81
CA PRO B 178 -6.99 -15.34 -79.75
C PRO B 178 -7.07 -13.81 -79.74
N ASP B 179 -8.25 -13.25 -79.50
CA ASP B 179 -8.40 -11.80 -79.45
C ASP B 179 -8.18 -11.23 -78.05
N THR B 180 -7.86 -12.07 -77.08
CA THR B 180 -7.56 -11.59 -75.74
C THR B 180 -6.24 -10.82 -75.76
N VAL B 181 -6.23 -9.64 -75.13
CA VAL B 181 -5.05 -8.79 -75.11
C VAL B 181 -4.22 -9.12 -73.89
N ILE B 182 -3.03 -9.67 -74.12
CA ILE B 182 -2.10 -10.06 -73.05
C ILE B 182 -1.00 -9.02 -72.98
N HIS B 183 -0.75 -8.48 -71.79
CA HIS B 183 0.36 -7.56 -71.63
C HIS B 183 1.09 -7.82 -70.33
N CYS B 184 2.39 -7.53 -70.34
CA CYS B 184 3.31 -7.80 -69.24
C CYS B 184 4.22 -6.62 -68.98
N GLU B 185 3.68 -5.41 -68.99
CA GLU B 185 4.44 -4.19 -68.72
C GLU B 185 4.09 -3.70 -67.32
N GLY B 186 5.06 -3.74 -66.42
CA GLY B 186 4.85 -3.28 -65.06
C GLY B 186 6.02 -3.67 -64.19
N GLU B 187 5.93 -3.29 -62.92
CA GLU B 187 6.96 -3.63 -61.97
C GLU B 187 6.99 -5.15 -61.76
N PRO B 188 8.13 -5.81 -61.97
CA PRO B 188 8.17 -7.27 -61.86
C PRO B 188 7.82 -7.72 -60.45
N ILE B 189 7.08 -8.84 -60.36
CA ILE B 189 6.69 -9.37 -59.07
C ILE B 189 7.92 -9.93 -58.36
N LYS B 190 8.26 -9.35 -57.22
CA LYS B 190 9.45 -9.75 -56.48
C LYS B 190 9.29 -11.15 -55.90
N ARG B 191 10.43 -11.83 -55.72
CA ARG B 191 10.39 -13.18 -55.16
C ARG B 191 9.99 -13.16 -53.69
N GLU B 192 10.22 -12.04 -53.00
CA GLU B 192 9.88 -11.95 -51.59
C GLU B 192 8.38 -12.10 -51.39
N ASP B 193 7.59 -11.44 -52.24
CA ASP B 193 6.13 -11.53 -52.17
C ASP B 193 5.67 -12.95 -52.43
N GLU B 194 6.24 -13.59 -53.45
CA GLU B 194 5.86 -14.97 -53.77
C GLU B 194 6.21 -15.91 -52.63
N GLU B 195 7.38 -15.74 -52.03
CA GLU B 195 7.79 -16.60 -50.91
C GLU B 195 6.90 -16.37 -49.70
N GLU B 196 6.55 -15.12 -49.41
CA GLU B 196 5.66 -14.83 -48.29
C GLU B 196 4.29 -15.45 -48.52
N SER B 197 3.77 -15.37 -49.75
CA SER B 197 2.49 -16.01 -50.06
C SER B 197 2.59 -17.51 -49.94
N LEU B 198 3.71 -18.09 -50.37
CA LEU B 198 3.88 -19.54 -50.32
C LEU B 198 3.95 -20.04 -48.88
N ASN B 199 4.68 -19.31 -48.02
CA ASN B 199 4.89 -19.75 -46.65
C ASN B 199 3.83 -19.20 -45.69
N GLU B 200 2.66 -18.85 -46.19
CA GLU B 200 1.58 -18.39 -45.31
C GLU B 200 1.08 -19.55 -44.46
N VAL B 201 0.64 -19.23 -43.25
CA VAL B 201 0.32 -20.25 -42.26
C VAL B 201 -1.12 -20.73 -42.47
N GLY B 202 -1.28 -22.06 -42.57
CA GLY B 202 -2.60 -22.67 -42.59
C GLY B 202 -2.80 -23.53 -41.36
N TYR B 203 -3.90 -24.29 -41.31
CA TYR B 203 -4.14 -25.15 -40.15
C TYR B 203 -3.10 -26.25 -40.04
N ASP B 204 -2.51 -26.66 -41.16
CA ASP B 204 -1.52 -27.73 -41.15
C ASP B 204 -0.21 -27.30 -40.49
N ASP B 205 -0.03 -26.01 -40.22
CA ASP B 205 1.17 -25.52 -39.56
C ASP B 205 1.06 -25.53 -38.04
N ILE B 206 -0.05 -26.01 -37.48
CA ILE B 206 -0.25 -26.09 -36.03
C ILE B 206 -0.18 -27.55 -35.62
N GLY B 207 0.66 -27.86 -34.64
CA GLY B 207 0.80 -29.20 -34.14
C GLY B 207 0.38 -29.28 -32.68
N GLY B 208 -0.18 -30.42 -32.30
CA GLY B 208 -0.56 -30.66 -30.92
C GLY B 208 -1.80 -29.94 -30.44
N CYS B 209 -2.60 -29.38 -31.35
CA CYS B 209 -3.80 -28.64 -30.99
C CYS B 209 -5.01 -29.15 -31.78
N ARG B 210 -5.16 -30.46 -31.85
CA ARG B 210 -6.24 -31.04 -32.66
C ARG B 210 -7.60 -30.79 -32.02
N LYS B 211 -7.70 -31.00 -30.70
CA LYS B 211 -8.90 -30.64 -29.96
C LYS B 211 -9.22 -29.16 -30.16
N GLN B 212 -8.23 -28.29 -29.99
CA GLN B 212 -8.48 -26.86 -30.02
C GLN B 212 -8.88 -26.41 -31.41
N LEU B 213 -8.26 -26.98 -32.44
CA LEU B 213 -8.67 -26.66 -33.81
C LEU B 213 -10.10 -27.10 -34.09
N ALA B 214 -10.47 -28.31 -33.61
CA ALA B 214 -11.85 -28.76 -33.80
C ALA B 214 -12.83 -27.84 -33.09
N GLN B 215 -12.51 -27.44 -31.85
CA GLN B 215 -13.39 -26.54 -31.10
C GLN B 215 -13.51 -25.19 -31.78
N ILE B 216 -12.41 -24.66 -32.30
CA ILE B 216 -12.44 -23.37 -32.98
C ILE B 216 -13.28 -23.44 -34.24
N LYS B 217 -13.14 -24.52 -35.02
CA LYS B 217 -13.98 -24.67 -36.20
C LYS B 217 -15.45 -24.79 -35.81
N GLU B 218 -15.74 -25.50 -34.72
CA GLU B 218 -17.13 -25.65 -34.29
C GLU B 218 -17.73 -24.32 -33.83
N MET B 219 -16.96 -23.51 -33.12
CA MET B 219 -17.48 -22.29 -32.52
C MET B 219 -17.26 -21.04 -33.37
N VAL B 220 -16.43 -21.11 -34.40
CA VAL B 220 -16.16 -19.91 -35.20
C VAL B 220 -16.53 -20.17 -36.65
N GLU B 221 -15.91 -21.16 -37.27
CA GLU B 221 -16.15 -21.41 -38.68
C GLU B 221 -17.56 -21.93 -38.92
N LEU B 222 -18.03 -22.84 -38.08
CA LEU B 222 -19.36 -23.43 -38.30
C LEU B 222 -20.50 -22.43 -38.19
N PRO B 223 -20.60 -21.60 -37.14
CA PRO B 223 -21.74 -20.65 -37.08
C PRO B 223 -21.80 -19.68 -38.24
N LEU B 224 -20.67 -19.17 -38.70
CA LEU B 224 -20.66 -18.28 -39.86
C LEU B 224 -20.85 -19.04 -41.16
N ARG B 225 -20.39 -20.29 -41.21
CA ARG B 225 -20.47 -21.08 -42.42
C ARG B 225 -21.92 -21.40 -42.73
N HIS B 226 -22.64 -21.89 -41.71
CA HIS B 226 -24.03 -22.36 -41.81
C HIS B 226 -24.84 -21.78 -40.65
N PRO B 227 -25.18 -20.50 -40.68
CA PRO B 227 -26.04 -19.97 -39.60
C PRO B 227 -27.41 -20.64 -39.52
N ALA B 228 -27.95 -21.08 -40.66
CA ALA B 228 -29.24 -21.74 -40.67
C ALA B 228 -29.21 -23.06 -39.91
N LEU B 229 -28.04 -23.69 -39.80
CA LEU B 229 -27.92 -24.92 -39.02
C LEU B 229 -28.27 -24.67 -37.56
N PHE B 230 -27.76 -23.58 -36.99
CA PHE B 230 -28.09 -23.24 -35.61
C PHE B 230 -29.49 -22.63 -35.50
N LYS B 231 -29.93 -21.91 -36.54
CA LYS B 231 -31.28 -21.33 -36.51
C LYS B 231 -32.35 -22.42 -36.48
N GLU B 232 -32.15 -23.49 -37.26
CA GLU B 232 -33.16 -24.55 -37.34
C GLU B 232 -33.33 -25.26 -36.01
N ILE B 233 -32.21 -25.56 -35.33
CA ILE B 233 -32.27 -26.25 -34.05
C ILE B 233 -32.59 -25.30 -32.90
N GLY B 234 -32.74 -24.01 -33.19
CA GLY B 234 -33.18 -23.04 -32.21
C GLY B 234 -32.19 -22.70 -31.12
N VAL B 235 -30.91 -22.58 -31.45
CA VAL B 235 -29.89 -22.12 -30.53
C VAL B 235 -29.08 -21.01 -31.18
N LYS B 236 -28.50 -20.14 -30.35
CA LYS B 236 -27.69 -19.04 -30.82
C LYS B 236 -26.22 -19.34 -30.56
N PRO B 237 -25.36 -19.23 -31.57
CA PRO B 237 -23.94 -19.53 -31.38
C PRO B 237 -23.29 -18.51 -30.47
N PRO B 238 -22.33 -18.94 -29.65
CA PRO B 238 -21.57 -18.00 -28.84
C PRO B 238 -20.98 -16.85 -29.65
N ARG B 239 -20.87 -15.70 -29.01
CA ARG B 239 -20.34 -14.50 -29.64
C ARG B 239 -18.87 -14.29 -29.35
N GLY B 240 -18.38 -14.72 -28.19
CA GLY B 240 -17.01 -14.47 -27.79
C GLY B 240 -16.22 -15.71 -27.45
N ILE B 241 -15.13 -15.93 -28.18
CA ILE B 241 -14.22 -17.04 -27.95
C ILE B 241 -12.87 -16.47 -27.56
N LEU B 242 -12.37 -16.88 -26.41
CA LEU B 242 -11.11 -16.39 -25.85
C LEU B 242 -10.11 -17.54 -25.84
N LEU B 243 -9.02 -17.38 -26.59
CA LEU B 243 -7.93 -18.35 -26.56
C LEU B 243 -6.96 -17.98 -25.44
N TYR B 244 -6.66 -18.94 -24.58
CA TYR B 244 -5.69 -18.67 -23.52
C TYR B 244 -4.69 -19.83 -23.44
N GLY B 245 -3.58 -19.54 -22.78
CA GLY B 245 -2.51 -20.50 -22.61
C GLY B 245 -1.20 -19.80 -22.33
N PRO B 246 -0.18 -20.55 -21.92
CA PRO B 246 1.12 -19.94 -21.63
C PRO B 246 1.75 -19.38 -22.90
N PRO B 247 2.67 -18.43 -22.77
CA PRO B 247 3.25 -17.80 -23.96
C PRO B 247 3.97 -18.81 -24.85
N GLY B 248 3.86 -18.60 -26.16
CA GLY B 248 4.53 -19.45 -27.12
C GLY B 248 3.79 -20.72 -27.48
N THR B 249 2.53 -20.86 -27.08
CA THR B 249 1.78 -22.08 -27.37
C THR B 249 1.11 -22.06 -28.74
N GLY B 250 1.14 -20.94 -29.44
CA GLY B 250 0.61 -20.85 -30.78
C GLY B 250 -0.72 -20.15 -30.95
N LYS B 251 -1.11 -19.29 -30.00
CA LYS B 251 -2.38 -18.57 -30.14
C LYS B 251 -2.33 -17.61 -31.32
N THR B 252 -1.23 -16.85 -31.46
CA THR B 252 -1.09 -15.98 -32.61
C THR B 252 -0.94 -16.78 -33.90
N LEU B 253 -0.25 -17.92 -33.84
CA LEU B 253 -0.16 -18.79 -35.00
C LEU B 253 -1.52 -19.32 -35.40
N ILE B 254 -2.36 -19.67 -34.43
CA ILE B 254 -3.72 -20.09 -34.72
C ILE B 254 -4.52 -18.94 -35.33
N ALA B 255 -4.29 -17.72 -34.85
CA ALA B 255 -4.95 -16.56 -35.43
C ALA B 255 -4.56 -16.37 -36.89
N ARG B 256 -3.26 -16.51 -37.19
CA ARG B 256 -2.80 -16.39 -38.57
C ARG B 256 -3.40 -17.48 -39.44
N ALA B 257 -3.46 -18.71 -38.91
CA ALA B 257 -4.06 -19.80 -39.66
C ALA B 257 -5.53 -19.55 -39.94
N VAL B 258 -6.28 -19.09 -38.93
CA VAL B 258 -7.69 -18.80 -39.13
C VAL B 258 -7.86 -17.71 -40.18
N ALA B 259 -7.02 -16.68 -40.12
CA ALA B 259 -7.08 -15.61 -41.11
C ALA B 259 -6.83 -16.13 -42.52
N ASN B 260 -5.86 -17.02 -42.67
CA ASN B 260 -5.52 -17.53 -44.00
C ASN B 260 -6.41 -18.68 -44.45
N GLU B 261 -7.30 -19.18 -43.58
CA GLU B 261 -8.09 -20.37 -43.90
C GLU B 261 -9.59 -20.09 -43.95
N THR B 262 -10.02 -18.88 -43.59
CA THR B 262 -11.43 -18.60 -43.40
C THR B 262 -12.01 -17.94 -44.65
N GLY B 263 -13.28 -18.26 -44.93
CA GLY B 263 -13.98 -17.56 -45.99
C GLY B 263 -14.60 -16.26 -45.51
N ALA B 264 -14.80 -16.13 -44.20
CA ALA B 264 -15.35 -14.92 -43.64
C ALA B 264 -14.33 -13.79 -43.68
N PHE B 265 -14.82 -12.56 -43.62
CA PHE B 265 -13.93 -11.41 -43.54
C PHE B 265 -13.20 -11.42 -42.20
N PHE B 266 -11.89 -11.18 -42.24
CA PHE B 266 -11.06 -11.25 -41.05
C PHE B 266 -10.46 -9.89 -40.75
N PHE B 267 -10.64 -9.44 -39.51
CA PHE B 267 -10.01 -8.21 -39.03
C PHE B 267 -9.16 -8.56 -37.81
N LEU B 268 -7.91 -8.13 -37.84
CA LEU B 268 -6.95 -8.42 -36.77
C LEU B 268 -6.71 -7.16 -35.95
N ILE B 269 -6.85 -7.29 -34.63
CA ILE B 269 -6.56 -6.22 -33.69
C ILE B 269 -5.49 -6.70 -32.73
N ASN B 270 -4.45 -5.91 -32.54
CA ASN B 270 -3.40 -6.19 -31.57
C ASN B 270 -3.57 -5.28 -30.36
N GLY B 271 -3.14 -5.77 -29.21
CA GLY B 271 -3.15 -4.97 -28.00
C GLY B 271 -2.27 -3.74 -28.10
N PRO B 272 -0.95 -3.93 -28.24
CA PRO B 272 -0.06 -2.79 -28.42
C PRO B 272 -0.40 -1.93 -29.63
N GLU B 273 -1.02 -2.51 -30.67
CA GLU B 273 -1.66 -1.74 -31.72
C GLU B 273 -2.51 -0.61 -31.15
N ILE B 274 -3.53 -0.98 -30.37
CA ILE B 274 -4.52 -0.01 -29.90
C ILE B 274 -3.91 0.88 -28.82
N MET B 275 -3.13 0.30 -27.91
CA MET B 275 -2.67 1.05 -26.75
C MET B 275 -1.57 2.05 -27.09
N SER B 276 -0.93 1.92 -28.26
CA SER B 276 0.12 2.86 -28.65
C SER B 276 -0.43 4.14 -29.27
N LYS B 277 -1.72 4.22 -29.55
CA LYS B 277 -2.32 5.39 -30.15
C LYS B 277 -2.69 6.42 -29.09
N LEU B 278 -2.87 7.66 -29.54
CA LEU B 278 -3.29 8.72 -28.64
C LEU B 278 -4.74 8.50 -28.19
N ALA B 279 -5.08 9.11 -27.06
CA ALA B 279 -6.44 9.01 -26.55
C ALA B 279 -7.43 9.56 -27.57
N GLY B 280 -8.48 8.79 -27.84
CA GLY B 280 -9.45 9.12 -28.85
C GLY B 280 -9.19 8.49 -30.21
N GLU B 281 -7.96 8.05 -30.47
CA GLU B 281 -7.66 7.30 -31.68
C GLU B 281 -7.76 5.81 -31.47
N SER B 282 -7.43 5.33 -30.27
CA SER B 282 -7.62 3.93 -29.94
C SER B 282 -9.10 3.55 -30.00
N GLU B 283 -9.95 4.38 -29.38
CA GLU B 283 -11.39 4.13 -29.39
C GLU B 283 -11.94 4.21 -30.81
N SER B 284 -11.47 5.18 -31.59
CA SER B 284 -11.92 5.30 -32.97
C SER B 284 -11.52 4.09 -33.78
N ASN B 285 -10.29 3.59 -33.60
CA ASN B 285 -9.86 2.39 -34.32
C ASN B 285 -10.68 1.17 -33.92
N LEU B 286 -10.98 1.03 -32.63
CA LEU B 286 -11.78 -0.11 -32.19
C LEU B 286 -13.19 -0.06 -32.77
N ARG B 287 -13.83 1.12 -32.71
CA ARG B 287 -15.16 1.27 -33.28
C ARG B 287 -15.15 1.04 -34.79
N LYS B 288 -14.12 1.56 -35.48
CA LYS B 288 -14.01 1.35 -36.91
C LYS B 288 -13.84 -0.12 -37.24
N ALA B 289 -13.07 -0.85 -36.44
CA ALA B 289 -12.89 -2.27 -36.67
C ALA B 289 -14.22 -3.02 -36.53
N PHE B 290 -14.97 -2.71 -35.47
CA PHE B 290 -16.25 -3.38 -35.28
C PHE B 290 -17.24 -3.04 -36.40
N GLU B 291 -17.28 -1.77 -36.81
CA GLU B 291 -18.16 -1.38 -37.91
C GLU B 291 -17.75 -2.02 -39.23
N GLU B 292 -16.44 -2.12 -39.48
CA GLU B 292 -15.95 -2.76 -40.68
C GLU B 292 -16.33 -4.24 -40.70
N ALA B 293 -16.22 -4.91 -39.56
CA ALA B 293 -16.62 -6.31 -39.48
C ALA B 293 -18.13 -6.45 -39.72
N GLU B 294 -18.93 -5.56 -39.13
CA GLU B 294 -20.37 -5.66 -39.31
C GLU B 294 -20.77 -5.39 -40.76
N LYS B 295 -20.04 -4.51 -41.45
CA LYS B 295 -20.36 -4.21 -42.84
C LYS B 295 -20.03 -5.39 -43.76
N ASN B 296 -18.95 -6.11 -43.47
CA ASN B 296 -18.49 -7.22 -44.29
C ASN B 296 -18.90 -8.58 -43.72
N ALA B 297 -20.08 -8.66 -43.12
CA ALA B 297 -20.53 -9.90 -42.50
C ALA B 297 -20.73 -10.98 -43.56
N PRO B 298 -20.47 -12.26 -43.23
CA PRO B 298 -19.94 -12.72 -41.93
C PRO B 298 -18.47 -12.38 -41.74
N ALA B 299 -18.10 -12.03 -40.52
CA ALA B 299 -16.76 -11.54 -40.23
C ALA B 299 -16.26 -12.11 -38.92
N ILE B 300 -14.93 -12.14 -38.79
CA ILE B 300 -14.25 -12.55 -37.57
C ILE B 300 -13.38 -11.38 -37.12
N ILE B 301 -13.51 -11.01 -35.84
CA ILE B 301 -12.63 -10.04 -35.22
C ILE B 301 -11.71 -10.78 -34.27
N PHE B 302 -10.41 -10.69 -34.48
CA PHE B 302 -9.43 -11.27 -33.58
C PHE B 302 -8.69 -10.14 -32.86
N ILE B 303 -8.75 -10.16 -31.54
CA ILE B 303 -8.07 -9.19 -30.70
C ILE B 303 -6.91 -9.92 -30.02
N ASP B 304 -5.74 -9.88 -30.64
CA ASP B 304 -4.55 -10.50 -30.07
C ASP B 304 -4.06 -9.66 -28.90
N GLU B 305 -3.60 -10.35 -27.85
CA GLU B 305 -3.13 -9.71 -26.61
C GLU B 305 -4.23 -8.85 -26.01
N LEU B 306 -5.33 -9.50 -25.63
CA LEU B 306 -6.47 -8.80 -25.06
C LEU B 306 -6.14 -8.13 -23.74
N ASP B 307 -5.22 -8.71 -22.96
CA ASP B 307 -4.87 -8.14 -21.66
C ASP B 307 -4.19 -6.79 -21.81
N ALA B 308 -3.62 -6.51 -22.99
CA ALA B 308 -2.98 -5.21 -23.20
C ALA B 308 -4.01 -4.09 -23.21
N ILE B 309 -5.21 -4.35 -23.74
CA ILE B 309 -6.24 -3.31 -23.84
C ILE B 309 -7.28 -3.40 -22.75
N ALA B 310 -7.47 -4.56 -22.12
CA ALA B 310 -8.56 -4.75 -21.17
C ALA B 310 -8.06 -5.43 -19.90
N PRO B 311 -7.32 -4.71 -19.06
CA PRO B 311 -7.03 -5.21 -17.72
C PRO B 311 -8.22 -4.96 -16.79
N LYS B 312 -8.08 -5.41 -15.55
CA LYS B 312 -9.13 -5.21 -14.56
C LYS B 312 -9.33 -3.72 -14.30
N ARG B 313 -10.58 -3.26 -14.43
CA ARG B 313 -10.86 -1.83 -14.42
C ARG B 313 -10.51 -1.21 -13.07
N GLU B 314 -10.86 -1.88 -11.97
CA GLU B 314 -10.54 -1.34 -10.65
C GLU B 314 -9.03 -1.28 -10.43
N LYS B 315 -8.31 -2.30 -10.88
CA LYS B 315 -6.86 -2.34 -10.78
C LYS B 315 -6.16 -1.52 -11.85
N THR B 316 -6.89 -0.70 -12.58
CA THR B 316 -6.33 0.21 -13.56
C THR B 316 -6.45 1.64 -13.05
N HIS B 317 -5.45 2.46 -13.35
CA HIS B 317 -5.39 3.83 -12.87
C HIS B 317 -5.64 4.87 -13.96
N GLY B 318 -5.39 4.54 -15.22
CA GLY B 318 -5.64 5.48 -16.30
C GLY B 318 -7.13 5.71 -16.53
N GLU B 319 -7.47 6.97 -16.79
CA GLU B 319 -8.84 7.31 -17.16
C GLU B 319 -9.12 6.77 -18.56
N VAL B 320 -8.19 6.99 -19.48
CA VAL B 320 -8.37 6.58 -20.86
C VAL B 320 -8.41 5.06 -20.98
N GLU B 321 -7.63 4.36 -20.14
CA GLU B 321 -7.64 2.91 -20.18
C GLU B 321 -9.00 2.35 -19.76
N ARG B 322 -9.58 2.89 -18.70
CA ARG B 322 -10.91 2.46 -18.28
C ARG B 322 -11.94 2.79 -19.35
N ARG B 323 -11.80 3.94 -20.00
CA ARG B 323 -12.72 4.30 -21.08
C ARG B 323 -12.60 3.31 -22.25
N ILE B 324 -11.38 2.87 -22.56
CA ILE B 324 -11.18 1.88 -23.62
C ILE B 324 -11.83 0.55 -23.26
N VAL B 325 -11.67 0.12 -22.00
CA VAL B 325 -12.30 -1.13 -21.57
C VAL B 325 -13.82 -1.03 -21.66
N SER B 326 -14.37 0.11 -21.23
CA SER B 326 -15.82 0.31 -21.32
C SER B 326 -16.29 0.32 -22.78
N GLN B 327 -15.51 0.94 -23.66
CA GLN B 327 -15.86 0.95 -25.07
C GLN B 327 -15.86 -0.45 -25.65
N LEU B 328 -14.86 -1.27 -25.27
CA LEU B 328 -14.84 -2.65 -25.74
C LEU B 328 -16.06 -3.42 -25.24
N LEU B 329 -16.43 -3.22 -23.98
CA LEU B 329 -17.62 -3.89 -23.45
C LEU B 329 -18.87 -3.46 -24.21
N THR B 330 -18.99 -2.17 -24.50
CA THR B 330 -20.14 -1.67 -25.25
C THR B 330 -20.19 -2.26 -26.65
N LEU B 331 -19.03 -2.33 -27.33
CA LEU B 331 -18.99 -2.90 -28.67
C LEU B 331 -19.35 -4.39 -28.65
N MET B 332 -18.88 -5.12 -27.65
CA MET B 332 -19.25 -6.53 -27.54
C MET B 332 -20.74 -6.68 -27.30
N ASP B 333 -21.34 -5.81 -26.49
CA ASP B 333 -22.78 -5.88 -26.28
C ASP B 333 -23.58 -5.42 -27.48
N GLY B 334 -22.97 -4.63 -28.37
CA GLY B 334 -23.68 -4.07 -29.50
C GLY B 334 -24.08 -5.08 -30.55
N LEU B 335 -23.42 -6.24 -30.59
CA LEU B 335 -23.76 -7.27 -31.56
C LEU B 335 -25.14 -7.85 -31.23
N LYS B 336 -25.94 -8.05 -32.28
CA LYS B 336 -27.30 -8.56 -32.14
C LYS B 336 -27.46 -10.01 -32.58
N GLN B 337 -26.36 -10.74 -32.74
CA GLN B 337 -26.34 -12.17 -33.04
C GLN B 337 -26.88 -12.47 -34.45
N ARG B 338 -27.37 -11.45 -35.14
CA ARG B 338 -27.66 -11.54 -36.57
C ARG B 338 -26.63 -10.79 -37.38
N ALA B 339 -25.75 -10.02 -36.73
CA ALA B 339 -24.67 -9.35 -37.43
C ALA B 339 -23.67 -10.34 -37.99
N HIS B 340 -23.73 -11.60 -37.56
CA HIS B 340 -22.84 -12.66 -38.03
C HIS B 340 -21.38 -12.27 -37.85
N VAL B 341 -21.09 -11.63 -36.73
CA VAL B 341 -19.73 -11.23 -36.37
C VAL B 341 -19.35 -12.00 -35.12
N ILE B 342 -18.24 -12.72 -35.19
CA ILE B 342 -17.71 -13.48 -34.06
C ILE B 342 -16.39 -12.83 -33.65
N VAL B 343 -16.28 -12.48 -32.38
CA VAL B 343 -15.09 -11.84 -31.84
C VAL B 343 -14.23 -12.89 -31.16
N MET B 344 -12.98 -13.01 -31.60
CA MET B 344 -12.02 -13.91 -31.01
C MET B 344 -10.93 -13.10 -30.32
N ALA B 345 -10.42 -13.61 -29.21
CA ALA B 345 -9.36 -12.93 -28.48
C ALA B 345 -8.36 -13.95 -27.98
N ALA B 346 -7.11 -13.53 -27.88
CA ALA B 346 -6.03 -14.37 -27.36
C ALA B 346 -5.35 -13.64 -26.23
N THR B 347 -5.09 -14.35 -25.14
CA THR B 347 -4.35 -13.78 -24.02
C THR B 347 -3.58 -14.90 -23.32
N ASN B 348 -2.40 -14.56 -22.82
CA ASN B 348 -1.63 -15.48 -21.98
C ASN B 348 -1.80 -15.19 -20.50
N ARG B 349 -2.64 -14.22 -20.15
CA ARG B 349 -3.00 -13.91 -18.76
C ARG B 349 -4.52 -13.82 -18.66
N PRO B 350 -5.21 -14.96 -18.70
CA PRO B 350 -6.68 -14.92 -18.65
C PRO B 350 -7.24 -14.31 -17.37
N ASN B 351 -6.54 -14.47 -16.25
CA ASN B 351 -6.98 -13.85 -15.00
C ASN B 351 -6.85 -12.33 -15.05
N SER B 352 -5.90 -11.82 -15.85
CA SER B 352 -5.69 -10.39 -15.94
C SER B 352 -6.81 -9.69 -16.71
N ILE B 353 -7.65 -10.44 -17.42
CA ILE B 353 -8.76 -9.83 -18.15
C ILE B 353 -9.80 -9.32 -17.17
N ASP B 354 -10.42 -8.19 -17.51
CA ASP B 354 -11.53 -7.68 -16.72
C ASP B 354 -12.65 -8.73 -16.69
N PRO B 355 -13.14 -9.10 -15.51
CA PRO B 355 -14.17 -10.15 -15.45
C PRO B 355 -15.44 -9.82 -16.22
N ALA B 356 -15.77 -8.54 -16.38
CA ALA B 356 -16.98 -8.17 -17.11
C ALA B 356 -16.95 -8.69 -18.54
N LEU B 357 -15.78 -8.79 -19.15
CA LEU B 357 -15.67 -9.30 -20.51
C LEU B 357 -15.89 -10.80 -20.61
N ARG B 358 -15.93 -11.51 -19.48
CA ARG B 358 -16.13 -12.96 -19.48
C ARG B 358 -17.57 -13.33 -19.12
N ARG B 359 -18.49 -12.39 -19.23
CA ARG B 359 -19.90 -12.62 -18.90
C ARG B 359 -20.65 -13.16 -20.10
N PHE B 360 -21.97 -13.30 -19.95
CA PHE B 360 -22.82 -13.75 -21.04
C PHE B 360 -22.92 -12.66 -22.11
N GLY B 361 -23.01 -13.10 -23.36
CA GLY B 361 -23.01 -12.17 -24.47
C GLY B 361 -21.67 -11.56 -24.78
N ARG B 362 -20.61 -12.11 -24.20
CA ARG B 362 -19.25 -11.58 -24.31
C ARG B 362 -18.34 -12.79 -24.45
N PHE B 363 -17.07 -12.65 -24.11
CA PHE B 363 -16.14 -13.76 -24.26
C PHE B 363 -16.51 -14.85 -23.27
N ASP B 364 -17.58 -15.59 -23.57
CA ASP B 364 -18.10 -16.63 -22.69
C ASP B 364 -17.52 -18.00 -22.99
N ARG B 365 -17.02 -18.23 -24.19
CA ARG B 365 -16.35 -19.48 -24.51
C ARG B 365 -14.84 -19.28 -24.41
N GLU B 366 -14.15 -20.29 -23.86
CA GLU B 366 -12.72 -20.22 -23.66
C GLU B 366 -12.07 -21.51 -24.17
N VAL B 367 -11.01 -21.36 -24.94
CA VAL B 367 -10.26 -22.47 -25.49
C VAL B 367 -8.84 -22.43 -24.92
N ASP B 368 -8.42 -23.54 -24.32
CA ASP B 368 -7.12 -23.61 -23.66
C ASP B 368 -6.10 -24.19 -24.64
N ILE B 369 -5.20 -23.33 -25.12
CA ILE B 369 -4.05 -23.77 -25.91
C ILE B 369 -2.96 -24.09 -24.91
N GLY B 370 -2.99 -25.32 -24.38
CA GLY B 370 -2.09 -25.71 -23.32
C GLY B 370 -0.73 -26.15 -23.80
N ILE B 371 0.07 -26.64 -22.86
CA ILE B 371 1.40 -27.15 -23.18
C ILE B 371 1.26 -28.46 -23.94
N PRO B 372 1.92 -28.63 -25.08
CA PRO B 372 1.82 -29.90 -25.81
C PRO B 372 2.48 -31.04 -25.06
N ASP B 373 1.96 -32.24 -25.31
CA ASP B 373 2.58 -33.46 -24.79
C ASP B 373 3.64 -33.96 -25.77
N ALA B 374 4.13 -35.17 -25.54
CA ALA B 374 5.20 -35.71 -26.38
C ALA B 374 4.76 -35.86 -27.84
N THR B 375 3.55 -36.36 -28.06
CA THR B 375 3.04 -36.47 -29.42
C THR B 375 2.84 -35.10 -30.05
N GLY B 376 2.28 -34.16 -29.28
CA GLY B 376 2.07 -32.82 -29.80
C GLY B 376 3.37 -32.13 -30.16
N ARG B 377 4.39 -32.26 -29.31
CA ARG B 377 5.65 -31.61 -29.61
C ARG B 377 6.42 -32.35 -30.71
N LEU B 378 6.18 -33.65 -30.87
CA LEU B 378 6.70 -34.33 -32.06
C LEU B 378 6.06 -33.78 -33.32
N GLU B 379 4.76 -33.53 -33.29
CA GLU B 379 4.08 -32.91 -34.43
C GLU B 379 4.65 -31.52 -34.71
N ILE B 380 4.88 -30.73 -33.65
CA ILE B 380 5.45 -29.40 -33.83
C ILE B 380 6.85 -29.47 -34.44
N LEU B 381 7.67 -30.42 -33.96
CA LEU B 381 9.02 -30.57 -34.52
C LEU B 381 8.97 -30.97 -35.98
N GLN B 382 8.05 -31.88 -36.34
CA GLN B 382 7.91 -32.26 -37.74
C GLN B 382 7.46 -31.09 -38.60
N ILE B 383 6.55 -30.26 -38.09
CA ILE B 383 6.10 -29.09 -38.84
C ILE B 383 7.24 -28.10 -39.04
N HIS B 384 8.02 -27.85 -37.98
CA HIS B 384 9.00 -26.78 -38.03
C HIS B 384 10.23 -27.18 -38.85
N THR B 385 10.53 -28.47 -38.90
CA THR B 385 11.69 -28.96 -39.65
C THR B 385 11.33 -29.48 -41.03
N LYS B 386 10.11 -29.22 -41.51
CA LYS B 386 9.69 -29.75 -42.81
C LYS B 386 10.49 -29.12 -43.95
N ASN B 387 10.88 -27.85 -43.80
CA ASN B 387 11.68 -27.16 -44.80
C ASN B 387 13.13 -27.01 -44.37
N MET B 388 13.56 -27.78 -43.38
CA MET B 388 14.89 -27.71 -42.81
C MET B 388 15.74 -28.85 -43.34
N LYS B 389 16.98 -28.55 -43.67
CA LYS B 389 17.92 -29.57 -44.16
C LYS B 389 18.39 -30.42 -42.99
N LEU B 390 17.97 -31.68 -42.97
CA LEU B 390 18.28 -32.59 -41.88
C LEU B 390 19.05 -33.79 -42.42
N ALA B 391 19.69 -34.51 -41.51
CA ALA B 391 20.42 -35.73 -41.82
C ALA B 391 19.61 -36.93 -41.36
N ASP B 392 20.09 -38.12 -41.74
CA ASP B 392 19.36 -39.35 -41.43
C ASP B 392 19.46 -39.73 -39.96
N ASP B 393 20.49 -39.27 -39.24
CA ASP B 393 20.63 -39.61 -37.84
C ASP B 393 19.65 -38.83 -36.95
N VAL B 394 18.97 -37.83 -37.50
CA VAL B 394 18.07 -37.00 -36.72
C VAL B 394 16.81 -37.82 -36.42
N ASP B 395 16.55 -38.06 -35.13
CA ASP B 395 15.36 -38.77 -34.70
C ASP B 395 14.45 -37.77 -33.98
N LEU B 396 13.40 -37.33 -34.69
CA LEU B 396 12.47 -36.37 -34.07
C LEU B 396 11.70 -37.02 -32.93
N GLU B 397 11.62 -38.35 -32.94
CA GLU B 397 11.14 -39.08 -31.78
C GLU B 397 11.95 -38.71 -30.55
N GLN B 398 13.28 -38.80 -30.66
CA GLN B 398 14.12 -38.69 -29.48
C GLN B 398 14.15 -37.26 -28.94
N VAL B 399 14.15 -36.29 -29.85
CA VAL B 399 14.05 -34.90 -29.45
C VAL B 399 12.72 -34.66 -28.75
N ALA B 400 11.63 -35.20 -29.30
CA ALA B 400 10.31 -34.97 -28.72
C ALA B 400 10.21 -35.55 -27.31
N ASN B 401 10.79 -36.74 -27.08
CA ASN B 401 10.74 -37.32 -25.75
C ASN B 401 11.58 -36.56 -24.74
N GLU B 402 12.57 -35.80 -25.21
CA GLU B 402 13.54 -35.13 -24.36
C GLU B 402 13.22 -33.67 -24.10
N THR B 403 12.11 -33.16 -24.64
CA THR B 403 11.76 -31.75 -24.54
C THR B 403 10.55 -31.49 -23.63
N HIS B 404 10.49 -32.19 -22.50
CA HIS B 404 9.48 -31.89 -21.50
C HIS B 404 9.59 -30.44 -21.05
N GLY B 405 8.45 -29.77 -20.94
CA GLY B 405 8.40 -28.37 -20.57
C GLY B 405 8.54 -27.41 -21.73
N HIS B 406 8.75 -27.91 -22.94
CA HIS B 406 8.88 -27.05 -24.12
C HIS B 406 7.51 -26.75 -24.71
N VAL B 407 7.33 -25.52 -25.16
CA VAL B 407 6.18 -25.13 -25.97
C VAL B 407 6.66 -24.97 -27.40
N GLY B 408 5.73 -24.71 -28.32
CA GLY B 408 6.11 -24.62 -29.73
C GLY B 408 7.19 -23.60 -30.00
N ALA B 409 7.13 -22.46 -29.32
CA ALA B 409 8.18 -21.45 -29.48
C ALA B 409 9.53 -21.98 -28.99
N ASP B 410 9.54 -22.72 -27.89
CA ASP B 410 10.78 -23.32 -27.41
C ASP B 410 11.33 -24.32 -28.42
N LEU B 411 10.46 -25.11 -29.06
CA LEU B 411 10.93 -26.04 -30.07
C LEU B 411 11.46 -25.33 -31.31
N ALA B 412 10.84 -24.22 -31.70
CA ALA B 412 11.37 -23.43 -32.80
C ALA B 412 12.75 -22.88 -32.46
N ALA B 413 12.93 -22.37 -31.24
CA ALA B 413 14.24 -21.90 -30.81
C ALA B 413 15.25 -23.04 -30.78
N LEU B 414 14.81 -24.23 -30.37
CA LEU B 414 15.68 -25.39 -30.37
C LEU B 414 16.17 -25.73 -31.77
N CYS B 415 15.26 -25.72 -32.75
CA CYS B 415 15.66 -25.99 -34.13
C CYS B 415 16.61 -24.92 -34.65
N SER B 416 16.34 -23.65 -34.32
CA SER B 416 17.24 -22.58 -34.75
C SER B 416 18.62 -22.75 -34.16
N GLU B 417 18.70 -23.12 -32.88
CA GLU B 417 20.01 -23.33 -32.25
C GLU B 417 20.73 -24.54 -32.83
N ALA B 418 19.99 -25.60 -33.18
CA ALA B 418 20.62 -26.74 -33.84
C ALA B 418 21.20 -26.33 -35.19
N ALA B 419 20.46 -25.52 -35.95
CA ALA B 419 20.99 -25.03 -37.23
C ALA B 419 22.22 -24.16 -37.02
N LEU B 420 22.20 -23.32 -35.97
CA LEU B 420 23.36 -22.49 -35.68
C LEU B 420 24.58 -23.32 -35.32
N GLN B 421 24.39 -24.41 -34.57
CA GLN B 421 25.50 -25.30 -34.29
C GLN B 421 26.01 -25.98 -35.56
N ALA B 422 25.09 -26.32 -36.46
CA ALA B 422 25.50 -26.88 -37.74
C ALA B 422 26.38 -25.90 -38.51
N ILE B 423 26.02 -24.62 -38.47
CA ILE B 423 26.83 -23.60 -39.13
C ILE B 423 28.17 -23.43 -38.41
N ARG B 424 28.17 -23.53 -37.08
CA ARG B 424 29.41 -23.46 -36.33
C ARG B 424 30.36 -24.56 -36.76
N LYS B 425 29.82 -25.75 -37.07
CA LYS B 425 30.63 -26.86 -37.52
C LYS B 425 31.29 -26.59 -38.88
N LYS B 426 30.78 -25.62 -39.66
CA LYS B 426 31.36 -25.25 -40.94
C LYS B 426 32.00 -23.87 -40.91
N MET B 427 32.06 -23.26 -39.71
CA MET B 427 32.69 -21.94 -39.53
C MET B 427 34.02 -21.78 -40.24
N ASP B 428 34.83 -22.84 -40.33
CA ASP B 428 36.19 -22.66 -40.85
C ASP B 428 36.18 -22.29 -42.33
N LEU B 429 35.19 -22.78 -43.06
CA LEU B 429 35.06 -22.49 -44.48
C LEU B 429 34.25 -21.23 -44.75
N ILE B 430 33.77 -20.55 -43.72
CA ILE B 430 32.92 -19.38 -43.86
C ILE B 430 33.58 -18.21 -43.16
N ASP B 431 33.76 -17.10 -43.87
CA ASP B 431 34.36 -15.90 -43.29
C ASP B 431 33.36 -14.76 -43.35
N LEU B 432 33.37 -13.94 -42.30
CA LEU B 432 32.46 -12.80 -42.25
C LEU B 432 32.80 -11.79 -43.33
N GLU B 433 34.10 -11.53 -43.55
CA GLU B 433 34.53 -10.54 -44.53
C GLU B 433 34.25 -11.00 -45.95
N ASP B 434 34.07 -12.31 -46.15
CA ASP B 434 33.77 -12.82 -47.48
C ASP B 434 32.45 -12.24 -47.99
N GLU B 435 32.45 -11.81 -49.24
CA GLU B 435 31.25 -11.28 -49.86
C GLU B 435 30.25 -12.35 -50.25
N THR B 436 30.70 -13.60 -50.42
CA THR B 436 29.82 -14.70 -50.78
C THR B 436 30.35 -15.98 -50.15
N ILE B 437 29.47 -16.97 -50.05
CA ILE B 437 29.79 -18.25 -49.42
C ILE B 437 29.78 -19.33 -50.50
N ASP B 438 30.81 -20.17 -50.49
CA ASP B 438 30.96 -21.19 -51.52
C ASP B 438 29.77 -22.16 -51.51
N ALA B 439 29.37 -22.59 -52.71
CA ALA B 439 28.21 -23.47 -52.84
C ALA B 439 28.47 -24.86 -52.29
N GLU B 440 29.73 -25.31 -52.26
CA GLU B 440 30.04 -26.59 -51.63
C GLU B 440 29.68 -26.58 -50.15
N VAL B 441 29.99 -25.47 -49.47
CA VAL B 441 29.55 -25.32 -48.08
C VAL B 441 28.03 -25.29 -48.01
N MET B 442 27.38 -24.60 -48.97
CA MET B 442 25.94 -24.49 -48.95
C MET B 442 25.25 -25.86 -49.02
N ASN B 443 25.63 -26.69 -49.99
CA ASN B 443 24.96 -28.00 -50.09
C ASN B 443 25.50 -28.98 -49.07
N SER B 444 26.66 -28.67 -48.47
CA SER B 444 27.16 -29.52 -47.38
C SER B 444 26.39 -29.28 -46.08
N LEU B 445 25.85 -28.06 -45.90
CA LEU B 445 25.14 -27.73 -44.67
C LEU B 445 23.95 -28.64 -44.42
N ALA B 446 23.99 -29.37 -43.31
CA ALA B 446 22.86 -30.17 -42.87
C ALA B 446 22.87 -30.20 -41.35
N VAL B 447 21.68 -30.37 -40.78
CA VAL B 447 21.52 -30.44 -39.33
C VAL B 447 21.52 -31.90 -38.93
N THR B 448 22.51 -32.30 -38.14
CA THR B 448 22.66 -33.67 -37.70
C THR B 448 22.07 -33.85 -36.31
N MET B 449 22.06 -35.11 -35.85
CA MET B 449 21.53 -35.39 -34.52
C MET B 449 22.40 -34.77 -33.43
N ASP B 450 23.71 -34.67 -33.66
CA ASP B 450 24.60 -34.07 -32.67
C ASP B 450 24.26 -32.60 -32.44
N ASP B 451 23.90 -31.89 -33.52
CA ASP B 451 23.48 -30.50 -33.38
C ASP B 451 22.22 -30.41 -32.52
N PHE B 452 21.27 -31.32 -32.72
CA PHE B 452 20.06 -31.32 -31.91
C PHE B 452 20.37 -31.65 -30.46
N ARG B 453 21.31 -32.57 -30.22
CA ARG B 453 21.72 -32.89 -28.85
C ARG B 453 22.33 -31.67 -28.16
N TRP B 454 23.18 -30.94 -28.88
CA TRP B 454 23.77 -29.73 -28.31
C TRP B 454 22.71 -28.68 -28.02
N ALA B 455 21.78 -28.48 -28.96
CA ALA B 455 20.70 -27.53 -28.74
C ALA B 455 19.85 -27.93 -27.54
N LEU B 456 19.62 -29.24 -27.37
CA LEU B 456 18.89 -29.73 -26.21
C LEU B 456 19.66 -29.42 -24.93
N SER B 457 20.97 -29.61 -24.95
CA SER B 457 21.77 -29.31 -23.77
C SER B 457 21.72 -27.82 -23.42
N GLN B 458 21.65 -26.96 -24.44
CA GLN B 458 21.64 -25.53 -24.19
C GLN B 458 20.23 -24.94 -24.04
N SER B 459 19.19 -25.73 -24.23
CA SER B 459 17.83 -25.19 -24.23
C SER B 459 17.28 -25.09 -22.81
N ASN B 460 16.59 -23.99 -22.53
CA ASN B 460 15.93 -23.77 -21.25
C ASN B 460 14.45 -23.60 -21.47
N PRO B 461 13.62 -24.58 -21.12
CA PRO B 461 12.18 -24.49 -21.39
C PRO B 461 11.51 -23.38 -20.58
N SER B 462 10.45 -22.83 -21.15
CA SER B 462 9.70 -21.75 -20.52
C SER B 462 8.48 -22.24 -19.75
N ALA B 463 8.13 -23.52 -19.83
CA ALA B 463 6.93 -24.05 -19.19
C ALA B 463 7.24 -25.21 -18.25
N LEU B 464 8.44 -25.22 -17.65
CA LEU B 464 8.80 -26.31 -16.76
C LEU B 464 8.06 -26.21 -15.42
N ARG B 465 7.70 -25.00 -15.00
CA ARG B 465 7.02 -24.79 -13.73
C ARG B 465 5.51 -24.88 -13.84
N GLU B 466 4.97 -25.09 -15.04
CA GLU B 466 3.53 -25.26 -15.21
C GLU B 466 3.11 -26.64 -14.76
N THR B 467 1.89 -26.74 -14.23
CA THR B 467 1.35 -28.03 -13.82
C THR B 467 1.18 -28.94 -15.02
N VAL B 468 1.67 -30.17 -14.91
CA VAL B 468 1.57 -31.13 -16.01
C VAL B 468 0.21 -31.81 -15.95
N VAL B 469 -0.54 -31.71 -17.03
CA VAL B 469 -1.86 -32.32 -17.14
C VAL B 469 -1.85 -33.17 -18.41
N GLU B 470 -1.78 -34.48 -18.25
CA GLU B 470 -1.62 -35.39 -19.38
C GLU B 470 -1.98 -36.80 -18.94
N VAL B 471 -2.12 -37.67 -19.94
CA VAL B 471 -2.35 -39.09 -19.67
C VAL B 471 -1.01 -39.75 -19.33
N PRO B 472 -0.89 -40.44 -18.20
CA PRO B 472 0.39 -41.04 -17.83
C PRO B 472 0.78 -42.16 -18.78
N GLN B 473 2.10 -42.36 -18.89
CA GLN B 473 2.64 -43.46 -19.67
C GLN B 473 2.65 -44.78 -18.90
N VAL B 474 2.44 -44.74 -17.58
CA VAL B 474 2.51 -45.94 -16.77
C VAL B 474 1.29 -46.81 -17.06
N THR B 475 1.53 -48.09 -17.36
CA THR B 475 0.49 -49.07 -17.59
C THR B 475 0.55 -50.16 -16.52
N TRP B 476 -0.30 -51.17 -16.69
CA TRP B 476 -0.35 -52.25 -15.70
C TRP B 476 0.86 -53.18 -15.79
N GLU B 477 1.50 -53.27 -16.96
CA GLU B 477 2.73 -54.05 -17.05
C GLU B 477 3.88 -53.38 -16.27
N ASP B 478 3.82 -52.06 -16.11
CA ASP B 478 4.76 -51.32 -15.30
C ASP B 478 4.61 -51.61 -13.81
N ILE B 479 3.53 -52.26 -13.40
CA ILE B 479 3.29 -52.60 -12.00
C ILE B 479 3.31 -54.11 -11.87
N GLY B 480 4.07 -54.60 -10.88
CA GLY B 480 4.14 -56.02 -10.59
C GLY B 480 3.27 -56.37 -9.40
N GLY B 481 2.52 -57.45 -9.54
CA GLY B 481 1.64 -57.87 -8.46
C GLY B 481 0.42 -56.96 -8.33
N LEU B 482 -0.12 -56.92 -7.11
CA LEU B 482 -1.25 -56.06 -6.76
C LEU B 482 -2.49 -56.34 -7.61
N GLU B 483 -2.71 -57.62 -7.94
CA GLU B 483 -3.79 -57.95 -8.87
C GLU B 483 -5.16 -57.64 -8.28
N ASP B 484 -5.38 -57.97 -7.00
CA ASP B 484 -6.64 -57.63 -6.36
C ASP B 484 -6.82 -56.12 -6.25
N VAL B 485 -5.74 -55.39 -5.98
CA VAL B 485 -5.80 -53.94 -5.94
C VAL B 485 -6.12 -53.39 -7.32
N LYS B 486 -5.54 -53.98 -8.37
CA LYS B 486 -5.84 -53.55 -9.72
C LYS B 486 -7.31 -53.78 -10.06
N ARG B 487 -7.85 -54.94 -9.68
CA ARG B 487 -9.26 -55.23 -9.95
C ARG B 487 -10.17 -54.28 -9.18
N GLU B 488 -9.82 -53.99 -7.93
CA GLU B 488 -10.63 -53.11 -7.09
C GLU B 488 -10.63 -51.68 -7.66
N LEU B 489 -9.46 -51.20 -8.09
CA LEU B 489 -9.39 -49.89 -8.71
C LEU B 489 -10.19 -49.85 -10.00
N GLN B 490 -10.07 -50.89 -10.82
CA GLN B 490 -10.82 -50.93 -12.07
C GLN B 490 -12.32 -50.89 -11.81
N GLU B 491 -12.79 -51.68 -10.84
CA GLU B 491 -14.21 -51.61 -10.50
C GLU B 491 -14.59 -50.20 -10.07
N LEU B 492 -13.89 -49.66 -9.07
CA LEU B 492 -14.26 -48.36 -8.48
C LEU B 492 -14.30 -47.26 -9.54
N VAL B 493 -13.36 -47.27 -10.46
CA VAL B 493 -13.24 -46.15 -11.39
C VAL B 493 -14.05 -46.37 -12.67
N GLN B 494 -14.19 -47.61 -13.14
CA GLN B 494 -14.75 -47.85 -14.47
C GLN B 494 -16.19 -48.36 -14.44
N TYR B 495 -16.58 -49.12 -13.42
CA TYR B 495 -17.94 -49.63 -13.39
C TYR B 495 -18.98 -48.53 -13.44
N PRO B 496 -18.87 -47.42 -12.71
CA PRO B 496 -19.82 -46.31 -12.92
C PRO B 496 -19.76 -45.74 -14.33
N VAL B 497 -18.59 -45.70 -14.94
CA VAL B 497 -18.47 -45.16 -16.29
C VAL B 497 -19.08 -46.11 -17.31
N GLU B 498 -18.79 -47.41 -17.19
CA GLU B 498 -19.20 -48.35 -18.23
C GLU B 498 -20.63 -48.83 -18.01
N HIS B 499 -21.06 -48.98 -16.76
CA HIS B 499 -22.39 -49.48 -16.43
C HIS B 499 -23.08 -48.56 -15.45
N PRO B 500 -23.42 -47.33 -15.87
CA PRO B 500 -24.14 -46.43 -14.95
C PRO B 500 -25.55 -46.88 -14.63
N ASP B 501 -26.21 -47.57 -15.56
CA ASP B 501 -27.58 -48.01 -15.33
C ASP B 501 -27.66 -49.03 -14.21
N LYS B 502 -26.61 -49.82 -14.02
CA LYS B 502 -26.60 -50.76 -12.89
C LYS B 502 -26.57 -50.02 -11.57
N PHE B 503 -25.79 -48.94 -11.49
CA PHE B 503 -25.76 -48.14 -10.26
C PHE B 503 -27.08 -47.43 -10.04
N LEU B 504 -27.70 -46.93 -11.10
CA LEU B 504 -28.99 -46.27 -10.97
C LEU B 504 -30.07 -47.25 -10.51
N LYS B 505 -30.04 -48.48 -11.02
CA LYS B 505 -31.08 -49.45 -10.70
C LYS B 505 -31.09 -49.77 -9.21
N PHE B 506 -29.92 -49.97 -8.62
CA PHE B 506 -29.82 -50.27 -7.19
C PHE B 506 -29.83 -49.03 -6.32
N GLY B 507 -29.84 -47.84 -6.93
CA GLY B 507 -29.95 -46.60 -6.17
C GLY B 507 -28.73 -46.21 -5.38
N MET B 508 -27.55 -46.69 -5.77
CA MET B 508 -26.32 -46.37 -5.05
C MET B 508 -25.49 -45.37 -5.84
N THR B 509 -25.14 -44.25 -5.20
CA THR B 509 -24.23 -43.29 -5.80
C THR B 509 -22.80 -43.78 -5.61
N PRO B 510 -22.01 -43.91 -6.66
CA PRO B 510 -20.67 -44.50 -6.52
C PRO B 510 -19.74 -43.58 -5.73
N SER B 511 -18.81 -44.21 -5.02
CA SER B 511 -17.77 -43.46 -4.33
C SER B 511 -16.80 -42.87 -5.35
N LYS B 512 -16.49 -41.59 -5.20
CA LYS B 512 -15.64 -40.87 -6.14
C LYS B 512 -14.31 -40.47 -5.49
N GLY B 513 -13.97 -41.13 -4.39
CA GLY B 513 -12.72 -40.85 -3.68
C GLY B 513 -12.13 -42.05 -2.99
N VAL B 514 -10.85 -42.31 -3.26
CA VAL B 514 -10.13 -43.44 -2.70
C VAL B 514 -8.82 -42.94 -2.09
N LEU B 515 -8.42 -43.58 -0.99
CA LEU B 515 -7.17 -43.30 -0.31
C LEU B 515 -6.31 -44.56 -0.33
N PHE B 516 -5.14 -44.47 -0.94
CA PHE B 516 -4.15 -45.53 -0.87
C PHE B 516 -3.31 -45.33 0.39
N TYR B 517 -3.16 -46.39 1.18
CA TYR B 517 -2.29 -46.33 2.34
C TYR B 517 -1.46 -47.60 2.41
N GLY B 518 -0.25 -47.45 2.95
CA GLY B 518 0.67 -48.57 3.07
C GLY B 518 2.10 -48.10 3.23
N PRO B 519 3.03 -49.06 3.30
CA PRO B 519 4.43 -48.71 3.46
C PRO B 519 4.96 -48.00 2.23
N PRO B 520 5.99 -47.18 2.37
CA PRO B 520 6.51 -46.41 1.23
C PRO B 520 7.11 -47.30 0.17
N GLY B 521 7.06 -46.82 -1.07
CA GLY B 521 7.66 -47.52 -2.19
C GLY B 521 7.00 -48.83 -2.55
N CYS B 522 5.67 -48.89 -2.50
CA CYS B 522 4.94 -50.11 -2.83
C CYS B 522 4.05 -49.95 -4.06
N GLY B 523 4.01 -48.78 -4.67
CA GLY B 523 3.34 -48.59 -5.94
C GLY B 523 2.06 -47.78 -5.92
N LYS B 524 1.82 -46.97 -4.88
CA LYS B 524 0.61 -46.16 -4.85
C LYS B 524 0.59 -45.14 -5.99
N THR B 525 1.72 -44.46 -6.21
CA THR B 525 1.81 -43.52 -7.33
C THR B 525 1.65 -44.26 -8.66
N LEU B 526 2.29 -45.42 -8.79
CA LEU B 526 2.15 -46.21 -10.00
C LEU B 526 0.71 -46.65 -10.21
N LEU B 527 0.01 -47.05 -9.15
CA LEU B 527 -1.38 -47.46 -9.29
C LEU B 527 -2.26 -46.30 -9.73
N ALA B 528 -2.05 -45.11 -9.15
CA ALA B 528 -2.83 -43.95 -9.58
C ALA B 528 -2.57 -43.63 -11.05
N LYS B 529 -1.30 -43.64 -11.45
CA LYS B 529 -0.97 -43.36 -12.85
C LYS B 529 -1.56 -44.40 -13.78
N ALA B 530 -1.52 -45.68 -13.38
CA ALA B 530 -2.02 -46.74 -14.25
C ALA B 530 -3.53 -46.69 -14.38
N ILE B 531 -4.24 -46.39 -13.29
CA ILE B 531 -5.70 -46.28 -13.40
C ILE B 531 -6.09 -45.06 -14.20
N ALA B 532 -5.29 -43.99 -14.15
CA ALA B 532 -5.53 -42.86 -15.04
C ALA B 532 -5.27 -43.24 -16.50
N ASN B 533 -4.25 -44.07 -16.73
CA ASN B 533 -3.88 -44.44 -18.10
C ASN B 533 -4.91 -45.36 -18.73
N GLU B 534 -5.44 -46.32 -17.96
CA GLU B 534 -6.39 -47.27 -18.52
C GLU B 534 -7.65 -46.57 -19.00
N CYS B 535 -8.15 -45.60 -18.24
CA CYS B 535 -9.31 -44.81 -18.62
C CYS B 535 -8.96 -43.72 -19.62
N GLN B 536 -7.68 -43.54 -19.94
CA GLN B 536 -7.22 -42.48 -20.84
C GLN B 536 -7.68 -41.11 -20.36
N ALA B 537 -7.62 -40.91 -19.04
CA ALA B 537 -7.98 -39.66 -18.41
C ALA B 537 -6.73 -38.86 -18.07
N ASN B 538 -6.90 -37.54 -17.98
CA ASN B 538 -5.80 -36.69 -17.56
C ASN B 538 -5.43 -36.97 -16.11
N PHE B 539 -4.16 -36.75 -15.80
CA PHE B 539 -3.61 -37.03 -14.48
C PHE B 539 -2.96 -35.77 -13.93
N ILE B 540 -3.39 -35.34 -12.75
CA ILE B 540 -2.78 -34.23 -12.04
C ILE B 540 -2.24 -34.76 -10.72
N SER B 541 -0.94 -34.58 -10.50
CA SER B 541 -0.28 -35.07 -9.30
C SER B 541 0.12 -33.88 -8.42
N ILE B 542 -0.38 -33.88 -7.19
CA ILE B 542 0.00 -32.90 -6.19
C ILE B 542 0.85 -33.62 -5.15
N LYS B 543 2.14 -33.31 -5.12
CA LYS B 543 3.06 -34.01 -4.23
C LYS B 543 3.16 -33.29 -2.89
N GLY B 544 3.84 -33.96 -1.94
CA GLY B 544 4.05 -33.42 -0.62
C GLY B 544 4.72 -32.07 -0.56
N PRO B 545 5.79 -31.84 -1.34
CA PRO B 545 6.41 -30.50 -1.32
C PRO B 545 5.46 -29.37 -1.72
N GLU B 546 4.51 -29.60 -2.62
CA GLU B 546 3.57 -28.54 -2.98
C GLU B 546 2.64 -28.20 -1.83
N LEU B 547 2.10 -29.23 -1.17
CA LEU B 547 1.27 -29.00 0.01
C LEU B 547 2.08 -28.30 1.10
N LEU B 548 3.34 -28.70 1.27
CA LEU B 548 4.19 -28.06 2.28
C LEU B 548 4.49 -26.61 1.91
N THR B 549 4.63 -26.33 0.62
CA THR B 549 4.82 -24.95 0.18
C THR B 549 3.62 -24.10 0.52
N MET B 550 2.42 -24.63 0.29
CA MET B 550 1.22 -23.89 0.65
C MET B 550 1.08 -23.74 2.17
N TRP B 551 1.55 -24.74 2.92
CA TRP B 551 1.46 -24.67 4.38
C TRP B 551 2.43 -23.65 4.96
N PHE B 552 3.70 -23.70 4.54
CA PHE B 552 4.70 -22.77 5.07
C PHE B 552 4.38 -21.34 4.69
N GLY B 553 3.97 -21.10 3.45
CA GLY B 553 3.63 -19.76 3.00
C GLY B 553 2.26 -19.29 3.40
N GLU B 554 1.47 -20.13 4.06
CA GLU B 554 0.09 -19.81 4.45
C GLU B 554 -0.71 -19.32 3.27
N SER B 555 -0.65 -20.08 2.18
CA SER B 555 -1.26 -19.75 0.90
C SER B 555 -2.34 -20.76 0.52
N GLU B 556 -3.30 -20.96 1.43
CA GLU B 556 -4.34 -21.97 1.21
C GLU B 556 -5.06 -21.77 -0.10
N ALA B 557 -5.24 -20.52 -0.54
CA ALA B 557 -6.11 -20.18 -1.65
C ALA B 557 -5.65 -20.80 -2.97
N ASN B 558 -4.40 -21.22 -3.08
CA ASN B 558 -3.94 -21.90 -4.29
C ASN B 558 -4.54 -23.29 -4.44
N VAL B 559 -4.99 -23.91 -3.36
CA VAL B 559 -5.60 -25.24 -3.45
C VAL B 559 -6.76 -25.22 -4.43
N ARG B 560 -7.62 -24.21 -4.33
CA ARG B 560 -8.75 -24.08 -5.24
C ARG B 560 -8.29 -24.08 -6.69
N GLU B 561 -7.18 -23.36 -6.99
CA GLU B 561 -6.64 -23.37 -8.34
C GLU B 561 -6.45 -24.79 -8.85
N ILE B 562 -5.86 -25.66 -8.03
CA ILE B 562 -5.63 -27.04 -8.43
C ILE B 562 -6.94 -27.67 -8.86
N PHE B 563 -7.97 -27.55 -8.03
CA PHE B 563 -9.24 -28.18 -8.36
C PHE B 563 -9.83 -27.57 -9.61
N ASP B 564 -9.65 -26.26 -9.82
CA ASP B 564 -10.12 -25.66 -11.05
C ASP B 564 -9.49 -26.34 -12.26
N LYS B 565 -8.18 -26.61 -12.18
CA LYS B 565 -7.52 -27.34 -13.27
C LYS B 565 -8.19 -28.68 -13.49
N ALA B 566 -8.48 -29.40 -12.40
CA ALA B 566 -9.10 -30.71 -12.52
C ALA B 566 -10.46 -30.61 -13.20
N ARG B 567 -11.13 -29.46 -13.08
CA ARG B 567 -12.41 -29.28 -13.76
C ARG B 567 -12.21 -29.06 -15.24
N GLN B 568 -11.19 -28.30 -15.62
CA GLN B 568 -10.98 -28.01 -17.04
C GLN B 568 -10.39 -29.21 -17.76
N ALA B 569 -9.75 -30.11 -17.02
CA ALA B 569 -9.11 -31.29 -17.59
C ALA B 569 -9.97 -32.55 -17.51
N ALA B 570 -11.20 -32.44 -17.05
CA ALA B 570 -12.05 -33.62 -16.91
C ALA B 570 -12.33 -34.23 -18.28
N PRO B 571 -12.35 -35.57 -18.40
CA PRO B 571 -12.11 -36.56 -17.34
C PRO B 571 -10.68 -36.56 -16.81
N CYS B 572 -10.55 -36.43 -15.49
CA CYS B 572 -9.24 -36.27 -14.88
C CYS B 572 -9.18 -37.06 -13.59
N VAL B 573 -7.97 -37.50 -13.24
CA VAL B 573 -7.69 -38.12 -11.96
C VAL B 573 -6.84 -37.15 -11.16
N LEU B 574 -7.39 -36.65 -10.06
CA LEU B 574 -6.67 -35.74 -9.17
C LEU B 574 -6.01 -36.57 -8.08
N PHE B 575 -4.68 -36.59 -8.08
CA PHE B 575 -3.91 -37.43 -7.16
C PHE B 575 -3.16 -36.56 -6.16
N PHE B 576 -3.38 -36.83 -4.88
CA PHE B 576 -2.70 -36.14 -3.79
C PHE B 576 -1.72 -37.13 -3.16
N ASP B 577 -0.46 -37.04 -3.54
CA ASP B 577 0.58 -37.91 -3.00
C ASP B 577 1.12 -37.33 -1.70
N GLN B 578 1.37 -38.23 -0.75
CA GLN B 578 1.91 -37.87 0.57
C GLN B 578 1.01 -36.84 1.26
N LEU B 579 -0.21 -37.27 1.57
CA LEU B 579 -1.14 -36.42 2.30
C LEU B 579 -0.68 -36.15 3.73
N ASP B 580 0.26 -36.94 4.24
CA ASP B 580 0.76 -36.79 5.61
C ASP B 580 1.95 -35.85 5.70
N SER B 581 2.35 -35.20 4.61
CA SER B 581 3.55 -34.36 4.63
C SER B 581 3.41 -33.23 5.64
N ILE B 582 2.27 -32.54 5.63
CA ILE B 582 2.04 -31.49 6.62
C ILE B 582 1.94 -32.08 8.02
N ALA B 583 1.36 -33.27 8.14
CA ALA B 583 1.24 -33.92 9.44
C ALA B 583 2.60 -34.22 10.04
N LYS B 584 3.54 -34.74 9.22
CA LYS B 584 4.89 -34.95 9.73
C LYS B 584 5.60 -33.64 9.99
N ALA B 585 5.37 -32.64 9.13
CA ALA B 585 6.02 -31.35 9.31
C ALA B 585 5.65 -30.73 10.65
N ARG B 586 4.44 -31.00 11.13
CA ARG B 586 4.02 -30.53 12.44
C ARG B 586 4.58 -31.38 13.56
N GLY B 587 5.28 -32.45 13.22
CA GLY B 587 5.93 -33.30 14.20
C GLY B 587 5.36 -34.69 14.35
N GLY B 588 4.38 -35.07 13.53
CA GLY B 588 3.81 -36.40 13.61
C GLY B 588 2.58 -36.46 14.50
N ASN B 589 2.43 -37.61 15.16
CA ASN B 589 1.25 -37.83 15.98
C ASN B 589 1.26 -36.92 17.21
N ILE B 590 2.41 -36.79 17.87
CA ILE B 590 2.54 -36.00 19.09
C ILE B 590 3.37 -34.75 18.88
N GLY B 591 3.58 -34.33 17.64
CA GLY B 591 4.46 -33.20 17.37
C GLY B 591 3.92 -31.89 17.89
N ASP B 592 2.63 -31.63 17.68
CA ASP B 592 2.03 -30.35 18.02
C ASP B 592 0.83 -30.55 18.94
N GLY B 593 0.48 -29.49 19.66
CA GLY B 593 -0.68 -29.54 20.53
C GLY B 593 -1.98 -29.72 19.76
N GLY B 594 -2.11 -29.04 18.62
CA GLY B 594 -3.31 -29.18 17.82
C GLY B 594 -3.44 -30.59 17.25
N GLY B 595 -4.68 -30.97 16.93
CA GLY B 595 -4.93 -32.33 16.49
C GLY B 595 -5.57 -32.47 15.12
N ALA B 596 -4.79 -32.97 14.16
CA ALA B 596 -5.29 -33.46 12.88
C ALA B 596 -6.19 -32.44 12.17
N ALA B 597 -5.67 -31.22 12.04
CA ALA B 597 -6.41 -30.18 11.32
C ALA B 597 -5.42 -29.10 10.91
N ASP B 598 -5.28 -28.88 9.61
CA ASP B 598 -4.41 -27.84 9.09
C ASP B 598 -5.11 -27.11 7.95
N ARG B 599 -4.56 -25.93 7.63
CA ARG B 599 -5.21 -25.01 6.70
C ARG B 599 -5.33 -25.61 5.30
N VAL B 600 -4.27 -26.25 4.80
CA VAL B 600 -4.26 -26.75 3.43
C VAL B 600 -5.24 -27.91 3.28
N ILE B 601 -5.20 -28.86 4.22
CA ILE B 601 -6.14 -29.98 4.15
C ILE B 601 -7.58 -29.50 4.34
N ASN B 602 -7.78 -28.44 5.11
CA ASN B 602 -9.11 -27.86 5.26
C ASN B 602 -9.63 -27.34 3.91
N GLN B 603 -8.78 -26.60 3.18
CA GLN B 603 -9.19 -26.15 1.85
C GLN B 603 -9.41 -27.33 0.91
N ILE B 604 -8.61 -28.38 1.05
CA ILE B 604 -8.81 -29.57 0.23
C ILE B 604 -10.17 -30.20 0.52
N LEU B 605 -10.56 -30.23 1.79
CA LEU B 605 -11.87 -30.75 2.16
C LEU B 605 -13.00 -29.93 1.53
N THR B 606 -12.89 -28.60 1.62
CA THR B 606 -13.92 -27.75 1.03
C THR B 606 -13.99 -27.95 -0.49
N GLU B 607 -12.83 -28.06 -1.14
CA GLU B 607 -12.81 -28.23 -2.59
C GLU B 607 -13.33 -29.60 -2.99
N MET B 608 -13.09 -30.63 -2.17
CA MET B 608 -13.67 -31.94 -2.44
C MET B 608 -15.19 -31.88 -2.35
N ASP B 609 -15.71 -31.19 -1.34
CA ASP B 609 -17.15 -31.02 -1.22
C ASP B 609 -17.71 -30.30 -2.44
N GLY B 610 -16.99 -29.28 -2.92
CA GLY B 610 -17.39 -28.59 -4.14
C GLY B 610 -17.33 -29.45 -5.39
N MET B 611 -16.33 -30.32 -5.49
CA MET B 611 -16.12 -31.18 -6.65
C MET B 611 -16.99 -32.43 -6.63
N SER B 612 -17.68 -32.69 -5.52
CA SER B 612 -18.52 -33.89 -5.44
C SER B 612 -19.57 -33.94 -6.55
N THR B 613 -19.97 -32.79 -7.10
CA THR B 613 -20.96 -32.76 -8.15
C THR B 613 -20.38 -32.98 -9.54
N LYS B 614 -19.06 -32.97 -9.70
CA LYS B 614 -18.42 -33.20 -11.00
C LYS B 614 -18.16 -34.69 -11.13
N LYS B 615 -18.94 -35.36 -11.99
CA LYS B 615 -18.90 -36.82 -12.07
C LYS B 615 -17.58 -37.34 -12.61
N ASN B 616 -17.02 -36.68 -13.62
CA ASN B 616 -15.86 -37.22 -14.33
C ASN B 616 -14.52 -36.76 -13.75
N VAL B 617 -14.48 -36.34 -12.49
CA VAL B 617 -13.23 -36.06 -11.79
C VAL B 617 -13.14 -37.01 -10.61
N PHE B 618 -12.13 -37.87 -10.63
CA PHE B 618 -11.91 -38.85 -9.58
C PHE B 618 -10.69 -38.43 -8.76
N ILE B 619 -10.85 -38.39 -7.45
CA ILE B 619 -9.81 -37.91 -6.54
C ILE B 619 -9.19 -39.11 -5.83
N ILE B 620 -7.86 -39.19 -5.86
CA ILE B 620 -7.11 -40.26 -5.21
C ILE B 620 -6.12 -39.63 -4.25
N GLY B 621 -6.06 -40.16 -3.03
CA GLY B 621 -5.08 -39.73 -2.06
C GLY B 621 -4.15 -40.89 -1.71
N ALA B 622 -2.92 -40.56 -1.35
CA ALA B 622 -1.95 -41.55 -0.93
C ALA B 622 -1.23 -41.05 0.31
N THR B 623 -0.95 -41.96 1.24
CA THR B 623 -0.25 -41.64 2.47
C THR B 623 0.50 -42.86 2.97
N ASN B 624 1.67 -42.61 3.55
CA ASN B 624 2.42 -43.64 4.25
C ASN B 624 2.15 -43.66 5.74
N ARG B 625 1.41 -42.68 6.25
CA ARG B 625 1.09 -42.57 7.68
C ARG B 625 -0.41 -42.33 7.83
N PRO B 626 -1.22 -43.37 7.63
CA PRO B 626 -2.68 -43.18 7.74
C PRO B 626 -3.13 -42.80 9.14
N ASP B 627 -2.31 -43.09 10.16
CA ASP B 627 -2.71 -42.79 11.54
C ASP B 627 -2.81 -41.29 11.78
N ILE B 628 -1.89 -40.51 11.21
CA ILE B 628 -1.88 -39.07 11.44
C ILE B 628 -2.64 -38.30 10.37
N ILE B 629 -3.43 -38.98 9.54
CA ILE B 629 -4.26 -38.30 8.56
C ILE B 629 -5.50 -37.75 9.24
N ASP B 630 -5.93 -36.57 8.81
CA ASP B 630 -7.15 -35.96 9.32
C ASP B 630 -8.34 -36.87 9.01
N PRO B 631 -9.08 -37.34 10.02
CA PRO B 631 -10.20 -38.25 9.73
C PRO B 631 -11.30 -37.63 8.90
N ALA B 632 -11.41 -36.30 8.88
CA ALA B 632 -12.47 -35.65 8.10
C ALA B 632 -12.33 -35.93 6.61
N ILE B 633 -11.14 -36.33 6.16
CA ILE B 633 -10.96 -36.62 4.74
C ILE B 633 -11.52 -37.99 4.38
N LEU B 634 -11.84 -38.82 5.37
CA LEU B 634 -12.39 -40.15 5.12
C LEU B 634 -13.91 -40.17 5.17
N ARG B 635 -14.55 -39.02 5.36
CA ARG B 635 -16.00 -38.98 5.46
C ARG B 635 -16.64 -39.15 4.08
N PRO B 636 -17.91 -39.52 4.04
CA PRO B 636 -18.59 -39.68 2.74
C PRO B 636 -18.59 -38.39 1.93
N GLY B 637 -18.48 -38.53 0.61
CA GLY B 637 -18.24 -37.41 -0.27
C GLY B 637 -16.79 -37.04 -0.41
N ARG B 638 -15.92 -37.71 0.32
CA ARG B 638 -14.47 -37.47 0.31
C ARG B 638 -13.77 -38.80 0.05
N LEU B 639 -12.48 -38.95 0.31
CA LEU B 639 -11.79 -40.21 0.03
C LEU B 639 -12.32 -41.25 1.01
N ASP B 640 -13.54 -41.71 0.74
CA ASP B 640 -14.25 -42.63 1.61
C ASP B 640 -13.96 -44.09 1.32
N GLN B 641 -13.29 -44.40 0.21
CA GLN B 641 -12.79 -45.74 -0.04
C GLN B 641 -11.35 -45.80 0.44
N LEU B 642 -10.96 -46.91 1.03
CA LEU B 642 -9.60 -47.09 1.54
C LEU B 642 -9.02 -48.39 1.00
N ILE B 643 -7.83 -48.30 0.40
CA ILE B 643 -7.13 -49.46 -0.14
C ILE B 643 -5.77 -49.55 0.50
N TYR B 644 -5.46 -50.72 1.08
CA TYR B 644 -4.15 -50.97 1.66
C TYR B 644 -3.22 -51.53 0.60
N ILE B 645 -2.09 -50.87 0.39
CA ILE B 645 -1.06 -51.34 -0.53
C ILE B 645 0.06 -51.95 0.30
N PRO B 646 0.11 -53.27 0.45
CA PRO B 646 1.09 -53.88 1.34
C PRO B 646 2.43 -54.09 0.66
N LEU B 647 3.40 -54.56 1.45
CA LEU B 647 4.66 -55.00 0.89
C LEU B 647 4.44 -56.20 -0.02
N PRO B 648 5.13 -56.28 -1.14
CA PRO B 648 4.91 -57.39 -2.06
C PRO B 648 5.35 -58.72 -1.46
N ASP B 649 4.63 -59.78 -1.80
CA ASP B 649 5.08 -61.12 -1.46
C ASP B 649 6.04 -61.63 -2.54
N GLU B 650 6.44 -62.90 -2.42
CA GLU B 650 7.51 -63.42 -3.27
C GLU B 650 7.14 -63.38 -4.74
N LYS B 651 5.92 -63.79 -5.08
CA LYS B 651 5.48 -63.72 -6.48
C LYS B 651 5.43 -62.29 -6.97
N SER B 652 4.88 -61.39 -6.16
CA SER B 652 4.84 -59.98 -6.53
C SER B 652 6.25 -59.41 -6.65
N ARG B 653 7.19 -59.90 -5.83
CA ARG B 653 8.56 -59.43 -5.92
C ARG B 653 9.23 -59.91 -7.20
N VAL B 654 8.94 -61.15 -7.62
CA VAL B 654 9.41 -61.61 -8.92
C VAL B 654 8.86 -60.72 -10.02
N ALA B 655 7.58 -60.39 -9.95
CA ALA B 655 6.96 -59.53 -10.95
C ALA B 655 7.61 -58.15 -10.96
N ILE B 656 7.88 -57.59 -9.78
CA ILE B 656 8.50 -56.26 -9.70
C ILE B 656 9.91 -56.29 -10.28
N LEU B 657 10.69 -57.31 -9.94
CA LEU B 657 12.04 -57.41 -10.48
C LEU B 657 12.02 -57.58 -11.99
N LYS B 658 11.07 -58.36 -12.52
CA LYS B 658 10.94 -58.51 -13.96
C LYS B 658 10.56 -57.19 -14.62
N ALA B 659 9.64 -56.44 -14.01
CA ALA B 659 9.21 -55.17 -14.58
C ALA B 659 10.35 -54.15 -14.59
N ASN B 660 11.15 -54.11 -13.52
CA ASN B 660 12.24 -53.14 -13.44
C ASN B 660 13.35 -53.46 -14.44
N LEU B 661 13.52 -54.73 -14.80
CA LEU B 661 14.63 -55.16 -15.64
C LEU B 661 14.24 -55.33 -17.10
N ARG B 662 13.05 -54.85 -17.50
CA ARG B 662 12.62 -55.00 -18.88
C ARG B 662 13.53 -54.23 -19.84
N LYS B 663 13.95 -53.03 -19.44
CA LYS B 663 14.77 -52.16 -20.26
C LYS B 663 16.26 -52.36 -20.04
N SER B 664 16.67 -53.33 -19.23
CA SER B 664 18.06 -53.60 -18.98
C SER B 664 18.43 -54.98 -19.51
N PRO B 665 19.51 -55.10 -20.29
CA PRO B 665 19.93 -56.42 -20.77
C PRO B 665 20.46 -57.27 -19.63
N VAL B 666 19.77 -58.37 -19.34
CA VAL B 666 20.10 -59.25 -18.23
C VAL B 666 20.35 -60.65 -18.77
N ALA B 667 21.45 -61.26 -18.34
CA ALA B 667 21.76 -62.62 -18.73
C ALA B 667 20.74 -63.58 -18.15
N LYS B 668 20.38 -64.61 -18.93
CA LYS B 668 19.32 -65.52 -18.50
C LYS B 668 19.78 -66.44 -17.39
N ASP B 669 21.08 -66.48 -17.10
CA ASP B 669 21.55 -67.27 -15.96
C ASP B 669 21.14 -66.65 -14.63
N VAL B 670 20.82 -65.35 -14.63
CA VAL B 670 20.35 -64.70 -13.41
C VAL B 670 18.96 -65.21 -13.07
N ASP B 671 18.79 -65.62 -11.82
CA ASP B 671 17.52 -66.17 -11.34
C ASP B 671 16.85 -65.11 -10.47
N LEU B 672 15.79 -64.50 -11.01
CA LEU B 672 15.08 -63.47 -10.26
C LEU B 672 14.24 -64.06 -9.15
N GLU B 673 13.85 -65.33 -9.26
CA GLU B 673 13.06 -65.98 -8.22
C GLU B 673 13.86 -66.06 -6.92
N PHE B 674 15.15 -66.41 -7.02
CA PHE B 674 15.99 -66.44 -5.83
C PHE B 674 16.17 -65.05 -5.24
N LEU B 675 16.34 -64.04 -6.09
CA LEU B 675 16.43 -62.67 -5.60
C LEU B 675 15.19 -62.27 -4.84
N ALA B 676 14.02 -62.66 -5.34
CA ALA B 676 12.77 -62.31 -4.67
C ALA B 676 12.61 -63.07 -3.36
N LYS B 677 12.96 -64.36 -3.34
CA LYS B 677 12.77 -65.15 -2.13
C LYS B 677 13.75 -64.76 -1.04
N MET B 678 14.91 -64.20 -1.42
CA MET B 678 15.86 -63.76 -0.41
C MET B 678 15.52 -62.39 0.14
N THR B 679 14.79 -61.57 -0.63
CA THR B 679 14.42 -60.22 -0.20
C THR B 679 13.02 -60.25 0.42
N ASN B 680 12.95 -60.75 1.64
CA ASN B 680 11.66 -61.02 2.27
C ASN B 680 10.89 -59.74 2.56
N GLY B 681 11.52 -58.78 3.22
CA GLY B 681 10.81 -57.59 3.65
C GLY B 681 11.03 -56.37 2.77
N PHE B 682 11.53 -56.59 1.57
CA PHE B 682 11.85 -55.49 0.67
C PHE B 682 10.59 -54.94 0.02
N SER B 683 10.63 -53.64 -0.29
CA SER B 683 9.58 -52.99 -1.05
C SER B 683 9.97 -52.90 -2.52
N GLY B 684 9.04 -52.41 -3.34
CA GLY B 684 9.35 -52.24 -4.75
C GLY B 684 10.46 -51.24 -5.00
N ALA B 685 10.50 -50.17 -4.19
CA ALA B 685 11.57 -49.19 -4.30
C ALA B 685 12.93 -49.82 -3.98
N ASP B 686 12.97 -50.69 -2.98
CA ASP B 686 14.22 -51.37 -2.63
C ASP B 686 14.68 -52.29 -3.76
N LEU B 687 13.76 -53.02 -4.38
CA LEU B 687 14.11 -53.87 -5.50
C LEU B 687 14.60 -53.05 -6.69
N THR B 688 13.97 -51.90 -6.93
CA THR B 688 14.44 -51.00 -7.97
C THR B 688 15.84 -50.48 -7.65
N GLU B 689 16.11 -50.22 -6.37
CA GLU B 689 17.45 -49.81 -5.96
C GLU B 689 18.47 -50.90 -6.25
N ILE B 690 18.12 -52.16 -5.97
CA ILE B 690 19.02 -53.28 -6.25
C ILE B 690 19.31 -53.35 -7.74
N CYS B 691 18.26 -53.26 -8.56
CA CYS B 691 18.44 -53.33 -10.00
C CYS B 691 19.29 -52.18 -10.51
N GLN B 692 19.06 -50.97 -10.00
CA GLN B 692 19.83 -49.81 -10.43
C GLN B 692 21.30 -49.95 -10.04
N ARG B 693 21.58 -50.46 -8.84
CA ARG B 693 22.96 -50.66 -8.44
C ARG B 693 23.65 -51.72 -9.28
N ALA B 694 22.93 -52.80 -9.62
CA ALA B 694 23.49 -53.80 -10.51
C ALA B 694 23.80 -53.22 -11.88
N CYS B 695 22.90 -52.40 -12.42
CA CYS B 695 23.15 -51.74 -13.70
C CYS B 695 24.36 -50.81 -13.60
N LYS B 696 24.48 -50.10 -12.47
CA LYS B 696 25.63 -49.21 -12.27
C LYS B 696 26.93 -49.99 -12.25
N LEU B 697 26.96 -51.14 -11.57
CA LEU B 697 28.15 -51.96 -11.54
C LEU B 697 28.50 -52.47 -12.94
N ALA B 698 27.49 -52.90 -13.70
CA ALA B 698 27.72 -53.39 -15.05
C ALA B 698 28.25 -52.27 -15.95
N ILE B 699 27.69 -51.07 -15.82
CA ILE B 699 28.14 -49.95 -16.64
C ILE B 699 29.58 -49.57 -16.27
N ARG B 700 29.91 -49.60 -14.98
CA ARG B 700 31.28 -49.30 -14.57
C ARG B 700 32.25 -50.34 -15.14
N GLU B 701 31.86 -51.61 -15.09
CA GLU B 701 32.71 -52.66 -15.65
C GLU B 701 32.92 -52.45 -17.13
N SER B 702 31.85 -52.16 -17.87
CA SER B 702 31.96 -52.00 -19.32
C SER B 702 32.80 -50.79 -19.67
N ILE B 703 32.63 -49.69 -18.94
CA ILE B 703 33.43 -48.49 -19.18
C ILE B 703 34.90 -48.77 -18.90
N GLU B 704 35.19 -49.46 -17.80
CA GLU B 704 36.59 -49.75 -17.48
C GLU B 704 37.21 -50.70 -18.50
N SER B 705 36.43 -51.66 -19.00
CA SER B 705 36.96 -52.58 -20.02
C SER B 705 37.20 -51.85 -21.34
N GLU B 706 36.29 -50.95 -21.71
CA GLU B 706 36.51 -50.14 -22.91
C GLU B 706 37.73 -49.25 -22.75
N ILE B 707 37.93 -48.69 -21.56
CA ILE B 707 39.13 -47.89 -21.31
C ILE B 707 40.39 -48.75 -21.38
N ARG B 708 40.33 -49.97 -20.85
CA ARG B 708 41.48 -50.86 -20.92
C ARG B 708 41.84 -51.19 -22.37
N ARG B 709 40.84 -51.51 -23.19
CA ARG B 709 41.12 -51.78 -24.59
C ARG B 709 41.61 -50.54 -25.32
N GLU B 710 41.04 -49.38 -24.98
CA GLU B 710 41.42 -48.13 -25.63
C GLU B 710 42.86 -47.75 -25.27
N ARG B 711 43.31 -48.11 -24.07
CA ARG B 711 44.73 -48.00 -23.72
C ARG B 711 45.57 -49.01 -24.48
N GLU B 712 45.15 -50.28 -24.53
CA GLU B 712 46.02 -51.31 -25.09
C GLU B 712 46.24 -51.09 -26.58
N ARG B 713 45.19 -50.66 -27.30
CA ARG B 713 45.35 -50.45 -28.74
C ARG B 713 46.37 -49.37 -29.04
N GLN B 714 46.52 -48.40 -28.13
CA GLN B 714 47.45 -47.29 -28.33
C GLN B 714 48.87 -47.70 -27.94
N PRO B 727 32.88 -58.37 -23.93
CA PRO B 727 33.21 -57.93 -22.57
C PRO B 727 32.03 -58.06 -21.62
N VAL B 728 31.24 -57.00 -21.50
CA VAL B 728 30.07 -56.99 -20.63
C VAL B 728 28.85 -56.61 -21.46
N PRO B 729 28.17 -57.57 -22.09
CA PRO B 729 26.98 -57.22 -22.87
C PRO B 729 25.71 -57.22 -22.05
N GLU B 730 25.74 -57.87 -20.88
CA GLU B 730 24.55 -58.06 -20.06
C GLU B 730 24.93 -57.98 -18.59
N ILE B 731 23.94 -57.71 -17.74
CA ILE B 731 24.14 -57.77 -16.31
C ILE B 731 24.23 -59.24 -15.89
N ARG B 732 25.17 -59.52 -14.98
CA ARG B 732 25.51 -60.88 -14.61
C ARG B 732 25.19 -61.11 -13.14
N ARG B 733 25.36 -62.36 -12.70
CA ARG B 733 25.00 -62.75 -11.35
C ARG B 733 25.91 -62.09 -10.31
N ASP B 734 27.19 -61.93 -10.63
CA ASP B 734 28.10 -61.27 -9.70
C ASP B 734 27.69 -59.82 -9.48
N HIS B 735 27.17 -59.17 -10.53
CA HIS B 735 26.67 -57.81 -10.38
C HIS B 735 25.55 -57.76 -9.36
N PHE B 736 24.62 -58.71 -9.44
CA PHE B 736 23.48 -58.71 -8.52
C PHE B 736 23.91 -59.08 -7.10
N GLU B 737 24.91 -59.94 -6.97
CA GLU B 737 25.46 -60.24 -5.64
C GLU B 737 26.10 -59.00 -5.02
N GLU B 738 26.91 -58.28 -5.81
CA GLU B 738 27.56 -57.09 -5.30
C GLU B 738 26.55 -55.98 -5.03
N ALA B 739 25.42 -55.99 -5.73
CA ALA B 739 24.33 -55.07 -5.40
C ALA B 739 23.65 -55.48 -4.09
N MET B 740 23.49 -56.78 -3.88
CA MET B 740 22.93 -57.30 -2.63
C MET B 740 23.84 -57.07 -1.43
N ARG B 741 25.11 -56.74 -1.67
CA ARG B 741 25.90 -56.11 -0.60
C ARG B 741 25.13 -54.97 0.07
N PHE B 742 24.81 -53.93 -0.70
CA PHE B 742 24.27 -52.68 -0.19
C PHE B 742 22.76 -52.66 -0.06
N ALA B 743 22.08 -53.73 -0.47
CA ALA B 743 20.62 -53.74 -0.44
C ALA B 743 20.12 -53.98 0.98
N ARG B 744 19.18 -53.15 1.42
CA ARG B 744 18.63 -53.24 2.77
C ARG B 744 17.18 -52.80 2.75
N ARG B 745 16.38 -53.38 3.64
CA ARG B 745 14.94 -53.15 3.65
C ARG B 745 14.62 -51.83 4.33
N SER B 746 13.87 -50.97 3.64
CA SER B 746 13.57 -49.63 4.15
C SER B 746 12.50 -49.66 5.22
N VAL B 747 11.59 -50.63 5.18
CA VAL B 747 10.45 -50.68 6.09
C VAL B 747 10.70 -51.77 7.12
N SER B 748 10.69 -51.38 8.39
CA SER B 748 10.87 -52.32 9.48
C SER B 748 9.55 -53.02 9.82
N ASP B 749 9.64 -54.04 10.68
CA ASP B 749 8.44 -54.77 11.08
C ASP B 749 7.53 -53.90 11.95
N ASN B 750 8.09 -52.93 12.66
CA ASN B 750 7.28 -51.99 13.42
C ASN B 750 6.27 -51.28 12.53
N ASP B 751 6.74 -50.75 11.40
CA ASP B 751 5.87 -50.04 10.49
C ASP B 751 4.82 -50.97 9.90
N ILE B 752 5.21 -52.17 9.51
CA ILE B 752 4.27 -53.14 8.95
C ILE B 752 3.15 -53.41 9.94
N ARG B 753 3.51 -53.66 11.20
CA ARG B 753 2.48 -53.93 12.20
C ARG B 753 1.59 -52.71 12.41
N LYS B 754 2.15 -51.51 12.37
CA LYS B 754 1.30 -50.33 12.51
C LYS B 754 0.24 -50.28 11.42
N TYR B 755 0.63 -50.58 10.17
CA TYR B 755 -0.35 -50.69 9.09
C TYR B 755 -1.34 -51.81 9.35
N GLU B 756 -0.89 -52.89 10.00
CA GLU B 756 -1.79 -54.01 10.26
C GLU B 756 -2.90 -53.62 11.24
N MET B 757 -2.56 -52.95 12.34
CA MET B 757 -3.62 -52.50 13.23
C MET B 757 -4.40 -51.31 12.66
N PHE B 758 -3.83 -50.58 11.69
CA PHE B 758 -4.69 -49.64 10.97
C PHE B 758 -5.73 -50.38 10.12
N ALA B 759 -5.31 -51.47 9.47
CA ALA B 759 -6.22 -52.23 8.61
C ALA B 759 -7.28 -52.97 9.43
N GLN B 760 -6.88 -53.52 10.57
CA GLN B 760 -7.83 -54.24 11.42
C GLN B 760 -8.91 -53.31 11.97
N THR B 761 -8.53 -52.08 12.33
CA THR B 761 -9.46 -51.13 12.91
C THR B 761 -10.27 -50.36 11.88
N LEU B 762 -10.38 -50.88 10.66
CA LEU B 762 -11.20 -50.23 9.64
C LEU B 762 -12.69 -50.44 9.92
N SER B 770 -18.74 -64.66 10.66
CA SER B 770 -19.50 -64.98 11.85
C SER B 770 -20.98 -64.71 11.68
N PHE B 771 -21.33 -63.56 11.11
CA PHE B 771 -22.72 -63.16 11.06
C PHE B 771 -23.46 -63.85 9.92
N ARG B 772 -24.53 -64.54 10.28
CA ARG B 772 -25.49 -65.13 9.36
C ARG B 772 -26.90 -64.74 9.75
N PHE B 773 -27.74 -64.57 8.73
CA PHE B 773 -29.16 -64.46 8.94
C PHE B 773 -29.69 -65.77 9.50
N PRO B 774 -30.76 -65.73 10.30
CA PRO B 774 -31.31 -66.97 10.85
C PRO B 774 -31.78 -67.89 9.73
N SER B 775 -31.56 -69.19 9.92
CA SER B 775 -31.90 -70.18 8.92
C SER B 775 -33.42 -70.32 8.77
N LEU C 12 -51.09 -11.51 0.36
CA LEU C 12 -50.17 -12.60 0.01
C LEU C 12 -49.05 -12.03 -0.87
N SER C 13 -47.86 -12.65 -0.78
CA SER C 13 -46.68 -12.09 -1.42
C SER C 13 -46.83 -12.01 -2.94
N THR C 14 -47.37 -13.06 -3.55
CA THR C 14 -47.53 -13.12 -5.01
C THR C 14 -48.98 -12.89 -5.43
N ALA C 15 -49.77 -12.19 -4.60
CA ALA C 15 -51.15 -11.91 -4.97
C ALA C 15 -51.25 -10.98 -6.16
N ILE C 16 -50.22 -10.17 -6.41
CA ILE C 16 -50.22 -9.28 -7.56
C ILE C 16 -50.08 -10.06 -8.87
N LEU C 17 -49.38 -11.19 -8.84
CA LEU C 17 -49.24 -12.02 -10.04
C LEU C 17 -50.55 -12.72 -10.41
N LYS C 18 -51.49 -12.78 -9.47
CA LYS C 18 -52.81 -13.33 -9.74
C LYS C 18 -53.57 -12.46 -10.74
N GLN C 19 -53.82 -12.99 -11.93
CA GLN C 19 -54.76 -12.34 -12.83
C GLN C 19 -56.15 -12.91 -12.63
N LYS C 20 -57.14 -12.03 -12.72
CA LYS C 20 -58.42 -12.22 -12.05
C LYS C 20 -59.37 -13.05 -12.91
N ASN C 21 -60.27 -13.78 -12.25
CA ASN C 21 -61.36 -14.47 -12.92
C ASN C 21 -62.44 -13.46 -13.30
N ARG C 22 -62.34 -12.90 -14.49
CA ARG C 22 -63.19 -11.82 -14.94
C ARG C 22 -63.93 -12.20 -16.23
N PRO C 23 -65.12 -11.65 -16.46
CA PRO C 23 -65.82 -11.94 -17.71
C PRO C 23 -65.05 -11.53 -18.96
N ASN C 24 -64.28 -10.44 -18.88
CA ASN C 24 -63.47 -10.02 -20.02
C ASN C 24 -62.36 -11.02 -20.33
N ARG C 25 -61.85 -11.70 -19.31
CA ARG C 25 -60.80 -12.70 -19.53
C ARG C 25 -61.37 -13.90 -20.27
N LEU C 26 -60.69 -14.31 -21.34
CA LEU C 26 -61.17 -15.38 -22.19
C LEU C 26 -60.02 -16.31 -22.56
N ILE C 27 -60.31 -17.60 -22.59
CA ILE C 27 -59.32 -18.60 -22.99
C ILE C 27 -59.27 -18.69 -24.50
N VAL C 28 -58.06 -18.66 -25.06
CA VAL C 28 -57.91 -18.73 -26.51
C VAL C 28 -58.29 -20.12 -27.00
N ASP C 29 -59.14 -20.18 -28.02
CA ASP C 29 -59.62 -21.44 -28.57
C ASP C 29 -59.55 -21.38 -30.09
N GLU C 30 -59.51 -22.56 -30.71
CA GLU C 30 -59.45 -22.67 -32.15
C GLU C 30 -60.73 -22.15 -32.80
N ALA C 31 -60.61 -21.75 -34.06
CA ALA C 31 -61.71 -21.18 -34.83
C ALA C 31 -62.22 -22.19 -35.84
N ILE C 32 -63.54 -22.40 -35.85
CA ILE C 32 -64.16 -23.33 -36.79
C ILE C 32 -64.15 -22.72 -38.18
N ASN C 33 -64.86 -21.59 -38.34
CA ASN C 33 -64.88 -20.83 -39.59
C ASN C 33 -64.83 -19.34 -39.24
N GLU C 34 -63.62 -18.82 -39.11
CA GLU C 34 -63.39 -17.42 -38.78
C GLU C 34 -62.29 -16.87 -39.67
N ASP C 35 -62.51 -15.68 -40.24
CA ASP C 35 -61.47 -15.04 -41.01
C ASP C 35 -60.56 -14.23 -40.09
N ASN C 36 -59.67 -13.44 -40.69
CA ASN C 36 -58.66 -12.71 -39.95
C ASN C 36 -59.23 -11.45 -39.29
N SER C 37 -60.55 -11.28 -39.34
CA SER C 37 -61.18 -10.07 -38.83
C SER C 37 -62.28 -10.30 -37.82
N VAL C 38 -62.64 -11.55 -37.51
CA VAL C 38 -63.73 -11.82 -36.58
C VAL C 38 -63.26 -12.80 -35.52
N VAL C 39 -63.96 -12.78 -34.38
CA VAL C 39 -63.81 -13.75 -33.31
C VAL C 39 -65.21 -14.15 -32.86
N SER C 40 -65.32 -15.35 -32.28
CA SER C 40 -66.60 -15.91 -31.91
C SER C 40 -66.65 -16.19 -30.42
N LEU C 41 -67.79 -15.84 -29.80
CA LEU C 41 -68.02 -16.04 -28.38
C LEU C 41 -69.40 -16.66 -28.19
N SER C 42 -69.64 -17.18 -26.99
CA SER C 42 -70.93 -17.76 -26.67
C SER C 42 -71.96 -16.67 -26.37
N GLN C 43 -73.21 -16.95 -26.71
CA GLN C 43 -74.27 -15.97 -26.50
C GLN C 43 -74.41 -15.53 -25.04
N PRO C 44 -74.35 -16.40 -24.04
CA PRO C 44 -74.32 -15.90 -22.65
C PRO C 44 -73.16 -14.96 -22.39
N LYS C 45 -72.03 -15.14 -23.07
CA LYS C 45 -70.90 -14.24 -22.87
C LYS C 45 -71.20 -12.85 -23.41
N MET C 46 -71.82 -12.73 -24.58
CA MET C 46 -72.26 -11.42 -25.05
C MET C 46 -73.30 -10.82 -24.13
N ASP C 47 -74.24 -11.64 -23.63
CA ASP C 47 -75.25 -11.12 -22.72
C ASP C 47 -74.62 -10.57 -21.45
N GLU C 48 -73.63 -11.27 -20.90
CA GLU C 48 -72.94 -10.80 -19.71
C GLU C 48 -72.11 -9.55 -20.00
N LEU C 49 -71.47 -9.50 -21.17
CA LEU C 49 -70.61 -8.39 -21.55
C LEU C 49 -71.35 -7.28 -22.29
N GLN C 50 -72.66 -7.43 -22.51
CA GLN C 50 -73.47 -6.43 -23.21
C GLN C 50 -72.90 -6.14 -24.60
N LEU C 51 -72.49 -7.19 -25.30
CA LEU C 51 -71.90 -7.07 -26.62
C LEU C 51 -72.90 -7.51 -27.68
N PHE C 52 -73.06 -6.69 -28.71
CA PHE C 52 -73.92 -7.00 -29.84
C PHE C 52 -73.14 -7.70 -30.93
N ARG C 53 -73.84 -8.55 -31.70
CA ARG C 53 -73.21 -9.21 -32.84
C ARG C 53 -72.84 -8.18 -33.89
N GLY C 54 -71.63 -8.30 -34.45
CA GLY C 54 -71.12 -7.35 -35.39
C GLY C 54 -70.37 -6.18 -34.78
N ASP C 55 -70.35 -6.07 -33.46
CA ASP C 55 -69.63 -4.98 -32.81
C ASP C 55 -68.12 -5.16 -32.97
N THR C 56 -67.41 -4.04 -33.12
CA THR C 56 -65.95 -4.08 -33.13
C THR C 56 -65.44 -4.13 -31.69
N VAL C 57 -64.50 -5.04 -31.43
CA VAL C 57 -64.04 -5.33 -30.08
C VAL C 57 -62.51 -5.28 -30.06
N LEU C 58 -61.96 -4.72 -28.98
CA LEU C 58 -60.53 -4.63 -28.77
C LEU C 58 -60.07 -5.80 -27.90
N LEU C 59 -59.05 -6.51 -28.37
CA LEU C 59 -58.49 -7.66 -27.68
C LEU C 59 -57.06 -7.33 -27.27
N LYS C 60 -56.75 -7.52 -25.99
CA LYS C 60 -55.43 -7.28 -25.44
C LYS C 60 -54.82 -8.61 -25.01
N GLY C 61 -53.54 -8.80 -25.33
CA GLY C 61 -52.84 -10.03 -25.01
C GLY C 61 -51.48 -9.80 -24.37
N LYS C 62 -50.63 -10.82 -24.42
CA LYS C 62 -49.31 -10.74 -23.84
C LYS C 62 -48.44 -9.76 -24.63
N LYS C 63 -47.50 -9.12 -23.92
CA LYS C 63 -46.47 -8.28 -24.53
C LYS C 63 -47.04 -7.03 -25.21
N ARG C 64 -47.87 -6.27 -24.49
CA ARG C 64 -48.33 -4.95 -24.94
C ARG C 64 -49.18 -5.02 -26.21
N ARG C 65 -49.69 -6.22 -26.53
CA ARG C 65 -50.33 -6.44 -27.82
C ARG C 65 -51.82 -6.13 -27.78
N GLU C 66 -52.28 -5.43 -28.82
CA GLU C 66 -53.67 -5.07 -29.01
C GLU C 66 -54.09 -5.42 -30.43
N ALA C 67 -55.37 -5.69 -30.60
CA ALA C 67 -55.95 -5.98 -31.91
C ALA C 67 -57.44 -5.66 -31.89
N VAL C 68 -58.05 -5.61 -33.06
CA VAL C 68 -59.48 -5.36 -33.19
C VAL C 68 -60.10 -6.46 -34.04
N CYS C 69 -61.27 -6.93 -33.62
CA CYS C 69 -62.00 -7.97 -34.34
C CYS C 69 -63.49 -7.66 -34.32
N ILE C 70 -64.26 -8.51 -34.97
CA ILE C 70 -65.71 -8.41 -34.99
C ILE C 70 -66.27 -9.57 -34.18
N VAL C 71 -67.05 -9.25 -33.14
CA VAL C 71 -67.57 -10.27 -32.24
C VAL C 71 -68.80 -10.91 -32.87
N LEU C 72 -68.82 -12.25 -32.88
CA LEU C 72 -69.92 -13.01 -33.45
C LEU C 72 -70.34 -14.09 -32.45
N SER C 73 -71.50 -14.69 -32.71
CA SER C 73 -72.06 -15.71 -31.85
C SER C 73 -71.75 -17.10 -32.39
N ASP C 74 -71.45 -18.02 -31.48
CA ASP C 74 -71.20 -19.42 -31.84
C ASP C 74 -71.79 -20.29 -30.74
N ASP C 75 -72.80 -21.09 -31.10
CA ASP C 75 -73.45 -21.96 -30.14
C ASP C 75 -72.57 -23.11 -29.69
N THR C 76 -71.52 -23.44 -30.45
CA THR C 76 -70.57 -24.49 -30.06
C THR C 76 -69.41 -23.95 -29.24
N CYS C 77 -69.34 -22.64 -29.04
CA CYS C 77 -68.25 -22.03 -28.30
C CYS C 77 -68.55 -22.03 -26.81
N SER C 78 -67.55 -22.36 -26.02
CA SER C 78 -67.70 -22.36 -24.57
C SER C 78 -67.83 -20.93 -24.04
N ASP C 79 -68.42 -20.81 -22.86
CA ASP C 79 -68.63 -19.49 -22.27
C ASP C 79 -67.31 -18.82 -21.94
N GLU C 80 -66.34 -19.58 -21.42
CA GLU C 80 -65.07 -19.05 -20.99
C GLU C 80 -64.02 -19.02 -22.09
N LYS C 81 -64.36 -19.42 -23.31
CA LYS C 81 -63.41 -19.50 -24.39
C LYS C 81 -63.83 -18.58 -25.54
N ILE C 82 -62.84 -18.18 -26.34
CA ILE C 82 -63.05 -17.37 -27.53
C ILE C 82 -62.43 -18.09 -28.72
N ARG C 83 -63.21 -18.28 -29.78
CA ARG C 83 -62.72 -18.91 -31.00
C ARG C 83 -61.83 -17.91 -31.73
N MET C 84 -60.75 -18.41 -32.32
CA MET C 84 -59.63 -17.53 -32.64
C MET C 84 -58.77 -18.22 -33.69
N ASN C 85 -58.64 -17.59 -34.87
CA ASN C 85 -57.83 -18.17 -35.93
C ASN C 85 -56.34 -17.91 -35.67
N ARG C 86 -55.50 -18.57 -36.47
CA ARG C 86 -54.06 -18.53 -36.23
C ARG C 86 -53.46 -17.16 -36.47
N VAL C 87 -53.96 -16.41 -37.47
CA VAL C 87 -53.34 -15.14 -37.83
C VAL C 87 -53.42 -14.15 -36.67
N VAL C 88 -54.60 -14.02 -36.07
CA VAL C 88 -54.75 -13.04 -35.01
C VAL C 88 -54.17 -13.57 -33.70
N ARG C 89 -54.05 -14.90 -33.56
CA ARG C 89 -53.24 -15.45 -32.47
C ARG C 89 -51.80 -14.99 -32.59
N ASN C 90 -51.25 -15.02 -33.81
CA ASN C 90 -49.90 -14.49 -34.02
C ASN C 90 -49.86 -13.00 -33.77
N ASN C 91 -50.93 -12.29 -34.10
CA ASN C 91 -50.97 -10.85 -33.87
C ASN C 91 -50.89 -10.51 -32.40
N LEU C 92 -51.60 -11.24 -31.56
CA LEU C 92 -51.59 -11.00 -30.12
C LEU C 92 -50.47 -11.74 -29.40
N ARG C 93 -49.64 -12.49 -30.12
CA ARG C 93 -48.53 -13.25 -29.54
C ARG C 93 -49.01 -14.21 -28.46
N VAL C 94 -50.13 -14.90 -28.73
CA VAL C 94 -50.71 -15.84 -27.79
C VAL C 94 -50.89 -17.18 -28.47
N ARG C 95 -50.98 -18.23 -27.65
CA ARG C 95 -51.16 -19.60 -28.12
C ARG C 95 -52.49 -20.12 -27.61
N LEU C 96 -52.83 -21.34 -28.04
CA LEU C 96 -54.05 -21.98 -27.57
C LEU C 96 -53.98 -22.23 -26.08
N GLY C 97 -55.06 -21.89 -25.37
CA GLY C 97 -55.11 -22.00 -23.94
C GLY C 97 -54.69 -20.76 -23.19
N ASP C 98 -54.15 -19.76 -23.88
CA ASP C 98 -53.76 -18.51 -23.24
C ASP C 98 -55.00 -17.68 -22.88
N VAL C 99 -54.79 -16.65 -22.09
CA VAL C 99 -55.85 -15.77 -21.63
C VAL C 99 -55.67 -14.40 -22.28
N ILE C 100 -56.74 -13.89 -22.88
CA ILE C 100 -56.76 -12.56 -23.47
C ILE C 100 -57.90 -11.78 -22.82
N SER C 101 -57.89 -10.47 -23.05
CA SER C 101 -58.93 -9.59 -22.52
C SER C 101 -59.70 -8.95 -23.67
N ILE C 102 -61.02 -8.89 -23.55
CA ILE C 102 -61.89 -8.34 -24.58
C ILE C 102 -62.64 -7.16 -23.99
N GLN C 103 -62.69 -6.07 -24.74
CA GLN C 103 -63.42 -4.87 -24.33
C GLN C 103 -64.09 -4.26 -25.55
N PRO C 104 -65.12 -3.45 -25.35
CA PRO C 104 -65.69 -2.69 -26.47
C PRO C 104 -64.68 -1.69 -27.01
N CYS C 105 -64.77 -1.42 -28.31
CA CYS C 105 -63.88 -0.49 -29.00
C CYS C 105 -64.73 0.52 -29.74
N PRO C 106 -65.31 1.48 -29.04
CA PRO C 106 -66.22 2.43 -29.69
C PRO C 106 -65.47 3.49 -30.49
N ASP C 107 -66.23 4.13 -31.38
CA ASP C 107 -65.75 5.27 -32.17
C ASP C 107 -64.55 4.88 -33.05
N VAL C 108 -64.68 3.77 -33.77
CA VAL C 108 -63.68 3.40 -34.76
C VAL C 108 -64.10 3.97 -36.11
N LYS C 109 -63.36 4.93 -36.61
CA LYS C 109 -63.72 5.66 -37.82
C LYS C 109 -63.22 4.92 -39.06
N TYR C 110 -63.82 5.28 -40.20
CA TYR C 110 -63.39 4.71 -41.48
C TYR C 110 -61.98 5.18 -41.81
N GLY C 111 -61.16 4.25 -42.31
CA GLY C 111 -59.78 4.56 -42.62
C GLY C 111 -59.69 5.53 -43.78
N LYS C 112 -58.86 6.57 -43.62
CA LYS C 112 -58.62 7.50 -44.72
C LYS C 112 -57.52 7.00 -45.64
N ARG C 113 -56.45 6.42 -45.09
CA ARG C 113 -55.34 5.94 -45.89
C ARG C 113 -54.54 4.93 -45.07
N ILE C 114 -54.26 3.77 -45.66
CA ILE C 114 -53.49 2.74 -44.99
C ILE C 114 -52.33 2.32 -45.89
N HIS C 115 -51.15 2.22 -45.29
CA HIS C 115 -49.92 1.77 -45.93
C HIS C 115 -49.52 0.43 -45.32
N VAL C 116 -49.35 -0.58 -46.17
CA VAL C 116 -48.98 -1.92 -45.74
C VAL C 116 -47.73 -2.34 -46.49
N LEU C 117 -47.07 -3.38 -45.98
CA LEU C 117 -45.86 -3.90 -46.58
C LEU C 117 -45.81 -5.42 -46.41
N PRO C 118 -45.36 -6.14 -47.43
CA PRO C 118 -45.32 -7.60 -47.35
C PRO C 118 -44.07 -8.11 -46.64
N ILE C 119 -44.15 -9.38 -46.23
CA ILE C 119 -43.01 -10.06 -45.63
C ILE C 119 -42.15 -10.66 -46.74
N ASP C 120 -40.84 -10.69 -46.52
CA ASP C 120 -39.90 -10.92 -47.62
C ASP C 120 -40.10 -12.29 -48.27
N ASP C 121 -40.09 -13.36 -47.48
CA ASP C 121 -40.21 -14.68 -48.10
C ASP C 121 -41.59 -14.93 -48.68
N THR C 122 -42.63 -14.34 -48.11
CA THR C 122 -43.97 -14.41 -48.71
C THR C 122 -44.04 -13.71 -50.05
N VAL C 123 -43.18 -12.72 -50.29
CA VAL C 123 -43.15 -12.00 -51.56
C VAL C 123 -41.93 -12.36 -52.40
N GLU C 124 -41.01 -13.17 -51.86
CA GLU C 124 -39.87 -13.62 -52.63
C GLU C 124 -40.34 -14.42 -53.84
N GLY C 125 -39.96 -13.96 -55.03
CA GLY C 125 -40.42 -14.56 -56.26
C GLY C 125 -41.74 -14.06 -56.77
N ILE C 126 -42.41 -13.19 -56.03
CA ILE C 126 -43.69 -12.61 -56.46
C ILE C 126 -43.39 -11.29 -57.15
N THR C 127 -43.70 -11.21 -58.44
CA THR C 127 -43.44 -10.03 -59.24
C THR C 127 -44.70 -9.33 -59.71
N GLY C 128 -45.88 -9.91 -59.46
CA GLY C 128 -47.12 -9.29 -59.89
C GLY C 128 -47.53 -8.13 -59.00
N ASN C 129 -48.59 -7.46 -59.42
CA ASN C 129 -49.12 -6.34 -58.66
C ASN C 129 -49.72 -6.86 -57.36
N LEU C 130 -49.10 -6.48 -56.23
CA LEU C 130 -49.58 -6.96 -54.94
C LEU C 130 -50.99 -6.47 -54.65
N PHE C 131 -51.28 -5.21 -54.98
CA PHE C 131 -52.59 -4.64 -54.68
C PHE C 131 -53.72 -5.45 -55.30
N GLU C 132 -53.76 -5.49 -56.64
CA GLU C 132 -54.88 -6.12 -57.33
C GLU C 132 -54.98 -7.61 -57.00
N VAL C 133 -53.83 -8.30 -56.93
CA VAL C 133 -53.88 -9.74 -56.73
C VAL C 133 -54.34 -10.09 -55.31
N TYR C 134 -53.84 -9.35 -54.31
CA TYR C 134 -54.05 -9.75 -52.91
C TYR C 134 -54.95 -8.80 -52.14
N LEU C 135 -54.61 -7.51 -52.08
CA LEU C 135 -55.27 -6.62 -51.12
C LEU C 135 -56.68 -6.24 -51.56
N LYS C 136 -56.86 -5.96 -52.85
CA LYS C 136 -58.19 -5.54 -53.32
C LYS C 136 -59.26 -6.60 -53.11
N PRO C 137 -59.08 -7.87 -53.48
CA PRO C 137 -60.11 -8.86 -53.15
C PRO C 137 -60.24 -9.09 -51.65
N TYR C 138 -59.18 -8.87 -50.88
CA TYR C 138 -59.24 -9.11 -49.45
C TYR C 138 -59.99 -8.00 -48.72
N PHE C 139 -60.01 -6.79 -49.28
CA PHE C 139 -60.61 -5.63 -48.61
C PHE C 139 -61.82 -5.08 -49.37
N LEU C 140 -62.38 -5.85 -50.30
CA LEU C 140 -63.50 -5.37 -51.11
C LEU C 140 -64.81 -5.75 -50.43
N GLU C 141 -65.57 -4.73 -50.02
CA GLU C 141 -66.87 -4.92 -49.36
C GLU C 141 -66.76 -5.84 -48.15
N ALA C 142 -65.78 -5.55 -47.30
CA ALA C 142 -65.54 -6.36 -46.11
C ALA C 142 -65.57 -5.53 -44.84
N TYR C 143 -65.13 -4.27 -44.94
CA TYR C 143 -65.10 -3.35 -43.79
C TYR C 143 -64.29 -3.94 -42.64
N ARG C 144 -63.11 -4.47 -42.95
CA ARG C 144 -62.28 -5.13 -41.95
C ARG C 144 -61.67 -4.11 -41.00
N PRO C 145 -61.72 -4.34 -39.68
CA PRO C 145 -60.99 -3.46 -38.75
C PRO C 145 -59.54 -3.90 -38.63
N ILE C 146 -58.62 -2.94 -38.69
CA ILE C 146 -57.20 -3.22 -38.66
C ILE C 146 -56.51 -2.30 -37.65
N ARG C 147 -55.27 -2.66 -37.32
CA ARG C 147 -54.44 -1.89 -36.40
C ARG C 147 -53.06 -1.69 -37.01
N LYS C 148 -52.42 -0.59 -36.63
CA LYS C 148 -51.03 -0.38 -37.01
C LYS C 148 -50.15 -1.49 -36.43
N GLY C 149 -49.28 -2.04 -37.27
CA GLY C 149 -48.44 -3.14 -36.87
C GLY C 149 -49.06 -4.51 -36.96
N ASP C 150 -50.29 -4.61 -37.46
CA ASP C 150 -50.95 -5.90 -37.61
C ASP C 150 -50.25 -6.72 -38.69
N ILE C 151 -50.25 -8.04 -38.50
CA ILE C 151 -49.73 -8.99 -39.48
C ILE C 151 -50.89 -9.85 -39.94
N PHE C 152 -51.19 -9.81 -41.24
CA PHE C 152 -52.32 -10.55 -41.77
C PHE C 152 -51.93 -11.25 -43.06
N LEU C 153 -52.43 -12.48 -43.24
CA LEU C 153 -52.09 -13.32 -44.38
C LEU C 153 -53.22 -13.26 -45.40
N VAL C 154 -52.85 -13.09 -46.67
CA VAL C 154 -53.82 -12.94 -47.76
C VAL C 154 -53.61 -14.06 -48.77
N ARG C 155 -54.72 -14.65 -49.21
CA ARG C 155 -54.70 -15.70 -50.23
C ARG C 155 -54.60 -15.06 -51.61
N GLY C 156 -54.68 -15.89 -52.65
CA GLY C 156 -54.54 -15.44 -54.01
C GLY C 156 -53.12 -15.59 -54.54
N GLY C 157 -52.98 -15.29 -55.83
CA GLY C 157 -51.73 -15.51 -56.52
C GLY C 157 -51.43 -17.00 -56.61
N MET C 158 -50.14 -17.29 -56.76
CA MET C 158 -49.64 -18.65 -56.58
C MET C 158 -49.38 -18.97 -55.11
N ARG C 159 -49.28 -17.96 -54.25
CA ARG C 159 -48.74 -18.12 -52.92
C ARG C 159 -49.30 -17.06 -51.99
N ALA C 160 -49.83 -17.49 -50.85
CA ALA C 160 -50.35 -16.54 -49.87
C ALA C 160 -49.24 -15.66 -49.33
N VAL C 161 -49.56 -14.38 -49.13
CA VAL C 161 -48.56 -13.37 -48.77
C VAL C 161 -48.97 -12.72 -47.46
N GLU C 162 -48.02 -12.60 -46.55
CA GLU C 162 -48.25 -11.91 -45.28
C GLU C 162 -47.91 -10.43 -45.43
N PHE C 163 -48.76 -9.58 -44.86
CA PHE C 163 -48.59 -8.14 -44.94
C PHE C 163 -48.59 -7.55 -43.54
N LYS C 164 -47.83 -6.48 -43.38
CA LYS C 164 -47.76 -5.74 -42.12
C LYS C 164 -48.31 -4.34 -42.33
N VAL C 165 -49.29 -3.96 -41.50
CA VAL C 165 -49.91 -2.64 -41.59
C VAL C 165 -48.94 -1.64 -40.96
N VAL C 166 -48.19 -0.91 -41.80
CA VAL C 166 -47.17 -0.02 -41.28
C VAL C 166 -47.68 1.40 -41.02
N GLU C 167 -48.83 1.78 -41.57
CA GLU C 167 -49.36 3.11 -41.31
C GLU C 167 -50.88 3.11 -41.48
N THR C 168 -51.57 3.80 -40.57
CA THR C 168 -53.01 3.96 -40.65
C THR C 168 -53.37 5.42 -40.43
N ASP C 169 -54.43 5.86 -41.11
CA ASP C 169 -55.03 7.16 -40.86
C ASP C 169 -56.53 7.05 -41.10
N PRO C 170 -57.37 7.28 -40.07
CA PRO C 170 -56.99 7.69 -38.70
C PRO C 170 -56.34 6.58 -37.89
N SER C 171 -55.56 6.97 -36.88
CA SER C 171 -54.75 6.08 -36.07
C SER C 171 -55.28 5.98 -34.65
N PRO C 172 -55.05 4.85 -33.97
CA PRO C 172 -54.39 3.65 -34.50
C PRO C 172 -55.36 2.71 -35.21
N TYR C 173 -56.61 2.71 -34.78
CA TYR C 173 -57.60 1.78 -35.29
C TYR C 173 -58.46 2.44 -36.37
N CYS C 174 -58.64 1.75 -37.49
CA CYS C 174 -59.41 2.27 -38.60
C CYS C 174 -60.15 1.13 -39.30
N ILE C 175 -61.24 1.48 -39.96
CA ILE C 175 -62.03 0.52 -40.74
C ILE C 175 -61.65 0.67 -42.20
N VAL C 176 -61.45 -0.46 -42.88
CA VAL C 176 -61.10 -0.43 -44.30
C VAL C 176 -62.38 -0.21 -45.11
N ALA C 177 -62.71 1.04 -45.36
CA ALA C 177 -63.89 1.41 -46.12
C ALA C 177 -63.63 1.27 -47.62
N PRO C 178 -64.68 1.22 -48.44
CA PRO C 178 -64.46 1.17 -49.89
C PRO C 178 -63.67 2.34 -50.44
N ASP C 179 -63.81 3.53 -49.84
CA ASP C 179 -63.04 4.70 -50.28
C ASP C 179 -61.70 4.83 -49.57
N THR C 180 -61.36 3.90 -48.69
CA THR C 180 -60.06 3.93 -48.04
C THR C 180 -58.97 3.61 -49.06
N VAL C 181 -57.90 4.42 -49.05
CA VAL C 181 -56.81 4.27 -50.00
C VAL C 181 -55.77 3.34 -49.41
N ILE C 182 -55.60 2.17 -50.01
CA ILE C 182 -54.64 1.16 -49.57
C ILE C 182 -53.46 1.18 -50.51
N HIS C 183 -52.25 1.30 -49.95
CA HIS C 183 -51.07 1.23 -50.81
C HIS C 183 -49.97 0.42 -50.12
N CYS C 184 -49.15 -0.23 -50.95
CA CYS C 184 -48.11 -1.14 -50.50
C CYS C 184 -46.81 -0.92 -51.27
N GLU C 185 -46.43 0.35 -51.45
CA GLU C 185 -45.20 0.71 -52.13
C GLU C 185 -44.19 1.18 -51.08
N GLY C 186 -43.12 0.41 -50.91
CA GLY C 186 -42.08 0.75 -49.96
C GLY C 186 -41.12 -0.40 -49.80
N GLU C 187 -40.13 -0.17 -48.94
CA GLU C 187 -39.14 -1.22 -48.65
C GLU C 187 -39.83 -2.37 -47.93
N PRO C 188 -39.75 -3.60 -48.45
CA PRO C 188 -40.46 -4.72 -47.81
C PRO C 188 -39.97 -4.96 -46.39
N ILE C 189 -40.90 -5.30 -45.51
CA ILE C 189 -40.54 -5.57 -44.12
C ILE C 189 -39.76 -6.86 -44.04
N LYS C 190 -38.52 -6.77 -43.59
CA LYS C 190 -37.64 -7.93 -43.54
C LYS C 190 -38.11 -8.92 -42.47
N ARG C 191 -37.78 -10.19 -42.68
CA ARG C 191 -38.17 -11.23 -41.73
C ARG C 191 -37.41 -11.08 -40.42
N GLU C 192 -36.21 -10.48 -40.46
CA GLU C 192 -35.42 -10.32 -39.25
C GLU C 192 -36.14 -9.45 -38.24
N ASP C 193 -36.74 -8.36 -38.70
CA ASP C 193 -37.49 -7.46 -37.83
C ASP C 193 -38.69 -8.18 -37.22
N GLU C 194 -39.42 -8.93 -38.04
CA GLU C 194 -40.58 -9.67 -37.55
C GLU C 194 -40.18 -10.70 -36.52
N GLU C 195 -39.08 -11.43 -36.77
CA GLU C 195 -38.61 -12.44 -35.82
C GLU C 195 -38.15 -11.79 -34.52
N GLU C 196 -37.44 -10.66 -34.60
CA GLU C 196 -37.01 -9.97 -33.40
C GLU C 196 -38.20 -9.48 -32.58
N SER C 197 -39.23 -8.96 -33.26
CA SER C 197 -40.45 -8.55 -32.56
C SER C 197 -41.15 -9.75 -31.92
N LEU C 198 -41.17 -10.88 -32.64
CA LEU C 198 -41.85 -12.06 -32.13
C LEU C 198 -41.14 -12.62 -30.90
N ASN C 199 -39.81 -12.66 -30.92
CA ASN C 199 -39.03 -13.25 -29.84
C ASN C 199 -38.64 -12.24 -28.77
N GLU C 200 -39.39 -11.14 -28.65
CA GLU C 200 -39.11 -10.18 -27.60
C GLU C 200 -39.44 -10.78 -26.23
N VAL C 201 -38.70 -10.37 -25.21
CA VAL C 201 -38.79 -11.01 -23.90
C VAL C 201 -39.93 -10.39 -23.09
N GLY C 202 -40.81 -11.24 -22.58
CA GLY C 202 -41.83 -10.83 -21.64
C GLY C 202 -41.60 -11.45 -20.28
N TYR C 203 -42.55 -11.27 -19.35
CA TYR C 203 -42.39 -11.86 -18.02
C TYR C 203 -42.39 -13.38 -18.08
N ASP C 204 -43.05 -13.97 -19.08
CA ASP C 204 -43.11 -15.42 -19.19
C ASP C 204 -41.77 -16.04 -19.57
N ASP C 205 -40.79 -15.24 -19.97
CA ASP C 205 -39.47 -15.73 -20.31
C ASP C 205 -38.53 -15.83 -19.11
N ILE C 206 -39.00 -15.49 -17.91
CA ILE C 206 -38.20 -15.56 -16.69
C ILE C 206 -38.71 -16.72 -15.85
N GLY C 207 -37.80 -17.60 -15.45
CA GLY C 207 -38.14 -18.75 -14.62
C GLY C 207 -37.43 -18.66 -13.28
N GLY C 208 -38.10 -19.17 -12.25
CA GLY C 208 -37.51 -19.23 -10.92
C GLY C 208 -37.45 -17.92 -10.18
N CYS C 209 -38.15 -16.88 -10.64
CA CYS C 209 -38.12 -15.57 -10.02
C CYS C 209 -39.53 -15.07 -9.75
N ARG C 210 -40.40 -15.93 -9.21
CA ARG C 210 -41.80 -15.56 -9.01
C ARG C 210 -41.93 -14.53 -7.90
N LYS C 211 -41.24 -14.76 -6.77
CA LYS C 211 -41.17 -13.75 -5.72
C LYS C 211 -40.65 -12.42 -6.26
N GLN C 212 -39.55 -12.47 -7.01
CA GLN C 212 -38.91 -11.24 -7.45
C GLN C 212 -39.79 -10.50 -8.44
N LEU C 213 -40.47 -11.23 -9.33
CA LEU C 213 -41.39 -10.60 -10.26
C LEU C 213 -42.54 -9.94 -9.52
N ALA C 214 -43.09 -10.62 -8.50
CA ALA C 214 -44.17 -10.03 -7.72
C ALA C 214 -43.70 -8.76 -7.01
N GLN C 215 -42.51 -8.80 -6.42
CA GLN C 215 -41.98 -7.63 -5.73
C GLN C 215 -41.74 -6.48 -6.70
N ILE C 216 -41.22 -6.77 -7.89
CA ILE C 216 -40.96 -5.73 -8.87
C ILE C 216 -42.27 -5.10 -9.34
N LYS C 217 -43.30 -5.91 -9.58
CA LYS C 217 -44.59 -5.35 -9.94
C LYS C 217 -45.16 -4.49 -8.82
N GLU C 218 -44.99 -4.93 -7.57
CA GLU C 218 -45.51 -4.16 -6.44
C GLU C 218 -44.79 -2.82 -6.29
N MET C 219 -43.47 -2.81 -6.49
CA MET C 219 -42.67 -1.62 -6.23
C MET C 219 -42.43 -0.76 -7.46
N VAL C 220 -42.70 -1.26 -8.66
CA VAL C 220 -42.44 -0.48 -9.87
C VAL C 220 -43.73 -0.27 -10.65
N GLU C 221 -44.36 -1.37 -11.07
CA GLU C 221 -45.55 -1.25 -11.90
C GLU C 221 -46.72 -0.67 -11.11
N LEU C 222 -46.91 -1.12 -9.87
CA LEU C 222 -48.06 -0.65 -9.09
C LEU C 222 -48.02 0.85 -8.79
N PRO C 223 -46.92 1.42 -8.27
CA PRO C 223 -46.95 2.87 -7.97
C PRO C 223 -47.23 3.75 -9.18
N LEU C 224 -46.65 3.42 -10.33
CA LEU C 224 -46.91 4.19 -11.54
C LEU C 224 -48.29 3.88 -12.13
N ARG C 225 -48.77 2.65 -11.93
CA ARG C 225 -50.04 2.23 -12.49
C ARG C 225 -51.17 3.00 -11.80
N HIS C 226 -51.14 3.01 -10.47
CA HIS C 226 -52.18 3.61 -9.62
C HIS C 226 -51.53 4.45 -8.53
N PRO C 227 -51.01 5.64 -8.86
CA PRO C 227 -50.45 6.50 -7.80
C PRO C 227 -51.47 6.91 -6.75
N ALA C 228 -52.74 7.04 -7.13
CA ALA C 228 -53.77 7.42 -6.18
C ALA C 228 -53.99 6.34 -5.12
N LEU C 229 -53.66 5.09 -5.43
CA LEU C 229 -53.76 4.03 -4.44
C LEU C 229 -52.85 4.30 -3.25
N PHE C 230 -51.61 4.71 -3.52
CA PHE C 230 -50.69 5.06 -2.45
C PHE C 230 -51.00 6.42 -1.85
N LYS C 231 -51.51 7.35 -2.66
CA LYS C 231 -51.87 8.67 -2.14
C LYS C 231 -52.99 8.58 -1.12
N GLU C 232 -53.99 7.73 -1.38
CA GLU C 232 -55.15 7.63 -0.50
C GLU C 232 -54.75 7.09 0.87
N ILE C 233 -53.90 6.05 0.88
CA ILE C 233 -53.46 5.45 2.15
C ILE C 233 -52.35 6.26 2.80
N GLY C 234 -51.92 7.35 2.17
CA GLY C 234 -50.96 8.26 2.77
C GLY C 234 -49.54 7.74 2.91
N VAL C 235 -49.04 7.01 1.92
CA VAL C 235 -47.65 6.58 1.90
C VAL C 235 -47.06 6.93 0.54
N LYS C 236 -45.74 7.10 0.52
CA LYS C 236 -45.02 7.42 -0.71
C LYS C 236 -44.25 6.19 -1.19
N PRO C 237 -44.42 5.80 -2.45
CA PRO C 237 -43.73 4.62 -2.96
C PRO C 237 -42.22 4.85 -3.02
N PRO C 238 -41.43 3.81 -2.77
CA PRO C 238 -39.99 3.92 -2.93
C PRO C 238 -39.59 4.45 -4.29
N ARG C 239 -38.47 5.17 -4.32
CA ARG C 239 -37.96 5.77 -5.55
C ARG C 239 -36.89 4.91 -6.21
N GLY C 240 -36.12 4.15 -5.43
CA GLY C 240 -35.02 3.39 -5.97
C GLY C 240 -35.06 1.91 -5.66
N ILE C 241 -35.11 1.10 -6.71
CA ILE C 241 -35.10 -0.36 -6.61
C ILE C 241 -33.83 -0.87 -7.27
N LEU C 242 -33.04 -1.62 -6.51
CA LEU C 242 -31.76 -2.15 -6.96
C LEU C 242 -31.87 -3.67 -7.06
N LEU C 243 -31.71 -4.21 -8.27
CA LEU C 243 -31.66 -5.65 -8.45
C LEU C 243 -30.24 -6.13 -8.27
N TYR C 244 -30.03 -7.13 -7.42
CA TYR C 244 -28.70 -7.69 -7.26
C TYR C 244 -28.76 -9.20 -7.30
N GLY C 245 -27.60 -9.81 -7.52
CA GLY C 245 -27.46 -11.24 -7.59
C GLY C 245 -26.23 -11.61 -8.36
N PRO C 246 -25.85 -12.89 -8.31
CA PRO C 246 -24.65 -13.35 -9.04
C PRO C 246 -24.85 -13.21 -10.54
N PRO C 247 -23.77 -13.14 -11.31
CA PRO C 247 -23.91 -12.95 -12.76
C PRO C 247 -24.67 -14.08 -13.42
N GLY C 248 -25.47 -13.73 -14.43
CA GLY C 248 -26.23 -14.70 -15.17
C GLY C 248 -27.54 -15.13 -14.55
N THR C 249 -28.01 -14.44 -13.52
CA THR C 249 -29.25 -14.79 -12.86
C THR C 249 -30.49 -14.20 -13.53
N GLY C 250 -30.32 -13.32 -14.50
CA GLY C 250 -31.43 -12.78 -15.25
C GLY C 250 -31.82 -11.35 -14.93
N LYS C 251 -30.94 -10.55 -14.34
CA LYS C 251 -31.28 -9.16 -14.05
C LYS C 251 -31.51 -8.36 -15.32
N THR C 252 -30.62 -8.51 -16.31
CA THR C 252 -30.82 -7.85 -17.59
C THR C 252 -32.02 -8.43 -18.33
N LEU C 253 -32.25 -9.74 -18.20
CA LEU C 253 -33.45 -10.33 -18.78
C LEU C 253 -34.71 -9.76 -18.15
N ILE C 254 -34.70 -9.57 -16.83
CA ILE C 254 -35.83 -8.94 -16.15
C ILE C 254 -36.00 -7.50 -16.62
N ALA C 255 -34.88 -6.79 -16.86
CA ALA C 255 -34.98 -5.44 -17.38
C ALA C 255 -35.64 -5.42 -18.76
N ARG C 256 -35.23 -6.36 -19.63
CA ARG C 256 -35.83 -6.44 -20.96
C ARG C 256 -37.32 -6.76 -20.86
N ALA C 257 -37.68 -7.68 -19.96
CA ALA C 257 -39.08 -8.02 -19.78
C ALA C 257 -39.88 -6.82 -19.29
N VAL C 258 -39.35 -6.08 -18.31
CA VAL C 258 -40.05 -4.91 -17.80
C VAL C 258 -40.23 -3.89 -18.92
N ALA C 259 -39.18 -3.69 -19.73
CA ALA C 259 -39.28 -2.76 -20.85
C ALA C 259 -40.36 -3.17 -21.84
N ASN C 260 -40.46 -4.47 -22.13
CA ASN C 260 -41.43 -4.93 -23.11
C ASN C 260 -42.82 -5.16 -22.52
N GLU C 261 -42.98 -5.02 -21.20
CA GLU C 261 -44.25 -5.33 -20.55
C GLU C 261 -44.90 -4.12 -19.88
N THR C 262 -44.22 -2.98 -19.85
CA THR C 262 -44.68 -1.86 -19.05
C THR C 262 -45.43 -0.86 -19.93
N GLY C 263 -46.44 -0.22 -19.34
CA GLY C 263 -47.11 0.87 -20.02
C GLY C 263 -46.40 2.19 -19.83
N ALA C 264 -45.57 2.29 -18.79
CA ALA C 264 -44.82 3.51 -18.55
C ALA C 264 -43.69 3.66 -19.56
N PHE C 265 -43.22 4.89 -19.73
CA PHE C 265 -42.09 5.16 -20.59
C PHE C 265 -40.84 4.53 -19.98
N PHE C 266 -40.05 3.83 -20.81
CA PHE C 266 -38.89 3.10 -20.34
C PHE C 266 -37.63 3.68 -20.97
N PHE C 267 -36.66 4.01 -20.12
CA PHE C 267 -35.34 4.46 -20.57
C PHE C 267 -34.30 3.52 -19.99
N LEU C 268 -33.43 2.99 -20.85
CA LEU C 268 -32.40 2.05 -20.46
C LEU C 268 -31.04 2.73 -20.46
N ILE C 269 -30.33 2.60 -19.35
CA ILE C 269 -28.96 3.11 -19.22
C ILE C 269 -28.05 1.94 -18.88
N ASN C 270 -26.95 1.83 -19.62
CA ASN C 270 -25.94 0.81 -19.35
C ASN C 270 -24.73 1.48 -18.70
N GLY C 271 -24.00 0.72 -17.88
CA GLY C 271 -22.78 1.20 -17.29
C GLY C 271 -21.72 1.54 -18.31
N PRO C 272 -21.25 0.53 -19.05
CA PRO C 272 -20.27 0.80 -20.13
C PRO C 272 -20.76 1.77 -21.17
N GLU C 273 -22.08 1.85 -21.38
CA GLU C 273 -22.68 2.96 -22.13
C GLU C 273 -22.12 4.31 -21.68
N ILE C 274 -22.35 4.64 -20.40
CA ILE C 274 -21.99 5.97 -19.89
C ILE C 274 -20.49 6.12 -19.75
N MET C 275 -19.82 5.07 -19.26
CA MET C 275 -18.40 5.21 -18.95
C MET C 275 -17.50 5.25 -20.18
N SER C 276 -18.01 4.85 -21.35
CA SER C 276 -17.22 4.89 -22.57
C SER C 276 -17.20 6.25 -23.24
N LYS C 277 -18.00 7.19 -22.77
CA LYS C 277 -18.07 8.52 -23.35
C LYS C 277 -16.98 9.42 -22.76
N LEU C 278 -16.69 10.50 -23.48
CA LEU C 278 -15.73 11.49 -22.99
C LEU C 278 -16.30 12.23 -21.80
N ALA C 279 -15.41 12.80 -21.00
CA ALA C 279 -15.82 13.60 -19.84
C ALA C 279 -16.70 14.75 -20.29
N GLY C 280 -17.84 14.91 -19.62
CA GLY C 280 -18.83 15.90 -19.98
C GLY C 280 -19.92 15.39 -20.89
N GLU C 281 -19.70 14.27 -21.58
CA GLU C 281 -20.76 13.64 -22.36
C GLU C 281 -21.49 12.58 -21.57
N SER C 282 -20.80 11.89 -20.66
CA SER C 282 -21.47 10.95 -19.77
C SER C 282 -22.46 11.66 -18.86
N GLU C 283 -22.04 12.78 -18.27
CA GLU C 283 -22.92 13.56 -17.41
C GLU C 283 -24.09 14.11 -18.20
N SER C 284 -23.83 14.60 -19.41
CA SER C 284 -24.90 15.13 -20.25
C SER C 284 -25.90 14.04 -20.60
N ASN C 285 -25.42 12.84 -20.92
CA ASN C 285 -26.33 11.74 -21.23
C ASN C 285 -27.16 11.34 -20.03
N LEU C 286 -26.55 11.30 -18.84
CA LEU C 286 -27.30 10.95 -17.63
C LEU C 286 -28.37 11.99 -17.33
N ARG C 287 -28.03 13.27 -17.41
CA ARG C 287 -29.00 14.32 -17.17
C ARG C 287 -30.11 14.31 -18.21
N LYS C 288 -29.75 14.07 -19.48
CA LYS C 288 -30.75 13.98 -20.53
C LYS C 288 -31.69 12.81 -20.31
N ALA C 289 -31.16 11.68 -19.84
CA ALA C 289 -32.01 10.54 -19.55
C ALA C 289 -33.00 10.85 -18.44
N PHE C 290 -32.53 11.48 -17.36
CA PHE C 290 -33.44 11.81 -16.27
C PHE C 290 -34.48 12.84 -16.71
N GLU C 291 -34.09 13.84 -17.49
CA GLU C 291 -35.04 14.82 -17.98
C GLU C 291 -36.05 14.20 -18.94
N GLU C 292 -35.59 13.29 -19.79
CA GLU C 292 -36.49 12.60 -20.71
C GLU C 292 -37.51 11.77 -19.95
N ALA C 293 -37.06 11.08 -18.89
CA ALA C 293 -38.00 10.31 -18.07
C ALA C 293 -39.00 11.22 -17.38
N GLU C 294 -38.54 12.37 -16.87
CA GLU C 294 -39.46 13.27 -16.19
C GLU C 294 -40.47 13.88 -17.16
N LYS C 295 -40.06 14.11 -18.41
CA LYS C 295 -40.98 14.67 -19.40
C LYS C 295 -42.06 13.69 -19.79
N ASN C 296 -41.70 12.40 -19.89
CA ASN C 296 -42.62 11.35 -20.31
C ASN C 296 -43.20 10.57 -19.14
N ALA C 297 -43.46 11.23 -18.02
CA ALA C 297 -43.97 10.55 -16.85
C ALA C 297 -45.37 9.99 -17.11
N PRO C 298 -45.72 8.84 -16.50
CA PRO C 298 -44.85 8.02 -15.64
C PRO C 298 -43.78 7.28 -16.42
N ALA C 299 -42.59 7.17 -15.84
CA ALA C 299 -41.45 6.61 -16.54
C ALA C 299 -40.63 5.72 -15.61
N ILE C 300 -39.88 4.81 -16.22
CA ILE C 300 -38.96 3.93 -15.52
C ILE C 300 -37.57 4.16 -16.09
N ILE C 301 -36.59 4.41 -15.22
CA ILE C 301 -35.19 4.48 -15.61
C ILE C 301 -34.51 3.22 -15.10
N PHE C 302 -33.92 2.45 -16.01
CA PHE C 302 -33.14 1.27 -15.63
C PHE C 302 -31.68 1.54 -15.93
N ILE C 303 -30.85 1.44 -14.90
CA ILE C 303 -29.41 1.61 -15.02
C ILE C 303 -28.77 0.25 -14.85
N ASP C 304 -28.56 -0.44 -15.96
CA ASP C 304 -27.91 -1.74 -15.94
C ASP C 304 -26.42 -1.57 -15.65
N GLU C 305 -25.88 -2.50 -14.85
CA GLU C 305 -24.48 -2.46 -14.42
C GLU C 305 -24.16 -1.14 -13.71
N LEU C 306 -24.84 -0.94 -12.59
CA LEU C 306 -24.68 0.29 -11.82
C LEU C 306 -23.26 0.43 -11.27
N ASP C 307 -22.60 -0.68 -10.95
CA ASP C 307 -21.25 -0.62 -10.39
C ASP C 307 -20.26 -0.06 -11.40
N ALA C 308 -20.58 -0.11 -12.69
CA ALA C 308 -19.68 0.44 -13.70
C ALA C 308 -19.59 1.96 -13.58
N ILE C 309 -20.71 2.62 -13.24
CA ILE C 309 -20.73 4.07 -13.16
C ILE C 309 -20.59 4.60 -11.74
N ALA C 310 -20.92 3.81 -10.72
CA ALA C 310 -20.97 4.29 -9.34
C ALA C 310 -20.24 3.33 -8.41
N PRO C 311 -18.92 3.29 -8.46
CA PRO C 311 -18.15 2.61 -7.41
C PRO C 311 -18.02 3.48 -6.17
N LYS C 312 -17.38 2.93 -5.15
CA LYS C 312 -17.17 3.70 -3.93
C LYS C 312 -16.28 4.90 -4.20
N ARG C 313 -16.75 6.08 -3.80
CA ARG C 313 -16.09 7.33 -4.19
C ARG C 313 -14.69 7.42 -3.60
N GLU C 314 -14.51 7.05 -2.34
CA GLU C 314 -13.18 7.10 -1.73
C GLU C 314 -12.23 6.12 -2.41
N LYS C 315 -12.73 4.93 -2.75
CA LYS C 315 -11.92 3.92 -3.42
C LYS C 315 -11.82 4.16 -4.93
N THR C 316 -12.23 5.34 -5.39
CA THR C 316 -12.07 5.73 -6.79
C THR C 316 -11.02 6.82 -6.89
N HIS C 317 -10.25 6.78 -7.97
CA HIS C 317 -9.15 7.72 -8.17
C HIS C 317 -9.42 8.75 -9.25
N GLY C 318 -10.31 8.47 -10.20
CA GLY C 318 -10.62 9.44 -11.23
C GLY C 318 -11.41 10.63 -10.70
N GLU C 319 -11.07 11.81 -11.20
CA GLU C 319 -11.82 13.01 -10.87
C GLU C 319 -13.19 12.94 -11.55
N VAL C 320 -13.19 12.57 -12.83
CA VAL C 320 -14.43 12.51 -13.62
C VAL C 320 -15.35 11.43 -13.08
N GLU C 321 -14.79 10.31 -12.62
CA GLU C 321 -15.62 9.25 -12.06
C GLU C 321 -16.35 9.70 -10.80
N ARG C 322 -15.65 10.38 -9.91
CA ARG C 322 -16.30 10.91 -8.71
C ARG C 322 -17.35 11.95 -9.09
N ARG C 323 -17.07 12.78 -10.09
CA ARG C 323 -18.06 13.74 -10.54
C ARG C 323 -19.30 13.05 -11.10
N ILE C 324 -19.12 11.94 -11.81
CA ILE C 324 -20.27 11.19 -12.33
C ILE C 324 -21.09 10.60 -11.20
N VAL C 325 -20.43 10.05 -10.18
CA VAL C 325 -21.16 9.51 -9.03
C VAL C 325 -21.94 10.60 -8.32
N SER C 326 -21.32 11.77 -8.13
CA SER C 326 -22.01 12.89 -7.50
C SER C 326 -23.19 13.35 -8.34
N GLN C 327 -23.03 13.38 -9.66
CA GLN C 327 -24.14 13.76 -10.54
C GLN C 327 -25.29 12.77 -10.43
N LEU C 328 -24.98 11.48 -10.36
CA LEU C 328 -26.04 10.48 -10.18
C LEU C 328 -26.76 10.67 -8.85
N LEU C 329 -26.01 10.94 -7.78
CA LEU C 329 -26.64 11.20 -6.49
C LEU C 329 -27.55 12.41 -6.56
N THR C 330 -27.10 13.48 -7.21
CA THR C 330 -27.91 14.69 -7.34
C THR C 330 -29.18 14.42 -8.14
N LEU C 331 -29.06 13.66 -9.23
CA LEU C 331 -30.24 13.35 -10.04
C LEU C 331 -31.23 12.49 -9.26
N MET C 332 -30.73 11.52 -8.48
CA MET C 332 -31.62 10.73 -7.65
C MET C 332 -32.33 11.58 -6.61
N ASP C 333 -31.62 12.54 -6.01
CA ASP C 333 -32.26 13.43 -5.05
C ASP C 333 -33.21 14.43 -5.70
N GLY C 334 -33.04 14.69 -7.00
CA GLY C 334 -33.84 15.69 -7.67
C GLY C 334 -35.30 15.31 -7.86
N LEU C 335 -35.62 14.02 -7.80
CA LEU C 335 -37.00 13.59 -7.93
C LEU C 335 -37.81 14.04 -6.73
N LYS C 336 -39.02 14.52 -6.99
CA LYS C 336 -39.91 15.04 -5.95
C LYS C 336 -41.08 14.12 -5.63
N GLN C 337 -41.02 12.85 -6.07
CA GLN C 337 -42.01 11.82 -5.76
C GLN C 337 -43.36 12.09 -6.39
N ARG C 338 -43.51 13.24 -7.04
CA ARG C 338 -44.65 13.51 -7.91
C ARG C 338 -44.23 13.45 -9.38
N ALA C 339 -42.93 13.37 -9.66
CA ALA C 339 -42.48 13.23 -11.03
C ALA C 339 -42.87 11.88 -11.60
N HIS C 340 -43.31 10.95 -10.76
CA HIS C 340 -43.75 9.62 -11.18
C HIS C 340 -42.66 8.91 -11.99
N VAL C 341 -41.42 9.08 -11.55
CA VAL C 341 -40.27 8.44 -12.17
C VAL C 341 -39.66 7.49 -11.15
N ILE C 342 -39.54 6.22 -11.52
CA ILE C 342 -38.94 5.20 -10.67
C ILE C 342 -37.64 4.77 -11.32
N VAL C 343 -36.54 4.82 -10.57
CA VAL C 343 -35.23 4.45 -11.06
C VAL C 343 -34.92 3.03 -10.60
N MET C 344 -34.64 2.16 -11.56
CA MET C 344 -34.25 0.79 -11.29
C MET C 344 -32.78 0.60 -11.67
N ALA C 345 -32.08 -0.23 -10.92
CA ALA C 345 -30.68 -0.50 -11.21
C ALA C 345 -30.40 -1.98 -10.98
N ALA C 346 -29.45 -2.51 -11.75
CA ALA C 346 -29.02 -3.89 -11.62
C ALA C 346 -27.52 -3.92 -11.42
N THR C 347 -27.06 -4.72 -10.47
CA THR C 347 -25.63 -4.91 -10.26
C THR C 347 -25.40 -6.31 -9.71
N ASN C 348 -24.28 -6.90 -10.10
CA ASN C 348 -23.84 -8.16 -9.54
C ASN C 348 -22.78 -7.98 -8.46
N ARG C 349 -22.46 -6.75 -8.11
CA ARG C 349 -21.57 -6.41 -7.01
C ARG C 349 -22.23 -5.35 -6.15
N PRO C 350 -23.23 -5.73 -5.35
CA PRO C 350 -23.95 -4.72 -4.54
C PRO C 350 -23.05 -4.03 -3.53
N ASN C 351 -22.04 -4.72 -2.99
CA ASN C 351 -21.11 -4.08 -2.07
C ASN C 351 -20.23 -3.05 -2.76
N SER C 352 -19.99 -3.24 -4.07
CA SER C 352 -19.15 -2.29 -4.81
C SER C 352 -19.85 -0.96 -5.04
N ILE C 353 -21.15 -0.88 -4.83
CA ILE C 353 -21.88 0.37 -5.01
C ILE C 353 -21.49 1.35 -3.91
N ASP C 354 -21.41 2.63 -4.28
CA ASP C 354 -21.18 3.66 -3.28
C ASP C 354 -22.31 3.64 -2.26
N PRO C 355 -22.00 3.58 -0.96
CA PRO C 355 -23.07 3.48 0.05
C PRO C 355 -24.04 4.64 0.03
N ALA C 356 -23.62 5.82 -0.40
CA ALA C 356 -24.52 6.97 -0.44
C ALA C 356 -25.72 6.72 -1.33
N LEU C 357 -25.57 5.91 -2.38
CA LEU C 357 -26.69 5.60 -3.26
C LEU C 357 -27.69 4.65 -2.63
N ARG C 358 -27.36 4.03 -1.49
CA ARG C 358 -28.27 3.11 -0.82
C ARG C 358 -28.98 3.74 0.37
N ARG C 359 -29.01 5.08 0.42
CA ARG C 359 -29.64 5.80 1.52
C ARG C 359 -31.13 6.02 1.23
N PHE C 360 -31.77 6.78 2.11
CA PHE C 360 -33.17 7.13 1.93
C PHE C 360 -33.33 8.10 0.77
N GLY C 361 -34.44 7.97 0.04
CA GLY C 361 -34.66 8.76 -1.14
C GLY C 361 -33.84 8.34 -2.34
N ARG C 362 -33.20 7.18 -2.27
CA ARG C 362 -32.29 6.67 -3.29
C ARG C 362 -32.58 5.19 -3.40
N PHE C 363 -31.61 4.42 -3.90
CA PHE C 363 -31.86 2.99 -4.08
C PHE C 363 -32.00 2.32 -2.71
N ASP C 364 -33.15 2.52 -2.08
CA ASP C 364 -33.41 2.02 -0.74
C ASP C 364 -34.07 0.64 -0.74
N ARG C 365 -34.72 0.26 -1.83
CA ARG C 365 -35.28 -1.08 -1.95
C ARG C 365 -34.33 -1.95 -2.75
N GLU C 366 -34.17 -3.20 -2.32
CA GLU C 366 -33.26 -4.13 -2.98
C GLU C 366 -33.97 -5.45 -3.21
N VAL C 367 -33.85 -5.98 -4.42
CA VAL C 367 -34.43 -7.26 -4.80
C VAL C 367 -33.31 -8.22 -5.15
N ASP C 368 -33.30 -9.38 -4.50
CA ASP C 368 -32.25 -10.37 -4.69
C ASP C 368 -32.68 -11.37 -5.74
N ILE C 369 -32.06 -11.29 -6.91
CA ILE C 369 -32.24 -12.30 -7.96
C ILE C 369 -31.19 -13.37 -7.68
N GLY C 370 -31.53 -14.31 -6.80
CA GLY C 370 -30.58 -15.30 -6.34
C GLY C 370 -30.45 -16.48 -7.26
N ILE C 371 -29.68 -17.47 -6.79
CA ILE C 371 -29.49 -18.71 -7.55
C ILE C 371 -30.78 -19.52 -7.54
N PRO C 372 -31.29 -19.96 -8.69
CA PRO C 372 -32.52 -20.76 -8.68
C PRO C 372 -32.32 -22.11 -8.04
N ASP C 373 -33.40 -22.64 -7.47
CA ASP C 373 -33.43 -23.99 -6.95
C ASP C 373 -33.78 -24.97 -8.06
N ALA C 374 -34.06 -26.22 -7.69
CA ALA C 374 -34.35 -27.25 -8.69
C ALA C 374 -35.61 -26.91 -9.48
N THR C 375 -36.66 -26.47 -8.79
CA THR C 375 -37.89 -26.07 -9.49
C THR C 375 -37.65 -24.86 -10.39
N GLY C 376 -36.91 -23.87 -9.88
CA GLY C 376 -36.62 -22.70 -10.67
C GLY C 376 -35.81 -23.01 -11.91
N ARG C 377 -34.79 -23.87 -11.78
CA ARG C 377 -33.98 -24.21 -12.94
C ARG C 377 -34.72 -25.15 -13.88
N LEU C 378 -35.67 -25.94 -13.38
CA LEU C 378 -36.56 -26.67 -14.27
C LEU C 378 -37.41 -25.71 -15.09
N GLU C 379 -37.93 -24.66 -14.45
CA GLU C 379 -38.68 -23.64 -15.18
C GLU C 379 -37.80 -22.97 -16.24
N ILE C 380 -36.55 -22.65 -15.88
CA ILE C 380 -35.64 -22.02 -16.84
C ILE C 380 -35.37 -22.96 -18.01
N LEU C 381 -35.15 -24.23 -17.74
CA LEU C 381 -34.91 -25.19 -18.82
C LEU C 381 -36.12 -25.32 -19.74
N GLN C 382 -37.32 -25.33 -19.16
CA GLN C 382 -38.52 -25.39 -19.98
C GLN C 382 -38.67 -24.15 -20.83
N ILE C 383 -38.34 -22.98 -20.28
CA ILE C 383 -38.43 -21.74 -21.05
C ILE C 383 -37.42 -21.74 -22.20
N HIS C 384 -36.20 -22.17 -21.92
CA HIS C 384 -35.14 -22.04 -22.91
C HIS C 384 -35.27 -23.07 -24.02
N THR C 385 -35.85 -24.23 -23.73
CA THR C 385 -36.01 -25.28 -24.71
C THR C 385 -37.39 -25.29 -25.36
N LYS C 386 -38.18 -24.24 -25.16
CA LYS C 386 -39.55 -24.22 -25.70
C LYS C 386 -39.54 -24.18 -27.22
N ASN C 387 -38.55 -23.52 -27.82
CA ASN C 387 -38.41 -23.44 -29.27
C ASN C 387 -37.29 -24.33 -29.78
N MET C 388 -36.85 -25.29 -28.98
CA MET C 388 -35.75 -26.18 -29.30
C MET C 388 -36.29 -27.54 -29.71
N LYS C 389 -35.71 -28.11 -30.75
CA LYS C 389 -36.11 -29.43 -31.21
C LYS C 389 -35.56 -30.50 -30.27
N LEU C 390 -36.47 -31.14 -29.53
CA LEU C 390 -36.09 -32.14 -28.54
C LEU C 390 -36.70 -33.48 -28.89
N ALA C 391 -36.16 -34.53 -28.29
CA ALA C 391 -36.67 -35.88 -28.43
C ALA C 391 -37.45 -36.28 -27.18
N ASP C 392 -38.11 -37.44 -27.27
CA ASP C 392 -38.95 -37.90 -26.17
C ASP C 392 -38.15 -38.39 -24.98
N ASP C 393 -36.89 -38.81 -25.17
CA ASP C 393 -36.09 -39.29 -24.06
C ASP C 393 -35.58 -38.15 -23.18
N VAL C 394 -35.74 -36.90 -23.61
CA VAL C 394 -35.23 -35.76 -22.86
C VAL C 394 -36.13 -35.55 -21.64
N ASP C 395 -35.55 -35.69 -20.45
CA ASP C 395 -36.27 -35.47 -19.20
C ASP C 395 -35.72 -34.19 -18.57
N LEU C 396 -36.47 -33.09 -18.69
CA LEU C 396 -36.03 -31.82 -18.11
C LEU C 396 -36.03 -31.91 -16.59
N GLU C 397 -36.81 -32.83 -16.03
CA GLU C 397 -36.70 -33.17 -14.62
C GLU C 397 -35.27 -33.56 -14.28
N GLN C 398 -34.70 -34.48 -15.05
CA GLN C 398 -33.43 -35.09 -14.66
C GLN C 398 -32.29 -34.11 -14.83
N VAL C 399 -32.35 -33.30 -15.89
CA VAL C 399 -31.37 -32.24 -16.06
C VAL C 399 -31.46 -31.24 -14.92
N ALA C 400 -32.68 -30.87 -14.54
CA ALA C 400 -32.84 -29.88 -13.48
C ALA C 400 -32.29 -30.38 -12.15
N ASN C 401 -32.51 -31.66 -11.83
CA ASN C 401 -31.98 -32.19 -10.57
C ASN C 401 -30.46 -32.29 -10.58
N GLU C 402 -29.84 -32.33 -11.76
CA GLU C 402 -28.41 -32.58 -11.90
C GLU C 402 -27.61 -31.30 -12.10
N THR C 403 -28.25 -30.13 -12.10
CA THR C 403 -27.58 -28.87 -12.39
C THR C 403 -27.48 -27.97 -11.16
N HIS C 404 -27.13 -28.56 -10.01
CA HIS C 404 -26.84 -27.75 -8.82
C HIS C 404 -25.68 -26.81 -9.11
N GLY C 405 -25.83 -25.55 -8.68
CA GLY C 405 -24.84 -24.53 -8.92
C GLY C 405 -25.01 -23.79 -10.23
N HIS C 406 -25.97 -24.18 -11.05
CA HIS C 406 -26.20 -23.52 -12.33
C HIS C 406 -27.13 -22.32 -12.15
N VAL C 407 -26.84 -21.25 -12.87
CA VAL C 407 -27.74 -20.12 -13.00
C VAL C 407 -28.36 -20.18 -14.39
N GLY C 408 -29.30 -19.28 -14.69
CA GLY C 408 -29.98 -19.33 -15.97
C GLY C 408 -29.04 -19.27 -17.15
N ALA C 409 -27.99 -18.45 -17.06
CA ALA C 409 -27.00 -18.39 -18.13
C ALA C 409 -26.28 -19.73 -18.29
N ASP C 410 -25.96 -20.39 -17.18
CA ASP C 410 -25.34 -21.71 -17.26
C ASP C 410 -26.26 -22.71 -17.94
N LEU C 411 -27.56 -22.65 -17.64
CA LEU C 411 -28.51 -23.56 -18.28
C LEU C 411 -28.65 -23.27 -19.76
N ALA C 412 -28.62 -21.99 -20.15
CA ALA C 412 -28.62 -21.64 -21.57
C ALA C 412 -27.39 -22.19 -22.27
N ALA C 413 -26.22 -22.05 -21.65
CA ALA C 413 -25.00 -22.62 -22.21
C ALA C 413 -25.08 -24.14 -22.30
N LEU C 414 -25.71 -24.77 -21.31
CA LEU C 414 -25.89 -26.22 -21.32
C LEU C 414 -26.75 -26.65 -22.49
N CYS C 415 -27.85 -25.94 -22.74
CA CYS C 415 -28.70 -26.27 -23.88
C CYS C 415 -27.97 -26.05 -25.20
N SER C 416 -27.20 -24.97 -25.31
CA SER C 416 -26.42 -24.73 -26.53
C SER C 416 -25.42 -25.85 -26.76
N GLU C 417 -24.74 -26.30 -25.71
CA GLU C 417 -23.76 -27.38 -25.86
C GLU C 417 -24.44 -28.70 -26.22
N ALA C 418 -25.63 -28.95 -25.66
CA ALA C 418 -26.37 -30.16 -26.06
C ALA C 418 -26.74 -30.11 -27.53
N ALA C 419 -27.18 -28.95 -28.02
CA ALA C 419 -27.47 -28.81 -29.45
C ALA C 419 -26.21 -29.00 -30.29
N LEU C 420 -25.08 -28.47 -29.83
CA LEU C 420 -23.83 -28.65 -30.55
C LEU C 420 -23.42 -30.12 -30.63
N GLN C 421 -23.63 -30.87 -29.54
CA GLN C 421 -23.35 -32.30 -29.59
C GLN C 421 -24.31 -33.01 -30.54
N ALA C 422 -25.56 -32.57 -30.59
CA ALA C 422 -26.50 -33.14 -31.55
C ALA C 422 -26.02 -32.92 -32.98
N ILE C 423 -25.47 -31.73 -33.26
CA ILE C 423 -24.92 -31.45 -34.58
C ILE C 423 -23.67 -32.29 -34.83
N ARG C 424 -22.85 -32.49 -33.80
CA ARG C 424 -21.67 -33.34 -33.93
C ARG C 424 -22.08 -34.76 -34.34
N LYS C 425 -23.21 -35.23 -33.81
CA LYS C 425 -23.71 -36.56 -34.17
C LYS C 425 -24.12 -36.66 -35.64
N LYS C 426 -24.35 -35.53 -36.32
CA LYS C 426 -24.70 -35.52 -37.74
C LYS C 426 -23.57 -34.92 -38.59
N MET C 427 -22.42 -34.63 -37.98
CA MET C 427 -21.25 -34.09 -38.67
C MET C 427 -20.94 -34.80 -39.99
N ASP C 428 -21.17 -36.10 -40.10
CA ASP C 428 -20.72 -36.83 -41.28
C ASP C 428 -21.50 -36.40 -42.52
N LEU C 429 -22.76 -36.03 -42.35
CA LEU C 429 -23.59 -35.60 -43.46
C LEU C 429 -23.50 -34.09 -43.71
N ILE C 430 -22.68 -33.37 -42.94
CA ILE C 430 -22.57 -31.92 -43.04
C ILE C 430 -21.12 -31.57 -43.32
N ASP C 431 -20.89 -30.80 -44.38
CA ASP C 431 -19.55 -30.36 -44.73
C ASP C 431 -19.47 -28.86 -44.68
N LEU C 432 -18.32 -28.35 -44.22
CA LEU C 432 -18.12 -26.91 -44.13
C LEU C 432 -18.10 -26.28 -45.52
N GLU C 433 -17.44 -26.94 -46.48
CA GLU C 433 -17.30 -26.39 -47.82
C GLU C 433 -18.64 -26.42 -48.56
N ASP C 434 -19.59 -27.23 -48.12
CA ASP C 434 -20.90 -27.28 -48.73
C ASP C 434 -21.60 -25.93 -48.63
N GLU C 435 -22.19 -25.49 -49.74
CA GLU C 435 -22.91 -24.23 -49.76
C GLU C 435 -24.27 -24.33 -49.10
N THR C 436 -24.83 -25.53 -48.97
CA THR C 436 -26.13 -25.72 -48.34
C THR C 436 -26.16 -27.08 -47.67
N ILE C 437 -27.09 -27.23 -46.73
CA ILE C 437 -27.22 -28.45 -45.93
C ILE C 437 -28.52 -29.14 -46.33
N ASP C 438 -28.45 -30.45 -46.55
CA ASP C 438 -29.61 -31.21 -47.00
C ASP C 438 -30.75 -31.13 -45.99
N ALA C 439 -31.97 -31.07 -46.49
CA ALA C 439 -33.15 -30.93 -45.63
C ALA C 439 -33.41 -32.19 -44.81
N GLU C 440 -32.99 -33.35 -45.30
CA GLU C 440 -33.14 -34.58 -44.50
C GLU C 440 -32.33 -34.46 -43.20
N VAL C 441 -31.12 -33.92 -43.28
CA VAL C 441 -30.36 -33.66 -42.08
C VAL C 441 -31.08 -32.63 -41.21
N MET C 442 -31.65 -31.60 -41.84
CA MET C 442 -32.33 -30.55 -41.09
C MET C 442 -33.47 -31.10 -40.25
N ASN C 443 -34.38 -31.87 -40.85
CA ASN C 443 -35.51 -32.38 -40.07
C ASN C 443 -35.09 -33.58 -39.21
N SER C 444 -33.94 -34.18 -39.51
CA SER C 444 -33.43 -35.23 -38.63
C SER C 444 -32.85 -34.67 -37.34
N LEU C 445 -32.33 -33.44 -37.39
CA LEU C 445 -31.71 -32.83 -36.21
C LEU C 445 -32.66 -32.73 -35.03
N ALA C 446 -32.31 -33.41 -33.94
CA ALA C 446 -33.04 -33.31 -32.69
C ALA C 446 -32.06 -33.47 -31.55
N VAL C 447 -32.39 -32.87 -30.41
CA VAL C 447 -31.55 -32.95 -29.21
C VAL C 447 -32.10 -34.07 -28.35
N THR C 448 -31.29 -35.10 -28.14
CA THR C 448 -31.68 -36.26 -27.36
C THR C 448 -31.17 -36.13 -25.93
N MET C 449 -31.56 -37.10 -25.10
CA MET C 449 -31.11 -37.09 -23.70
C MET C 449 -29.61 -37.32 -23.60
N ASP C 450 -29.04 -38.10 -24.53
CA ASP C 450 -27.59 -38.34 -24.49
C ASP C 450 -26.81 -37.05 -24.71
N ASP C 451 -27.31 -36.19 -25.59
CA ASP C 451 -26.67 -34.88 -25.79
C ASP C 451 -26.70 -34.05 -24.52
N PHE C 452 -27.82 -34.09 -23.80
CA PHE C 452 -27.93 -33.36 -22.54
C PHE C 452 -26.99 -33.95 -21.49
N ARG C 453 -26.85 -35.29 -21.47
CA ARG C 453 -25.92 -35.92 -20.54
C ARG C 453 -24.48 -35.50 -20.83
N TRP C 454 -24.11 -35.46 -22.11
CA TRP C 454 -22.77 -35.02 -22.46
C TRP C 454 -22.55 -33.56 -22.09
N ALA C 455 -23.53 -32.69 -22.36
CA ALA C 455 -23.42 -31.29 -21.98
C ALA C 455 -23.29 -31.15 -20.47
N LEU C 456 -24.02 -31.96 -19.71
CA LEU C 456 -23.91 -31.97 -18.27
C LEU C 456 -22.50 -32.37 -17.84
N SER C 457 -21.93 -33.39 -18.49
CA SER C 457 -20.58 -33.82 -18.16
C SER C 457 -19.56 -32.72 -18.44
N GLN C 458 -19.78 -31.93 -19.50
CA GLN C 458 -18.85 -30.88 -19.86
C GLN C 458 -19.14 -29.53 -19.22
N SER C 459 -20.24 -29.39 -18.49
CA SER C 459 -20.64 -28.10 -17.97
C SER C 459 -19.94 -27.79 -16.66
N ASN C 460 -19.51 -26.55 -16.50
CA ASN C 460 -18.88 -26.08 -15.27
C ASN C 460 -19.69 -24.93 -14.69
N PRO C 461 -20.43 -25.15 -13.60
CA PRO C 461 -21.30 -24.09 -13.07
C PRO C 461 -20.50 -22.90 -12.54
N SER C 462 -21.12 -21.74 -12.60
CA SER C 462 -20.50 -20.50 -12.13
C SER C 462 -20.89 -20.12 -10.71
N ALA C 463 -21.83 -20.83 -10.09
CA ALA C 463 -22.32 -20.49 -8.76
C ALA C 463 -22.17 -21.64 -7.77
N LEU C 464 -21.17 -22.50 -7.97
CA LEU C 464 -20.99 -23.63 -7.07
C LEU C 464 -20.45 -23.20 -5.72
N ARG C 465 -19.69 -22.11 -5.67
CA ARG C 465 -19.09 -21.63 -4.44
C ARG C 465 -19.99 -20.68 -3.67
N GLU C 466 -21.17 -20.36 -4.19
CA GLU C 466 -22.12 -19.51 -3.48
C GLU C 466 -22.81 -20.30 -2.38
N THR C 467 -23.13 -19.60 -1.29
CA THR C 467 -23.85 -20.25 -0.19
C THR C 467 -25.23 -20.67 -0.65
N VAL C 468 -25.59 -21.92 -0.35
CA VAL C 468 -26.88 -22.47 -0.75
C VAL C 468 -27.92 -22.07 0.30
N VAL C 469 -28.97 -21.38 -0.14
CA VAL C 469 -30.06 -20.95 0.72
C VAL C 469 -31.35 -21.45 0.10
N GLU C 470 -31.92 -22.50 0.69
CA GLU C 470 -33.09 -23.15 0.10
C GLU C 470 -33.77 -23.99 1.17
N VAL C 471 -34.97 -24.46 0.84
CA VAL C 471 -35.69 -25.38 1.72
C VAL C 471 -35.15 -26.79 1.50
N PRO C 472 -34.72 -27.48 2.55
CA PRO C 472 -34.15 -28.83 2.36
C PRO C 472 -35.18 -29.83 1.87
N GLN C 473 -34.69 -30.84 1.16
CA GLN C 473 -35.53 -31.94 0.70
C GLN C 473 -35.75 -32.98 1.79
N VAL C 474 -34.96 -32.95 2.87
CA VAL C 474 -35.07 -33.96 3.91
C VAL C 474 -36.36 -33.77 4.69
N THR C 475 -37.13 -34.84 4.83
CA THR C 475 -38.36 -34.85 5.60
C THR C 475 -38.23 -35.80 6.78
N TRP C 476 -39.34 -35.96 7.51
CA TRP C 476 -39.31 -36.83 8.69
C TRP C 476 -39.25 -38.31 8.33
N GLU C 477 -39.74 -38.69 7.14
CA GLU C 477 -39.59 -40.08 6.71
C GLU C 477 -38.13 -40.42 6.43
N ASP C 478 -37.33 -39.43 6.06
CA ASP C 478 -35.90 -39.59 5.88
C ASP C 478 -35.15 -39.85 7.18
N ILE C 479 -35.80 -39.64 8.33
CA ILE C 479 -35.20 -39.88 9.63
C ILE C 479 -35.93 -41.03 10.30
N GLY C 480 -35.16 -41.99 10.82
CA GLY C 480 -35.72 -43.11 11.54
C GLY C 480 -35.56 -42.91 13.04
N GLY C 481 -36.64 -43.19 13.77
CA GLY C 481 -36.63 -43.01 15.21
C GLY C 481 -36.66 -41.55 15.62
N LEU C 482 -36.12 -41.28 16.81
CA LEU C 482 -36.00 -39.92 17.34
C LEU C 482 -37.35 -39.23 17.48
N GLU C 483 -38.39 -39.98 17.84
CA GLU C 483 -39.73 -39.43 17.87
C GLU C 483 -39.88 -38.34 18.93
N ASP C 484 -39.33 -38.57 20.13
CA ASP C 484 -39.36 -37.53 21.16
C ASP C 484 -38.57 -36.31 20.75
N VAL C 485 -37.43 -36.52 20.08
CA VAL C 485 -36.63 -35.41 19.58
C VAL C 485 -37.40 -34.65 18.52
N LYS C 486 -38.11 -35.38 17.64
CA LYS C 486 -38.93 -34.72 16.63
C LYS C 486 -40.02 -33.87 17.26
N ARG C 487 -40.70 -34.41 18.28
CA ARG C 487 -41.75 -33.66 18.95
C ARG C 487 -41.19 -32.43 19.66
N GLU C 488 -40.03 -32.58 20.30
CA GLU C 488 -39.42 -31.45 21.01
C GLU C 488 -39.00 -30.35 20.04
N LEU C 489 -38.41 -30.73 18.90
CA LEU C 489 -38.07 -29.75 17.89
C LEU C 489 -39.31 -29.06 17.33
N GLN C 490 -40.36 -29.84 17.06
CA GLN C 490 -41.59 -29.24 16.55
C GLN C 490 -42.17 -28.24 17.54
N GLU C 491 -42.21 -28.59 18.82
CA GLU C 491 -42.67 -27.63 19.82
C GLU C 491 -41.81 -26.37 19.80
N LEU C 492 -40.49 -26.54 19.96
CA LEU C 492 -39.59 -25.40 20.10
C LEU C 492 -39.68 -24.45 18.90
N VAL C 493 -39.82 -24.99 17.71
CA VAL C 493 -39.76 -24.15 16.51
C VAL C 493 -41.13 -23.65 16.08
N GLN C 494 -42.19 -24.43 16.29
CA GLN C 494 -43.49 -24.10 15.69
C GLN C 494 -44.49 -23.54 16.68
N TYR C 495 -44.44 -23.93 17.95
CA TYR C 495 -45.41 -23.40 18.90
C TYR C 495 -45.37 -21.88 19.01
N PRO C 496 -44.20 -21.21 19.06
CA PRO C 496 -44.23 -19.75 18.99
C PRO C 496 -44.82 -19.23 17.69
N VAL C 497 -44.59 -19.91 16.57
CA VAL C 497 -45.12 -19.46 15.29
C VAL C 497 -46.63 -19.66 15.22
N GLU C 498 -47.11 -20.82 15.66
CA GLU C 498 -48.52 -21.14 15.47
C GLU C 498 -49.39 -20.56 16.59
N HIS C 499 -48.86 -20.51 17.82
CA HIS C 499 -49.61 -20.03 18.98
C HIS C 499 -48.80 -18.98 19.72
N PRO C 500 -48.59 -17.81 19.12
CA PRO C 500 -47.86 -16.75 19.84
C PRO C 500 -48.62 -16.18 21.02
N ASP C 501 -49.95 -16.16 20.94
CA ASP C 501 -50.75 -15.59 22.02
C ASP C 501 -50.61 -16.40 23.31
N LYS C 502 -50.39 -17.71 23.20
CA LYS C 502 -50.16 -18.52 24.39
C LYS C 502 -48.86 -18.12 25.08
N PHE C 503 -47.81 -17.85 24.30
CA PHE C 503 -46.55 -17.41 24.90
C PHE C 503 -46.69 -16.01 25.49
N LEU C 504 -47.43 -15.13 24.83
CA LEU C 504 -47.65 -13.79 25.38
C LEU C 504 -48.44 -13.85 26.68
N LYS C 505 -49.44 -14.73 26.76
CA LYS C 505 -50.30 -14.78 27.93
C LYS C 505 -49.50 -15.17 29.19
N PHE C 506 -48.61 -16.15 29.07
CA PHE C 506 -47.80 -16.58 30.20
C PHE C 506 -46.54 -15.73 30.37
N GLY C 507 -46.29 -14.79 29.46
CA GLY C 507 -45.18 -13.88 29.61
C GLY C 507 -43.81 -14.48 29.39
N MET C 508 -43.72 -15.58 28.66
CA MET C 508 -42.44 -16.24 28.40
C MET C 508 -41.98 -15.96 26.97
N THR C 509 -40.77 -15.43 26.83
CA THR C 509 -40.15 -15.27 25.53
C THR C 509 -39.57 -16.61 25.09
N PRO C 510 -39.93 -17.12 23.91
CA PRO C 510 -39.46 -18.46 23.53
C PRO C 510 -37.97 -18.48 23.26
N SER C 511 -37.36 -19.64 23.53
CA SER C 511 -35.97 -19.84 23.19
C SER C 511 -35.82 -19.96 21.68
N LYS C 512 -34.84 -19.24 21.13
CA LYS C 512 -34.63 -19.17 19.69
C LYS C 512 -33.30 -19.83 19.30
N GLY C 513 -32.76 -20.65 20.20
CA GLY C 513 -31.51 -21.34 19.95
C GLY C 513 -31.40 -22.70 20.60
N VAL C 514 -31.06 -23.70 19.81
CA VAL C 514 -30.95 -25.08 20.29
C VAL C 514 -29.60 -25.65 19.84
N LEU C 515 -29.02 -26.48 20.69
CA LEU C 515 -27.77 -27.18 20.41
C LEU C 515 -28.04 -28.67 20.43
N PHE C 516 -27.79 -29.34 19.31
CA PHE C 516 -27.81 -30.79 19.22
C PHE C 516 -26.45 -31.32 19.64
N TYR C 517 -26.44 -32.28 20.56
CA TYR C 517 -25.19 -32.93 20.93
C TYR C 517 -25.42 -34.43 21.03
N GLY C 518 -24.36 -35.18 20.73
CA GLY C 518 -24.42 -36.62 20.75
C GLY C 518 -23.32 -37.26 19.92
N PRO C 519 -23.33 -38.59 19.84
CA PRO C 519 -22.31 -39.28 19.07
C PRO C 519 -22.46 -38.97 17.58
N PRO C 520 -21.37 -39.08 16.82
CA PRO C 520 -21.44 -38.74 15.40
C PRO C 520 -22.32 -39.69 14.62
N GLY C 521 -22.89 -39.19 13.52
CA GLY C 521 -23.71 -40.00 12.64
C GLY C 521 -25.01 -40.49 13.24
N CYS C 522 -25.69 -39.65 14.02
CA CYS C 522 -26.95 -40.04 14.63
C CYS C 522 -28.13 -39.20 14.14
N GLY C 523 -27.90 -38.25 13.24
CA GLY C 523 -28.99 -37.54 12.58
C GLY C 523 -29.19 -36.09 12.97
N LYS C 524 -28.18 -35.44 13.57
CA LYS C 524 -28.34 -34.03 13.93
C LYS C 524 -28.54 -33.15 12.69
N THR C 525 -27.72 -33.37 11.66
CA THR C 525 -27.89 -32.63 10.41
C THR C 525 -29.24 -32.95 9.78
N LEU C 526 -29.65 -34.22 9.80
CA LEU C 526 -30.96 -34.59 9.27
C LEU C 526 -32.07 -33.93 10.06
N LEU C 527 -31.94 -33.87 11.38
CA LEU C 527 -32.98 -33.24 12.19
C LEU C 527 -33.09 -31.75 11.89
N ALA C 528 -31.95 -31.06 11.75
CA ALA C 528 -31.99 -29.65 11.40
C ALA C 528 -32.64 -29.44 10.04
N LYS C 529 -32.26 -30.24 9.04
CA LYS C 529 -32.85 -30.12 7.72
C LYS C 529 -34.35 -30.41 7.75
N ALA C 530 -34.77 -31.43 8.51
CA ALA C 530 -36.17 -31.79 8.55
C ALA C 530 -37.01 -30.73 9.25
N ILE C 531 -36.50 -30.14 10.33
CA ILE C 531 -37.26 -29.09 11.00
C ILE C 531 -37.32 -27.83 10.12
N ALA C 532 -36.28 -27.59 9.32
CA ALA C 532 -36.38 -26.51 8.36
C ALA C 532 -37.39 -26.82 7.27
N ASN C 533 -37.48 -28.09 6.86
CA ASN C 533 -38.39 -28.47 5.78
C ASN C 533 -39.85 -28.40 6.24
N GLU C 534 -40.14 -28.83 7.46
CA GLU C 534 -41.52 -28.85 7.92
C GLU C 534 -42.10 -27.44 7.97
N CYS C 535 -41.33 -26.47 8.43
CA CYS C 535 -41.73 -25.08 8.47
C CYS C 535 -41.62 -24.40 7.11
N GLN C 536 -41.07 -25.09 6.11
CA GLN C 536 -40.85 -24.52 4.78
C GLN C 536 -40.00 -23.25 4.87
N ALA C 537 -39.00 -23.28 5.74
CA ALA C 537 -38.08 -22.16 5.92
C ALA C 537 -36.78 -22.45 5.19
N ASN C 538 -36.08 -21.37 4.84
CA ASN C 538 -34.76 -21.51 4.22
C ASN C 538 -33.77 -22.11 5.22
N PHE C 539 -32.79 -22.83 4.68
CA PHE C 539 -31.79 -23.52 5.48
C PHE C 539 -30.41 -23.09 5.05
N ILE C 540 -29.62 -22.59 6.00
CA ILE C 540 -28.22 -22.25 5.78
C ILE C 540 -27.37 -23.13 6.67
N SER C 541 -26.45 -23.87 6.07
CA SER C 541 -25.60 -24.80 6.79
C SER C 541 -24.17 -24.28 6.77
N ILE C 542 -23.62 -24.06 7.96
CA ILE C 542 -22.21 -23.69 8.13
C ILE C 542 -21.49 -24.89 8.73
N LYS C 543 -20.64 -25.52 7.93
CA LYS C 543 -19.96 -26.73 8.36
C LYS C 543 -18.64 -26.41 9.05
N GLY C 544 -18.04 -27.45 9.64
CA GLY C 544 -16.77 -27.32 10.31
C GLY C 544 -15.63 -26.79 9.47
N PRO C 545 -15.46 -27.24 8.22
CA PRO C 545 -14.40 -26.66 7.38
C PRO C 545 -14.53 -25.16 7.15
N GLU C 546 -15.74 -24.61 7.08
CA GLU C 546 -15.87 -23.16 6.90
C GLU C 546 -15.41 -22.40 8.14
N LEU C 547 -15.82 -22.86 9.32
CA LEU C 547 -15.34 -22.27 10.56
C LEU C 547 -13.83 -22.39 10.67
N LEU C 548 -13.28 -23.54 10.28
CA LEU C 548 -11.83 -23.73 10.32
C LEU C 548 -11.13 -22.83 9.33
N THR C 549 -11.75 -22.58 8.18
CA THR C 549 -11.18 -21.65 7.21
C THR C 549 -11.11 -20.25 7.78
N MET C 550 -12.17 -19.82 8.47
CA MET C 550 -12.13 -18.50 9.10
C MET C 550 -11.12 -18.46 10.25
N TRP C 551 -10.94 -19.58 10.95
CA TRP C 551 -9.99 -19.61 12.06
C TRP C 551 -8.55 -19.56 11.57
N PHE C 552 -8.20 -20.40 10.59
CA PHE C 552 -6.82 -20.43 10.09
C PHE C 552 -6.44 -19.12 9.42
N GLY C 553 -7.35 -18.55 8.62
CA GLY C 553 -7.07 -17.30 7.95
C GLY C 553 -7.26 -16.07 8.80
N GLU C 554 -7.69 -16.24 10.06
CA GLU C 554 -7.97 -15.12 10.96
C GLU C 554 -8.89 -14.10 10.32
N SER C 555 -10.00 -14.60 9.77
CA SER C 555 -10.97 -13.81 9.02
C SER C 555 -12.33 -13.81 9.71
N GLU C 556 -12.34 -13.41 10.98
CA GLU C 556 -13.57 -13.44 11.77
C GLU C 556 -14.70 -12.69 11.09
N ALA C 557 -14.38 -11.60 10.39
CA ALA C 557 -15.38 -10.66 9.90
C ALA C 557 -16.35 -11.29 8.91
N ASN C 558 -16.00 -12.43 8.32
CA ASN C 558 -16.93 -13.12 7.42
C ASN C 558 -18.12 -13.73 8.16
N VAL C 559 -17.98 -14.00 9.46
CA VAL C 559 -19.09 -14.57 10.24
C VAL C 559 -20.31 -13.67 10.12
N ARG C 560 -20.12 -12.36 10.27
CA ARG C 560 -21.24 -11.43 10.15
C ARG C 560 -21.95 -11.60 8.81
N GLU C 561 -21.19 -11.78 7.72
CA GLU C 561 -21.81 -12.00 6.42
C GLU C 561 -22.82 -13.13 6.48
N ILE C 562 -22.44 -14.25 7.11
CA ILE C 562 -23.36 -15.38 7.22
C ILE C 562 -24.67 -14.94 7.86
N PHE C 563 -24.58 -14.25 8.98
CA PHE C 563 -25.80 -13.83 9.67
C PHE C 563 -26.60 -12.87 8.82
N ASP C 564 -25.92 -12.01 8.05
CA ASP C 564 -26.64 -11.12 7.15
C ASP C 564 -27.48 -11.92 6.16
N LYS C 565 -26.90 -13.00 5.62
CA LYS C 565 -27.68 -13.87 4.74
C LYS C 565 -28.90 -14.40 5.47
N ALA C 566 -28.73 -14.84 6.71
CA ALA C 566 -29.86 -15.38 7.46
C ALA C 566 -30.95 -14.33 7.65
N ARG C 567 -30.57 -13.05 7.65
CA ARG C 567 -31.58 -12.01 7.78
C ARG C 567 -32.34 -11.83 6.46
N GLN C 568 -31.63 -11.91 5.33
CA GLN C 568 -32.30 -11.69 4.05
C GLN C 568 -33.13 -12.90 3.65
N ALA C 569 -32.82 -14.06 4.21
CA ALA C 569 -33.51 -15.31 3.90
C ALA C 569 -34.59 -15.67 4.90
N ALA C 570 -34.87 -14.81 5.87
CA ALA C 570 -35.86 -15.14 6.89
C ALA C 570 -37.24 -15.27 6.26
N PRO C 571 -38.06 -16.24 6.69
CA PRO C 571 -37.80 -17.23 7.75
C PRO C 571 -36.71 -18.24 7.37
N CYS C 572 -35.71 -18.36 8.23
CA CYS C 572 -34.54 -19.17 7.92
C CYS C 572 -34.09 -19.93 9.17
N VAL C 573 -33.49 -21.09 8.93
CA VAL C 573 -32.84 -21.87 9.99
C VAL C 573 -31.34 -21.79 9.75
N LEU C 574 -30.63 -21.16 10.68
CA LEU C 574 -29.18 -21.06 10.59
C LEU C 574 -28.57 -22.22 11.38
N PHE C 575 -27.90 -23.11 10.67
CA PHE C 575 -27.37 -24.34 11.26
C PHE C 575 -25.85 -24.29 11.27
N PHE C 576 -25.26 -24.47 12.45
CA PHE C 576 -23.82 -24.52 12.63
C PHE C 576 -23.44 -25.96 12.97
N ASP C 577 -23.00 -26.70 11.95
CA ASP C 577 -22.59 -28.09 12.13
C ASP C 577 -21.14 -28.15 12.59
N GLN C 578 -20.87 -29.07 13.52
CA GLN C 578 -19.54 -29.29 14.07
C GLN C 578 -18.97 -28.01 14.68
N LEU C 579 -19.64 -27.55 15.74
CA LEU C 579 -19.17 -26.37 16.45
C LEU C 579 -17.84 -26.62 17.17
N ASP C 580 -17.46 -27.88 17.35
CA ASP C 580 -16.22 -28.23 18.04
C ASP C 580 -15.02 -28.34 17.10
N SER C 581 -15.18 -28.01 15.81
CA SER C 581 -14.09 -28.20 14.86
C SER C 581 -12.87 -27.37 15.26
N ILE C 582 -13.08 -26.09 15.60
CA ILE C 582 -11.97 -25.26 16.06
C ILE C 582 -11.44 -25.76 17.38
N ALA C 583 -12.31 -26.28 18.25
CA ALA C 583 -11.88 -26.80 19.54
C ALA C 583 -10.95 -28.00 19.37
N LYS C 584 -11.29 -28.92 18.46
CA LYS C 584 -10.38 -30.03 18.19
C LYS C 584 -9.12 -29.55 17.49
N ALA C 585 -9.25 -28.58 16.57
CA ALA C 585 -8.08 -28.08 15.86
C ALA C 585 -7.05 -27.50 16.82
N ARG C 586 -7.50 -26.94 17.93
CA ARG C 586 -6.60 -26.45 18.97
C ARG C 586 -6.05 -27.55 19.83
N GLY C 587 -6.51 -28.78 19.61
CA GLY C 587 -5.99 -29.93 20.32
C GLY C 587 -6.96 -30.59 21.28
N GLY C 588 -8.20 -30.15 21.35
CA GLY C 588 -9.17 -30.76 22.22
C GLY C 588 -9.27 -30.07 23.57
N ASN C 589 -9.54 -30.88 24.60
CA ASN C 589 -9.72 -30.34 25.93
C ASN C 589 -8.41 -29.80 26.50
N ILE C 590 -7.31 -30.53 26.31
CA ILE C 590 -6.02 -30.16 26.86
C ILE C 590 -5.03 -29.77 25.77
N GLY C 591 -5.52 -29.47 24.56
CA GLY C 591 -4.61 -29.20 23.46
C GLY C 591 -3.82 -27.91 23.62
N ASP C 592 -4.49 -26.84 24.07
CA ASP C 592 -3.87 -25.53 24.15
C ASP C 592 -3.99 -24.97 25.56
N GLY C 593 -3.11 -24.02 25.87
CA GLY C 593 -3.17 -23.36 27.17
C GLY C 593 -4.44 -22.56 27.36
N GLY C 594 -4.88 -21.86 26.32
CA GLY C 594 -6.10 -21.10 26.42
C GLY C 594 -7.32 -21.99 26.62
N GLY C 595 -8.37 -21.42 27.19
CA GLY C 595 -9.54 -22.21 27.52
C GLY C 595 -10.85 -21.76 26.90
N ALA C 596 -11.36 -22.55 25.95
CA ALA C 596 -12.73 -22.45 25.45
C ALA C 596 -13.09 -21.03 25.01
N ALA C 597 -12.24 -20.45 24.17
CA ALA C 597 -12.51 -19.12 23.62
C ALA C 597 -11.68 -18.94 22.36
N ASP C 598 -12.35 -18.75 21.24
CA ASP C 598 -11.66 -18.51 19.97
C ASP C 598 -12.36 -17.39 19.21
N ARG C 599 -11.65 -16.86 18.22
CA ARG C 599 -12.08 -15.65 17.52
C ARG C 599 -13.40 -15.88 16.77
N VAL C 600 -13.53 -17.01 16.08
CA VAL C 600 -14.70 -17.25 15.24
C VAL C 600 -15.95 -17.44 16.10
N ILE C 601 -15.84 -18.26 17.15
CA ILE C 601 -16.98 -18.46 18.04
C ILE C 601 -17.32 -17.17 18.77
N ASN C 602 -16.33 -16.32 19.04
CA ASN C 602 -16.62 -15.02 19.64
C ASN C 602 -17.48 -14.16 18.73
N GLN C 603 -17.12 -14.10 17.44
CA GLN C 603 -17.94 -13.37 16.49
C GLN C 603 -19.33 -14.00 16.36
N ILE C 604 -19.41 -15.33 16.44
CA ILE C 604 -20.71 -15.99 16.39
C ILE C 604 -21.56 -15.58 17.59
N LEU C 605 -20.94 -15.46 18.76
CA LEU C 605 -21.67 -15.01 19.94
C LEU C 605 -22.20 -13.59 19.76
N THR C 606 -21.36 -12.69 19.26
CA THR C 606 -21.81 -11.32 19.04
C THR C 606 -22.94 -11.27 18.02
N GLU C 607 -22.83 -12.06 16.95
CA GLU C 607 -23.87 -12.05 15.93
C GLU C 607 -25.17 -12.69 16.44
N MET C 608 -25.06 -13.69 17.31
CA MET C 608 -26.27 -14.24 17.93
C MET C 608 -26.95 -13.20 18.80
N ASP C 609 -26.18 -12.44 19.57
CA ASP C 609 -26.76 -11.37 20.36
C ASP C 609 -27.44 -10.34 19.48
N GLY C 610 -26.82 -10.02 18.34
CA GLY C 610 -27.45 -9.12 17.38
C GLY C 610 -28.72 -9.67 16.74
N MET C 611 -28.75 -10.98 16.46
CA MET C 611 -29.87 -11.64 15.81
C MET C 611 -31.00 -11.98 16.78
N SER C 612 -30.77 -11.82 18.09
CA SER C 612 -31.81 -12.16 19.06
C SER C 612 -33.10 -11.39 18.82
N THR C 613 -33.03 -10.22 18.18
CA THR C 613 -34.22 -9.43 17.92
C THR C 613 -34.96 -9.84 16.65
N LYS C 614 -34.37 -10.71 15.82
CA LYS C 614 -35.02 -11.17 14.60
C LYS C 614 -35.80 -12.43 14.93
N LYS C 615 -37.13 -12.32 14.96
CA LYS C 615 -37.96 -13.41 15.45
C LYS C 615 -37.93 -14.63 14.53
N ASN C 616 -37.95 -14.42 13.22
CA ASN C 616 -38.10 -15.52 12.28
C ASN C 616 -36.78 -16.13 11.81
N VAL C 617 -35.71 -15.97 12.56
CA VAL C 617 -34.45 -16.66 12.30
C VAL C 617 -34.15 -17.54 13.50
N PHE C 618 -34.12 -18.85 13.28
CA PHE C 618 -33.85 -19.83 14.33
C PHE C 618 -32.46 -20.40 14.12
N ILE C 619 -31.65 -20.40 15.17
CA ILE C 619 -30.26 -20.84 15.10
C ILE C 619 -30.13 -22.19 15.76
N ILE C 620 -29.52 -23.14 15.05
CA ILE C 620 -29.30 -24.49 15.54
C ILE C 620 -27.81 -24.78 15.49
N GLY C 621 -27.26 -25.33 16.56
CA GLY C 621 -25.88 -25.77 16.61
C GLY C 621 -25.82 -27.27 16.81
N ALA C 622 -24.76 -27.88 16.29
CA ALA C 622 -24.53 -29.31 16.46
C ALA C 622 -23.07 -29.55 16.80
N THR C 623 -22.83 -30.49 17.71
CA THR C 623 -21.47 -30.83 18.12
C THR C 623 -21.43 -32.28 18.56
N ASN C 624 -20.31 -32.93 18.26
CA ASN C 624 -20.03 -34.27 18.78
C ASN C 624 -19.20 -34.25 20.05
N ARG C 625 -18.71 -33.08 20.45
CA ARG C 625 -17.88 -32.92 21.64
C ARG C 625 -18.41 -31.77 22.47
N PRO C 626 -19.54 -31.97 23.16
CA PRO C 626 -20.10 -30.87 23.97
C PRO C 626 -19.21 -30.44 25.12
N ASP C 627 -18.28 -31.28 25.55
CA ASP C 627 -17.42 -30.94 26.67
C ASP C 627 -16.48 -29.78 26.33
N ILE C 628 -15.95 -29.76 25.10
CA ILE C 628 -15.00 -28.73 24.71
C ILE C 628 -15.68 -27.55 24.02
N ILE C 629 -17.01 -27.44 24.09
CA ILE C 629 -17.70 -26.29 23.54
C ILE C 629 -17.59 -25.12 24.50
N ASP C 630 -17.45 -23.92 23.95
CA ASP C 630 -17.40 -22.71 24.77
C ASP C 630 -18.71 -22.57 25.53
N PRO C 631 -18.69 -22.52 26.86
CA PRO C 631 -19.96 -22.41 27.61
C PRO C 631 -20.73 -21.15 27.33
N ALA C 632 -20.07 -20.09 26.86
CA ALA C 632 -20.76 -18.83 26.61
C ALA C 632 -21.83 -18.97 25.53
N ILE C 633 -21.73 -20.01 24.70
CA ILE C 633 -22.73 -20.21 23.65
C ILE C 633 -24.00 -20.82 24.21
N LEU C 634 -23.99 -21.32 25.45
CA LEU C 634 -25.16 -21.90 26.07
C LEU C 634 -25.92 -20.92 26.94
N ARG C 635 -25.49 -19.65 26.99
CA ARG C 635 -26.15 -18.66 27.83
C ARG C 635 -27.47 -18.23 27.20
N PRO C 636 -28.38 -17.65 28.00
CA PRO C 636 -29.66 -17.19 27.46
C PRO C 636 -29.47 -16.16 26.35
N GLY C 637 -30.37 -16.21 25.37
CA GLY C 637 -30.21 -15.46 24.14
C GLY C 637 -29.34 -16.14 23.11
N ARG C 638 -28.78 -17.28 23.44
CA ARG C 638 -27.92 -18.07 22.57
C ARG C 638 -28.47 -19.49 22.50
N LEU C 639 -27.71 -20.49 22.06
CA LEU C 639 -28.22 -21.85 21.97
C LEU C 639 -28.43 -22.37 23.39
N ASP C 640 -29.50 -21.87 24.02
CA ASP C 640 -29.79 -22.15 25.42
C ASP C 640 -30.64 -23.40 25.60
N GLN C 641 -31.20 -23.96 24.53
CA GLN C 641 -31.84 -25.27 24.60
C GLN C 641 -30.81 -26.31 24.20
N LEU C 642 -30.85 -27.46 24.87
CA LEU C 642 -29.90 -28.55 24.57
C LEU C 642 -30.67 -29.83 24.36
N ILE C 643 -30.40 -30.51 23.24
CA ILE C 643 -31.04 -31.77 22.92
C ILE C 643 -29.96 -32.82 22.69
N TYR C 644 -30.07 -33.93 23.40
CA TYR C 644 -29.15 -35.06 23.23
C TYR C 644 -29.68 -35.98 22.15
N ILE C 645 -28.86 -36.23 21.13
CA ILE C 645 -29.21 -37.18 20.07
C ILE C 645 -28.42 -38.46 20.32
N PRO C 646 -29.02 -39.47 20.91
CA PRO C 646 -28.27 -40.67 21.29
C PRO C 646 -28.14 -41.65 20.13
N LEU C 647 -27.39 -42.71 20.39
CA LEU C 647 -27.33 -43.82 19.46
C LEU C 647 -28.72 -44.47 19.37
N PRO C 648 -29.14 -44.89 18.18
CA PRO C 648 -30.48 -45.47 18.04
C PRO C 648 -30.58 -46.81 18.77
N ASP C 649 -31.76 -47.08 19.31
CA ASP C 649 -32.05 -48.41 19.84
C ASP C 649 -32.54 -49.31 18.72
N GLU C 650 -32.95 -50.53 19.08
CA GLU C 650 -33.24 -51.55 18.07
C GLU C 650 -34.38 -51.11 17.15
N LYS C 651 -35.46 -50.58 17.72
CA LYS C 651 -36.57 -50.11 16.88
C LYS C 651 -36.13 -48.96 15.99
N SER C 652 -35.38 -48.01 16.54
CA SER C 652 -34.87 -46.91 15.73
C SER C 652 -33.91 -47.42 14.66
N ARG C 653 -33.15 -48.48 14.97
CA ARG C 653 -32.25 -49.02 13.97
C ARG C 653 -33.01 -49.71 12.84
N VAL C 654 -34.11 -50.39 13.17
CA VAL C 654 -34.98 -50.92 12.12
C VAL C 654 -35.49 -49.79 11.24
N ALA C 655 -35.93 -48.69 11.88
CA ALA C 655 -36.43 -47.55 11.11
C ALA C 655 -35.35 -46.96 10.22
N ILE C 656 -34.13 -46.84 10.74
CA ILE C 656 -33.02 -46.29 9.96
C ILE C 656 -32.70 -47.18 8.77
N LEU C 657 -32.63 -48.49 9.00
CA LEU C 657 -32.34 -49.41 7.91
C LEU C 657 -33.44 -49.38 6.85
N LYS C 658 -34.69 -49.27 7.28
CA LYS C 658 -35.79 -49.15 6.32
C LYS C 658 -35.70 -47.86 5.53
N ALA C 659 -35.35 -46.75 6.19
CA ALA C 659 -35.25 -45.47 5.50
C ALA C 659 -34.11 -45.47 4.49
N ASN C 660 -32.98 -46.09 4.84
CA ASN C 660 -31.84 -46.10 3.94
C ASN C 660 -32.09 -46.97 2.71
N LEU C 661 -32.94 -47.98 2.84
CA LEU C 661 -33.16 -48.96 1.78
C LEU C 661 -34.41 -48.68 0.96
N ARG C 662 -35.02 -47.50 1.12
CA ARG C 662 -36.24 -47.18 0.38
C ARG C 662 -35.96 -47.14 -1.12
N LYS C 663 -34.84 -46.56 -1.52
CA LYS C 663 -34.47 -46.39 -2.91
C LYS C 663 -33.67 -47.55 -3.48
N SER C 664 -33.45 -48.61 -2.71
CA SER C 664 -32.72 -49.78 -3.17
C SER C 664 -33.64 -50.98 -3.24
N PRO C 665 -33.66 -51.72 -4.35
CA PRO C 665 -34.50 -52.93 -4.42
C PRO C 665 -33.94 -54.03 -3.53
N VAL C 666 -34.72 -54.40 -2.52
CA VAL C 666 -34.30 -55.38 -1.53
C VAL C 666 -35.30 -56.52 -1.52
N ALA C 667 -34.78 -57.76 -1.57
CA ALA C 667 -35.64 -58.93 -1.49
C ALA C 667 -36.31 -59.02 -0.13
N LYS C 668 -37.57 -59.47 -0.12
CA LYS C 668 -38.33 -59.47 1.12
C LYS C 668 -37.88 -60.57 2.07
N ASP C 669 -37.03 -61.48 1.59
CA ASP C 669 -36.48 -62.50 2.48
C ASP C 669 -35.48 -61.89 3.47
N VAL C 670 -34.92 -60.72 3.14
CA VAL C 670 -34.01 -60.05 4.05
C VAL C 670 -34.78 -59.53 5.25
N ASP C 671 -34.28 -59.85 6.44
CA ASP C 671 -34.91 -59.45 7.70
C ASP C 671 -34.11 -58.31 8.30
N LEU C 672 -34.66 -57.09 8.23
CA LEU C 672 -33.97 -55.93 8.77
C LEU C 672 -33.99 -55.92 10.30
N GLU C 673 -34.98 -56.58 10.91
CA GLU C 673 -35.05 -56.65 12.36
C GLU C 673 -33.83 -57.38 12.94
N PHE C 674 -33.43 -58.48 12.30
CA PHE C 674 -32.23 -59.18 12.75
C PHE C 674 -30.98 -58.33 12.56
N LEU C 675 -30.89 -57.61 11.44
CA LEU C 675 -29.76 -56.71 11.22
C LEU C 675 -29.69 -55.66 12.31
N ALA C 676 -30.84 -55.11 12.71
CA ALA C 676 -30.85 -54.09 13.76
C ALA C 676 -30.48 -54.68 15.11
N LYS C 677 -31.01 -55.86 15.44
CA LYS C 677 -30.75 -56.43 16.75
C LYS C 677 -29.31 -56.91 16.88
N MET C 678 -28.65 -57.24 15.76
CA MET C 678 -27.26 -57.64 15.83
C MET C 678 -26.32 -56.44 15.90
N THR C 679 -26.75 -55.29 15.40
CA THR C 679 -25.91 -54.08 15.39
C THR C 679 -26.24 -53.22 16.62
N ASN C 680 -25.75 -53.68 17.77
CA ASN C 680 -26.15 -53.09 19.04
C ASN C 680 -25.65 -51.65 19.18
N GLY C 681 -24.36 -51.42 18.96
CA GLY C 681 -23.79 -50.11 19.20
C GLY C 681 -23.59 -49.27 17.96
N PHE C 682 -24.24 -49.65 16.87
CA PHE C 682 -24.05 -48.96 15.60
C PHE C 682 -24.83 -47.65 15.58
N SER C 683 -24.31 -46.68 14.83
CA SER C 683 -24.98 -45.43 14.57
C SER C 683 -25.69 -45.48 13.22
N GLY C 684 -26.43 -44.42 12.92
CA GLY C 684 -27.11 -44.35 11.64
C GLY C 684 -26.15 -44.33 10.47
N ALA C 685 -25.01 -43.65 10.64
CA ALA C 685 -24.00 -43.63 9.59
C ALA C 685 -23.43 -45.02 9.34
N ASP C 686 -23.23 -45.81 10.42
CA ASP C 686 -22.74 -47.17 10.26
C ASP C 686 -23.75 -48.05 9.52
N LEU C 687 -25.03 -47.90 9.84
CA LEU C 687 -26.06 -48.66 9.14
C LEU C 687 -26.13 -48.26 7.67
N THR C 688 -25.99 -46.96 7.38
CA THR C 688 -25.92 -46.52 6.00
C THR C 688 -24.71 -47.09 5.29
N GLU C 689 -23.58 -47.21 6.00
CA GLU C 689 -22.39 -47.84 5.43
C GLU C 689 -22.67 -49.30 5.08
N ILE C 690 -23.36 -50.02 5.98
CA ILE C 690 -23.69 -51.42 5.71
C ILE C 690 -24.56 -51.52 4.46
N CYS C 691 -25.59 -50.67 4.38
CA CYS C 691 -26.49 -50.71 3.23
C CYS C 691 -25.75 -50.37 1.94
N GLN C 692 -24.87 -49.38 1.98
CA GLN C 692 -24.11 -48.99 0.80
C GLN C 692 -23.18 -50.11 0.35
N ARG C 693 -22.53 -50.79 1.29
CA ARG C 693 -21.65 -51.89 0.93
C ARG C 693 -22.45 -53.05 0.35
N ALA C 694 -23.63 -53.33 0.88
CA ALA C 694 -24.48 -54.37 0.31
C ALA C 694 -24.89 -54.01 -1.11
N CYS C 695 -25.27 -52.75 -1.34
CA CYS C 695 -25.61 -52.31 -2.69
C CYS C 695 -24.41 -52.43 -3.63
N LYS C 696 -23.22 -52.10 -3.12
CA LYS C 696 -22.01 -52.22 -3.94
C LYS C 696 -21.75 -53.67 -4.33
N LEU C 697 -21.92 -54.59 -3.38
CA LEU C 697 -21.75 -56.01 -3.69
C LEU C 697 -22.76 -56.48 -4.73
N ALA C 698 -24.02 -56.05 -4.57
CA ALA C 698 -25.06 -56.43 -5.53
C ALA C 698 -24.76 -55.88 -6.92
N ILE C 699 -24.30 -54.63 -6.99
CA ILE C 699 -23.98 -54.02 -8.27
C ILE C 699 -22.80 -54.73 -8.92
N ARG C 700 -21.80 -55.09 -8.13
CA ARG C 700 -20.66 -55.83 -8.68
C ARG C 700 -21.09 -57.18 -9.21
N GLU C 701 -21.97 -57.87 -8.48
CA GLU C 701 -22.48 -59.16 -8.95
C GLU C 701 -23.24 -59.01 -10.26
N SER C 702 -24.12 -58.01 -10.34
CA SER C 702 -24.91 -57.81 -11.54
C SER C 702 -24.05 -57.44 -12.73
N ILE C 703 -23.04 -56.59 -12.52
CA ILE C 703 -22.14 -56.21 -13.60
C ILE C 703 -21.35 -57.41 -14.07
N GLU C 704 -20.86 -58.24 -13.14
CA GLU C 704 -20.09 -59.41 -13.54
C GLU C 704 -20.95 -60.43 -14.27
N SER C 705 -22.22 -60.57 -13.85
CA SER C 705 -23.12 -61.50 -14.54
C SER C 705 -23.46 -60.99 -15.94
N GLU C 706 -23.68 -59.69 -16.09
CA GLU C 706 -23.90 -59.11 -17.40
C GLU C 706 -22.69 -59.28 -18.29
N ILE C 707 -21.48 -59.13 -17.73
CA ILE C 707 -20.26 -59.35 -18.49
C ILE C 707 -20.14 -60.81 -18.90
N ARG C 708 -20.50 -61.74 -18.00
CA ARG C 708 -20.43 -63.16 -18.33
C ARG C 708 -21.38 -63.50 -19.47
N ARG C 709 -22.61 -62.98 -19.43
CA ARG C 709 -23.55 -63.24 -20.52
C ARG C 709 -23.08 -62.57 -21.81
N GLU C 710 -22.52 -61.36 -21.70
CA GLU C 710 -22.04 -60.63 -22.87
C GLU C 710 -20.87 -61.35 -23.52
N ARG C 711 -20.04 -62.03 -22.73
CA ARG C 711 -19.03 -62.93 -23.27
C ARG C 711 -19.66 -64.17 -23.92
N GLU C 712 -20.59 -64.81 -23.22
CA GLU C 712 -21.09 -66.10 -23.71
C GLU C 712 -21.83 -65.93 -25.03
N ARG C 713 -22.59 -64.85 -25.18
CA ARG C 713 -23.36 -64.67 -26.41
C ARG C 713 -22.43 -64.51 -27.61
N GLN C 714 -21.23 -63.99 -27.39
CA GLN C 714 -20.27 -63.76 -28.46
C GLN C 714 -19.51 -65.05 -28.79
N PRO C 727 -30.98 -62.68 -13.03
CA PRO C 727 -29.68 -62.71 -12.36
C PRO C 727 -29.73 -62.11 -10.95
N VAL C 728 -29.47 -60.81 -10.85
CA VAL C 728 -29.50 -60.11 -9.56
C VAL C 728 -30.46 -58.94 -9.68
N PRO C 729 -31.75 -59.13 -9.41
CA PRO C 729 -32.69 -58.00 -9.49
C PRO C 729 -32.80 -57.24 -8.18
N GLU C 730 -32.38 -57.86 -7.08
CA GLU C 730 -32.55 -57.29 -5.75
C GLU C 730 -31.34 -57.63 -4.90
N ILE C 731 -31.16 -56.84 -3.84
CA ILE C 731 -30.15 -57.17 -2.84
C ILE C 731 -30.62 -58.35 -2.00
N ARG C 732 -29.71 -59.28 -1.73
CA ARG C 732 -30.03 -60.55 -1.10
C ARG C 732 -29.36 -60.64 0.26
N ARG C 733 -29.68 -61.73 0.97
CA ARG C 733 -29.17 -61.90 2.33
C ARG C 733 -27.67 -62.13 2.37
N ASP C 734 -27.13 -62.83 1.37
CA ASP C 734 -25.69 -63.04 1.32
C ASP C 734 -24.95 -61.72 1.13
N HIS C 735 -25.55 -60.78 0.39
CA HIS C 735 -24.96 -59.46 0.24
C HIS C 735 -24.84 -58.78 1.59
N PHE C 736 -25.90 -58.85 2.40
CA PHE C 736 -25.89 -58.18 3.70
C PHE C 736 -24.94 -58.87 4.67
N GLU C 737 -24.80 -60.21 4.56
CA GLU C 737 -23.82 -60.90 5.38
C GLU C 737 -22.40 -60.50 5.01
N GLU C 738 -22.10 -60.42 3.71
CA GLU C 738 -20.77 -60.02 3.27
C GLU C 738 -20.49 -58.55 3.60
N ALA C 739 -21.55 -57.74 3.69
CA ALA C 739 -21.39 -56.37 4.17
C ALA C 739 -21.11 -56.34 5.67
N MET C 740 -21.76 -57.22 6.42
CA MET C 740 -21.52 -57.35 7.86
C MET C 740 -20.14 -57.91 8.17
N ARG C 741 -19.45 -58.50 7.18
CA ARG C 741 -17.99 -58.65 7.31
C ARG C 741 -17.33 -57.36 7.79
N PHE C 742 -17.43 -56.30 6.98
CA PHE C 742 -16.68 -55.06 7.16
C PHE C 742 -17.38 -54.06 8.07
N ALA C 743 -18.57 -54.36 8.54
CA ALA C 743 -19.31 -53.39 9.36
C ALA C 743 -18.76 -53.38 10.78
N ARG C 744 -18.50 -52.18 11.30
CA ARG C 744 -17.95 -52.03 12.64
C ARG C 744 -18.46 -50.71 13.23
N ARG C 745 -18.61 -50.70 14.56
CA ARG C 745 -19.23 -49.58 15.26
C ARG C 745 -18.21 -48.46 15.43
N SER C 746 -18.58 -47.25 14.98
CA SER C 746 -17.66 -46.13 15.01
C SER C 746 -17.52 -45.53 16.40
N VAL C 747 -18.54 -45.64 17.23
CA VAL C 747 -18.58 -45.00 18.55
C VAL C 747 -18.36 -46.08 19.60
N SER C 748 -17.32 -45.90 20.41
CA SER C 748 -17.03 -46.83 21.49
C SER C 748 -17.87 -46.49 22.73
N ASP C 749 -17.82 -47.39 23.71
CA ASP C 749 -18.58 -47.17 24.94
C ASP C 749 -18.01 -46.01 25.75
N ASN C 750 -16.70 -45.73 25.60
CA ASN C 750 -16.10 -44.58 26.24
C ASN C 750 -16.83 -43.30 25.85
N ASP C 751 -17.03 -43.11 24.55
CA ASP C 751 -17.69 -41.90 24.06
C ASP C 751 -19.12 -41.83 24.56
N ILE C 752 -19.85 -42.96 24.50
CA ILE C 752 -21.23 -42.98 24.97
C ILE C 752 -21.30 -42.54 26.42
N ARG C 753 -20.43 -43.08 27.26
CA ARG C 753 -20.45 -42.70 28.67
C ARG C 753 -20.10 -41.22 28.85
N LYS C 754 -19.17 -40.70 28.03
CA LYS C 754 -18.87 -39.27 28.15
C LYS C 754 -20.10 -38.43 27.89
N TYR C 755 -20.88 -38.78 26.85
CA TYR C 755 -22.15 -38.11 26.62
C TYR C 755 -23.11 -38.30 27.79
N GLU C 756 -23.06 -39.47 28.44
CA GLU C 756 -23.97 -39.71 29.56
C GLU C 756 -23.68 -38.79 30.73
N MET C 757 -22.41 -38.64 31.13
CA MET C 757 -22.13 -37.67 32.19
C MET C 757 -22.25 -36.22 31.71
N PHE C 758 -22.19 -35.96 30.41
CA PHE C 758 -22.59 -34.63 29.97
C PHE C 758 -24.08 -34.40 30.18
N ALA C 759 -24.89 -35.42 29.90
CA ALA C 759 -26.35 -35.28 30.04
C ALA C 759 -26.76 -35.21 31.50
N GLN C 760 -26.11 -35.99 32.35
CA GLN C 760 -26.43 -35.98 33.77
C GLN C 760 -26.12 -34.63 34.41
N THR C 761 -25.02 -34.01 34.01
CA THR C 761 -24.58 -32.74 34.58
C THR C 761 -25.25 -31.53 33.94
N LEU C 762 -26.40 -31.72 33.28
CA LEU C 762 -27.13 -30.60 32.71
C LEU C 762 -27.83 -29.79 33.81
N SER C 770 -38.30 -36.34 43.12
CA SER C 770 -38.08 -36.20 44.55
C SER C 770 -38.80 -34.99 45.12
N PHE C 771 -38.72 -33.85 44.42
CA PHE C 771 -39.24 -32.62 44.99
C PHE C 771 -40.76 -32.53 44.80
N ARG C 772 -41.46 -32.36 45.92
CA ARG C 772 -42.89 -32.07 45.98
C ARG C 772 -43.14 -30.88 46.88
N PHE C 773 -44.15 -30.10 46.51
CA PHE C 773 -44.68 -29.08 47.38
C PHE C 773 -45.30 -29.76 48.61
N PRO C 774 -45.30 -29.09 49.77
CA PRO C 774 -45.92 -29.69 50.96
C PRO C 774 -47.40 -29.96 50.73
N SER C 775 -47.87 -31.09 51.26
CA SER C 775 -49.26 -31.50 51.08
C SER C 775 -50.21 -30.58 51.83
N LEU D 12 -32.36 25.57 32.25
CA LEU D 12 -32.71 24.20 31.91
C LEU D 12 -32.40 23.95 30.44
N SER D 13 -32.08 22.69 30.10
CA SER D 13 -31.58 22.38 28.77
C SER D 13 -32.61 22.68 27.69
N THR D 14 -33.88 22.34 27.93
CA THR D 14 -34.94 22.54 26.96
C THR D 14 -35.83 23.72 27.32
N ALA D 15 -35.32 24.67 28.09
CA ALA D 15 -36.10 25.86 28.46
C ALA D 15 -36.42 26.72 27.26
N ILE D 16 -35.60 26.66 26.20
CA ILE D 16 -35.88 27.43 25.00
C ILE D 16 -37.09 26.89 24.24
N LEU D 17 -37.34 25.58 24.32
CA LEU D 17 -38.52 25.00 23.68
C LEU D 17 -39.82 25.38 24.38
N LYS D 18 -39.73 25.87 25.61
CA LYS D 18 -40.88 26.38 26.33
C LYS D 18 -41.43 27.62 25.65
N GLN D 19 -42.65 27.51 25.10
CA GLN D 19 -43.35 28.72 24.68
C GLN D 19 -44.26 29.21 25.81
N LYS D 20 -44.34 30.53 25.94
CA LYS D 20 -44.66 31.18 27.20
C LYS D 20 -46.17 31.28 27.38
N ASN D 21 -46.60 31.27 28.64
CA ASN D 21 -47.99 31.56 29.00
C ASN D 21 -48.23 33.06 28.91
N ARG D 22 -48.65 33.53 27.74
CA ARG D 22 -48.79 34.94 27.45
C ARG D 22 -50.21 35.27 27.03
N PRO D 23 -50.67 36.50 27.28
CA PRO D 23 -52.03 36.88 26.83
C PRO D 23 -52.21 36.79 25.34
N ASN D 24 -51.17 37.06 24.55
CA ASN D 24 -51.27 36.95 23.10
C ASN D 24 -51.46 35.50 22.66
N ARG D 25 -50.89 34.55 23.41
CA ARG D 25 -51.05 33.15 23.07
C ARG D 25 -52.49 32.72 23.29
N LEU D 26 -53.08 32.06 22.28
CA LEU D 26 -54.48 31.68 22.32
C LEU D 26 -54.63 30.26 21.78
N ILE D 27 -55.53 29.50 22.41
CA ILE D 27 -55.82 28.14 21.98
C ILE D 27 -56.85 28.19 20.86
N VAL D 28 -56.58 27.46 19.77
CA VAL D 28 -57.49 27.46 18.63
C VAL D 28 -58.77 26.73 19.01
N ASP D 29 -59.91 27.36 18.73
CA ASP D 29 -61.22 26.80 19.06
C ASP D 29 -62.15 26.95 17.87
N GLU D 30 -63.19 26.11 17.85
CA GLU D 30 -64.16 26.13 16.77
C GLU D 30 -64.96 27.43 16.78
N ALA D 31 -65.50 27.76 15.62
CA ALA D 31 -66.25 29.00 15.42
C ALA D 31 -67.74 28.69 15.32
N ILE D 32 -68.54 29.43 16.11
CA ILE D 32 -69.98 29.25 16.10
C ILE D 32 -70.55 29.83 14.81
N ASN D 33 -70.41 31.15 14.64
CA ASN D 33 -70.82 31.84 13.42
C ASN D 33 -69.74 32.87 13.08
N GLU D 34 -68.73 32.44 12.32
CA GLU D 34 -67.63 33.28 11.90
C GLU D 34 -67.35 33.04 10.43
N ASP D 35 -67.18 34.12 9.67
CA ASP D 35 -66.80 33.97 8.27
C ASP D 35 -65.28 33.88 8.16
N ASN D 36 -64.79 33.93 6.92
CA ASN D 36 -63.37 33.72 6.65
C ASN D 36 -62.54 34.95 6.96
N SER D 37 -63.15 35.97 7.57
CA SER D 37 -62.47 37.24 7.82
C SER D 37 -62.50 37.71 9.26
N VAL D 38 -63.17 36.99 10.17
CA VAL D 38 -63.28 37.42 11.56
C VAL D 38 -62.88 36.29 12.48
N VAL D 39 -62.47 36.66 13.70
CA VAL D 39 -62.23 35.74 14.80
C VAL D 39 -62.87 36.33 16.04
N SER D 40 -63.21 35.47 16.99
CA SER D 40 -63.95 35.86 18.18
C SER D 40 -63.13 35.56 19.44
N LEU D 41 -63.12 36.51 20.37
CA LEU D 41 -62.42 36.38 21.63
C LEU D 41 -63.35 36.83 22.77
N SER D 42 -62.98 36.47 23.99
CA SER D 42 -63.74 36.88 25.16
C SER D 42 -63.47 38.34 25.50
N GLN D 43 -64.49 39.01 26.04
CA GLN D 43 -64.36 40.43 26.39
C GLN D 43 -63.22 40.70 27.38
N PRO D 44 -63.02 39.91 28.44
CA PRO D 44 -61.81 40.12 29.26
C PRO D 44 -60.53 40.02 28.47
N LYS D 45 -60.49 39.19 27.41
CA LYS D 45 -59.29 39.08 26.61
C LYS D 45 -59.02 40.37 25.83
N MET D 46 -60.06 40.98 25.24
CA MET D 46 -59.86 42.28 24.61
C MET D 46 -59.46 43.34 25.64
N ASP D 47 -60.07 43.31 26.83
CA ASP D 47 -59.70 44.28 27.86
C ASP D 47 -58.23 44.14 28.24
N GLU D 48 -57.76 42.90 28.40
CA GLU D 48 -56.36 42.68 28.74
C GLU D 48 -55.43 43.07 27.58
N LEU D 49 -55.84 42.79 26.35
CA LEU D 49 -55.04 43.08 25.18
C LEU D 49 -55.30 44.46 24.59
N GLN D 50 -56.19 45.25 25.19
CA GLN D 50 -56.51 46.59 24.71
C GLN D 50 -56.97 46.57 23.26
N LEU D 51 -57.80 45.59 22.92
CA LEU D 51 -58.30 45.41 21.56
C LEU D 51 -59.76 45.85 21.48
N PHE D 52 -60.06 46.67 20.47
CA PHE D 52 -61.42 47.14 20.22
C PHE D 52 -62.12 46.20 19.25
N ARG D 53 -63.44 46.12 19.38
CA ARG D 53 -64.23 45.33 18.45
C ARG D 53 -64.17 45.94 17.06
N GLY D 54 -63.98 45.09 16.05
CA GLY D 54 -63.81 45.55 14.69
C GLY D 54 -62.38 45.85 14.29
N ASP D 55 -61.43 45.78 15.22
CA ASP D 55 -60.04 46.03 14.89
C ASP D 55 -59.48 44.91 14.03
N THR D 56 -58.59 45.28 13.11
CA THR D 56 -57.87 44.29 12.34
C THR D 56 -56.69 43.76 13.15
N VAL D 57 -56.55 42.44 13.20
CA VAL D 57 -55.58 41.79 14.06
C VAL D 57 -54.76 40.79 13.24
N LEU D 58 -53.45 40.74 13.53
CA LEU D 58 -52.53 39.82 12.88
C LEU D 58 -52.37 38.57 13.74
N LEU D 59 -52.54 37.42 13.11
CA LEU D 59 -52.44 36.12 13.76
C LEU D 59 -51.25 35.36 13.18
N LYS D 60 -50.37 34.90 14.05
CA LYS D 60 -49.19 34.13 13.66
C LYS D 60 -49.33 32.70 14.16
N GLY D 61 -48.98 31.75 13.30
CA GLY D 61 -49.10 30.34 13.64
C GLY D 61 -47.85 29.53 13.30
N LYS D 62 -48.01 28.22 13.20
CA LYS D 62 -46.89 27.34 12.90
C LYS D 62 -46.44 27.55 11.46
N LYS D 63 -45.14 27.32 11.23
CA LYS D 63 -44.54 27.32 9.90
C LYS D 63 -44.59 28.69 9.21
N ARG D 64 -44.13 29.74 9.89
CA ARG D 64 -43.93 31.06 9.29
C ARG D 64 -45.24 31.70 8.84
N ARG D 65 -46.36 31.19 9.33
CA ARG D 65 -47.67 31.59 8.81
C ARG D 65 -48.24 32.81 9.52
N GLU D 66 -48.77 33.72 8.71
CA GLU D 66 -49.40 34.94 9.18
C GLU D 66 -50.75 35.10 8.48
N ALA D 67 -51.67 35.78 9.15
CA ALA D 67 -52.98 36.08 8.58
C ALA D 67 -53.55 37.30 9.29
N VAL D 68 -54.62 37.87 8.71
CA VAL D 68 -55.29 39.02 9.29
C VAL D 68 -56.78 38.70 9.43
N CYS D 69 -57.36 39.10 10.55
CA CYS D 69 -58.79 38.88 10.81
C CYS D 69 -59.36 40.11 11.49
N ILE D 70 -60.66 40.06 11.76
CA ILE D 70 -61.36 41.11 12.49
C ILE D 70 -61.75 40.55 13.84
N VAL D 71 -61.30 41.20 14.91
CA VAL D 71 -61.53 40.71 16.27
C VAL D 71 -62.93 41.12 16.71
N LEU D 72 -63.69 40.15 17.23
CA LEU D 72 -65.05 40.38 17.70
C LEU D 72 -65.20 39.77 19.09
N SER D 73 -66.30 40.13 19.74
CA SER D 73 -66.59 39.67 21.09
C SER D 73 -67.55 38.48 21.06
N ASP D 74 -67.31 37.52 21.94
CA ASP D 74 -68.19 36.35 22.07
C ASP D 74 -68.26 35.99 23.55
N ASP D 75 -69.45 36.11 24.14
CA ASP D 75 -69.64 35.81 25.55
C ASP D 75 -69.53 34.32 25.86
N THR D 76 -69.67 33.46 24.86
CA THR D 76 -69.50 32.02 25.04
C THR D 76 -68.07 31.55 24.81
N CYS D 77 -67.19 32.46 24.41
CA CYS D 77 -65.80 32.10 24.14
C CYS D 77 -64.98 32.16 25.42
N SER D 78 -64.12 31.16 25.60
CA SER D 78 -63.25 31.12 26.77
C SER D 78 -62.17 32.21 26.68
N ASP D 79 -61.64 32.59 27.83
CA ASP D 79 -60.63 33.63 27.88
C ASP D 79 -59.36 33.21 27.14
N GLU D 80 -58.95 31.96 27.32
CA GLU D 80 -57.71 31.46 26.74
C GLU D 80 -57.87 30.89 25.34
N LYS D 81 -59.08 30.94 24.77
CA LYS D 81 -59.34 30.35 23.47
C LYS D 81 -59.81 31.42 22.49
N ILE D 82 -59.60 31.13 21.20
CA ILE D 82 -60.05 31.99 20.12
C ILE D 82 -60.91 31.16 19.17
N ARG D 83 -62.11 31.65 18.88
CA ARG D 83 -63.00 30.97 17.94
C ARG D 83 -62.49 31.19 16.53
N MET D 84 -62.59 30.16 15.70
CA MET D 84 -61.74 30.09 14.51
C MET D 84 -62.35 29.11 13.51
N ASN D 85 -62.72 29.60 12.34
CA ASN D 85 -63.32 28.74 11.34
C ASN D 85 -62.25 27.92 10.62
N ARG D 86 -62.70 26.95 9.82
CA ARG D 86 -61.79 25.98 9.22
C ARG D 86 -60.87 26.62 8.18
N VAL D 87 -61.38 27.60 7.41
CA VAL D 87 -60.59 28.16 6.32
C VAL D 87 -59.33 28.82 6.84
N VAL D 88 -59.47 29.66 7.87
CA VAL D 88 -58.30 30.38 8.37
C VAL D 88 -57.44 29.46 9.24
N ARG D 89 -58.03 28.39 9.79
CA ARG D 89 -57.20 27.34 10.38
C ARG D 89 -56.28 26.72 9.34
N ASN D 90 -56.81 26.46 8.15
CA ASN D 90 -55.97 25.96 7.06
C ASN D 90 -54.95 27.01 6.64
N ASN D 91 -55.33 28.29 6.69
CA ASN D 91 -54.41 29.36 6.33
C ASN D 91 -53.20 29.39 7.26
N LEU D 92 -53.43 29.25 8.56
CA LEU D 92 -52.34 29.28 9.53
C LEU D 92 -51.71 27.92 9.76
N ARG D 93 -52.18 26.88 9.06
CA ARG D 93 -51.64 25.53 9.19
C ARG D 93 -51.71 25.04 10.64
N VAL D 94 -52.83 25.30 11.29
CA VAL D 94 -53.03 24.90 12.67
C VAL D 94 -54.32 24.10 12.78
N ARG D 95 -54.40 23.31 13.85
CA ARG D 95 -55.56 22.47 14.14
C ARG D 95 -56.20 22.91 15.44
N LEU D 96 -57.33 22.28 15.77
CA LEU D 96 -58.01 22.58 17.02
C LEU D 96 -57.13 22.20 18.20
N GLY D 97 -57.03 23.10 19.17
CA GLY D 97 -56.17 22.92 20.32
C GLY D 97 -54.77 23.48 20.17
N ASP D 98 -54.40 23.93 18.97
CA ASP D 98 -53.09 24.52 18.77
C ASP D 98 -53.05 25.92 19.37
N VAL D 99 -51.83 26.47 19.45
CA VAL D 99 -51.59 27.78 20.02
C VAL D 99 -51.17 28.73 18.91
N ILE D 100 -51.84 29.88 18.84
CA ILE D 100 -51.49 30.93 17.90
C ILE D 100 -51.22 32.22 18.68
N SER D 101 -50.64 33.20 18.00
CA SER D 101 -50.34 34.49 18.63
C SER D 101 -51.14 35.58 17.92
N ILE D 102 -51.71 36.49 18.71
CA ILE D 102 -52.52 37.58 18.19
C ILE D 102 -51.87 38.90 18.57
N GLN D 103 -51.79 39.82 17.62
CA GLN D 103 -51.23 41.14 17.85
C GLN D 103 -52.04 42.15 17.07
N PRO D 104 -51.99 43.43 17.45
CA PRO D 104 -52.60 44.47 16.63
C PRO D 104 -51.87 44.59 15.30
N CYS D 105 -52.63 44.98 14.27
CA CYS D 105 -52.11 45.14 12.91
C CYS D 105 -52.49 46.53 12.41
N PRO D 106 -51.78 47.56 12.89
CA PRO D 106 -52.15 48.94 12.52
C PRO D 106 -51.71 49.28 11.11
N ASP D 107 -52.33 50.36 10.59
CA ASP D 107 -51.97 50.95 9.31
C ASP D 107 -52.14 49.95 8.15
N VAL D 108 -53.29 49.28 8.12
CA VAL D 108 -53.65 48.44 6.98
C VAL D 108 -54.43 49.28 5.98
N LYS D 109 -53.84 49.53 4.83
CA LYS D 109 -54.42 50.42 3.84
C LYS D 109 -55.39 49.68 2.93
N TYR D 110 -56.24 50.45 2.26
CA TYR D 110 -57.17 49.88 1.29
C TYR D 110 -56.42 49.31 0.10
N GLY D 111 -56.84 48.12 -0.34
CA GLY D 111 -56.17 47.47 -1.45
C GLY D 111 -56.34 48.24 -2.74
N LYS D 112 -55.24 48.43 -3.47
CA LYS D 112 -55.32 49.06 -4.78
C LYS D 112 -55.64 48.05 -5.88
N ARG D 113 -55.04 46.87 -5.80
CA ARG D 113 -55.26 45.84 -6.82
C ARG D 113 -54.87 44.49 -6.25
N ILE D 114 -55.75 43.50 -6.38
CA ILE D 114 -55.49 42.15 -5.90
C ILE D 114 -55.72 41.15 -7.04
N HIS D 115 -54.78 40.23 -7.18
CA HIS D 115 -54.82 39.15 -8.15
C HIS D 115 -54.95 37.84 -7.39
N VAL D 116 -55.98 37.06 -7.72
CA VAL D 116 -56.25 35.78 -7.08
C VAL D 116 -56.34 34.70 -8.15
N LEU D 117 -56.22 33.45 -7.72
CA LEU D 117 -56.28 32.31 -8.62
C LEU D 117 -56.99 31.15 -7.93
N PRO D 118 -57.82 30.41 -8.66
CA PRO D 118 -58.56 29.30 -8.05
C PRO D 118 -57.74 28.01 -8.00
N ILE D 119 -58.20 27.10 -7.15
CA ILE D 119 -57.61 25.77 -7.05
C ILE D 119 -58.23 24.86 -8.10
N ASP D 120 -57.42 23.94 -8.64
CA ASP D 120 -57.78 23.25 -9.88
C ASP D 120 -59.08 22.44 -9.73
N ASP D 121 -59.15 21.57 -8.73
CA ASP D 121 -60.34 20.74 -8.62
C ASP D 121 -61.58 21.53 -8.21
N THR D 122 -61.40 22.61 -7.45
CA THR D 122 -62.52 23.51 -7.15
C THR D 122 -63.05 24.20 -8.39
N VAL D 123 -62.22 24.38 -9.42
CA VAL D 123 -62.65 25.02 -10.66
C VAL D 123 -62.77 24.02 -11.80
N GLU D 124 -62.39 22.76 -11.58
CA GLU D 124 -62.56 21.73 -12.60
C GLU D 124 -64.04 21.59 -12.94
N GLY D 125 -64.37 21.78 -14.22
CA GLY D 125 -65.74 21.76 -14.66
C GLY D 125 -66.48 23.08 -14.52
N ILE D 126 -65.86 24.10 -13.94
CA ILE D 126 -66.47 25.40 -13.79
C ILE D 126 -66.05 26.25 -14.99
N THR D 127 -67.00 26.64 -15.82
CA THR D 127 -66.74 27.42 -17.02
C THR D 127 -67.32 28.83 -16.95
N GLY D 128 -68.07 29.16 -15.91
CA GLY D 128 -68.65 30.47 -15.80
C GLY D 128 -67.63 31.52 -15.37
N ASN D 129 -68.09 32.77 -15.36
CA ASN D 129 -67.24 33.89 -14.95
C ASN D 129 -66.98 33.77 -13.46
N LEU D 130 -65.72 33.53 -13.08
CA LEU D 130 -65.38 33.36 -11.68
C LEU D 130 -65.65 34.64 -10.89
N PHE D 131 -65.31 35.80 -11.47
CA PHE D 131 -65.47 37.06 -10.76
C PHE D 131 -66.91 37.28 -10.30
N GLU D 132 -67.83 37.41 -11.26
CA GLU D 132 -69.20 37.75 -10.94
C GLU D 132 -69.86 36.69 -10.07
N VAL D 133 -69.61 35.42 -10.36
CA VAL D 133 -70.29 34.35 -9.63
C VAL D 133 -69.79 34.27 -8.19
N TYR D 134 -68.47 34.38 -7.98
CA TYR D 134 -67.88 34.10 -6.68
C TYR D 134 -67.32 35.33 -5.98
N LEU D 135 -66.39 36.04 -6.61
CA LEU D 135 -65.60 37.03 -5.90
C LEU D 135 -66.40 38.30 -5.61
N LYS D 136 -67.20 38.76 -6.58
CA LYS D 136 -67.94 40.00 -6.39
C LYS D 136 -68.94 39.91 -5.23
N PRO D 137 -69.80 38.89 -5.13
CA PRO D 137 -70.66 38.81 -3.93
C PRO D 137 -69.87 38.59 -2.66
N TYR D 138 -68.70 37.97 -2.74
CA TYR D 138 -67.91 37.69 -1.54
C TYR D 138 -67.21 38.94 -1.02
N PHE D 139 -66.91 39.90 -1.89
CA PHE D 139 -66.16 41.09 -1.52
C PHE D 139 -66.96 42.38 -1.65
N LEU D 140 -68.29 42.28 -1.75
CA LEU D 140 -69.13 43.46 -1.93
C LEU D 140 -69.56 43.99 -0.57
N GLU D 141 -69.13 45.21 -0.24
CA GLU D 141 -69.47 45.88 1.01
C GLU D 141 -69.12 45.00 2.21
N ALA D 142 -67.89 44.48 2.21
CA ALA D 142 -67.45 43.60 3.28
C ALA D 142 -66.17 44.12 3.93
N TYR D 143 -65.30 44.76 3.14
CA TYR D 143 -64.02 45.29 3.61
C TYR D 143 -63.18 44.21 4.26
N ARG D 144 -63.07 43.06 3.60
CA ARG D 144 -62.35 41.92 4.17
C ARG D 144 -60.85 42.18 4.15
N PRO D 145 -60.14 41.91 5.25
CA PRO D 145 -58.68 41.98 5.21
C PRO D 145 -58.09 40.66 4.69
N ILE D 146 -57.12 40.77 3.78
CA ILE D 146 -56.53 39.60 3.14
C ILE D 146 -55.02 39.73 3.16
N ARG D 147 -54.35 38.60 2.89
CA ARG D 147 -52.90 38.53 2.83
C ARG D 147 -52.48 37.81 1.55
N LYS D 148 -51.30 38.15 1.07
CA LYS D 148 -50.71 37.42 -0.05
C LYS D 148 -50.49 35.96 0.34
N GLY D 149 -50.90 35.05 -0.54
CA GLY D 149 -50.81 33.63 -0.27
C GLY D 149 -51.96 33.06 0.53
N ASP D 150 -52.96 33.85 0.86
CA ASP D 150 -54.11 33.35 1.59
C ASP D 150 -54.92 32.39 0.74
N ILE D 151 -55.52 31.40 1.39
CA ILE D 151 -56.42 30.44 0.75
C ILE D 151 -57.80 30.62 1.36
N PHE D 152 -58.78 30.99 0.54
CA PHE D 152 -60.13 31.25 1.04
C PHE D 152 -61.16 30.60 0.13
N LEU D 153 -62.21 30.05 0.75
CA LEU D 153 -63.25 29.31 0.04
C LEU D 153 -64.46 30.22 -0.15
N VAL D 154 -65.03 30.22 -1.36
CA VAL D 154 -66.14 31.08 -1.71
C VAL D 154 -67.32 30.21 -2.13
N ARG D 155 -68.51 30.56 -1.63
CA ARG D 155 -69.73 29.88 -2.01
C ARG D 155 -70.24 30.42 -3.35
N GLY D 156 -71.42 29.96 -3.75
CA GLY D 156 -71.99 30.33 -5.02
C GLY D 156 -71.71 29.33 -6.12
N GLY D 157 -72.31 29.57 -7.28
CA GLY D 157 -72.25 28.64 -8.38
C GLY D 157 -72.97 27.36 -8.04
N MET D 158 -72.56 26.29 -8.73
CA MET D 158 -72.94 24.95 -8.34
C MET D 158 -72.02 24.39 -7.25
N ARG D 159 -70.85 24.99 -7.06
CA ARG D 159 -69.79 24.37 -6.29
C ARG D 159 -68.88 25.44 -5.71
N ALA D 160 -68.64 25.36 -4.40
CA ALA D 160 -67.74 26.31 -3.75
C ALA D 160 -66.32 26.17 -4.29
N VAL D 161 -65.65 27.30 -4.48
CA VAL D 161 -64.35 27.34 -5.13
C VAL D 161 -63.34 27.97 -4.18
N GLU D 162 -62.18 27.33 -4.06
CA GLU D 162 -61.09 27.87 -3.25
C GLU D 162 -60.20 28.75 -4.12
N PHE D 163 -59.79 29.88 -3.58
CA PHE D 163 -58.96 30.84 -4.28
C PHE D 163 -57.71 31.14 -3.45
N LYS D 164 -56.61 31.41 -4.16
CA LYS D 164 -55.35 31.79 -3.55
C LYS D 164 -55.00 33.21 -3.96
N VAL D 165 -54.75 34.06 -2.96
CA VAL D 165 -54.39 35.46 -3.21
C VAL D 165 -52.93 35.48 -3.64
N VAL D 166 -52.69 35.61 -4.94
CA VAL D 166 -51.33 35.54 -5.46
C VAL D 166 -50.64 36.89 -5.53
N GLU D 167 -51.38 38.00 -5.48
CA GLU D 167 -50.75 39.31 -5.51
C GLU D 167 -51.64 40.33 -4.84
N THR D 168 -51.02 41.22 -4.05
CA THR D 168 -51.71 42.31 -3.39
C THR D 168 -50.94 43.60 -3.59
N ASP D 169 -51.70 44.70 -3.71
CA ASP D 169 -51.13 46.04 -3.70
C ASP D 169 -52.11 46.98 -3.02
N PRO D 170 -51.75 47.60 -1.89
CA PRO D 170 -50.43 47.52 -1.25
C PRO D 170 -50.17 46.18 -0.55
N SER D 171 -48.89 45.86 -0.36
CA SER D 171 -48.45 44.58 0.15
C SER D 171 -47.84 44.72 1.54
N PRO D 172 -47.90 43.66 2.37
CA PRO D 172 -48.57 42.40 2.07
C PRO D 172 -50.05 42.41 2.43
N TYR D 173 -50.41 43.22 3.42
CA TYR D 173 -51.77 43.24 3.94
C TYR D 173 -52.54 44.40 3.35
N CYS D 174 -53.75 44.11 2.86
CA CYS D 174 -54.60 45.13 2.26
C CYS D 174 -56.06 44.85 2.57
N ILE D 175 -56.87 45.91 2.52
CA ILE D 175 -58.31 45.80 2.74
C ILE D 175 -58.99 45.80 1.38
N VAL D 176 -59.96 44.91 1.20
CA VAL D 176 -60.70 44.84 -0.05
C VAL D 176 -61.76 45.93 -0.04
N ALA D 177 -61.40 47.10 -0.55
CA ALA D 177 -62.31 48.23 -0.62
C ALA D 177 -63.22 48.10 -1.84
N PRO D 178 -64.34 48.85 -1.86
CA PRO D 178 -65.21 48.80 -3.05
C PRO D 178 -64.50 49.20 -4.33
N ASP D 179 -63.53 50.10 -4.27
CA ASP D 179 -62.79 50.51 -5.46
C ASP D 179 -61.56 49.64 -5.71
N THR D 180 -61.32 48.63 -4.87
CA THR D 180 -60.21 47.71 -5.11
C THR D 180 -60.49 46.86 -6.33
N VAL D 181 -59.50 46.74 -7.21
CA VAL D 181 -59.64 45.99 -8.45
C VAL D 181 -59.22 44.55 -8.22
N ILE D 182 -60.19 43.63 -8.29
CA ILE D 182 -59.96 42.21 -8.09
C ILE D 182 -59.96 41.52 -9.44
N HIS D 183 -58.92 40.75 -9.72
CA HIS D 183 -58.90 39.99 -10.96
C HIS D 183 -58.34 38.60 -10.72
N CYS D 184 -58.82 37.65 -11.54
CA CYS D 184 -58.50 36.23 -11.41
C CYS D 184 -58.20 35.61 -12.77
N GLU D 185 -57.42 36.31 -13.59
CA GLU D 185 -57.03 35.81 -14.91
C GLU D 185 -55.58 35.38 -14.86
N GLY D 186 -55.35 34.09 -15.02
CA GLY D 186 -53.99 33.55 -15.00
C GLY D 186 -54.03 32.04 -14.93
N GLU D 187 -52.83 31.46 -14.93
CA GLU D 187 -52.72 30.01 -14.84
C GLU D 187 -53.23 29.54 -13.47
N PRO D 188 -54.20 28.64 -13.43
CA PRO D 188 -54.78 28.23 -12.13
C PRO D 188 -53.72 27.58 -11.24
N ILE D 189 -53.81 27.87 -9.94
CA ILE D 189 -52.86 27.30 -9.00
C ILE D 189 -53.13 25.80 -8.86
N LYS D 190 -52.14 24.99 -9.23
CA LYS D 190 -52.30 23.55 -9.20
C LYS D 190 -52.38 23.03 -7.77
N ARG D 191 -53.06 21.89 -7.62
CA ARG D 191 -53.20 21.29 -6.29
C ARG D 191 -51.87 20.76 -5.78
N GLU D 192 -50.95 20.41 -6.68
CA GLU D 192 -49.66 19.88 -6.27
C GLU D 192 -48.89 20.91 -5.46
N ASP D 193 -48.90 22.16 -5.91
CA ASP D 193 -48.21 23.23 -5.20
C ASP D 193 -48.82 23.45 -3.82
N GLU D 194 -50.16 23.46 -3.76
CA GLU D 194 -50.83 23.65 -2.48
C GLU D 194 -50.52 22.50 -1.51
N GLU D 195 -50.52 21.26 -2.02
CA GLU D 195 -50.22 20.12 -1.17
C GLU D 195 -48.77 20.15 -0.69
N GLU D 196 -47.84 20.52 -1.58
CA GLU D 196 -46.45 20.63 -1.17
C GLU D 196 -46.25 21.70 -0.11
N SER D 197 -46.93 22.84 -0.26
CA SER D 197 -46.87 23.88 0.75
C SER D 197 -47.48 23.40 2.07
N LEU D 198 -48.58 22.66 1.99
CA LEU D 198 -49.25 22.19 3.20
C LEU D 198 -48.39 21.19 3.95
N ASN D 199 -47.75 20.28 3.23
CA ASN D 199 -46.96 19.21 3.84
C ASN D 199 -45.50 19.60 4.04
N GLU D 200 -45.19 20.88 4.11
CA GLU D 200 -43.82 21.31 4.38
C GLU D 200 -43.43 20.95 5.81
N VAL D 201 -42.15 20.65 6.01
CA VAL D 201 -41.70 20.12 7.28
C VAL D 201 -41.42 21.25 8.27
N GLY D 202 -42.00 21.16 9.46
CA GLY D 202 -41.67 22.06 10.54
C GLY D 202 -41.00 21.32 11.69
N TYR D 203 -40.79 21.98 12.82
CA TYR D 203 -40.16 21.31 13.95
C TYR D 203 -41.04 20.20 14.50
N ASP D 204 -42.35 20.31 14.34
CA ASP D 204 -43.26 19.29 14.86
C ASP D 204 -43.16 17.97 14.10
N ASP D 205 -42.47 17.95 12.96
CA ASP D 205 -42.29 16.74 12.18
C ASP D 205 -41.08 15.93 12.60
N ILE D 206 -40.34 16.37 13.63
CA ILE D 206 -39.18 15.66 14.13
C ILE D 206 -39.52 15.06 15.49
N GLY D 207 -39.28 13.76 15.63
CA GLY D 207 -39.54 13.06 16.87
C GLY D 207 -38.26 12.52 17.47
N GLY D 208 -38.21 12.49 18.80
CA GLY D 208 -37.07 11.93 19.50
C GLY D 208 -35.82 12.78 19.51
N CYS D 209 -35.91 14.06 19.14
CA CYS D 209 -34.76 14.95 19.09
C CYS D 209 -35.04 16.23 19.85
N ARG D 210 -35.59 16.12 21.06
CA ARG D 210 -35.98 17.30 21.81
C ARG D 210 -34.75 18.04 22.33
N LYS D 211 -33.77 17.30 22.87
CA LYS D 211 -32.49 17.90 23.23
C LYS D 211 -31.85 18.58 22.04
N GLN D 212 -31.79 17.89 20.90
CA GLN D 212 -31.08 18.40 19.75
C GLN D 212 -31.77 19.64 19.18
N LEU D 213 -33.10 19.64 19.17
CA LEU D 213 -33.84 20.82 18.74
C LEU D 213 -33.59 22.00 19.66
N ALA D 214 -33.58 21.76 20.98
CA ALA D 214 -33.30 22.85 21.90
C ALA D 214 -31.89 23.40 21.69
N GLN D 215 -30.90 22.51 21.50
CA GLN D 215 -29.53 22.95 21.28
C GLN D 215 -29.40 23.74 19.98
N ILE D 216 -30.09 23.29 18.93
CA ILE D 216 -30.03 23.98 17.65
C ILE D 216 -30.65 25.37 17.76
N LYS D 217 -31.79 25.48 18.45
CA LYS D 217 -32.39 26.80 18.66
C LYS D 217 -31.46 27.70 19.48
N GLU D 218 -30.79 27.13 20.48
CA GLU D 218 -29.89 27.94 21.30
C GLU D 218 -28.69 28.43 20.51
N MET D 219 -28.14 27.58 19.65
CA MET D 219 -26.90 27.90 18.95
C MET D 219 -27.10 28.49 17.56
N VAL D 220 -28.30 28.42 17.01
CA VAL D 220 -28.54 28.93 15.66
C VAL D 220 -29.59 30.03 15.69
N GLU D 221 -30.80 29.69 16.14
CA GLU D 221 -31.88 30.65 16.12
C GLU D 221 -31.65 31.78 17.11
N LEU D 222 -31.18 31.46 18.31
CA LEU D 222 -31.00 32.49 19.32
C LEU D 222 -29.96 33.54 18.96
N PRO D 223 -28.74 33.18 18.54
CA PRO D 223 -27.75 34.24 18.21
C PRO D 223 -28.20 35.19 17.11
N LEU D 224 -28.85 34.67 16.07
CA LEU D 224 -29.35 35.53 15.01
C LEU D 224 -30.61 36.28 15.43
N ARG D 225 -31.41 35.69 16.31
CA ARG D 225 -32.66 36.29 16.75
C ARG D 225 -32.36 37.53 17.57
N HIS D 226 -31.46 37.39 18.55
CA HIS D 226 -31.11 38.44 19.51
C HIS D 226 -29.59 38.51 19.64
N PRO D 227 -28.89 39.08 18.66
CA PRO D 227 -27.44 39.23 18.81
C PRO D 227 -27.04 40.11 19.99
N ALA D 228 -27.87 41.10 20.34
CA ALA D 228 -27.57 41.97 21.46
C ALA D 228 -27.57 41.22 22.78
N LEU D 229 -28.30 40.11 22.86
CA LEU D 229 -28.29 39.30 24.07
C LEU D 229 -26.89 38.76 24.36
N PHE D 230 -26.21 38.27 23.33
CA PHE D 230 -24.84 37.81 23.50
C PHE D 230 -23.84 38.96 23.58
N LYS D 231 -24.13 40.07 22.89
CA LYS D 231 -23.24 41.22 22.97
C LYS D 231 -23.20 41.81 24.38
N GLU D 232 -24.36 41.88 25.04
CA GLU D 232 -24.42 42.50 26.37
C GLU D 232 -23.62 41.69 27.39
N ILE D 233 -23.74 40.36 27.34
CA ILE D 233 -23.02 39.50 28.28
C ILE D 233 -21.58 39.29 27.86
N GLY D 234 -21.18 39.86 26.74
CA GLY D 234 -19.78 39.84 26.31
C GLY D 234 -19.25 38.50 25.86
N VAL D 235 -20.04 37.72 25.13
CA VAL D 235 -19.58 36.47 24.52
C VAL D 235 -19.98 36.47 23.05
N LYS D 236 -19.22 35.72 22.26
CA LYS D 236 -19.49 35.59 20.84
C LYS D 236 -20.08 34.22 20.53
N PRO D 237 -21.21 34.16 19.84
CA PRO D 237 -21.85 32.88 19.54
C PRO D 237 -20.99 32.05 18.60
N PRO D 238 -20.99 30.73 18.77
CA PRO D 238 -20.29 29.87 17.82
C PRO D 238 -20.70 30.12 16.38
N ARG D 239 -19.74 29.92 15.48
CA ARG D 239 -19.95 30.13 14.06
C ARG D 239 -20.31 28.85 13.32
N GLY D 240 -19.81 27.70 13.78
CA GLY D 240 -20.02 26.45 13.08
C GLY D 240 -20.66 25.36 13.90
N ILE D 241 -21.83 24.89 13.45
CA ILE D 241 -22.56 23.81 14.10
C ILE D 241 -22.62 22.65 13.12
N LEU D 242 -22.13 21.49 13.56
CA LEU D 242 -22.07 20.28 12.73
C LEU D 242 -23.02 19.25 13.31
N LEU D 243 -24.03 18.86 12.53
CA LEU D 243 -24.93 17.80 12.92
C LEU D 243 -24.34 16.46 12.47
N TYR D 244 -24.23 15.50 13.39
CA TYR D 244 -23.75 14.19 13.00
C TYR D 244 -24.65 13.11 13.60
N GLY D 245 -24.52 11.91 13.05
CA GLY D 245 -25.30 10.78 13.48
C GLY D 245 -25.38 9.74 12.38
N PRO D 246 -25.85 8.54 12.70
CA PRO D 246 -25.97 7.49 11.70
C PRO D 246 -26.99 7.86 10.63
N PRO D 247 -26.89 7.28 9.44
CA PRO D 247 -27.81 7.64 8.35
C PRO D 247 -29.26 7.39 8.72
N GLY D 248 -30.14 8.28 8.26
CA GLY D 248 -31.56 8.14 8.49
C GLY D 248 -32.05 8.65 9.82
N THR D 249 -31.23 9.37 10.58
CA THR D 249 -31.64 9.87 11.88
C THR D 249 -32.39 11.19 11.82
N GLY D 250 -32.45 11.83 10.65
CA GLY D 250 -33.21 13.04 10.47
C GLY D 250 -32.42 14.33 10.38
N LYS D 251 -31.13 14.27 10.03
CA LYS D 251 -30.35 15.50 9.89
C LYS D 251 -30.86 16.35 8.75
N THR D 252 -31.14 15.75 7.60
CA THR D 252 -31.72 16.50 6.49
C THR D 252 -33.14 16.95 6.81
N LEU D 253 -33.89 16.13 7.54
CA LEU D 253 -35.22 16.55 7.98
C LEU D 253 -35.14 17.75 8.91
N ILE D 254 -34.15 17.75 9.82
CA ILE D 254 -33.94 18.89 10.69
C ILE D 254 -33.55 20.12 9.86
N ALA D 255 -32.74 19.92 8.82
CA ALA D 255 -32.38 21.04 7.94
C ALA D 255 -33.62 21.62 7.27
N ARG D 256 -34.49 20.75 6.76
CA ARG D 256 -35.72 21.22 6.12
C ARG D 256 -36.59 21.96 7.13
N ALA D 257 -36.70 21.44 8.34
CA ALA D 257 -37.48 22.11 9.37
C ALA D 257 -36.92 23.48 9.70
N VAL D 258 -35.59 23.58 9.86
CA VAL D 258 -34.97 24.86 10.16
C VAL D 258 -35.22 25.84 9.02
N ALA D 259 -35.12 25.36 7.78
CA ALA D 259 -35.38 26.22 6.64
C ALA D 259 -36.82 26.73 6.64
N ASN D 260 -37.78 25.88 6.97
CA ASN D 260 -39.18 26.28 6.95
C ASN D 260 -39.62 26.99 8.22
N GLU D 261 -38.76 27.08 9.24
CA GLU D 261 -39.16 27.62 10.54
C GLU D 261 -38.38 28.88 10.92
N THR D 262 -37.39 29.26 10.13
CA THR D 262 -36.48 30.32 10.53
C THR D 262 -36.89 31.65 9.90
N GLY D 263 -36.66 32.74 10.63
CA GLY D 263 -36.85 34.06 10.06
C GLY D 263 -35.63 34.54 9.30
N ALA D 264 -34.47 33.95 9.60
CA ALA D 264 -33.25 34.33 8.90
C ALA D 264 -33.27 33.78 7.48
N PHE D 265 -32.44 34.39 6.63
CA PHE D 265 -32.28 33.91 5.27
C PHE D 265 -31.59 32.55 5.29
N PHE D 266 -32.12 31.60 4.52
CA PHE D 266 -31.61 30.24 4.53
C PHE D 266 -31.06 29.88 3.16
N PHE D 267 -29.82 29.40 3.13
CA PHE D 267 -29.19 28.89 1.92
C PHE D 267 -28.80 27.44 2.16
N LEU D 268 -29.20 26.57 1.24
CA LEU D 268 -28.94 25.14 1.36
C LEU D 268 -27.87 24.74 0.35
N ILE D 269 -26.84 24.04 0.85
CA ILE D 269 -25.78 23.51 0.02
C ILE D 269 -25.73 22.00 0.23
N ASN D 270 -25.71 21.25 -0.87
CA ASN D 270 -25.58 19.80 -0.82
C ASN D 270 -24.16 19.42 -1.24
N GLY D 271 -23.67 18.30 -0.72
CA GLY D 271 -22.38 17.77 -1.13
C GLY D 271 -22.33 17.41 -2.60
N PRO D 272 -23.13 16.43 -3.01
CA PRO D 272 -23.18 16.08 -4.45
C PRO D 272 -23.58 17.24 -5.35
N GLU D 273 -24.36 18.19 -4.82
CA GLU D 273 -24.54 19.48 -5.48
C GLU D 273 -23.21 20.06 -5.97
N ILE D 274 -22.31 20.32 -5.03
CA ILE D 274 -21.06 21.02 -5.35
C ILE D 274 -20.11 20.11 -6.11
N MET D 275 -20.02 18.84 -5.71
CA MET D 275 -19.01 17.97 -6.29
C MET D 275 -19.34 17.51 -7.70
N SER D 276 -20.59 17.68 -8.15
CA SER D 276 -20.97 17.29 -9.51
C SER D 276 -20.64 18.35 -10.55
N LYS D 277 -20.22 19.54 -10.12
CA LYS D 277 -19.90 20.62 -11.05
C LYS D 277 -18.47 20.51 -11.53
N LEU D 278 -18.18 21.18 -12.64
CA LEU D 278 -16.83 21.21 -13.18
C LEU D 278 -15.92 22.02 -12.26
N ALA D 279 -14.62 21.77 -12.38
CA ALA D 279 -13.65 22.51 -11.59
C ALA D 279 -13.74 24.00 -11.90
N GLY D 280 -13.80 24.81 -10.85
CA GLY D 280 -14.00 26.24 -10.98
C GLY D 280 -15.45 26.68 -10.88
N GLU D 281 -16.40 25.78 -11.07
CA GLU D 281 -17.80 26.10 -10.85
C GLU D 281 -18.25 25.73 -9.44
N SER D 282 -17.68 24.67 -8.87
CA SER D 282 -17.95 24.33 -7.47
C SER D 282 -17.48 25.44 -6.53
N GLU D 283 -16.25 25.92 -6.75
CA GLU D 283 -15.71 26.99 -5.94
C GLU D 283 -16.52 28.27 -6.12
N SER D 284 -16.92 28.57 -7.35
CA SER D 284 -17.72 29.75 -7.60
C SER D 284 -19.07 29.65 -6.91
N ASN D 285 -19.71 28.48 -6.94
CA ASN D 285 -20.97 28.30 -6.26
C ASN D 285 -20.83 28.45 -4.76
N LEU D 286 -19.76 27.89 -4.18
CA LEU D 286 -19.55 28.02 -2.74
C LEU D 286 -19.33 29.48 -2.33
N ARG D 287 -18.48 30.19 -3.08
CA ARG D 287 -18.24 31.60 -2.78
C ARG D 287 -19.51 32.43 -2.96
N LYS D 288 -20.30 32.14 -4.01
CA LYS D 288 -21.54 32.85 -4.22
C LYS D 288 -22.53 32.58 -3.10
N ALA D 289 -22.57 31.35 -2.59
CA ALA D 289 -23.45 31.05 -1.47
C ALA D 289 -23.06 31.84 -0.24
N PHE D 290 -21.76 31.88 0.07
CA PHE D 290 -21.32 32.62 1.25
C PHE D 290 -21.58 34.12 1.09
N GLU D 291 -21.34 34.67 -0.10
CA GLU D 291 -21.60 36.09 -0.33
C GLU D 291 -23.09 36.40 -0.27
N GLU D 292 -23.93 35.50 -0.79
CA GLU D 292 -25.38 35.67 -0.73
C GLU D 292 -25.86 35.66 0.71
N ALA D 293 -25.32 34.76 1.53
CA ALA D 293 -25.68 34.73 2.94
C ALA D 293 -25.24 36.02 3.64
N GLU D 294 -24.03 36.50 3.34
CA GLU D 294 -23.55 37.72 3.99
C GLU D 294 -24.38 38.93 3.58
N LYS D 295 -24.86 38.95 2.34
CA LYS D 295 -25.66 40.08 1.87
C LYS D 295 -27.03 40.11 2.53
N ASN D 296 -27.62 38.93 2.77
CA ASN D 296 -28.96 38.82 3.35
C ASN D 296 -28.91 38.51 4.85
N ALA D 297 -27.94 39.06 5.57
CA ALA D 297 -27.81 38.78 6.99
C ALA D 297 -29.01 39.34 7.76
N PRO D 298 -29.42 38.65 8.85
CA PRO D 298 -28.87 37.39 9.34
C PRO D 298 -29.24 36.20 8.47
N ALA D 299 -28.31 35.26 8.30
CA ALA D 299 -28.48 34.15 7.38
C ALA D 299 -27.95 32.87 7.99
N ILE D 300 -28.47 31.75 7.49
CA ILE D 300 -28.01 30.42 7.85
C ILE D 300 -27.55 29.72 6.58
N ILE D 301 -26.36 29.16 6.62
CA ILE D 301 -25.84 28.32 5.54
C ILE D 301 -25.86 26.89 6.04
N PHE D 302 -26.58 26.02 5.35
CA PHE D 302 -26.59 24.59 5.66
C PHE D 302 -25.87 23.85 4.54
N ILE D 303 -24.83 23.11 4.91
CA ILE D 303 -24.08 22.30 3.97
C ILE D 303 -24.39 20.84 4.30
N ASP D 304 -25.40 20.29 3.61
CA ASP D 304 -25.76 18.90 3.79
C ASP D 304 -24.71 18.00 3.14
N GLU D 305 -24.42 16.87 3.80
CA GLU D 305 -23.40 15.93 3.35
C GLU D 305 -22.04 16.62 3.20
N LEU D 306 -21.54 17.12 4.33
CA LEU D 306 -20.27 17.83 4.33
C LEU D 306 -19.11 16.94 3.93
N ASP D 307 -19.18 15.65 4.25
CA ASP D 307 -18.08 14.74 3.92
C ASP D 307 -17.92 14.58 2.40
N ALA D 308 -18.97 14.88 1.64
CA ALA D 308 -18.86 14.80 0.18
C ALA D 308 -17.89 15.84 -0.37
N ILE D 309 -17.88 17.04 0.23
CA ILE D 309 -17.04 18.12 -0.26
C ILE D 309 -15.74 18.27 0.52
N ALA D 310 -15.68 17.81 1.77
CA ALA D 310 -14.53 18.06 2.63
C ALA D 310 -14.07 16.77 3.32
N PRO D 311 -13.44 15.86 2.58
CA PRO D 311 -12.75 14.74 3.22
C PRO D 311 -11.39 15.19 3.73
N LYS D 312 -10.68 14.26 4.37
CA LYS D 312 -9.35 14.55 4.88
C LYS D 312 -8.42 14.87 3.72
N ARG D 313 -7.74 16.02 3.82
CA ARG D 313 -6.97 16.54 2.69
C ARG D 313 -5.82 15.61 2.32
N GLU D 314 -5.11 15.10 3.32
CA GLU D 314 -3.99 14.19 3.04
C GLU D 314 -4.48 12.89 2.41
N LYS D 315 -5.61 12.38 2.88
CA LYS D 315 -6.21 11.17 2.34
C LYS D 315 -7.00 11.42 1.07
N THR D 316 -6.87 12.61 0.47
CA THR D 316 -7.49 12.93 -0.80
C THR D 316 -6.41 13.05 -1.87
N HIS D 317 -6.75 12.60 -3.07
CA HIS D 317 -5.81 12.58 -4.18
C HIS D 317 -6.07 13.63 -5.25
N GLY D 318 -7.31 14.11 -5.37
CA GLY D 318 -7.62 15.14 -6.35
C GLY D 318 -7.01 16.48 -5.98
N GLU D 319 -6.52 17.17 -7.00
CA GLU D 319 -6.03 18.53 -6.81
C GLU D 319 -7.21 19.45 -6.56
N VAL D 320 -8.25 19.31 -7.37
CA VAL D 320 -9.43 20.17 -7.28
C VAL D 320 -10.16 19.94 -5.95
N GLU D 321 -10.18 18.70 -5.47
CA GLU D 321 -10.84 18.40 -4.20
C GLU D 321 -10.14 19.11 -3.05
N ARG D 322 -8.81 19.05 -3.01
CA ARG D 322 -8.07 19.77 -1.97
C ARG D 322 -8.28 21.27 -2.09
N ARG D 323 -8.33 21.78 -3.32
CA ARG D 323 -8.60 23.20 -3.49
C ARG D 323 -9.99 23.58 -2.98
N ILE D 324 -10.98 22.72 -3.17
CA ILE D 324 -12.32 22.96 -2.66
C ILE D 324 -12.33 22.98 -1.13
N VAL D 325 -11.62 22.03 -0.51
CA VAL D 325 -11.54 22.01 0.95
C VAL D 325 -10.87 23.27 1.48
N SER D 326 -9.79 23.69 0.83
CA SER D 326 -9.10 24.92 1.25
C SER D 326 -10.01 26.13 1.07
N GLN D 327 -10.78 26.18 -0.02
CA GLN D 327 -11.71 27.27 -0.23
C GLN D 327 -12.78 27.31 0.86
N LEU D 328 -13.29 26.14 1.25
CA LEU D 328 -14.27 26.09 2.34
C LEU D 328 -13.66 26.59 3.64
N LEU D 329 -12.42 26.18 3.94
CA LEU D 329 -11.76 26.67 5.15
C LEU D 329 -11.60 28.18 5.11
N THR D 330 -11.20 28.72 3.97
CA THR D 330 -11.03 30.17 3.84
C THR D 330 -12.36 30.90 4.03
N LEU D 331 -13.44 30.37 3.45
CA LEU D 331 -14.74 31.01 3.60
C LEU D 331 -15.21 30.95 5.04
N MET D 332 -14.98 29.84 5.73
CA MET D 332 -15.34 29.76 7.15
C MET D 332 -14.54 30.76 7.97
N ASP D 333 -13.26 30.94 7.66
CA ASP D 333 -12.45 31.92 8.38
C ASP D 333 -12.82 33.36 8.02
N GLY D 334 -13.44 33.56 6.86
CA GLY D 334 -13.74 34.91 6.40
C GLY D 334 -14.82 35.62 7.19
N LEU D 335 -15.67 34.87 7.90
CA LEU D 335 -16.70 35.49 8.72
C LEU D 335 -16.07 36.25 9.88
N LYS D 336 -16.60 37.44 10.15
CA LYS D 336 -16.09 38.30 11.20
C LYS D 336 -17.00 38.38 12.43
N GLN D 337 -17.95 37.45 12.56
CA GLN D 337 -18.81 37.31 13.73
C GLN D 337 -19.78 38.49 13.88
N ARG D 338 -19.65 39.50 13.02
CA ARG D 338 -20.65 40.54 12.88
C ARG D 338 -21.44 40.37 11.58
N ALA D 339 -20.99 39.47 10.71
CA ALA D 339 -21.74 39.18 9.49
C ALA D 339 -23.07 38.51 9.79
N HIS D 340 -23.25 38.04 11.03
CA HIS D 340 -24.49 37.39 11.47
C HIS D 340 -24.85 36.23 10.55
N VAL D 341 -23.83 35.47 10.14
CA VAL D 341 -24.01 34.29 9.31
C VAL D 341 -23.54 33.09 10.11
N ILE D 342 -24.43 32.11 10.27
CA ILE D 342 -24.13 30.87 10.97
C ILE D 342 -24.13 29.74 9.95
N VAL D 343 -23.05 28.98 9.91
CA VAL D 343 -22.89 27.88 8.98
C VAL D 343 -23.23 26.59 9.70
N MET D 344 -24.18 25.84 9.17
CA MET D 344 -24.57 24.54 9.70
C MET D 344 -24.16 23.47 8.69
N ALA D 345 -23.77 22.30 9.19
CA ALA D 345 -23.39 21.20 8.33
C ALA D 345 -23.90 19.90 8.93
N ALA D 346 -24.23 18.95 8.05
CA ALA D 346 -24.68 17.63 8.45
C ALA D 346 -23.80 16.59 7.80
N THR D 347 -23.38 15.60 8.58
CA THR D 347 -22.62 14.49 8.04
C THR D 347 -22.91 13.24 8.86
N ASN D 348 -22.92 12.09 8.20
CA ASN D 348 -23.02 10.81 8.87
C ASN D 348 -21.66 10.14 9.04
N ARG D 349 -20.59 10.80 8.64
CA ARG D 349 -19.22 10.33 8.86
C ARG D 349 -18.40 11.48 9.45
N PRO D 350 -18.62 11.80 10.73
CA PRO D 350 -17.89 12.93 11.33
C PRO D 350 -16.38 12.75 11.33
N ASN D 351 -15.89 11.51 11.46
CA ASN D 351 -14.45 11.27 11.40
C ASN D 351 -13.89 11.51 10.01
N SER D 352 -14.72 11.34 8.98
CA SER D 352 -14.26 11.55 7.61
C SER D 352 -14.03 13.01 7.29
N ILE D 353 -14.52 13.93 8.13
CA ILE D 353 -14.32 15.35 7.88
C ILE D 353 -12.86 15.71 8.12
N ASP D 354 -12.35 16.63 7.31
CA ASP D 354 -11.01 17.15 7.53
C ASP D 354 -10.93 17.78 8.91
N PRO D 355 -9.95 17.39 9.74
CA PRO D 355 -9.90 17.94 11.11
C PRO D 355 -9.76 19.45 11.17
N ALA D 356 -9.18 20.08 10.14
CA ALA D 356 -9.03 21.53 10.16
C ALA D 356 -10.37 22.24 10.25
N LEU D 357 -11.43 21.65 9.70
CA LEU D 357 -12.75 22.26 9.76
C LEU D 357 -13.38 22.16 11.15
N ARG D 358 -12.81 21.38 12.05
CA ARG D 358 -13.34 21.23 13.40
C ARG D 358 -12.57 22.06 14.42
N ARG D 359 -11.82 23.05 13.97
CA ARG D 359 -11.02 23.90 14.83
C ARG D 359 -11.85 25.08 15.35
N PHE D 360 -11.18 25.99 16.05
CA PHE D 360 -11.83 27.20 16.54
C PHE D 360 -12.13 28.14 15.38
N GLY D 361 -13.25 28.85 15.49
CA GLY D 361 -13.70 29.70 14.40
C GLY D 361 -14.30 28.97 13.24
N ARG D 362 -14.56 27.67 13.40
CA ARG D 362 -15.05 26.78 12.34
C ARG D 362 -16.09 25.90 12.99
N PHE D 363 -16.36 24.73 12.39
CA PHE D 363 -17.39 23.86 12.94
C PHE D 363 -16.93 23.32 14.29
N ASP D 364 -16.99 24.18 15.31
CA ASP D 364 -16.53 23.85 16.65
C ASP D 364 -17.61 23.28 17.54
N ARG D 365 -18.89 23.53 17.23
CA ARG D 365 -19.98 22.94 17.96
C ARG D 365 -20.52 21.74 17.18
N GLU D 366 -20.84 20.67 17.90
CA GLU D 366 -21.32 19.44 17.28
C GLU D 366 -22.57 18.95 18.01
N VAL D 367 -23.59 18.60 17.24
CA VAL D 367 -24.85 18.10 17.77
C VAL D 367 -25.03 16.67 17.28
N ASP D 368 -25.23 15.75 18.20
CA ASP D 368 -25.37 14.33 17.89
C ASP D 368 -26.83 13.98 17.72
N ILE D 369 -27.24 13.75 16.47
CA ILE D 369 -28.58 13.22 16.18
C ILE D 369 -28.45 11.70 16.24
N GLY D 370 -28.57 11.15 17.44
CA GLY D 370 -28.31 9.75 17.67
C GLY D 370 -29.51 8.86 17.36
N ILE D 371 -29.35 7.58 17.68
CA ILE D 371 -30.44 6.62 17.49
C ILE D 371 -31.54 6.88 18.51
N PRO D 372 -32.80 7.01 18.10
CA PRO D 372 -33.87 7.24 19.07
C PRO D 372 -34.09 6.04 19.98
N ASP D 373 -34.57 6.33 21.19
CA ASP D 373 -34.98 5.29 22.12
C ASP D 373 -36.44 4.91 21.85
N ALA D 374 -37.03 4.14 22.77
CA ALA D 374 -38.40 3.67 22.58
C ALA D 374 -39.39 4.84 22.54
N THR D 375 -39.23 5.81 23.44
CA THR D 375 -40.10 6.98 23.43
C THR D 375 -39.89 7.80 22.15
N GLY D 376 -38.64 7.99 21.76
CA GLY D 376 -38.35 8.74 20.55
C GLY D 376 -38.93 8.09 19.31
N ARG D 377 -38.79 6.77 19.20
CA ARG D 377 -39.32 6.09 18.03
C ARG D 377 -40.84 5.99 18.07
N LEU D 378 -41.43 5.98 19.27
CA LEU D 378 -42.88 6.13 19.37
C LEU D 378 -43.32 7.48 18.84
N GLU D 379 -42.60 8.54 19.19
CA GLU D 379 -42.89 9.86 18.65
C GLU D 379 -42.76 9.88 17.13
N ILE D 380 -41.71 9.25 16.60
CA ILE D 380 -41.52 9.19 15.15
C ILE D 380 -42.67 8.44 14.48
N LEU D 381 -43.09 7.32 15.07
CA LEU D 381 -44.20 6.56 14.50
C LEU D 381 -45.49 7.36 14.52
N GLN D 382 -45.74 8.10 15.60
CA GLN D 382 -46.93 8.94 15.66
C GLN D 382 -46.87 10.05 14.61
N ILE D 383 -45.70 10.64 14.40
CA ILE D 383 -45.56 11.69 13.39
C ILE D 383 -45.80 11.12 12.00
N HIS D 384 -45.22 9.95 11.71
CA HIS D 384 -45.26 9.44 10.34
C HIS D 384 -46.63 8.87 9.98
N THR D 385 -47.37 8.39 10.97
CA THR D 385 -48.69 7.81 10.72
C THR D 385 -49.82 8.79 10.99
N LYS D 386 -49.51 10.08 11.16
CA LYS D 386 -50.57 11.06 11.48
C LYS D 386 -51.54 11.23 10.32
N ASN D 387 -51.05 11.12 9.09
CA ASN D 387 -51.89 11.23 7.90
C ASN D 387 -52.15 9.87 7.25
N MET D 388 -51.91 8.78 8.00
CA MET D 388 -52.06 7.43 7.50
C MET D 388 -53.36 6.83 8.01
N LYS D 389 -54.06 6.11 7.14
CA LYS D 389 -55.30 5.45 7.53
C LYS D 389 -54.98 4.22 8.36
N LEU D 390 -55.33 4.27 9.64
CA LEU D 390 -55.02 3.19 10.57
C LEU D 390 -56.32 2.64 11.15
N ALA D 391 -56.22 1.45 11.73
CA ALA D 391 -57.33 0.80 12.41
C ALA D 391 -57.13 0.90 13.92
N ASP D 392 -58.16 0.50 14.67
CA ASP D 392 -58.13 0.62 16.12
C ASP D 392 -57.20 -0.40 16.77
N ASP D 393 -56.92 -1.52 16.11
CA ASP D 393 -56.04 -2.52 16.69
C ASP D 393 -54.57 -2.12 16.64
N VAL D 394 -54.24 -1.05 15.92
CA VAL D 394 -52.86 -0.62 15.77
C VAL D 394 -52.41 0.01 17.08
N ASP D 395 -51.40 -0.59 17.71
CA ASP D 395 -50.82 -0.07 18.95
C ASP D 395 -49.43 0.45 18.62
N LEU D 396 -49.29 1.77 18.51
CA LEU D 396 -47.98 2.35 18.22
C LEU D 396 -47.02 2.14 19.38
N GLU D 397 -47.57 1.93 20.58
CA GLU D 397 -46.77 1.46 21.70
C GLU D 397 -46.03 0.19 21.34
N GLN D 398 -46.76 -0.80 20.83
CA GLN D 398 -46.19 -2.13 20.67
C GLN D 398 -45.17 -2.15 19.55
N VAL D 399 -45.44 -1.42 18.47
CA VAL D 399 -44.48 -1.28 17.39
C VAL D 399 -43.22 -0.59 17.90
N ALA D 400 -43.39 0.46 18.71
CA ALA D 400 -42.22 1.20 19.21
C ALA D 400 -41.35 0.34 20.10
N ASN D 401 -41.95 -0.50 20.94
CA ASN D 401 -41.15 -1.37 21.81
C ASN D 401 -40.43 -2.46 21.03
N GLU D 402 -40.91 -2.78 19.83
CA GLU D 402 -40.41 -3.90 19.05
C GLU D 402 -39.42 -3.48 17.97
N THR D 403 -39.10 -2.19 17.86
CA THR D 403 -38.26 -1.67 16.80
C THR D 403 -36.89 -1.21 17.31
N HIS D 404 -36.28 -1.98 18.21
CA HIS D 404 -34.91 -1.71 18.62
C HIS D 404 -33.99 -1.75 17.42
N GLY D 405 -33.09 -0.76 17.34
CA GLY D 405 -32.17 -0.65 16.22
C GLY D 405 -32.70 0.14 15.05
N HIS D 406 -33.96 0.57 15.10
CA HIS D 406 -34.54 1.34 14.02
C HIS D 406 -34.25 2.83 14.19
N VAL D 407 -33.98 3.50 13.08
CA VAL D 407 -33.90 4.95 13.03
C VAL D 407 -35.16 5.45 12.34
N GLY D 408 -35.34 6.77 12.28
CA GLY D 408 -36.56 7.32 11.71
C GLY D 408 -36.82 6.85 10.29
N ALA D 409 -35.77 6.74 9.48
CA ALA D 409 -35.93 6.22 8.12
C ALA D 409 -36.40 4.78 8.12
N ASP D 410 -35.88 3.97 9.05
CA ASP D 410 -36.34 2.58 9.16
C ASP D 410 -37.81 2.53 9.55
N LEU D 411 -38.25 3.41 10.45
CA LEU D 411 -39.66 3.44 10.83
C LEU D 411 -40.54 3.90 9.68
N ALA D 412 -40.07 4.85 8.88
CA ALA D 412 -40.83 5.25 7.69
C ALA D 412 -40.95 4.09 6.71
N ALA D 413 -39.87 3.35 6.49
CA ALA D 413 -39.93 2.18 5.63
C ALA D 413 -40.87 1.12 6.20
N LEU D 414 -40.87 0.97 7.53
CA LEU D 414 -41.78 0.02 8.18
C LEU D 414 -43.23 0.40 7.92
N CYS D 415 -43.57 1.69 8.06
CA CYS D 415 -44.94 2.12 7.79
C CYS D 415 -45.31 1.92 6.34
N SER D 416 -44.38 2.21 5.42
CA SER D 416 -44.65 1.99 4.00
C SER D 416 -44.90 0.51 3.71
N GLU D 417 -44.11 -0.37 4.30
CA GLU D 417 -44.31 -1.81 4.09
C GLU D 417 -45.63 -2.29 4.70
N ALA D 418 -46.01 -1.74 5.86
CA ALA D 418 -47.32 -2.08 6.42
C ALA D 418 -48.44 -1.67 5.49
N ALA D 419 -48.35 -0.47 4.91
CA ALA D 419 -49.37 -0.03 3.95
C ALA D 419 -49.37 -0.93 2.72
N LEU D 420 -48.19 -1.35 2.25
CA LEU D 420 -48.13 -2.23 1.10
C LEU D 420 -48.78 -3.58 1.40
N GLN D 421 -48.59 -4.11 2.61
CA GLN D 421 -49.27 -5.34 2.99
C GLN D 421 -50.77 -5.13 3.06
N ALA D 422 -51.21 -3.96 3.54
CA ALA D 422 -52.64 -3.66 3.54
C ALA D 422 -53.20 -3.68 2.12
N ILE D 423 -52.45 -3.15 1.16
CA ILE D 423 -52.88 -3.18 -0.23
C ILE D 423 -52.87 -4.61 -0.77
N ARG D 424 -51.88 -5.40 -0.36
CA ARG D 424 -51.84 -6.80 -0.76
C ARG D 424 -53.09 -7.54 -0.30
N LYS D 425 -53.59 -7.18 0.89
CA LYS D 425 -54.81 -7.79 1.40
C LYS D 425 -56.04 -7.46 0.56
N LYS D 426 -55.99 -6.39 -0.25
CA LYS D 426 -57.09 -6.02 -1.13
C LYS D 426 -56.74 -6.25 -2.61
N MET D 427 -55.59 -6.85 -2.88
CA MET D 427 -55.15 -7.17 -4.24
C MET D 427 -56.25 -7.76 -5.13
N ASP D 428 -57.15 -8.57 -4.57
CA ASP D 428 -58.10 -9.29 -5.43
C ASP D 428 -59.07 -8.33 -6.09
N LEU D 429 -59.41 -7.24 -5.42
CA LEU D 429 -60.31 -6.24 -5.98
C LEU D 429 -59.60 -5.18 -6.80
N ILE D 430 -58.28 -5.27 -6.94
CA ILE D 430 -57.49 -4.26 -7.63
C ILE D 430 -56.74 -4.95 -8.77
N ASP D 431 -56.89 -4.42 -9.98
CA ASP D 431 -56.19 -4.97 -11.14
C ASP D 431 -55.27 -3.91 -11.72
N LEU D 432 -54.10 -4.35 -12.20
CA LEU D 432 -53.15 -3.43 -12.80
C LEU D 432 -53.71 -2.84 -14.09
N GLU D 433 -54.36 -3.68 -14.91
CA GLU D 433 -54.88 -3.23 -16.19
C GLU D 433 -56.05 -2.28 -16.03
N ASP D 434 -56.70 -2.29 -14.86
CA ASP D 434 -57.81 -1.39 -14.60
C ASP D 434 -57.35 0.05 -14.68
N GLU D 435 -58.14 0.88 -15.35
CA GLU D 435 -57.83 2.30 -15.47
C GLU D 435 -58.14 3.07 -14.19
N THR D 436 -59.01 2.55 -13.34
CA THR D 436 -59.37 3.21 -12.09
C THR D 436 -59.69 2.16 -11.05
N ILE D 437 -59.64 2.57 -9.78
CA ILE D 437 -59.86 1.69 -8.65
C ILE D 437 -61.17 2.09 -7.98
N ASP D 438 -62.00 1.09 -7.66
CA ASP D 438 -63.31 1.35 -7.08
C ASP D 438 -63.18 2.07 -5.74
N ALA D 439 -64.11 3.00 -5.49
CA ALA D 439 -64.07 3.78 -4.26
C ALA D 439 -64.37 2.96 -3.02
N GLU D 440 -65.11 1.86 -3.16
CA GLU D 440 -65.34 0.98 -2.02
C GLU D 440 -64.02 0.39 -1.52
N VAL D 441 -63.14 0.00 -2.44
CA VAL D 441 -61.81 -0.44 -2.05
C VAL D 441 -61.05 0.72 -1.42
N MET D 442 -61.19 1.93 -1.98
CA MET D 442 -60.47 3.08 -1.46
C MET D 442 -60.80 3.36 0.00
N ASN D 443 -62.09 3.44 0.34
CA ASN D 443 -62.43 3.75 1.73
C ASN D 443 -62.32 2.51 2.61
N SER D 444 -62.25 1.32 2.01
CA SER D 444 -62.00 0.11 2.80
C SER D 444 -60.54 0.02 3.23
N LEU D 445 -59.62 0.58 2.43
CA LEU D 445 -58.20 0.50 2.74
C LEU D 445 -57.86 1.09 4.10
N ALA D 446 -57.34 0.25 4.99
CA ALA D 446 -56.83 0.69 6.28
C ALA D 446 -55.67 -0.20 6.67
N VAL D 447 -54.76 0.36 7.47
CA VAL D 447 -53.59 -0.37 7.94
C VAL D 447 -53.92 -0.92 9.32
N THR D 448 -53.94 -2.25 9.43
CA THR D 448 -54.27 -2.92 10.68
C THR D 448 -53.00 -3.31 11.42
N MET D 449 -53.19 -3.84 12.63
CA MET D 449 -52.04 -4.27 13.43
C MET D 449 -51.33 -5.45 12.78
N ASP D 450 -52.07 -6.32 12.08
CA ASP D 450 -51.43 -7.46 11.43
C ASP D 450 -50.47 -7.01 10.34
N ASP D 451 -50.82 -5.96 9.61
CA ASP D 451 -49.91 -5.40 8.61
C ASP D 451 -48.62 -4.90 9.27
N PHE D 452 -48.75 -4.24 10.42
CA PHE D 452 -47.57 -3.77 11.14
C PHE D 452 -46.74 -4.93 11.64
N ARG D 453 -47.38 -6.00 12.10
CA ARG D 453 -46.64 -7.18 12.54
C ARG D 453 -45.86 -7.81 11.39
N TRP D 454 -46.50 -7.90 10.21
CA TRP D 454 -45.79 -8.44 9.05
C TRP D 454 -44.63 -7.54 8.64
N ALA D 455 -44.84 -6.22 8.65
CA ALA D 455 -43.75 -5.31 8.32
C ALA D 455 -42.61 -5.43 9.33
N LEU D 456 -42.95 -5.62 10.60
CA LEU D 456 -41.93 -5.85 11.62
C LEU D 456 -41.16 -7.12 11.34
N SER D 457 -41.85 -8.18 10.95
CA SER D 457 -41.18 -9.44 10.63
C SER D 457 -40.24 -9.28 9.44
N GLN D 458 -40.60 -8.45 8.48
CA GLN D 458 -39.78 -8.27 7.29
C GLN D 458 -38.77 -7.13 7.40
N SER D 459 -38.78 -6.36 8.48
CA SER D 459 -37.93 -5.19 8.58
C SER D 459 -36.53 -5.57 9.07
N ASN D 460 -35.52 -4.95 8.47
CA ASN D 460 -34.13 -5.15 8.87
C ASN D 460 -33.53 -3.81 9.30
N PRO D 461 -33.31 -3.59 10.59
CA PRO D 461 -32.83 -2.28 11.05
C PRO D 461 -31.42 -1.99 10.56
N SER D 462 -31.13 -0.71 10.39
CA SER D 462 -29.82 -0.26 9.93
C SER D 462 -28.88 0.14 11.05
N ALA D 463 -29.35 0.19 12.30
CA ALA D 463 -28.53 0.63 13.42
C ALA D 463 -28.45 -0.42 14.53
N LEU D 464 -28.55 -1.70 14.18
CA LEU D 464 -28.48 -2.75 15.19
C LEU D 464 -27.08 -2.92 15.74
N ARG D 465 -26.06 -2.63 14.94
CA ARG D 465 -24.67 -2.79 15.35
C ARG D 465 -24.10 -1.56 16.05
N GLU D 466 -24.88 -0.49 16.16
CA GLU D 466 -24.42 0.69 16.87
C GLU D 466 -24.49 0.47 18.37
N THR D 467 -23.57 1.09 19.10
CA THR D 467 -23.56 0.99 20.55
C THR D 467 -24.81 1.64 21.13
N VAL D 468 -25.48 0.92 22.02
CA VAL D 468 -26.71 1.44 22.64
C VAL D 468 -26.34 2.31 23.83
N VAL D 469 -26.79 3.56 23.80
CA VAL D 469 -26.54 4.53 24.86
C VAL D 469 -27.89 5.07 25.28
N GLU D 470 -28.37 4.64 26.44
CA GLU D 470 -29.71 5.00 26.88
C GLU D 470 -29.83 4.72 28.37
N VAL D 471 -30.92 5.21 28.95
CA VAL D 471 -31.23 4.93 30.35
C VAL D 471 -31.87 3.55 30.45
N PRO D 472 -31.34 2.64 31.28
CA PRO D 472 -31.91 1.30 31.35
C PRO D 472 -33.32 1.30 31.93
N GLN D 473 -34.09 0.29 31.51
CA GLN D 473 -35.43 0.08 32.06
C GLN D 473 -35.40 -0.65 33.40
N VAL D 474 -34.28 -1.26 33.77
CA VAL D 474 -34.21 -2.04 34.99
C VAL D 474 -34.25 -1.11 36.19
N THR D 475 -35.15 -1.40 37.13
CA THR D 475 -35.28 -0.65 38.38
C THR D 475 -34.96 -1.56 39.56
N TRP D 476 -35.14 -1.01 40.76
CA TRP D 476 -34.83 -1.78 41.96
C TRP D 476 -35.85 -2.88 42.24
N GLU D 477 -37.09 -2.72 41.77
CA GLU D 477 -38.07 -3.80 41.91
C GLU D 477 -37.70 -5.00 41.04
N ASP D 478 -36.98 -4.76 39.94
CA ASP D 478 -36.44 -5.83 39.09
C ASP D 478 -35.36 -6.64 39.77
N ILE D 479 -34.82 -6.17 40.90
CA ILE D 479 -33.78 -6.87 41.64
C ILE D 479 -34.35 -7.30 42.97
N GLY D 480 -34.15 -8.57 43.33
CA GLY D 480 -34.58 -9.10 44.60
C GLY D 480 -33.41 -9.20 45.56
N GLY D 481 -33.64 -8.76 46.80
CA GLY D 481 -32.58 -8.78 47.79
C GLY D 481 -31.53 -7.72 47.54
N LEU D 482 -30.32 -8.00 48.04
CA LEU D 482 -29.16 -7.13 47.84
C LEU D 482 -29.38 -5.73 48.42
N GLU D 483 -30.09 -5.63 49.53
CA GLU D 483 -30.45 -4.32 50.07
C GLU D 483 -29.23 -3.52 50.52
N ASP D 484 -28.29 -4.17 51.20
CA ASP D 484 -27.06 -3.49 51.60
C ASP D 484 -26.24 -3.08 50.38
N VAL D 485 -26.21 -3.94 49.36
CA VAL D 485 -25.51 -3.59 48.11
C VAL D 485 -26.20 -2.42 47.43
N LYS D 486 -27.53 -2.39 47.45
CA LYS D 486 -28.26 -1.27 46.88
C LYS D 486 -27.94 0.03 47.62
N ARG D 487 -27.91 -0.02 48.95
CA ARG D 487 -27.59 1.17 49.73
C ARG D 487 -26.17 1.64 49.48
N GLU D 488 -25.23 0.69 49.39
CA GLU D 488 -23.83 1.04 49.15
C GLU D 488 -23.64 1.67 47.78
N LEU D 489 -24.30 1.11 46.75
CA LEU D 489 -24.25 1.70 45.42
C LEU D 489 -24.85 3.09 45.41
N GLN D 490 -26.00 3.26 46.08
CA GLN D 490 -26.65 4.56 46.12
C GLN D 490 -25.74 5.59 46.78
N GLU D 491 -25.11 5.23 47.91
CA GLU D 491 -24.17 6.14 48.53
C GLU D 491 -23.04 6.50 47.56
N LEU D 492 -22.35 5.49 47.04
CA LEU D 492 -21.16 5.71 46.21
C LEU D 492 -21.48 6.59 45.00
N VAL D 493 -22.63 6.40 44.37
CA VAL D 493 -22.91 7.10 43.13
C VAL D 493 -23.63 8.42 43.36
N GLN D 494 -24.47 8.54 44.38
CA GLN D 494 -25.34 9.70 44.51
C GLN D 494 -24.89 10.70 45.56
N TYR D 495 -24.25 10.24 46.64
CA TYR D 495 -23.83 11.18 47.67
C TYR D 495 -22.91 12.28 47.14
N PRO D 496 -21.91 11.98 46.30
CA PRO D 496 -21.16 13.09 45.68
C PRO D 496 -22.02 14.00 44.82
N VAL D 497 -23.02 13.44 44.13
CA VAL D 497 -23.88 14.25 43.28
C VAL D 497 -24.81 15.13 44.12
N GLU D 498 -25.42 14.55 45.16
CA GLU D 498 -26.43 15.27 45.91
C GLU D 498 -25.82 16.16 46.98
N HIS D 499 -24.73 15.73 47.60
CA HIS D 499 -24.08 16.48 48.68
C HIS D 499 -22.60 16.63 48.41
N PRO D 500 -22.23 17.42 47.38
CA PRO D 500 -20.80 17.64 47.11
C PRO D 500 -20.10 18.45 48.19
N ASP D 501 -20.82 19.37 48.83
CA ASP D 501 -20.21 20.21 49.85
C ASP D 501 -19.74 19.39 51.05
N LYS D 502 -20.42 18.29 51.36
CA LYS D 502 -19.98 17.42 52.43
C LYS D 502 -18.64 16.78 52.10
N PHE D 503 -18.45 16.36 50.85
CA PHE D 503 -17.18 15.78 50.44
C PHE D 503 -16.08 16.84 50.42
N LEU D 504 -16.41 18.07 49.98
CA LEU D 504 -15.42 19.14 49.99
C LEU D 504 -15.00 19.50 51.41
N LYS D 505 -15.95 19.50 52.35
CA LYS D 505 -15.65 19.92 53.72
C LYS D 505 -14.64 18.99 54.37
N PHE D 506 -14.80 17.68 54.19
CA PHE D 506 -13.87 16.71 54.75
C PHE D 506 -12.65 16.48 53.88
N GLY D 507 -12.60 17.10 52.70
CA GLY D 507 -11.43 17.01 51.86
C GLY D 507 -11.19 15.67 51.18
N MET D 508 -12.24 14.87 51.01
CA MET D 508 -12.11 13.56 50.40
C MET D 508 -12.66 13.60 48.97
N THR D 509 -11.84 13.19 48.02
CA THR D 509 -12.30 13.02 46.64
C THR D 509 -13.02 11.69 46.51
N PRO D 510 -14.26 11.67 46.03
CA PRO D 510 -15.02 10.41 46.01
C PRO D 510 -14.43 9.42 45.02
N SER D 511 -14.59 8.13 45.34
CA SER D 511 -14.20 7.08 44.41
C SER D 511 -15.18 7.05 43.25
N LYS D 512 -14.65 6.97 42.03
CA LYS D 512 -15.45 7.02 40.82
C LYS D 512 -15.38 5.70 40.06
N GLY D 513 -14.97 4.64 40.76
CA GLY D 513 -14.87 3.32 40.16
C GLY D 513 -15.13 2.18 41.13
N VAL D 514 -16.04 1.29 40.74
CA VAL D 514 -16.43 0.15 41.57
C VAL D 514 -16.35 -1.12 40.73
N LEU D 515 -15.95 -2.21 41.38
CA LEU D 515 -15.88 -3.52 40.77
C LEU D 515 -16.84 -4.45 41.51
N PHE D 516 -17.81 -4.99 40.79
CA PHE D 516 -18.67 -6.04 41.31
C PHE D 516 -17.99 -7.39 41.09
N TYR D 517 -17.91 -8.19 42.15
CA TYR D 517 -17.39 -9.54 42.01
C TYR D 517 -18.27 -10.51 42.77
N GLY D 518 -18.34 -11.74 42.27
CA GLY D 518 -19.15 -12.77 42.89
C GLY D 518 -19.49 -13.89 41.92
N PRO D 519 -20.27 -14.85 42.38
CA PRO D 519 -20.64 -15.97 41.51
C PRO D 519 -21.52 -15.50 40.38
N PRO D 520 -21.52 -16.22 39.26
CA PRO D 520 -22.30 -15.79 38.09
C PRO D 520 -23.80 -15.83 38.36
N GLY D 521 -24.53 -14.97 37.65
CA GLY D 521 -25.97 -14.94 37.74
C GLY D 521 -26.52 -14.49 39.08
N CYS D 522 -25.90 -13.49 39.71
CA CYS D 522 -26.35 -12.99 40.99
C CYS D 522 -26.82 -11.54 40.94
N GLY D 523 -26.77 -10.90 39.77
CA GLY D 523 -27.36 -9.59 39.59
C GLY D 523 -26.41 -8.42 39.43
N LYS D 524 -25.14 -8.67 39.07
CA LYS D 524 -24.21 -7.57 38.88
C LYS D 524 -24.64 -6.67 37.73
N THR D 525 -25.02 -7.27 36.59
CA THR D 525 -25.52 -6.49 35.48
C THR D 525 -26.80 -5.75 35.85
N LEU D 526 -27.69 -6.42 36.57
CA LEU D 526 -28.92 -5.78 37.03
C LEU D 526 -28.61 -4.62 37.96
N LEU D 527 -27.65 -4.79 38.87
CA LEU D 527 -27.29 -3.70 39.78
C LEU D 527 -26.74 -2.50 39.03
N ALA D 528 -25.85 -2.75 38.04
CA ALA D 528 -25.33 -1.64 37.26
C ALA D 528 -26.44 -0.92 36.51
N LYS D 529 -27.34 -1.68 35.88
CA LYS D 529 -28.44 -1.05 35.15
C LYS D 529 -29.36 -0.27 36.09
N ALA D 530 -29.62 -0.81 37.29
CA ALA D 530 -30.52 -0.15 38.22
C ALA D 530 -29.91 1.13 38.77
N ILE D 531 -28.62 1.12 39.08
CA ILE D 531 -27.98 2.33 39.58
C ILE D 531 -27.89 3.38 38.48
N ALA D 532 -27.75 2.94 37.23
CA ALA D 532 -27.84 3.90 36.12
C ALA D 532 -29.25 4.46 35.99
N ASN D 533 -30.26 3.63 36.22
CA ASN D 533 -31.64 4.06 36.05
C ASN D 533 -32.05 5.04 37.15
N GLU D 534 -31.64 4.78 38.39
CA GLU D 534 -32.06 5.66 39.49
C GLU D 534 -31.55 7.08 39.28
N CYS D 535 -30.30 7.22 38.85
CA CYS D 535 -29.73 8.52 38.55
C CYS D 535 -30.18 9.08 37.20
N GLN D 536 -30.95 8.30 36.43
CA GLN D 536 -31.38 8.70 35.09
C GLN D 536 -30.19 9.07 34.21
N ALA D 537 -29.12 8.29 34.32
CA ALA D 537 -27.92 8.48 33.54
C ALA D 537 -27.88 7.48 32.40
N ASN D 538 -27.16 7.83 31.34
CA ASN D 538 -26.96 6.91 30.23
C ASN D 538 -26.13 5.72 30.67
N PHE D 539 -26.37 4.58 30.02
CA PHE D 539 -25.72 3.32 30.35
C PHE D 539 -25.06 2.76 29.11
N ILE D 540 -23.76 2.51 29.21
CA ILE D 540 -22.99 1.85 28.15
C ILE D 540 -22.46 0.55 28.71
N SER D 541 -22.80 -0.56 28.05
CA SER D 541 -22.39 -1.88 28.49
C SER D 541 -21.38 -2.45 27.51
N ILE D 542 -20.20 -2.79 28.01
CA ILE D 542 -19.16 -3.46 27.23
C ILE D 542 -19.06 -4.88 27.76
N LYS D 543 -19.50 -5.84 26.95
CA LYS D 543 -19.54 -7.23 27.39
C LYS D 543 -18.23 -7.94 27.05
N GLY D 544 -18.10 -9.17 27.58
CA GLY D 544 -16.94 -10.00 27.34
C GLY D 544 -16.61 -10.27 25.88
N PRO D 545 -17.60 -10.59 25.04
CA PRO D 545 -17.28 -10.79 23.62
C PRO D 545 -16.66 -9.59 22.93
N GLU D 546 -17.03 -8.36 23.32
CA GLU D 546 -16.41 -7.19 22.70
C GLU D 546 -14.94 -7.05 23.09
N LEU D 547 -14.64 -7.24 24.36
CA LEU D 547 -13.24 -7.24 24.80
C LEU D 547 -12.47 -8.35 24.12
N LEU D 548 -13.07 -9.54 23.97
CA LEU D 548 -12.41 -10.64 23.30
C LEU D 548 -12.20 -10.35 21.83
N THR D 549 -13.15 -9.64 21.20
CA THR D 549 -12.97 -9.24 19.81
C THR D 549 -11.78 -8.31 19.66
N MET D 550 -11.65 -7.35 20.58
CA MET D 550 -10.48 -6.48 20.52
C MET D 550 -9.19 -7.23 20.81
N TRP D 551 -9.25 -8.24 21.68
CA TRP D 551 -8.05 -9.00 22.01
C TRP D 551 -7.60 -9.88 20.84
N PHE D 552 -8.53 -10.64 20.25
CA PHE D 552 -8.17 -11.53 19.15
C PHE D 552 -7.70 -10.76 17.93
N GLY D 553 -8.37 -9.66 17.60
CA GLY D 553 -7.97 -8.85 16.47
C GLY D 553 -6.83 -7.90 16.72
N GLU D 554 -6.32 -7.86 17.96
CA GLU D 554 -5.25 -6.94 18.36
C GLU D 554 -5.58 -5.50 17.98
N SER D 555 -6.79 -5.08 18.35
CA SER D 555 -7.35 -3.78 18.01
C SER D 555 -7.59 -2.93 19.25
N GLU D 556 -6.53 -2.76 20.07
CA GLU D 556 -6.67 -2.03 21.32
C GLU D 556 -7.27 -0.66 21.13
N ALA D 557 -6.97 0.01 20.01
CA ALA D 557 -7.29 1.41 19.82
C ALA D 557 -8.79 1.68 19.86
N ASN D 558 -9.63 0.68 19.66
CA ASN D 558 -11.07 0.88 19.76
C ASN D 558 -11.53 1.15 21.18
N VAL D 559 -10.76 0.73 22.19
CA VAL D 559 -11.13 0.97 23.58
C VAL D 559 -11.35 2.46 23.81
N ARG D 560 -10.42 3.29 23.32
CA ARG D 560 -10.56 4.73 23.45
C ARG D 560 -11.90 5.21 22.91
N GLU D 561 -12.32 4.68 21.76
CA GLU D 561 -13.62 5.05 21.20
C GLU D 561 -14.72 4.90 22.24
N ILE D 562 -14.73 3.76 22.94
CA ILE D 562 -15.76 3.53 23.95
C ILE D 562 -15.77 4.65 24.96
N PHE D 563 -14.59 5.00 25.49
CA PHE D 563 -14.54 6.05 26.49
C PHE D 563 -14.98 7.38 25.91
N ASP D 564 -14.66 7.64 24.64
CA ASP D 564 -15.13 8.87 24.01
C ASP D 564 -16.65 8.93 24.03
N LYS D 565 -17.30 7.80 23.73
CA LYS D 565 -18.76 7.76 23.83
C LYS D 565 -19.22 8.12 25.23
N ALA D 566 -18.55 7.56 26.25
CA ALA D 566 -18.94 7.84 27.63
C ALA D 566 -18.80 9.32 27.94
N ARG D 567 -17.89 10.01 27.25
CA ARG D 567 -17.75 11.44 27.48
C ARG D 567 -18.89 12.21 26.85
N GLN D 568 -19.33 11.80 25.65
CA GLN D 568 -20.38 12.53 24.97
C GLN D 568 -21.74 12.23 25.58
N ALA D 569 -21.86 11.11 26.29
CA ALA D 569 -23.10 10.68 26.90
C ALA D 569 -23.20 11.03 28.38
N ALA D 570 -22.23 11.76 28.92
CA ALA D 570 -22.25 12.08 30.34
C ALA D 570 -23.45 12.97 30.66
N PRO D 571 -24.12 12.76 31.81
CA PRO D 571 -23.84 11.75 32.84
C PRO D 571 -24.09 10.32 32.36
N CYS D 572 -23.07 9.47 32.51
CA CYS D 572 -23.13 8.12 31.97
C CYS D 572 -22.50 7.14 32.95
N VAL D 573 -22.99 5.91 32.91
CA VAL D 573 -22.39 4.80 33.64
C VAL D 573 -21.73 3.88 32.62
N LEU D 574 -20.42 3.77 32.70
CA LEU D 574 -19.66 2.89 31.81
C LEU D 574 -19.47 1.56 32.52
N PHE D 575 -20.09 0.51 31.98
CA PHE D 575 -20.11 -0.81 32.61
C PHE D 575 -19.29 -1.79 31.78
N PHE D 576 -18.32 -2.43 32.42
CA PHE D 576 -17.49 -3.45 31.79
C PHE D 576 -17.88 -4.79 32.40
N ASP D 577 -18.72 -5.54 31.69
CA ASP D 577 -19.15 -6.85 32.14
C ASP D 577 -18.15 -7.91 31.73
N GLN D 578 -17.91 -8.86 32.63
CA GLN D 578 -16.98 -9.97 32.42
C GLN D 578 -15.58 -9.45 32.06
N LEU D 579 -14.97 -8.78 33.04
CA LEU D 579 -13.61 -8.29 32.86
C LEU D 579 -12.60 -9.43 32.79
N ASP D 580 -12.98 -10.63 33.19
CA ASP D 580 -12.09 -11.79 33.18
C ASP D 580 -12.15 -12.58 31.88
N SER D 581 -12.90 -12.10 30.87
CA SER D 581 -13.06 -12.87 29.65
C SER D 581 -11.72 -13.11 28.96
N ILE D 582 -10.90 -12.08 28.83
CA ILE D 582 -9.57 -12.23 28.26
C ILE D 582 -8.69 -13.11 29.16
N ALA D 583 -8.86 -12.98 30.48
CA ALA D 583 -8.08 -13.78 31.41
C ALA D 583 -8.38 -15.27 31.24
N LYS D 584 -9.67 -15.63 31.10
CA LYS D 584 -9.99 -17.04 30.84
C LYS D 584 -9.53 -17.46 29.45
N ALA D 585 -9.66 -16.56 28.46
CA ALA D 585 -9.25 -16.90 27.11
C ALA D 585 -7.77 -17.25 27.05
N ARG D 586 -6.96 -16.65 27.90
CA ARG D 586 -5.55 -16.98 28.01
C ARG D 586 -5.31 -18.25 28.78
N GLY D 587 -6.37 -18.84 29.34
CA GLY D 587 -6.28 -20.10 30.04
C GLY D 587 -6.51 -20.04 31.53
N GLY D 588 -6.86 -18.89 32.08
CA GLY D 588 -7.12 -18.77 33.50
C GLY D 588 -5.90 -18.34 34.29
N ASN D 589 -5.82 -18.85 35.52
CA ASN D 589 -4.73 -18.47 36.41
C ASN D 589 -3.38 -18.99 35.90
N ILE D 590 -3.36 -20.25 35.46
CA ILE D 590 -2.12 -20.90 35.03
C ILE D 590 -2.11 -21.16 33.52
N GLY D 591 -2.99 -20.50 32.77
CA GLY D 591 -3.11 -20.79 31.35
C GLY D 591 -1.88 -20.38 30.56
N ASP D 592 -1.33 -19.20 30.83
CA ASP D 592 -0.25 -18.65 30.04
C ASP D 592 0.93 -18.30 30.95
N GLY D 593 2.11 -18.22 30.34
CA GLY D 593 3.29 -17.82 31.09
C GLY D 593 3.21 -16.40 31.61
N GLY D 594 2.69 -15.49 30.79
CA GLY D 594 2.56 -14.11 31.24
C GLY D 594 1.56 -13.98 32.38
N GLY D 595 1.71 -12.90 33.15
CA GLY D 595 0.89 -12.74 34.33
C GLY D 595 0.06 -11.47 34.40
N ALA D 596 -1.26 -11.63 34.28
CA ALA D 596 -2.24 -10.59 34.60
C ALA D 596 -1.92 -9.26 33.92
N ALA D 597 -1.73 -9.31 32.60
CA ALA D 597 -1.49 -8.10 31.82
C ALA D 597 -1.78 -8.40 30.37
N ASP D 598 -2.76 -7.69 29.80
CA ASP D 598 -3.11 -7.85 28.39
C ASP D 598 -3.34 -6.49 27.77
N ARG D 599 -3.32 -6.47 26.44
CA ARG D 599 -3.36 -5.22 25.69
C ARG D 599 -4.65 -4.43 25.92
N VAL D 600 -5.79 -5.12 25.90
CA VAL D 600 -7.08 -4.43 26.00
C VAL D 600 -7.26 -3.83 27.40
N ILE D 601 -6.96 -4.60 28.45
CA ILE D 601 -7.08 -4.08 29.80
C ILE D 601 -6.06 -2.96 30.02
N ASN D 602 -4.91 -3.02 29.37
CA ASN D 602 -3.94 -1.94 29.47
C ASN D 602 -4.51 -0.64 28.91
N GLN D 603 -5.13 -0.71 27.73
CA GLN D 603 -5.78 0.48 27.18
C GLN D 603 -6.92 0.95 28.07
N ILE D 604 -7.65 0.02 28.69
CA ILE D 604 -8.71 0.39 29.61
C ILE D 604 -8.13 1.15 30.80
N LEU D 605 -6.98 0.71 31.31
CA LEU D 605 -6.33 1.41 32.41
C LEU D 605 -5.94 2.83 32.01
N THR D 606 -5.34 2.98 30.83
CA THR D 606 -4.95 4.32 30.38
C THR D 606 -6.18 5.21 30.21
N GLU D 607 -7.26 4.67 29.65
CA GLU D 607 -8.46 5.47 29.44
C GLU D 607 -9.14 5.81 30.76
N MET D 608 -9.07 4.92 31.75
CA MET D 608 -9.58 5.25 33.08
C MET D 608 -8.79 6.40 33.70
N ASP D 609 -7.46 6.35 33.56
CA ASP D 609 -6.64 7.46 34.05
C ASP D 609 -7.02 8.76 33.35
N GLY D 610 -7.27 8.70 32.04
CA GLY D 610 -7.73 9.87 31.32
C GLY D 610 -9.10 10.37 31.74
N MET D 611 -10.02 9.46 32.05
CA MET D 611 -11.39 9.78 32.43
C MET D 611 -11.51 10.19 33.89
N SER D 612 -10.46 10.03 34.68
CA SER D 612 -10.53 10.37 36.10
C SER D 612 -10.92 11.83 36.32
N THR D 613 -10.66 12.71 35.36
CA THR D 613 -11.02 14.12 35.49
C THR D 613 -12.46 14.44 35.09
N LYS D 614 -13.17 13.48 34.50
CA LYS D 614 -14.57 13.69 34.11
C LYS D 614 -15.45 13.25 35.28
N LYS D 615 -16.04 14.21 35.97
CA LYS D 615 -16.77 13.92 37.20
C LYS D 615 -18.02 13.09 36.97
N ASN D 616 -18.77 13.38 35.92
CA ASN D 616 -20.08 12.78 35.73
C ASN D 616 -20.04 11.49 34.90
N VAL D 617 -18.91 10.81 34.82
CA VAL D 617 -18.82 9.49 34.22
C VAL D 617 -18.36 8.52 35.29
N PHE D 618 -19.22 7.55 35.62
CA PHE D 618 -18.93 6.56 36.64
C PHE D 618 -18.67 5.22 35.96
N ILE D 619 -17.56 4.58 36.30
CA ILE D 619 -17.14 3.34 35.67
C ILE D 619 -17.38 2.18 36.63
N ILE D 620 -18.06 1.14 36.13
CA ILE D 620 -18.37 -0.05 36.90
C ILE D 620 -17.80 -1.26 36.17
N GLY D 621 -17.12 -2.13 36.90
CA GLY D 621 -16.63 -3.37 36.37
C GLY D 621 -17.28 -4.55 37.06
N ALA D 622 -17.43 -5.64 36.34
CA ALA D 622 -17.98 -6.87 36.88
C ALA D 622 -17.14 -8.06 36.45
N THR D 623 -16.94 -9.00 37.37
CA THR D 623 -16.17 -10.20 37.08
C THR D 623 -16.66 -11.35 37.95
N ASN D 624 -16.64 -12.55 37.37
CA ASN D 624 -16.90 -13.77 38.13
C ASN D 624 -15.62 -14.43 38.63
N ARG D 625 -14.46 -13.94 38.21
CA ARG D 625 -13.16 -14.50 38.59
C ARG D 625 -12.25 -13.36 39.04
N PRO D 626 -12.49 -12.83 40.25
CA PRO D 626 -11.64 -11.72 40.73
C PRO D 626 -10.20 -12.11 40.94
N ASP D 627 -9.90 -13.40 41.09
CA ASP D 627 -8.53 -13.83 41.34
C ASP D 627 -7.63 -13.57 40.13
N ILE D 628 -8.16 -13.79 38.91
CA ILE D 628 -7.36 -13.63 37.71
C ILE D 628 -7.50 -12.24 37.10
N ILE D 629 -8.08 -11.29 37.83
CA ILE D 629 -8.16 -9.91 37.33
C ILE D 629 -6.83 -9.22 37.54
N ASP D 630 -6.45 -8.37 36.59
CA ASP D 630 -5.22 -7.59 36.70
C ASP D 630 -5.32 -6.68 37.92
N PRO D 631 -4.40 -6.79 38.89
CA PRO D 631 -4.51 -5.94 40.10
C PRO D 631 -4.39 -4.46 39.81
N ALA D 632 -3.77 -4.08 38.69
CA ALA D 632 -3.59 -2.66 38.38
C ALA D 632 -4.93 -1.95 38.20
N ILE D 633 -6.01 -2.70 37.93
CA ILE D 633 -7.31 -2.08 37.77
C ILE D 633 -7.93 -1.72 39.11
N LEU D 634 -7.39 -2.23 40.21
CA LEU D 634 -7.90 -1.94 41.55
C LEU D 634 -7.17 -0.79 42.23
N ARG D 635 -6.23 -0.15 41.54
CA ARG D 635 -5.47 0.94 42.13
C ARG D 635 -6.33 2.20 42.22
N PRO D 636 -5.94 3.15 43.07
CA PRO D 636 -6.70 4.41 43.18
C PRO D 636 -6.76 5.15 41.86
N GLY D 637 -7.90 5.81 41.61
CA GLY D 637 -8.20 6.38 40.33
C GLY D 637 -8.81 5.40 39.35
N ARG D 638 -8.94 4.14 39.74
CA ARG D 638 -9.50 3.07 38.92
C ARG D 638 -10.61 2.41 39.72
N LEU D 639 -11.06 1.20 39.37
CA LEU D 639 -12.14 0.55 40.11
C LEU D 639 -11.61 0.17 41.49
N ASP D 640 -11.46 1.19 42.34
CA ASP D 640 -10.85 1.03 43.64
C ASP D 640 -11.85 0.67 44.73
N GLN D 641 -13.14 0.73 44.45
CA GLN D 641 -14.16 0.19 45.35
C GLN D 641 -14.47 -1.23 44.90
N LEU D 642 -14.69 -2.13 45.86
CA LEU D 642 -14.99 -3.52 45.56
C LEU D 642 -16.24 -3.94 46.32
N ILE D 643 -17.20 -4.51 45.59
CA ILE D 643 -18.45 -4.98 46.19
C ILE D 643 -18.63 -6.45 45.84
N TYR D 644 -18.83 -7.27 46.86
CA TYR D 644 -19.08 -8.69 46.68
C TYR D 644 -20.58 -8.92 46.52
N ILE D 645 -20.97 -9.54 45.40
CA ILE D 645 -22.36 -9.91 45.16
C ILE D 645 -22.50 -11.40 45.42
N PRO D 646 -22.99 -11.81 46.59
CA PRO D 646 -23.01 -13.23 46.93
C PRO D 646 -24.24 -13.93 46.39
N LEU D 647 -24.27 -15.25 46.58
CA LEU D 647 -25.47 -16.00 46.28
C LEU D 647 -26.61 -15.55 47.21
N PRO D 648 -27.83 -15.46 46.71
CA PRO D 648 -28.93 -14.98 47.55
C PRO D 648 -29.24 -15.97 48.68
N ASP D 649 -29.65 -15.43 49.82
CA ASP D 649 -30.17 -16.27 50.88
C ASP D 649 -31.67 -16.50 50.66
N GLU D 650 -32.31 -17.17 51.63
CA GLU D 650 -33.69 -17.62 51.42
C GLU D 650 -34.64 -16.45 51.18
N LYS D 651 -34.52 -15.39 51.98
CA LYS D 651 -35.38 -14.22 51.77
C LYS D 651 -35.10 -13.57 50.41
N SER D 652 -33.84 -13.42 50.06
CA SER D 652 -33.49 -12.88 48.75
C SER D 652 -33.98 -13.79 47.63
N ARG D 653 -33.98 -15.10 47.87
CA ARG D 653 -34.48 -16.02 46.85
C ARG D 653 -35.99 -15.90 46.68
N VAL D 654 -36.71 -15.70 47.78
CA VAL D 654 -38.14 -15.40 47.67
C VAL D 654 -38.36 -14.14 46.85
N ALA D 655 -37.56 -13.10 47.13
CA ALA D 655 -37.68 -11.86 46.39
C ALA D 655 -37.39 -12.05 44.91
N ILE D 656 -36.35 -12.83 44.59
CA ILE D 656 -35.99 -13.08 43.19
C ILE D 656 -37.10 -13.85 42.48
N LEU D 657 -37.64 -14.88 43.12
CA LEU D 657 -38.73 -15.65 42.51
C LEU D 657 -39.96 -14.78 42.29
N LYS D 658 -40.26 -13.90 43.25
CA LYS D 658 -41.38 -12.99 43.08
C LYS D 658 -41.15 -12.02 41.93
N ALA D 659 -39.92 -11.50 41.82
CA ALA D 659 -39.61 -10.55 40.74
C ALA D 659 -39.70 -11.22 39.37
N ASN D 660 -39.22 -12.46 39.27
CA ASN D 660 -39.24 -13.15 37.98
C ASN D 660 -40.65 -13.50 37.54
N LEU D 661 -41.56 -13.69 38.49
CA LEU D 661 -42.91 -14.16 38.19
C LEU D 661 -43.94 -13.04 38.16
N ARG D 662 -43.50 -11.77 38.14
CA ARG D 662 -44.43 -10.66 38.11
C ARG D 662 -45.25 -10.66 36.83
N LYS D 663 -44.61 -10.95 35.70
CA LYS D 663 -45.24 -10.93 34.39
C LYS D 663 -45.85 -12.27 33.99
N SER D 664 -45.82 -13.26 34.86
CA SER D 664 -46.39 -14.57 34.57
C SER D 664 -47.57 -14.84 35.48
N PRO D 665 -48.72 -15.25 34.95
CA PRO D 665 -49.86 -15.59 35.82
C PRO D 665 -49.60 -16.86 36.61
N VAL D 666 -49.53 -16.71 37.93
CA VAL D 666 -49.21 -17.81 38.83
C VAL D 666 -50.35 -17.99 39.82
N ALA D 667 -50.80 -19.23 39.98
CA ALA D 667 -51.84 -19.54 40.95
C ALA D 667 -51.34 -19.29 42.37
N LYS D 668 -52.23 -18.77 43.22
CA LYS D 668 -51.81 -18.38 44.56
C LYS D 668 -51.56 -19.60 45.45
N ASP D 669 -51.94 -20.80 45.00
CA ASP D 669 -51.63 -22.00 45.76
C ASP D 669 -50.14 -22.31 45.73
N VAL D 670 -49.42 -21.79 44.73
CA VAL D 670 -47.99 -22.00 44.65
C VAL D 670 -47.30 -21.23 45.76
N ASP D 671 -46.44 -21.90 46.51
CA ASP D 671 -45.72 -21.31 47.63
C ASP D 671 -44.28 -21.06 47.21
N LEU D 672 -43.94 -19.80 46.99
CA LEU D 672 -42.59 -19.45 46.56
C LEU D 672 -41.60 -19.58 47.71
N GLU D 673 -42.07 -19.48 48.96
CA GLU D 673 -41.18 -19.61 50.10
C GLU D 673 -40.58 -21.01 50.16
N PHE D 674 -41.39 -22.04 49.89
CA PHE D 674 -40.88 -23.40 49.86
C PHE D 674 -39.89 -23.58 48.72
N LEU D 675 -40.19 -23.00 47.55
CA LEU D 675 -39.26 -23.07 46.43
C LEU D 675 -37.91 -22.45 46.80
N ALA D 676 -37.94 -21.32 47.51
CA ALA D 676 -36.70 -20.66 47.89
C ALA D 676 -35.95 -21.47 48.94
N LYS D 677 -36.66 -22.03 49.92
CA LYS D 677 -35.97 -22.76 50.99
C LYS D 677 -35.41 -24.08 50.50
N MET D 678 -35.99 -24.65 49.43
CA MET D 678 -35.45 -25.89 48.89
C MET D 678 -34.27 -25.64 47.97
N THR D 679 -34.17 -24.44 47.38
CA THR D 679 -33.08 -24.12 46.46
C THR D 679 -31.97 -23.39 47.22
N ASN D 680 -31.21 -24.17 47.99
CA ASN D 680 -30.25 -23.58 48.93
C ASN D 680 -29.11 -22.87 48.21
N GLY D 681 -28.47 -23.55 47.26
CA GLY D 681 -27.30 -22.98 46.62
C GLY D 681 -27.54 -22.38 45.25
N PHE D 682 -28.81 -22.12 44.94
CA PHE D 682 -29.16 -21.60 43.63
C PHE D 682 -28.85 -20.12 43.52
N SER D 683 -28.54 -19.68 42.30
CA SER D 683 -28.36 -18.27 41.98
C SER D 683 -29.64 -17.71 41.38
N GLY D 684 -29.63 -16.40 41.14
CA GLY D 684 -30.79 -15.78 40.52
C GLY D 684 -31.04 -16.28 39.12
N ALA D 685 -29.98 -16.56 38.37
CA ALA D 685 -30.13 -17.12 37.04
C ALA D 685 -30.77 -18.50 37.08
N ASP D 686 -30.40 -19.31 38.07
CA ASP D 686 -31.01 -20.64 38.23
C ASP D 686 -32.49 -20.53 38.56
N LEU D 687 -32.86 -19.61 39.44
CA LEU D 687 -34.27 -19.41 39.75
C LEU D 687 -35.05 -18.92 38.54
N THR D 688 -34.45 -18.04 37.75
CA THR D 688 -35.08 -17.61 36.50
C THR D 688 -35.23 -18.78 35.54
N GLU D 689 -34.26 -19.68 35.51
CA GLU D 689 -34.37 -20.88 34.70
C GLU D 689 -35.54 -21.74 35.14
N ILE D 690 -35.71 -21.91 36.46
CA ILE D 690 -36.83 -22.68 36.99
C ILE D 690 -38.16 -22.05 36.57
N CYS D 691 -38.27 -20.74 36.73
CA CYS D 691 -39.50 -20.05 36.36
C CYS D 691 -39.78 -20.17 34.88
N GLN D 692 -38.75 -20.03 34.03
CA GLN D 692 -38.94 -20.13 32.60
C GLN D 692 -39.36 -21.53 32.19
N ARG D 693 -38.79 -22.56 32.82
CA ARG D 693 -39.18 -23.93 32.49
C ARG D 693 -40.62 -24.20 32.93
N ALA D 694 -41.02 -23.67 34.09
CA ALA D 694 -42.42 -23.80 34.52
C ALA D 694 -43.36 -23.12 33.53
N CYS D 695 -43.00 -21.92 33.08
CA CYS D 695 -43.83 -21.24 32.08
C CYS D 695 -43.89 -22.04 30.79
N LYS D 696 -42.77 -22.64 30.38
CA LYS D 696 -42.75 -23.45 29.17
C LYS D 696 -43.67 -24.65 29.31
N LEU D 697 -43.65 -25.31 30.46
CA LEU D 697 -44.54 -26.44 30.69
C LEU D 697 -46.00 -26.01 30.65
N ALA D 698 -46.31 -24.87 31.27
CA ALA D 698 -47.68 -24.37 31.26
C ALA D 698 -48.14 -24.02 29.85
N ILE D 699 -47.26 -23.40 29.07
CA ILE D 699 -47.60 -23.04 27.70
C ILE D 699 -47.80 -24.28 26.85
N ARG D 700 -46.97 -25.30 27.04
CA ARG D 700 -47.15 -26.55 26.30
C ARG D 700 -48.48 -27.19 26.66
N GLU D 701 -48.83 -27.20 27.96
CA GLU D 701 -50.11 -27.76 28.38
C GLU D 701 -51.27 -27.02 27.75
N SER D 702 -51.22 -25.68 27.77
CA SER D 702 -52.32 -24.88 27.23
C SER D 702 -52.45 -25.07 25.72
N ILE D 703 -51.32 -25.14 25.01
CA ILE D 703 -51.36 -25.36 23.58
C ILE D 703 -51.92 -26.73 23.26
N GLU D 704 -51.51 -27.76 24.01
CA GLU D 704 -52.04 -29.10 23.76
C GLU D 704 -53.52 -29.20 24.08
N SER D 705 -53.98 -28.49 25.12
CA SER D 705 -55.41 -28.51 25.45
C SER D 705 -56.22 -27.78 24.38
N GLU D 706 -55.70 -26.66 23.89
CA GLU D 706 -56.36 -25.94 22.80
C GLU D 706 -56.42 -26.80 21.55
N ILE D 707 -55.35 -27.54 21.26
CA ILE D 707 -55.34 -28.45 20.12
C ILE D 707 -56.36 -29.57 20.32
N ARG D 708 -56.46 -30.10 21.55
CA ARG D 708 -57.42 -31.15 21.82
C ARG D 708 -58.85 -30.66 21.61
N ARG D 709 -59.17 -29.47 22.10
CA ARG D 709 -60.51 -28.92 21.88
C ARG D 709 -60.74 -28.61 20.41
N GLU D 710 -59.71 -28.12 19.72
CA GLU D 710 -59.84 -27.77 18.31
C GLU D 710 -60.06 -29.01 17.46
N ARG D 711 -59.49 -30.15 17.88
CA ARG D 711 -59.83 -31.44 17.28
C ARG D 711 -61.25 -31.87 17.61
N GLU D 712 -61.64 -31.79 18.89
CA GLU D 712 -62.92 -32.36 19.28
C GLU D 712 -64.09 -31.61 18.64
N ARG D 713 -63.97 -30.29 18.51
CA ARG D 713 -65.07 -29.53 17.93
C ARG D 713 -65.30 -29.91 16.47
N GLN D 714 -64.24 -30.35 15.79
CA GLN D 714 -64.33 -30.72 14.38
C GLN D 714 -64.86 -32.14 14.22
N PRO D 727 -59.10 -24.29 31.28
CA PRO D 727 -58.01 -25.24 31.08
C PRO D 727 -56.79 -24.90 31.92
N VAL D 728 -55.87 -24.12 31.36
CA VAL D 728 -54.65 -23.72 32.06
C VAL D 728 -54.57 -22.20 32.04
N PRO D 729 -55.16 -21.50 33.02
CA PRO D 729 -55.07 -20.04 33.02
C PRO D 729 -53.85 -19.53 33.76
N GLU D 730 -53.26 -20.37 34.61
CA GLU D 730 -52.15 -19.97 35.46
C GLU D 730 -51.15 -21.11 35.59
N ILE D 731 -49.93 -20.76 35.98
CA ILE D 731 -48.92 -21.78 36.31
C ILE D 731 -49.29 -22.41 37.64
N ARG D 732 -49.14 -23.73 37.71
CA ARG D 732 -49.60 -24.52 38.85
C ARG D 732 -48.41 -25.17 39.55
N ARG D 733 -48.71 -25.84 40.67
CA ARG D 733 -47.66 -26.42 41.49
C ARG D 733 -46.98 -27.60 40.79
N ASP D 734 -47.76 -28.38 40.03
CA ASP D 734 -47.16 -29.49 39.29
C ASP D 734 -46.18 -28.99 38.24
N HIS D 735 -46.46 -27.83 37.64
CA HIS D 735 -45.52 -27.22 36.70
C HIS D 735 -44.19 -26.94 37.39
N PHE D 736 -44.24 -26.37 38.59
CA PHE D 736 -43.01 -26.02 39.29
C PHE D 736 -42.27 -27.25 39.77
N GLU D 737 -43.01 -28.31 40.14
CA GLU D 737 -42.36 -29.56 40.49
C GLU D 737 -41.63 -30.18 39.29
N GLU D 738 -42.30 -30.19 38.13
CA GLU D 738 -41.69 -30.74 36.93
C GLU D 738 -40.51 -29.88 36.46
N ALA D 739 -40.55 -28.57 36.78
CA ALA D 739 -39.39 -27.73 36.51
C ALA D 739 -38.25 -28.04 37.48
N MET D 740 -38.58 -28.33 38.74
CA MET D 740 -37.58 -28.72 39.73
C MET D 740 -36.98 -30.09 39.43
N ARG D 741 -37.59 -30.88 38.55
CA ARG D 741 -36.85 -31.98 37.93
C ARG D 741 -35.49 -31.52 37.42
N PHE D 742 -35.48 -30.60 36.46
CA PHE D 742 -34.29 -30.20 35.71
C PHE D 742 -33.49 -29.09 36.37
N ALA D 743 -33.96 -28.55 37.49
CA ALA D 743 -33.27 -27.44 38.13
C ALA D 743 -32.05 -27.93 38.88
N ARG D 744 -30.91 -27.27 38.67
CA ARG D 744 -29.67 -27.65 39.31
C ARG D 744 -28.82 -26.41 39.52
N ARG D 745 -28.02 -26.42 40.59
CA ARG D 745 -27.25 -25.25 41.01
C ARG D 745 -26.00 -25.12 40.15
N SER D 746 -25.81 -23.94 39.55
CA SER D 746 -24.70 -23.73 38.63
C SER D 746 -23.38 -23.52 39.37
N VAL D 747 -23.42 -22.99 40.59
CA VAL D 747 -22.23 -22.64 41.34
C VAL D 747 -22.02 -23.67 42.43
N SER D 748 -20.86 -24.33 42.41
CA SER D 748 -20.51 -25.31 43.42
C SER D 748 -19.94 -24.62 44.66
N ASP D 749 -19.77 -25.41 45.72
CA ASP D 749 -19.22 -24.87 46.97
C ASP D 749 -17.76 -24.47 46.81
N ASN D 750 -17.04 -25.12 45.89
CA ASN D 750 -15.66 -24.73 45.60
C ASN D 750 -15.59 -23.27 45.20
N ASP D 751 -16.45 -22.86 44.26
CA ASP D 751 -16.43 -21.48 43.78
C ASP D 751 -16.81 -20.52 44.89
N ILE D 752 -17.84 -20.86 45.68
CA ILE D 752 -18.25 -20.00 46.79
C ILE D 752 -17.10 -19.77 47.74
N ARG D 753 -16.39 -20.84 48.11
CA ARG D 753 -15.27 -20.69 49.02
C ARG D 753 -14.16 -19.84 48.39
N LYS D 754 -13.92 -19.99 47.09
CA LYS D 754 -12.91 -19.16 46.45
C LYS D 754 -13.25 -17.69 46.60
N TYR D 755 -14.52 -17.33 46.38
CA TYR D 755 -14.95 -15.95 46.63
C TYR D 755 -14.80 -15.57 48.09
N GLU D 756 -14.97 -16.53 49.00
CA GLU D 756 -14.85 -16.22 50.43
C GLU D 756 -13.41 -15.84 50.80
N MET D 757 -12.42 -16.61 50.34
CA MET D 757 -11.04 -16.20 50.61
C MET D 757 -10.61 -15.00 49.76
N PHE D 758 -11.30 -14.71 48.64
CA PHE D 758 -11.06 -13.43 48.01
C PHE D 758 -11.56 -12.28 48.89
N ALA D 759 -12.72 -12.46 49.51
CA ALA D 759 -13.30 -11.40 50.35
C ALA D 759 -12.51 -11.22 51.63
N GLN D 760 -12.05 -12.31 52.22
CA GLN D 760 -11.28 -12.22 53.46
C GLN D 760 -9.95 -11.50 53.24
N THR D 761 -9.31 -11.74 52.10
CA THR D 761 -8.01 -11.16 51.80
C THR D 761 -8.11 -9.75 51.21
N LEU D 762 -9.23 -9.06 51.42
CA LEU D 762 -9.37 -7.69 50.95
C LEU D 762 -8.55 -6.74 51.83
N SER D 770 -11.43 -5.50 66.98
CA SER D 770 -10.30 -5.67 67.87
C SER D 770 -9.62 -4.35 68.21
N PHE D 771 -9.41 -3.49 67.22
CA PHE D 771 -8.63 -2.29 67.45
C PHE D 771 -9.48 -1.20 68.08
N ARG D 772 -9.02 -0.71 69.22
CA ARG D 772 -9.55 0.44 69.94
C ARG D 772 -8.43 1.41 70.28
N PHE D 773 -8.76 2.69 70.24
CA PHE D 773 -7.89 3.71 70.78
C PHE D 773 -7.79 3.51 72.29
N PRO D 774 -6.65 3.89 72.90
CA PRO D 774 -6.52 3.74 74.36
C PRO D 774 -7.58 4.55 75.09
N SER D 775 -8.09 3.98 76.17
CA SER D 775 -9.15 4.63 76.94
C SER D 775 -8.64 5.87 77.67
N LEU E 12 18.65 37.31 31.59
CA LEU E 12 17.49 36.55 32.07
C LEU E 12 16.54 36.31 30.89
N SER E 13 15.80 35.20 30.96
CA SER E 13 15.00 34.77 29.82
C SER E 13 13.93 35.79 29.45
N THR E 14 13.25 36.35 30.44
CA THR E 14 12.17 37.31 30.21
C THR E 14 12.60 38.75 30.51
N ALA E 15 13.91 39.02 30.44
CA ALA E 15 14.39 40.38 30.67
C ALA E 15 13.91 41.35 29.61
N ILE E 16 13.60 40.86 28.41
CA ILE E 16 13.10 41.73 27.35
C ILE E 16 11.68 42.22 27.65
N LEU E 17 10.88 41.42 28.37
CA LEU E 17 9.54 41.82 28.74
C LEU E 17 9.54 42.92 29.81
N LYS E 18 10.67 43.09 30.49
CA LYS E 18 10.82 44.17 31.46
C LYS E 18 10.78 45.52 30.76
N GLN E 19 9.75 46.31 31.04
CA GLN E 19 9.76 47.70 30.64
C GLN E 19 10.31 48.56 31.78
N LYS E 20 11.08 49.58 31.41
CA LYS E 20 12.11 50.15 32.27
C LYS E 20 11.51 51.21 33.18
N ASN E 21 12.12 51.37 34.36
CA ASN E 21 11.79 52.47 35.26
C ASN E 21 12.44 53.75 34.74
N ARG E 22 11.71 54.50 33.91
CA ARG E 22 12.23 55.66 33.22
C ARG E 22 11.41 56.90 33.55
N PRO E 23 12.01 58.09 33.51
CA PRO E 23 11.23 59.31 33.76
C PRO E 23 10.09 59.50 32.77
N ASN E 24 10.27 59.09 31.52
CA ASN E 24 9.20 59.22 30.53
C ASN E 24 8.03 58.32 30.87
N ARG E 25 8.28 57.18 31.49
CA ARG E 25 7.19 56.27 31.87
C ARG E 25 6.36 56.89 32.98
N LEU E 26 5.04 56.90 32.80
CA LEU E 26 4.14 57.54 33.73
C LEU E 26 2.93 56.66 33.97
N ILE E 27 2.46 56.64 35.22
CA ILE E 27 1.27 55.87 35.57
C ILE E 27 0.03 56.70 35.27
N VAL E 28 -0.95 56.10 34.60
CA VAL E 28 -2.16 56.81 34.24
C VAL E 28 -2.98 57.09 35.49
N ASP E 29 -3.40 58.34 35.66
CA ASP E 29 -4.16 58.77 36.82
C ASP E 29 -5.34 59.61 36.38
N GLU E 30 -6.34 59.69 37.25
CA GLU E 30 -7.54 60.46 36.96
C GLU E 30 -7.23 61.95 36.89
N ALA E 31 -8.09 62.67 36.19
CA ALA E 31 -7.92 64.11 35.96
C ALA E 31 -8.91 64.88 36.82
N ILE E 32 -8.41 65.89 37.54
CA ILE E 32 -9.26 66.71 38.38
C ILE E 32 -10.07 67.65 37.51
N ASN E 33 -9.38 68.55 36.78
CA ASN E 33 -10.02 69.44 35.82
C ASN E 33 -9.12 69.53 34.59
N GLU E 34 -9.34 68.61 33.65
CA GLU E 34 -8.58 68.54 32.41
C GLU E 34 -9.54 68.31 31.25
N ASP E 35 -9.36 69.07 30.18
CA ASP E 35 -10.16 68.85 28.98
C ASP E 35 -9.51 67.76 28.12
N ASN E 36 -10.04 67.60 26.91
CA ASN E 36 -9.61 66.52 26.03
C ASN E 36 -8.30 66.85 25.33
N SER E 37 -7.65 67.95 25.72
CA SER E 37 -6.44 68.41 25.04
C SER E 37 -5.25 68.63 25.95
N VAL E 38 -5.38 68.46 27.27
CA VAL E 38 -4.29 68.71 28.19
C VAL E 38 -4.10 67.52 29.12
N VAL E 39 -2.89 67.40 29.66
CA VAL E 39 -2.55 66.46 30.71
C VAL E 39 -1.74 67.20 31.75
N SER E 40 -1.76 66.69 32.98
CA SER E 40 -1.13 67.36 34.11
C SER E 40 -0.07 66.47 34.73
N LEU E 41 1.08 67.08 35.05
CA LEU E 41 2.20 66.39 35.67
C LEU E 41 2.71 67.22 36.84
N SER E 42 3.52 66.60 37.70
CA SER E 42 4.12 67.30 38.82
C SER E 42 5.29 68.16 38.36
N GLN E 43 5.48 69.28 39.06
CA GLN E 43 6.57 70.19 38.69
C GLN E 43 7.94 69.55 38.71
N PRO E 44 8.32 68.72 39.70
CA PRO E 44 9.59 68.01 39.59
C PRO E 44 9.67 67.14 38.34
N LYS E 45 8.54 66.61 37.86
CA LYS E 45 8.57 65.81 36.64
C LYS E 45 8.90 66.65 35.41
N MET E 46 8.32 67.86 35.30
CA MET E 46 8.73 68.74 34.21
C MET E 46 10.19 69.15 34.36
N ASP E 47 10.64 69.42 35.58
CA ASP E 47 12.05 69.79 35.77
C ASP E 47 12.98 68.67 35.33
N GLU E 48 12.64 67.43 35.67
CA GLU E 48 13.46 66.29 35.25
C GLU E 48 13.39 66.08 33.74
N LEU E 49 12.22 66.27 33.16
CA LEU E 49 12.01 66.06 31.73
C LEU E 49 12.26 67.30 30.89
N GLN E 50 12.63 68.42 31.52
CA GLN E 50 12.89 69.68 30.81
C GLN E 50 11.68 70.11 29.98
N LEU E 51 10.50 69.98 30.55
CA LEU E 51 9.25 70.31 29.89
C LEU E 51 8.69 71.61 30.43
N PHE E 52 8.32 72.52 29.53
CA PHE E 52 7.72 73.79 29.89
C PHE E 52 6.20 73.66 29.92
N ARG E 53 5.57 74.49 30.75
CA ARG E 53 4.10 74.51 30.79
C ARG E 53 3.57 75.06 29.48
N GLY E 54 2.53 74.41 28.95
CA GLY E 54 1.98 74.76 27.67
C GLY E 54 2.61 74.06 26.48
N ASP E 55 3.67 73.29 26.69
CA ASP E 55 4.32 72.58 25.59
C ASP E 55 3.42 71.47 25.08
N THR E 56 3.46 71.23 23.77
CA THR E 56 2.78 70.09 23.20
C THR E 56 3.63 68.84 23.37
N VAL E 57 3.01 67.76 23.84
CA VAL E 57 3.71 66.54 24.21
C VAL E 57 3.05 65.35 23.56
N LEU E 58 3.88 64.41 23.10
CA LEU E 58 3.42 63.17 22.46
C LEU E 58 3.38 62.07 23.51
N LEU E 59 2.24 61.39 23.58
CA LEU E 59 2.01 60.30 24.51
C LEU E 59 1.81 59.01 23.72
N LYS E 60 2.58 57.99 24.08
CA LYS E 60 2.50 56.67 23.45
C LYS E 60 1.98 55.66 24.46
N GLY E 61 1.07 54.81 24.00
CA GLY E 61 0.46 53.81 24.87
C GLY E 61 0.42 52.43 24.25
N LYS E 62 -0.44 51.57 24.79
CA LYS E 62 -0.56 50.20 24.29
C LYS E 62 -1.16 50.19 22.88
N LYS E 63 -0.77 49.18 22.10
CA LYS E 63 -1.33 48.91 20.78
C LYS E 63 -1.06 50.02 19.77
N ARG E 64 0.21 50.42 19.62
CA ARG E 64 0.64 51.32 18.55
C ARG E 64 0.03 52.71 18.67
N ARG E 65 -0.51 53.04 19.84
CA ARG E 65 -1.31 54.25 20.00
C ARG E 65 -0.46 55.46 20.35
N GLU E 66 -0.76 56.57 19.68
CA GLU E 66 -0.10 57.86 19.91
C GLU E 66 -1.17 58.93 20.04
N ALA E 67 -0.82 59.99 20.77
CA ALA E 67 -1.70 61.14 20.95
C ALA E 67 -0.85 62.35 21.31
N VAL E 68 -1.46 63.53 21.22
CA VAL E 68 -0.80 64.79 21.58
C VAL E 68 -1.65 65.52 22.61
N CYS E 69 -1.00 66.10 23.61
CA CYS E 69 -1.68 66.86 24.65
C CYS E 69 -0.84 68.09 24.99
N ILE E 70 -1.35 68.89 25.91
CA ILE E 70 -0.66 70.07 26.43
C ILE E 70 -0.28 69.78 27.87
N VAL E 71 1.01 69.85 28.17
CA VAL E 71 1.51 69.51 29.50
C VAL E 71 1.31 70.71 30.42
N LEU E 72 0.73 70.46 31.59
CA LEU E 72 0.47 71.48 32.59
C LEU E 72 0.96 70.99 33.95
N SER E 73 1.03 71.93 34.89
CA SER E 73 1.52 71.65 36.23
C SER E 73 0.35 71.42 37.18
N ASP E 74 0.51 70.46 38.09
CA ASP E 74 -0.48 70.18 39.11
C ASP E 74 0.24 69.81 40.40
N ASP E 75 0.09 70.64 41.43
CA ASP E 75 0.75 70.40 42.71
C ASP E 75 0.19 69.20 43.45
N THR E 76 -1.01 68.76 43.12
CA THR E 76 -1.60 67.57 43.73
C THR E 76 -1.27 66.29 42.97
N CYS E 77 -0.58 66.40 41.83
CA CYS E 77 -0.24 65.24 41.02
C CYS E 77 1.06 64.61 41.52
N SER E 78 1.06 63.28 41.58
CA SER E 78 2.26 62.57 42.00
C SER E 78 3.34 62.65 40.93
N ASP E 79 4.59 62.46 41.35
CA ASP E 79 5.72 62.56 40.44
C ASP E 79 5.66 61.47 39.37
N GLU E 80 5.29 60.25 39.76
CA GLU E 80 5.27 59.11 38.86
C GLU E 80 3.94 58.93 38.12
N LYS E 81 2.98 59.84 38.33
CA LYS E 81 1.66 59.71 37.73
C LYS E 81 1.37 60.91 36.83
N ILE E 82 0.47 60.68 35.87
CA ILE E 82 0.00 61.71 34.97
C ILE E 82 -1.52 61.77 35.04
N ARG E 83 -2.06 62.96 35.28
CA ARG E 83 -3.51 63.14 35.33
C ARG E 83 -4.05 63.10 33.91
N MET E 84 -5.21 62.48 33.74
CA MET E 84 -5.60 61.98 32.43
C MET E 84 -7.11 61.77 32.40
N ASN E 85 -7.80 62.49 31.52
CA ASN E 85 -9.25 62.36 31.44
C ASN E 85 -9.62 61.10 30.64
N ARG E 86 -10.91 60.77 30.67
CA ARG E 86 -11.37 59.50 30.10
C ARG E 86 -11.24 59.47 28.58
N VAL E 87 -11.45 60.60 27.90
CA VAL E 87 -11.47 60.60 26.44
C VAL E 87 -10.11 60.20 25.89
N VAL E 88 -9.04 60.80 26.41
CA VAL E 88 -7.71 60.51 25.88
C VAL E 88 -7.20 59.17 26.42
N ARG E 89 -7.74 58.71 27.56
CA ARG E 89 -7.50 57.33 27.97
C ARG E 89 -8.06 56.37 26.93
N ASN E 90 -9.26 56.64 26.43
CA ASN E 90 -9.81 55.82 25.35
C ASN E 90 -8.99 55.95 24.09
N ASN E 91 -8.45 57.15 23.84
CA ASN E 91 -7.63 57.35 22.65
C ASN E 91 -6.37 56.49 22.67
N LEU E 92 -5.71 56.41 23.83
CA LEU E 92 -4.50 55.61 23.96
C LEU E 92 -4.78 54.15 24.31
N ARG E 93 -6.05 53.77 24.44
CA ARG E 93 -6.43 52.39 24.78
C ARG E 93 -5.79 51.94 26.08
N VAL E 94 -5.79 52.81 27.08
CA VAL E 94 -5.19 52.53 28.38
C VAL E 94 -6.23 52.77 29.47
N ARG E 95 -6.01 52.15 30.62
CA ARG E 95 -6.89 52.27 31.77
C ARG E 95 -6.11 52.90 32.93
N LEU E 96 -6.82 53.15 34.03
CA LEU E 96 -6.17 53.71 35.21
C LEU E 96 -5.16 52.73 35.77
N GLY E 97 -3.97 53.24 36.08
CA GLY E 97 -2.87 52.41 36.55
C GLY E 97 -1.95 51.91 35.47
N ASP E 98 -2.31 52.10 34.20
CA ASP E 98 -1.44 51.69 33.11
C ASP E 98 -0.24 52.63 32.99
N VAL E 99 0.73 52.22 32.18
CA VAL E 99 1.97 52.97 31.97
C VAL E 99 1.97 53.50 30.54
N ILE E 100 2.22 54.80 30.41
CA ILE E 100 2.35 55.44 29.10
C ILE E 100 3.71 56.12 29.05
N SER E 101 4.11 56.53 27.85
CA SER E 101 5.37 57.22 27.64
C SER E 101 5.11 58.63 27.12
N ILE E 102 5.83 59.60 27.66
CA ILE E 102 5.68 61.00 27.29
C ILE E 102 7.00 61.50 26.72
N GLN E 103 6.91 62.22 25.61
CA GLN E 103 8.08 62.80 24.96
C GLN E 103 7.71 64.16 24.41
N PRO E 104 8.70 65.04 24.18
CA PRO E 104 8.41 66.28 23.48
C PRO E 104 7.97 66.02 22.06
N CYS E 105 7.12 66.92 21.54
CA CYS E 105 6.58 66.82 20.19
C CYS E 105 6.84 68.14 19.47
N PRO E 106 8.07 68.39 19.05
CA PRO E 106 8.40 69.68 18.44
C PRO E 106 7.88 69.79 17.02
N ASP E 107 7.84 71.05 16.54
CA ASP E 107 7.49 71.36 15.16
C ASP E 107 6.10 70.86 14.78
N VAL E 108 5.12 71.14 15.64
CA VAL E 108 3.72 70.86 15.30
C VAL E 108 3.12 72.10 14.65
N LYS E 109 2.80 72.00 13.37
CA LYS E 109 2.35 73.15 12.60
C LYS E 109 0.85 73.34 12.73
N TYR E 110 0.39 74.54 12.39
CA TYR E 110 -1.04 74.83 12.39
C TYR E 110 -1.75 74.03 11.32
N GLY E 111 -2.91 73.48 11.67
CA GLY E 111 -3.64 72.65 10.73
C GLY E 111 -4.17 73.46 9.57
N LYS E 112 -3.98 72.93 8.35
CA LYS E 112 -4.52 73.59 7.18
C LYS E 112 -5.97 73.15 6.92
N ARG E 113 -6.28 71.88 7.11
CA ARG E 113 -7.62 71.37 6.88
C ARG E 113 -7.79 70.05 7.61
N ILE E 114 -8.88 69.92 8.37
CA ILE E 114 -9.17 68.71 9.12
C ILE E 114 -10.58 68.23 8.78
N HIS E 115 -10.70 66.94 8.52
CA HIS E 115 -11.96 66.26 8.24
C HIS E 115 -12.25 65.30 9.39
N VAL E 116 -13.42 65.45 10.00
CA VAL E 116 -13.84 64.63 11.12
C VAL E 116 -15.19 64.01 10.79
N LEU E 117 -15.53 62.95 11.53
CA LEU E 117 -16.79 62.24 11.35
C LEU E 117 -17.34 61.79 12.69
N PRO E 118 -18.66 61.87 12.88
CA PRO E 118 -19.24 61.48 14.17
C PRO E 118 -19.49 59.99 14.26
N ILE E 119 -19.68 59.53 15.50
CA ILE E 119 -20.04 58.14 15.77
C ILE E 119 -21.55 58.00 15.66
N ASP E 120 -22.00 56.83 15.19
CA ASP E 120 -23.38 56.68 14.73
C ASP E 120 -24.39 56.94 15.85
N ASP E 121 -24.26 56.24 16.99
CA ASP E 121 -25.25 56.41 18.03
C ASP E 121 -25.18 57.79 18.69
N THR E 122 -24.00 58.38 18.75
CA THR E 122 -23.88 59.76 19.23
C THR E 122 -24.58 60.76 18.32
N VAL E 123 -24.73 60.43 17.03
CA VAL E 123 -25.42 61.31 16.08
C VAL E 123 -26.78 60.76 15.68
N GLU E 124 -27.13 59.56 16.13
CA GLU E 124 -28.46 59.01 15.87
C GLU E 124 -29.52 59.92 16.47
N GLY E 125 -30.42 60.42 15.62
CA GLY E 125 -31.43 61.36 16.03
C GLY E 125 -31.00 62.82 16.03
N ILE E 126 -29.73 63.09 15.73
CA ILE E 126 -29.23 64.46 15.66
C ILE E 126 -29.32 64.91 14.21
N THR E 127 -30.16 65.93 13.95
CA THR E 127 -30.37 66.43 12.61
C THR E 127 -29.86 67.85 12.42
N GLY E 128 -29.37 68.50 13.48
CA GLY E 128 -28.87 69.85 13.36
C GLY E 128 -27.49 69.90 12.72
N ASN E 129 -27.03 71.12 12.49
CA ASN E 129 -25.71 71.34 11.91
C ASN E 129 -24.65 70.93 12.93
N LEU E 130 -23.90 69.88 12.61
CA LEU E 130 -22.88 69.39 13.55
C LEU E 130 -21.81 70.44 13.79
N PHE E 131 -21.37 71.12 12.73
CA PHE E 131 -20.29 72.09 12.85
C PHE E 131 -20.62 73.16 13.88
N GLU E 132 -21.64 73.97 13.60
CA GLU E 132 -21.95 75.12 14.46
C GLU E 132 -22.29 74.69 15.88
N VAL E 133 -23.06 73.61 16.02
CA VAL E 133 -23.50 73.20 17.35
C VAL E 133 -22.36 72.66 18.18
N TYR E 134 -21.48 71.85 17.59
CA TYR E 134 -20.48 71.11 18.35
C TYR E 134 -19.05 71.58 18.09
N LEU E 135 -18.60 71.55 16.84
CA LEU E 135 -17.17 71.68 16.56
C LEU E 135 -16.70 73.13 16.71
N LYS E 136 -17.49 74.09 16.23
CA LYS E 136 -17.07 75.48 16.31
C LYS E 136 -16.86 75.97 17.73
N PRO E 137 -17.80 75.78 18.68
CA PRO E 137 -17.49 76.18 20.06
C PRO E 137 -16.38 75.38 20.68
N TYR E 138 -16.17 74.13 20.23
CA TYR E 138 -15.12 73.29 20.81
C TYR E 138 -13.74 73.69 20.33
N PHE E 139 -13.63 74.29 19.15
CA PHE E 139 -12.34 74.62 18.56
C PHE E 139 -12.14 76.12 18.39
N LEU E 140 -12.94 76.94 19.06
CA LEU E 140 -12.84 78.39 18.93
C LEU E 140 -11.87 78.94 19.98
N GLU E 141 -10.77 79.52 19.51
CA GLU E 141 -9.74 80.12 20.37
C GLU E 141 -9.25 79.12 21.42
N ALA E 142 -8.91 77.92 20.96
CA ALA E 142 -8.46 76.86 21.86
C ALA E 142 -7.10 76.33 21.45
N TYR E 143 -6.83 76.30 20.14
CA TYR E 143 -5.56 75.80 19.60
C TYR E 143 -5.30 74.36 20.06
N ARG E 144 -6.31 73.52 19.96
CA ARG E 144 -6.20 72.14 20.43
C ARG E 144 -5.29 71.33 19.50
N PRO E 145 -4.36 70.55 20.05
CA PRO E 145 -3.59 69.62 19.20
C PRO E 145 -4.35 68.31 19.01
N ILE E 146 -4.40 67.83 17.77
CA ILE E 146 -5.15 66.64 17.42
C ILE E 146 -4.30 65.72 16.57
N ARG E 147 -4.75 64.47 16.45
CA ARG E 147 -4.09 63.45 15.65
C ARG E 147 -5.11 62.77 14.75
N LYS E 148 -4.64 62.27 13.61
CA LYS E 148 -5.47 61.45 12.75
C LYS E 148 -5.90 60.20 13.49
N GLY E 149 -7.19 59.88 13.41
CA GLY E 149 -7.76 58.75 14.11
C GLY E 149 -8.13 59.01 15.55
N ASP E 150 -7.99 60.23 16.03
CA ASP E 150 -8.38 60.57 17.40
C ASP E 150 -9.89 60.48 17.57
N ILE E 151 -10.32 60.08 18.77
CA ILE E 151 -11.72 60.04 19.15
C ILE E 151 -11.94 61.04 20.27
N PHE E 152 -12.78 62.05 20.04
CA PHE E 152 -13.00 63.08 21.04
C PHE E 152 -14.48 63.38 21.18
N LEU E 153 -14.91 63.61 22.41
CA LEU E 153 -16.32 63.84 22.73
C LEU E 153 -16.57 65.33 22.90
N VAL E 154 -17.64 65.82 22.29
CA VAL E 154 -17.98 67.25 22.30
C VAL E 154 -19.35 67.43 22.95
N ARG E 155 -19.44 68.43 23.84
CA ARG E 155 -20.69 68.78 24.48
C ARG E 155 -21.53 69.65 23.55
N GLY E 156 -22.65 70.14 24.06
CA GLY E 156 -23.57 70.92 23.27
C GLY E 156 -24.71 70.10 22.68
N GLY E 157 -25.64 70.80 22.05
CA GLY E 157 -26.84 70.17 21.55
C GLY E 157 -27.70 69.68 22.69
N MET E 158 -28.54 68.69 22.38
CA MET E 158 -29.22 67.91 23.40
C MET E 158 -28.34 66.77 23.94
N ARG E 159 -27.27 66.42 23.20
CA ARG E 159 -26.57 65.18 23.45
C ARG E 159 -25.13 65.30 22.98
N ALA E 160 -24.18 64.95 23.85
CA ALA E 160 -22.78 64.99 23.49
C ALA E 160 -22.48 63.99 22.38
N VAL E 161 -21.63 64.39 21.44
CA VAL E 161 -21.36 63.62 20.23
C VAL E 161 -19.88 63.32 20.14
N GLU E 162 -19.55 62.06 19.86
CA GLU E 162 -18.17 61.66 19.67
C GLU E 162 -17.81 61.78 18.20
N PHE E 163 -16.61 62.31 17.94
CA PHE E 163 -16.11 62.52 16.60
C PHE E 163 -14.77 61.83 16.42
N LYS E 164 -14.52 61.36 15.20
CA LYS E 164 -13.27 60.74 14.83
C LYS E 164 -12.57 61.60 13.79
N VAL E 165 -11.31 61.95 14.06
CA VAL E 165 -10.52 62.77 13.15
C VAL E 165 -10.05 61.86 12.02
N VAL E 166 -10.71 61.93 10.87
CA VAL E 166 -10.38 61.01 9.78
C VAL E 166 -9.34 61.56 8.82
N GLU E 167 -9.08 62.86 8.84
CA GLU E 167 -8.05 63.41 7.96
C GLU E 167 -7.49 64.69 8.55
N THR E 168 -6.17 64.85 8.46
CA THR E 168 -5.49 66.06 8.90
C THR E 168 -4.51 66.52 7.83
N ASP E 169 -4.37 67.84 7.73
CA ASP E 169 -3.33 68.45 6.90
C ASP E 169 -2.87 69.74 7.57
N PRO E 170 -1.60 69.84 7.98
CA PRO E 170 -0.54 68.84 7.78
C PRO E 170 -0.68 67.60 8.68
N SER E 171 -0.09 66.50 8.25
CA SER E 171 -0.24 65.21 8.89
C SER E 171 1.08 64.76 9.55
N PRO E 172 1.01 63.95 10.61
CA PRO E 172 -0.24 63.49 11.24
C PRO E 172 -0.75 64.45 12.31
N TYR E 173 0.17 65.20 12.93
CA TYR E 173 -0.19 66.07 14.04
C TYR E 173 -0.33 67.50 13.56
N CYS E 174 -1.43 68.14 13.97
CA CYS E 174 -1.70 69.51 13.57
C CYS E 174 -2.40 70.25 14.70
N ILE E 175 -2.26 71.57 14.69
CA ILE E 175 -2.91 72.44 15.67
C ILE E 175 -4.16 73.03 15.03
N VAL E 176 -5.27 73.03 15.76
CA VAL E 176 -6.51 73.59 15.25
C VAL E 176 -6.46 75.11 15.41
N ALA E 177 -5.95 75.79 14.37
CA ALA E 177 -5.85 77.23 14.37
C ALA E 177 -7.19 77.87 14.01
N PRO E 178 -7.36 79.16 14.31
CA PRO E 178 -8.61 79.83 13.90
C PRO E 178 -8.88 79.77 12.41
N ASP E 179 -7.85 79.79 11.58
CA ASP E 179 -8.02 79.70 10.13
C ASP E 179 -8.03 78.27 9.62
N THR E 180 -7.91 77.28 10.51
CA THR E 180 -8.00 75.88 10.10
C THR E 180 -9.42 75.56 9.66
N VAL E 181 -9.55 74.90 8.52
CA VAL E 181 -10.86 74.57 7.95
C VAL E 181 -11.28 73.20 8.47
N ILE E 182 -12.33 73.17 9.28
CA ILE E 182 -12.86 71.95 9.87
C ILE E 182 -14.13 71.58 9.13
N HIS E 183 -14.21 70.33 8.65
CA HIS E 183 -15.44 69.88 8.02
C HIS E 183 -15.76 68.46 8.43
N CYS E 184 -17.06 68.15 8.46
CA CYS E 184 -17.59 66.89 8.93
C CYS E 184 -18.69 66.37 7.99
N GLU E 185 -18.44 66.45 6.69
CA GLU E 185 -19.38 65.95 5.68
C GLU E 185 -18.83 64.65 5.10
N GLY E 186 -19.53 63.55 5.37
CA GLY E 186 -19.11 62.25 4.87
C GLY E 186 -19.93 61.16 5.51
N GLU E 187 -19.63 59.93 5.10
CA GLU E 187 -20.31 58.77 5.68
C GLU E 187 -19.94 58.64 7.15
N PRO E 188 -20.91 58.61 8.06
CA PRO E 188 -20.58 58.57 9.49
C PRO E 188 -19.81 57.30 9.84
N ILE E 189 -18.84 57.43 10.75
CA ILE E 189 -18.05 56.29 11.17
C ILE E 189 -18.91 55.36 11.99
N LYS E 190 -19.10 54.14 11.50
CA LYS E 190 -19.96 53.17 12.16
C LYS E 190 -19.35 52.71 13.48
N ARG E 191 -20.22 52.30 14.41
CA ARG E 191 -19.75 51.82 15.70
C ARG E 191 -19.03 50.49 15.58
N GLU E 192 -19.33 49.72 14.54
CA GLU E 192 -18.70 48.42 14.36
C GLU E 192 -17.20 48.58 14.15
N ASP E 193 -16.81 49.55 13.33
CA ASP E 193 -15.40 49.82 13.07
C ASP E 193 -14.69 50.25 14.35
N GLU E 194 -15.32 51.14 15.12
CA GLU E 194 -14.72 51.60 16.37
C GLU E 194 -14.57 50.47 17.36
N GLU E 195 -15.57 49.60 17.46
CA GLU E 195 -15.50 48.47 18.38
C GLU E 195 -14.43 47.48 17.95
N GLU E 196 -14.32 47.22 16.65
CA GLU E 196 -13.28 46.32 16.14
C GLU E 196 -11.89 46.88 16.42
N SER E 197 -11.71 48.19 16.23
CA SER E 197 -10.44 48.82 16.55
C SER E 197 -10.15 48.75 18.04
N LEU E 198 -11.18 48.95 18.87
CA LEU E 198 -10.99 48.93 20.32
C LEU E 198 -10.60 47.54 20.80
N ASN E 199 -11.25 46.49 20.27
CA ASN E 199 -11.03 45.13 20.72
C ASN E 199 -9.94 44.42 19.93
N GLU E 200 -9.02 45.16 19.32
CA GLU E 200 -7.91 44.53 18.62
C GLU E 200 -6.97 43.87 19.62
N VAL E 201 -6.34 42.77 19.19
CA VAL E 201 -5.57 41.95 20.10
C VAL E 201 -4.15 42.50 20.23
N GLY E 202 -3.72 42.71 21.48
CA GLY E 202 -2.34 43.05 21.77
C GLY E 202 -1.66 41.94 22.55
N TYR E 203 -0.43 42.18 23.02
CA TYR E 203 0.27 41.16 23.79
C TYR E 203 -0.44 40.86 25.10
N ASP E 204 -1.16 41.84 25.65
CA ASP E 204 -1.85 41.64 26.92
C ASP E 204 -3.02 40.69 26.81
N ASP E 205 -3.43 40.32 25.60
CA ASP E 205 -4.52 39.37 25.40
C ASP E 205 -4.06 37.92 25.37
N ILE E 206 -2.77 37.66 25.58
CA ILE E 206 -2.22 36.31 25.60
C ILE E 206 -1.85 35.96 27.03
N GLY E 207 -2.35 34.82 27.51
CA GLY E 207 -2.04 34.37 28.85
C GLY E 207 -1.29 33.05 28.81
N GLY E 208 -0.41 32.86 29.78
CA GLY E 208 0.33 31.62 29.91
C GLY E 208 1.44 31.42 28.92
N CYS E 209 1.86 32.45 28.20
CA CYS E 209 2.90 32.35 27.18
C CYS E 209 3.97 33.40 27.41
N ARG E 210 4.41 33.58 28.65
CA ARG E 210 5.37 34.64 28.97
C ARG E 210 6.74 34.31 28.40
N LYS E 211 7.20 33.07 28.57
CA LYS E 211 8.42 32.60 27.91
C LYS E 211 8.34 32.80 26.41
N GLN E 212 7.24 32.37 25.81
CA GLN E 212 7.13 32.38 24.35
C GLN E 212 7.08 33.81 23.83
N LEU E 213 6.39 34.70 24.54
CA LEU E 213 6.37 36.10 24.15
C LEU E 213 7.77 36.72 24.24
N ALA E 214 8.51 36.41 25.31
CA ALA E 214 9.86 36.92 25.44
C ALA E 214 10.75 36.42 24.29
N GLN E 215 10.64 35.12 23.97
CA GLN E 215 11.44 34.55 22.90
C GLN E 215 11.09 35.18 21.55
N ILE E 216 9.80 35.41 21.31
CA ILE E 216 9.37 36.00 20.05
C ILE E 216 9.88 37.43 19.93
N LYS E 217 9.82 38.20 21.02
CA LYS E 217 10.37 39.55 20.98
C LYS E 217 11.88 39.52 20.75
N GLU E 218 12.58 38.55 21.35
CA GLU E 218 14.02 38.48 21.17
C GLU E 218 14.39 38.11 19.74
N MET E 219 13.64 37.19 19.12
CA MET E 219 14.00 36.68 17.81
C MET E 219 13.30 37.39 16.65
N VAL E 220 12.28 38.19 16.92
CA VAL E 220 11.56 38.85 15.83
C VAL E 220 11.64 40.36 16.00
N GLU E 221 11.13 40.87 17.12
CA GLU E 221 11.08 42.30 17.31
C GLU E 221 12.48 42.90 17.49
N LEU E 222 13.33 42.22 18.26
CA LEU E 222 14.67 42.77 18.52
C LEU E 222 15.54 42.88 17.27
N PRO E 223 15.69 41.84 16.43
CA PRO E 223 16.57 41.99 15.25
C PRO E 223 16.13 43.10 14.30
N LEU E 224 14.83 43.26 14.08
CA LEU E 224 14.35 44.34 13.22
C LEU E 224 14.40 45.68 13.93
N ARG E 225 14.23 45.69 15.25
CA ARG E 225 14.21 46.92 16.01
C ARG E 225 15.59 47.56 15.98
N HIS E 226 16.62 46.76 16.27
CA HIS E 226 18.00 47.20 16.39
C HIS E 226 18.92 46.24 15.65
N PRO E 227 18.94 46.28 14.31
CA PRO E 227 19.88 45.41 13.59
C PRO E 227 21.34 45.68 13.92
N ALA E 228 21.68 46.93 14.24
CA ALA E 228 23.06 47.26 14.57
C ALA E 228 23.52 46.58 15.86
N LEU E 229 22.57 46.24 16.74
CA LEU E 229 22.94 45.52 17.95
C LEU E 229 23.54 44.17 17.62
N PHE E 230 22.95 43.44 16.68
CA PHE E 230 23.50 42.16 16.25
C PHE E 230 24.71 42.34 15.33
N LYS E 231 24.72 43.42 14.53
CA LYS E 231 25.86 43.67 13.66
C LYS E 231 27.13 43.94 14.46
N GLU E 232 27.01 44.70 15.55
CA GLU E 232 28.19 45.07 16.34
C GLU E 232 28.83 43.84 16.98
N ILE E 233 27.99 42.94 17.53
CA ILE E 233 28.51 41.74 18.18
C ILE E 233 28.85 40.65 17.17
N GLY E 234 28.65 40.91 15.88
CA GLY E 234 29.06 40.01 14.83
C GLY E 234 28.30 38.70 14.73
N VAL E 235 26.99 38.74 14.91
CA VAL E 235 26.13 37.57 14.70
C VAL E 235 24.96 37.97 13.81
N LYS E 236 24.42 36.99 13.11
CA LYS E 236 23.28 37.21 12.23
C LYS E 236 22.02 36.63 12.86
N PRO E 237 20.95 37.41 12.97
CA PRO E 237 19.73 36.91 13.59
C PRO E 237 19.09 35.83 12.74
N PRO E 238 18.47 34.84 13.38
CA PRO E 238 17.74 33.82 12.64
C PRO E 238 16.71 34.42 11.68
N ARG E 239 16.50 33.72 10.58
CA ARG E 239 15.57 34.16 9.54
C ARG E 239 14.19 33.53 9.68
N GLY E 240 14.12 32.30 10.21
CA GLY E 240 12.86 31.59 10.28
C GLY E 240 12.47 31.13 11.67
N ILE E 241 11.32 31.61 12.14
CA ILE E 241 10.76 31.23 13.44
C ILE E 241 9.46 30.51 13.20
N LEU E 242 9.36 29.29 13.70
CA LEU E 242 8.18 28.44 13.52
C LEU E 242 7.50 28.25 14.88
N LEU E 243 6.26 28.72 14.98
CA LEU E 243 5.46 28.49 16.18
C LEU E 243 4.73 27.16 16.04
N TYR E 244 4.87 26.29 17.05
CA TYR E 244 4.13 25.04 17.00
C TYR E 244 3.48 24.78 18.35
N GLY E 245 2.52 23.87 18.34
CA GLY E 245 1.77 23.51 19.52
C GLY E 245 0.43 22.90 19.14
N PRO E 246 -0.25 22.30 20.11
CA PRO E 246 -1.56 21.70 19.83
C PRO E 246 -2.58 22.76 19.44
N PRO E 247 -3.64 22.37 18.73
CA PRO E 247 -4.61 23.37 18.26
C PRO E 247 -5.26 24.11 19.42
N GLY E 248 -5.52 25.40 19.20
CA GLY E 248 -6.18 26.23 20.19
C GLY E 248 -5.28 26.79 21.26
N THR E 249 -3.95 26.71 21.10
CA THR E 249 -3.03 27.23 22.11
C THR E 249 -2.73 28.71 21.94
N GLY E 250 -3.17 29.33 20.86
CA GLY E 250 -3.02 30.75 20.67
C GLY E 250 -1.96 31.18 19.67
N LYS E 251 -1.56 30.31 18.73
CA LYS E 251 -0.57 30.70 17.73
C LYS E 251 -1.11 31.80 16.82
N THR E 252 -2.34 31.65 16.34
CA THR E 252 -2.97 32.69 15.54
C THR E 252 -3.23 33.94 16.36
N LEU E 253 -3.59 33.78 17.63
CA LEU E 253 -3.76 34.92 18.51
C LEU E 253 -2.44 35.66 18.71
N ILE E 254 -1.34 34.92 18.84
CA ILE E 254 -0.03 35.54 18.94
C ILE E 254 0.32 36.25 17.63
N ALA E 255 -0.07 35.68 16.50
CA ALA E 255 0.16 36.35 15.21
C ALA E 255 -0.59 37.66 15.15
N ARG E 256 -1.86 37.66 15.58
CA ARG E 256 -2.65 38.88 15.58
C ARG E 256 -2.03 39.92 16.51
N ALA E 257 -1.57 39.49 17.68
CA ALA E 257 -0.93 40.40 18.62
C ALA E 257 0.33 41.01 18.02
N VAL E 258 1.17 40.18 17.39
CA VAL E 258 2.40 40.68 16.78
C VAL E 258 2.06 41.68 15.69
N ALA E 259 1.03 41.39 14.89
CA ALA E 259 0.62 42.30 13.84
C ALA E 259 0.17 43.65 14.41
N ASN E 260 -0.59 43.62 15.51
CA ASN E 260 -1.10 44.85 16.09
C ASN E 260 -0.09 45.54 17.01
N GLU E 261 1.06 44.93 17.28
CA GLU E 261 2.01 45.48 18.24
C GLU E 261 3.35 45.85 17.62
N THR E 262 3.56 45.54 16.34
CA THR E 262 4.88 45.68 15.74
C THR E 262 4.98 46.99 14.98
N GLY E 263 6.18 47.58 14.98
CA GLY E 263 6.44 48.73 14.14
C GLY E 263 6.83 48.35 12.73
N ALA E 264 7.30 47.11 12.55
CA ALA E 264 7.67 46.63 11.23
C ALA E 264 6.42 46.38 10.38
N PHE E 265 6.62 46.37 9.07
CA PHE E 265 5.55 46.04 8.15
C PHE E 265 5.16 44.58 8.33
N PHE E 266 3.87 44.30 8.41
CA PHE E 266 3.38 42.95 8.67
C PHE E 266 2.57 42.45 7.48
N PHE E 267 2.92 41.27 6.98
CA PHE E 267 2.17 40.60 5.95
C PHE E 267 1.73 39.24 6.47
N LEU E 268 0.43 38.96 6.34
CA LEU E 268 -0.16 37.72 6.84
C LEU E 268 -0.48 36.80 5.67
N ILE E 269 0.00 35.56 5.76
CA ILE E 269 -0.31 34.53 4.77
C ILE E 269 -0.97 33.37 5.49
N ASN E 270 -2.10 32.91 4.95
CA ASN E 270 -2.80 31.74 5.47
C ASN E 270 -2.56 30.56 4.55
N GLY E 271 -2.58 29.36 5.11
CA GLY E 271 -2.48 28.15 4.32
C GLY E 271 -3.62 28.00 3.33
N PRO E 272 -4.85 27.83 3.83
CA PRO E 272 -6.00 27.75 2.93
C PRO E 272 -6.16 28.96 2.02
N GLU E 273 -5.69 30.13 2.46
CA GLU E 273 -5.51 31.27 1.56
C GLU E 273 -4.82 30.86 0.27
N ILE E 274 -3.59 30.36 0.37
CA ILE E 274 -2.78 30.08 -0.81
C ILE E 274 -3.29 28.84 -1.54
N MET E 275 -3.68 27.80 -0.79
CA MET E 275 -4.03 26.54 -1.43
C MET E 275 -5.38 26.57 -2.13
N SER E 276 -6.23 27.57 -1.85
CA SER E 276 -7.52 27.67 -2.51
C SER E 276 -7.46 28.33 -3.88
N LYS E 277 -6.31 28.88 -4.26
CA LYS E 277 -6.16 29.56 -5.53
C LYS E 277 -5.79 28.57 -6.63
N LEU E 278 -6.02 28.97 -7.87
CA LEU E 278 -5.66 28.15 -9.01
C LEU E 278 -4.14 28.06 -9.14
N ALA E 279 -3.69 27.01 -9.82
CA ALA E 279 -2.26 26.83 -10.05
C ALA E 279 -1.69 28.02 -10.81
N GLY E 280 -0.59 28.56 -10.31
CA GLY E 280 0.02 29.76 -10.85
C GLY E 280 -0.41 31.05 -10.17
N GLU E 281 -1.53 31.03 -9.45
CA GLU E 281 -1.93 32.19 -8.65
C GLU E 281 -1.44 32.07 -7.22
N SER E 282 -1.35 30.85 -6.69
CA SER E 282 -0.76 30.65 -5.36
C SER E 282 0.71 31.05 -5.34
N GLU E 283 1.46 30.61 -6.36
CA GLU E 283 2.87 30.96 -6.46
C GLU E 283 3.03 32.46 -6.65
N SER E 284 2.19 33.07 -7.48
CA SER E 284 2.26 34.51 -7.69
C SER E 284 1.98 35.27 -6.41
N ASN E 285 0.99 34.82 -5.64
CA ASN E 285 0.68 35.48 -4.37
C ASN E 285 1.82 35.34 -3.38
N LEU E 286 2.44 34.16 -3.31
CA LEU E 286 3.57 33.97 -2.40
C LEU E 286 4.75 34.87 -2.78
N ARG E 287 5.09 34.90 -4.07
CA ARG E 287 6.18 35.75 -4.53
C ARG E 287 5.87 37.23 -4.30
N LYS E 288 4.62 37.62 -4.55
CA LYS E 288 4.23 39.02 -4.32
C LYS E 288 4.33 39.37 -2.84
N ALA E 289 3.94 38.44 -1.96
CA ALA E 289 4.07 38.69 -0.52
C ALA E 289 5.52 38.89 -0.12
N PHE E 290 6.41 38.02 -0.61
CA PHE E 290 7.82 38.16 -0.26
C PHE E 290 8.41 39.46 -0.81
N GLU E 291 8.06 39.81 -2.05
CA GLU E 291 8.55 41.06 -2.63
C GLU E 291 8.00 42.28 -1.89
N GLU E 292 6.72 42.23 -1.49
CA GLU E 292 6.12 43.32 -0.73
C GLU E 292 6.81 43.50 0.61
N ALA E 293 7.14 42.38 1.27
CA ALA E 293 7.87 42.47 2.53
C ALA E 293 9.26 43.06 2.32
N GLU E 294 9.94 42.63 1.26
CA GLU E 294 11.28 43.14 1.02
C GLU E 294 11.26 44.63 0.68
N LYS E 295 10.21 45.09 0.00
CA LYS E 295 10.11 46.51 -0.35
C LYS E 295 9.86 47.37 0.87
N ASN E 296 9.07 46.88 1.82
CA ASN E 296 8.70 47.62 3.03
C ASN E 296 9.53 47.22 4.24
N ALA E 297 10.81 46.90 4.03
CA ALA E 297 11.66 46.48 5.13
C ALA E 297 11.86 47.61 6.14
N PRO E 298 11.98 47.29 7.44
CA PRO E 298 11.90 45.94 8.01
C PRO E 298 10.48 45.38 8.02
N ALA E 299 10.33 44.09 7.76
CA ALA E 299 9.02 43.48 7.60
C ALA E 299 8.98 42.12 8.26
N ILE E 300 7.77 41.69 8.60
CA ILE E 300 7.51 40.37 9.14
C ILE E 300 6.52 39.67 8.21
N ILE E 301 6.86 38.45 7.81
CA ILE E 301 5.95 37.59 7.06
C ILE E 301 5.48 36.48 8.00
N PHE E 302 4.17 36.40 8.21
CA PHE E 302 3.59 35.32 9.00
C PHE E 302 2.80 34.40 8.08
N ILE E 303 3.18 33.13 8.07
CA ILE E 303 2.50 32.11 7.28
C ILE E 303 1.74 31.22 8.26
N ASP E 304 0.48 31.55 8.49
CA ASP E 304 -0.36 30.75 9.37
C ASP E 304 -0.75 29.45 8.67
N GLU E 305 -0.77 28.36 9.44
CA GLU E 305 -1.07 27.02 8.93
C GLU E 305 -0.10 26.65 7.82
N LEU E 306 1.18 26.56 8.19
CA LEU E 306 2.23 26.25 7.23
C LEU E 306 2.07 24.84 6.65
N ASP E 307 1.53 23.90 7.43
CA ASP E 307 1.36 22.54 6.95
C ASP E 307 0.37 22.47 5.79
N ALA E 308 -0.50 23.46 5.66
CA ALA E 308 -1.45 23.47 4.55
C ALA E 308 -0.74 23.66 3.22
N ILE E 309 0.32 24.45 3.19
CA ILE E 309 1.02 24.74 1.95
C ILE E 309 2.29 23.92 1.77
N ALA E 310 2.89 23.41 2.85
CA ALA E 310 4.18 22.74 2.78
C ALA E 310 4.16 21.43 3.54
N PRO E 311 3.50 20.40 3.01
CA PRO E 311 3.65 19.06 3.55
C PRO E 311 4.94 18.42 3.03
N LYS E 312 5.20 17.20 3.49
CA LYS E 312 6.38 16.48 3.03
C LYS E 312 6.28 16.21 1.53
N ARG E 313 7.33 16.58 0.80
CA ARG E 313 7.27 16.57 -0.67
C ARG E 313 7.10 15.15 -1.19
N GLU E 314 7.85 14.19 -0.63
CA GLU E 314 7.73 12.81 -1.09
C GLU E 314 6.34 12.25 -0.80
N LYS E 315 5.79 12.57 0.37
CA LYS E 315 4.46 12.13 0.76
C LYS E 315 3.35 12.98 0.13
N THR E 316 3.69 13.82 -0.84
CA THR E 316 2.71 14.59 -1.58
C THR E 316 2.63 14.07 -3.01
N HIS E 317 1.41 14.08 -3.56
CA HIS E 317 1.16 13.55 -4.88
C HIS E 317 0.90 14.60 -5.93
N GLY E 318 0.44 15.80 -5.55
CA GLY E 318 0.22 16.84 -6.51
C GLY E 318 1.51 17.41 -7.09
N GLU E 319 1.47 17.67 -8.40
CA GLU E 319 2.61 18.34 -9.04
C GLU E 319 2.66 19.79 -8.58
N VAL E 320 1.51 20.46 -8.56
CA VAL E 320 1.45 21.87 -8.19
C VAL E 320 1.82 22.06 -6.72
N GLU E 321 1.43 21.10 -5.86
CA GLU E 321 1.78 21.20 -4.45
C GLU E 321 3.29 21.14 -4.24
N ARG E 322 3.96 20.21 -4.90
CA ARG E 322 5.41 20.14 -4.81
C ARG E 322 6.06 21.40 -5.37
N ARG E 323 5.50 21.94 -6.45
CA ARG E 323 6.04 23.19 -6.99
C ARG E 323 5.88 24.34 -6.01
N ILE E 324 4.75 24.38 -5.28
CA ILE E 324 4.55 25.42 -4.27
C ILE E 324 5.56 25.27 -3.13
N VAL E 325 5.80 24.04 -2.68
CA VAL E 325 6.78 23.82 -1.62
C VAL E 325 8.17 24.26 -2.08
N SER E 326 8.54 23.91 -3.32
CA SER E 326 9.83 24.32 -3.85
C SER E 326 9.93 25.83 -3.96
N GLN E 327 8.84 26.49 -4.37
CA GLN E 327 8.83 27.95 -4.45
C GLN E 327 9.02 28.58 -3.09
N LEU E 328 8.37 28.02 -2.06
CA LEU E 328 8.56 28.53 -0.71
C LEU E 328 10.00 28.36 -0.25
N LEU E 329 10.60 27.20 -0.54
CA LEU E 329 12.01 27.00 -0.19
C LEU E 329 12.91 28.02 -0.88
N THR E 330 12.66 28.27 -2.17
CA THR E 330 13.45 29.23 -2.91
C THR E 330 13.29 30.64 -2.34
N LEU E 331 12.07 31.02 -1.99
CA LEU E 331 11.85 32.35 -1.42
C LEU E 331 12.53 32.48 -0.07
N MET E 332 12.48 31.43 0.76
CA MET E 332 13.19 31.47 2.04
C MET E 332 14.69 31.60 1.83
N ASP E 333 15.24 30.91 0.84
CA ASP E 333 16.67 31.03 0.56
C ASP E 333 17.04 32.37 -0.06
N GLY E 334 16.07 33.05 -0.68
CA GLY E 334 16.35 34.29 -1.38
C GLY E 334 16.71 35.45 -0.49
N LEU E 335 16.34 35.39 0.79
CA LEU E 335 16.69 36.46 1.72
C LEU E 335 18.19 36.49 1.96
N LYS E 336 18.75 37.69 1.98
CA LYS E 336 20.19 37.89 2.14
C LYS E 336 20.57 38.43 3.52
N GLN E 337 19.65 38.37 4.49
CA GLN E 337 19.91 38.74 5.89
C GLN E 337 20.15 40.22 6.07
N ARG E 338 20.22 40.97 4.97
CA ARG E 338 20.17 42.42 4.99
C ARG E 338 18.83 42.95 4.52
N ALA E 339 17.98 42.07 3.97
CA ALA E 339 16.64 42.47 3.57
C ALA E 339 15.79 42.84 4.79
N HIS E 340 16.25 42.49 5.98
CA HIS E 340 15.54 42.80 7.22
C HIS E 340 14.11 42.27 7.19
N VAL E 341 13.95 41.08 6.63
CA VAL E 341 12.66 40.40 6.55
C VAL E 341 12.76 39.13 7.38
N ILE E 342 11.87 38.98 8.36
CA ILE E 342 11.81 37.79 9.20
C ILE E 342 10.51 37.07 8.88
N VAL E 343 10.62 35.78 8.56
CA VAL E 343 9.48 34.95 8.20
C VAL E 343 9.07 34.15 9.43
N MET E 344 7.82 34.31 9.84
CA MET E 344 7.25 33.54 10.94
C MET E 344 6.20 32.59 10.40
N ALA E 345 6.09 31.41 11.02
CA ALA E 345 5.11 30.42 10.60
C ALA E 345 4.52 29.75 11.83
N ALA E 346 3.26 29.35 11.71
CA ALA E 346 2.56 28.64 12.77
C ALA E 346 2.01 27.34 12.21
N THR E 347 2.19 26.26 12.95
CA THR E 347 1.62 24.98 12.57
C THR E 347 1.32 24.18 13.83
N ASN E 348 0.25 23.40 13.78
CA ASN E 348 -0.07 22.46 14.84
C ASN E 348 0.36 21.04 14.50
N ARG E 349 1.02 20.85 13.36
CA ARG E 349 1.62 19.56 12.97
C ARG E 349 3.05 19.81 12.52
N PRO E 350 3.96 20.07 13.47
CA PRO E 350 5.35 20.35 13.09
C PRO E 350 6.03 19.21 12.34
N ASN E 351 5.67 17.96 12.66
CA ASN E 351 6.25 16.83 11.94
C ASN E 351 5.75 16.77 10.50
N SER E 352 4.55 17.30 10.24
CA SER E 352 4.00 17.27 8.88
C SER E 352 4.72 18.23 7.95
N ILE E 353 5.51 19.16 8.49
CA ILE E 353 6.25 20.10 7.65
C ILE E 353 7.35 19.36 6.90
N ASP E 354 7.59 19.78 5.66
CA ASP E 354 8.70 19.24 4.89
C ASP E 354 10.01 19.52 5.64
N PRO E 355 10.85 18.51 5.88
CA PRO E 355 12.07 18.73 6.66
C PRO E 355 13.01 19.75 6.05
N ALA E 356 12.99 19.93 4.72
CA ALA E 356 13.88 20.90 4.08
C ALA E 356 13.64 22.32 4.60
N LEU E 357 12.40 22.63 4.99
CA LEU E 357 12.10 23.96 5.51
C LEU E 357 12.63 24.17 6.93
N ARG E 358 13.09 23.12 7.59
CA ARG E 358 13.62 23.24 8.95
C ARG E 358 15.15 23.23 8.98
N ARG E 359 15.78 23.52 7.84
CA ARG E 359 17.24 23.52 7.74
C ARG E 359 17.79 24.89 8.10
N PHE E 360 19.10 25.05 7.92
CA PHE E 360 19.76 26.33 8.16
C PHE E 360 19.35 27.33 7.09
N GLY E 361 19.24 28.60 7.49
CA GLY E 361 18.77 29.64 6.61
C GLY E 361 17.29 29.60 6.34
N ARG E 362 16.54 28.81 7.11
CA ARG E 362 15.12 28.59 6.92
C ARG E 362 14.51 28.56 8.31
N PHE E 363 13.35 27.93 8.46
CA PHE E 363 12.70 27.92 9.76
C PHE E 363 13.52 27.09 10.74
N ASP E 364 14.64 27.67 11.20
CA ASP E 364 15.58 26.98 12.08
C ASP E 364 15.28 27.20 13.56
N ARG E 365 14.57 28.28 13.90
CA ARG E 365 14.15 28.50 15.28
C ARG E 365 12.71 28.04 15.45
N GLU E 366 12.42 27.39 16.58
CA GLU E 366 11.09 26.86 16.85
C GLU E 366 10.67 27.27 18.26
N VAL E 367 9.45 27.77 18.36
CA VAL E 367 8.86 28.19 19.64
C VAL E 367 7.66 27.30 19.92
N ASP E 368 7.66 26.67 21.09
CA ASP E 368 6.60 25.73 21.47
C ASP E 368 5.54 26.48 22.27
N ILE E 369 4.38 26.70 21.65
CA ILE E 369 3.21 27.23 22.35
C ILE E 369 2.48 26.01 22.92
N GLY E 370 2.91 25.58 24.10
CA GLY E 370 2.41 24.35 24.68
C GLY E 370 1.11 24.53 25.43
N ILE E 371 0.70 23.45 26.09
CA ILE E 371 -0.52 23.48 26.91
C ILE E 371 -0.26 24.31 28.16
N PRO E 372 -1.11 25.28 28.48
CA PRO E 372 -0.89 26.08 29.70
C PRO E 372 -1.07 25.25 30.96
N ASP E 373 -0.37 25.65 32.01
CA ASP E 373 -0.54 25.08 33.33
C ASP E 373 -1.67 25.80 34.06
N ALA E 374 -1.80 25.53 35.37
CA ALA E 374 -2.89 26.13 36.15
C ALA E 374 -2.77 27.64 36.20
N THR E 375 -1.57 28.16 36.41
CA THR E 375 -1.38 29.61 36.40
C THR E 375 -1.65 30.21 35.03
N GLY E 376 -1.16 29.54 33.98
CA GLY E 376 -1.40 30.04 32.63
C GLY E 376 -2.87 30.05 32.27
N ARG E 377 -3.60 28.99 32.63
CA ARG E 377 -5.01 28.96 32.30
C ARG E 377 -5.83 29.90 33.20
N LEU E 378 -5.34 30.17 34.41
CA LEU E 378 -5.95 31.24 35.21
C LEU E 378 -5.77 32.59 34.53
N GLU E 379 -4.58 32.85 33.99
CA GLU E 379 -4.36 34.06 33.22
C GLU E 379 -5.28 34.15 32.01
N ILE E 380 -5.44 33.03 31.30
CA ILE E 380 -6.33 33.00 30.14
C ILE E 380 -7.77 33.28 30.55
N LEU E 381 -8.23 32.68 31.65
CA LEU E 381 -9.58 32.91 32.12
C LEU E 381 -9.79 34.37 32.51
N GLN E 382 -8.79 34.97 33.18
CA GLN E 382 -8.91 36.38 33.53
C GLN E 382 -8.96 37.26 32.29
N ILE E 383 -8.16 36.93 31.26
CA ILE E 383 -8.18 37.72 30.03
C ILE E 383 -9.53 37.60 29.34
N HIS E 384 -10.08 36.37 29.26
CA HIS E 384 -11.27 36.15 28.46
C HIS E 384 -12.52 36.68 29.14
N THR E 385 -12.53 36.73 30.48
CA THR E 385 -13.67 37.20 31.23
C THR E 385 -13.55 38.66 31.65
N LYS E 386 -12.57 39.40 31.11
CA LYS E 386 -12.35 40.77 31.54
C LYS E 386 -13.52 41.68 31.13
N ASN E 387 -14.15 41.39 29.99
CA ASN E 387 -15.30 42.13 29.52
C ASN E 387 -16.60 41.36 29.70
N MET E 388 -16.59 40.35 30.55
CA MET E 388 -17.74 39.48 30.78
C MET E 388 -18.39 39.86 32.11
N LYS E 389 -19.73 39.89 32.11
CA LYS E 389 -20.48 40.19 33.32
C LYS E 389 -20.45 38.99 34.25
N LEU E 390 -19.75 39.13 35.37
CA LEU E 390 -19.59 38.04 36.33
C LEU E 390 -20.16 38.44 37.68
N ALA E 391 -20.40 37.44 38.52
CA ALA E 391 -20.86 37.64 39.87
C ALA E 391 -19.72 37.43 40.86
N ASP E 392 -19.98 37.75 42.12
CA ASP E 392 -18.94 37.66 43.15
C ASP E 392 -18.60 36.23 43.53
N ASP E 393 -19.51 35.28 43.31
CA ASP E 393 -19.23 33.89 43.67
C ASP E 393 -18.29 33.23 42.68
N VAL E 394 -18.00 33.86 41.55
CA VAL E 394 -17.16 33.27 40.52
C VAL E 394 -15.71 33.31 41.01
N ASP E 395 -15.12 32.13 41.18
CA ASP E 395 -13.71 32.01 41.59
C ASP E 395 -12.93 31.49 40.40
N LEU E 396 -12.20 32.38 39.72
CA LEU E 396 -11.40 31.97 38.57
C LEU E 396 -10.26 31.05 39.01
N GLU E 397 -9.86 31.16 40.28
CA GLU E 397 -8.98 30.17 40.87
C GLU E 397 -9.54 28.76 40.69
N GLN E 398 -10.80 28.57 41.08
CA GLN E 398 -11.33 27.22 41.18
C GLN E 398 -11.57 26.63 39.79
N VAL E 399 -12.01 27.47 38.85
CA VAL E 399 -12.14 27.03 37.47
C VAL E 399 -10.77 26.65 36.91
N ALA E 400 -9.75 27.46 37.19
CA ALA E 400 -8.43 27.19 36.66
C ALA E 400 -7.87 25.87 37.18
N ASN E 401 -8.09 25.57 38.47
CA ASN E 401 -7.58 24.32 39.01
C ASN E 401 -8.32 23.10 38.46
N GLU E 402 -9.54 23.30 37.97
CA GLU E 402 -10.41 22.22 37.54
C GLU E 402 -10.38 21.98 36.03
N THR E 403 -9.59 22.72 35.28
CA THR E 403 -9.56 22.64 33.83
C THR E 403 -8.26 22.03 33.29
N HIS E 404 -7.78 20.96 33.94
CA HIS E 404 -6.66 20.21 33.40
C HIS E 404 -6.99 19.67 32.02
N GLY E 405 -6.04 19.81 31.10
CA GLY E 405 -6.24 19.39 29.72
C GLY E 405 -6.86 20.44 28.82
N HIS E 406 -7.23 21.60 29.38
CA HIS E 406 -7.82 22.66 28.58
C HIS E 406 -6.74 23.54 27.97
N VAL E 407 -6.97 23.97 26.73
CA VAL E 407 -6.14 24.99 26.09
C VAL E 407 -6.97 26.27 26.06
N GLY E 408 -6.38 27.36 25.59
CA GLY E 408 -7.09 28.64 25.62
C GLY E 408 -8.41 28.61 24.88
N ALA E 409 -8.46 27.90 23.75
CA ALA E 409 -9.72 27.77 23.02
C ALA E 409 -10.76 27.01 23.84
N ASP E 410 -10.33 25.97 24.56
CA ASP E 410 -11.25 25.25 25.43
C ASP E 410 -11.78 26.15 26.54
N LEU E 411 -10.93 27.01 27.11
CA LEU E 411 -11.39 27.93 28.14
C LEU E 411 -12.34 28.98 27.58
N ALA E 412 -12.10 29.45 26.36
CA ALA E 412 -13.06 30.36 25.71
C ALA E 412 -14.40 29.68 25.50
N ALA E 413 -14.39 28.43 25.05
CA ALA E 413 -15.64 27.69 24.89
C ALA E 413 -16.33 27.49 26.23
N LEU E 414 -15.55 27.25 27.29
CA LEU E 414 -16.10 27.09 28.62
C LEU E 414 -16.81 28.37 29.08
N CYS E 415 -16.18 29.52 28.86
CA CYS E 415 -16.82 30.79 29.23
C CYS E 415 -18.08 31.03 28.42
N SER E 416 -18.04 30.71 27.12
CA SER E 416 -19.24 30.87 26.29
C SER E 416 -20.37 29.98 26.79
N GLU E 417 -20.06 28.73 27.15
CA GLU E 417 -21.10 27.83 27.65
C GLU E 417 -21.64 28.30 29.00
N ALA E 418 -20.77 28.85 29.86
CA ALA E 418 -21.26 29.41 31.12
C ALA E 418 -22.22 30.56 30.88
N ALA E 419 -21.89 31.44 29.93
CA ALA E 419 -22.80 32.52 29.59
C ALA E 419 -24.12 32.00 29.02
N LEU E 420 -24.05 30.95 28.20
CA LEU E 420 -25.26 30.36 27.65
C LEU E 420 -26.14 29.77 28.75
N GLN E 421 -25.53 29.13 29.75
CA GLN E 421 -26.32 28.64 30.88
C GLN E 421 -26.93 29.79 31.67
N ALA E 422 -26.19 30.90 31.80
CA ALA E 422 -26.76 32.08 32.45
C ALA E 422 -27.99 32.57 31.71
N ILE E 423 -27.93 32.56 30.38
CA ILE E 423 -29.10 32.96 29.58
C ILE E 423 -30.23 31.95 29.73
N ARG E 424 -29.89 30.67 29.81
CA ARG E 424 -30.91 29.64 30.03
C ARG E 424 -31.65 29.90 31.33
N LYS E 425 -30.93 30.37 32.35
CA LYS E 425 -31.55 30.69 33.64
C LYS E 425 -32.56 31.84 33.54
N LYS E 426 -32.48 32.66 32.49
CA LYS E 426 -33.42 33.76 32.27
C LYS E 426 -34.33 33.52 31.08
N MET E 427 -34.25 32.31 30.49
CA MET E 427 -35.10 31.92 29.35
C MET E 427 -36.57 32.30 29.52
N ASP E 428 -37.11 32.25 30.74
CA ASP E 428 -38.55 32.45 30.89
C ASP E 428 -38.96 33.86 30.54
N LEU E 429 -38.09 34.83 30.80
CA LEU E 429 -38.38 36.22 30.49
C LEU E 429 -37.96 36.61 29.08
N ILE E 430 -37.43 35.68 28.29
CA ILE E 430 -36.93 35.96 26.96
C ILE E 430 -37.66 35.07 25.97
N ASP E 431 -38.25 35.67 24.95
CA ASP E 431 -38.95 34.91 23.91
C ASP E 431 -38.28 35.15 22.56
N LEU E 432 -38.24 34.08 21.76
CA LEU E 432 -37.64 34.19 20.43
C LEU E 432 -38.45 35.11 19.54
N GLU E 433 -39.79 35.01 19.60
CA GLU E 433 -40.65 35.82 18.74
C GLU E 433 -40.61 37.29 19.14
N ASP E 434 -40.18 37.59 20.37
CA ASP E 434 -40.10 38.97 20.81
C ASP E 434 -39.10 39.74 19.94
N GLU E 435 -39.50 40.95 19.53
CA GLU E 435 -38.63 41.80 18.73
C GLU E 435 -37.53 42.45 19.55
N THR E 436 -37.71 42.57 20.86
CA THR E 436 -36.71 43.17 21.73
C THR E 436 -36.77 42.51 23.09
N ILE E 437 -35.68 42.65 23.85
CA ILE E 437 -35.54 42.03 25.16
C ILE E 437 -35.54 43.14 26.22
N ASP E 438 -36.31 42.94 27.28
CA ASP E 438 -36.46 43.94 28.32
C ASP E 438 -35.11 44.25 28.97
N ALA E 439 -34.91 45.53 29.31
CA ALA E 439 -33.65 45.97 29.89
C ALA E 439 -33.44 45.44 31.30
N GLU E 440 -34.52 45.14 32.03
CA GLU E 440 -34.37 44.52 33.34
C GLU E 440 -33.68 43.17 33.23
N VAL E 441 -34.07 42.38 32.22
CA VAL E 441 -33.37 41.13 31.97
C VAL E 441 -31.92 41.41 31.57
N MET E 442 -31.69 42.45 30.76
CA MET E 442 -30.35 42.77 30.32
C MET E 442 -29.40 43.05 31.47
N ASN E 443 -29.79 43.94 32.40
CA ASN E 443 -28.89 44.26 33.50
C ASN E 443 -28.94 43.18 34.58
N SER E 444 -29.95 42.32 34.56
CA SER E 444 -29.97 41.19 35.47
C SER E 444 -28.99 40.10 35.05
N LEU E 445 -28.74 39.98 33.75
CA LEU E 445 -27.85 38.94 33.24
C LEU E 445 -26.45 39.02 33.84
N ALA E 446 -26.06 37.97 34.54
CA ALA E 446 -24.71 37.83 35.07
C ALA E 446 -24.35 36.35 35.08
N VAL E 447 -23.06 36.07 34.97
CA VAL E 447 -22.55 34.71 34.97
C VAL E 447 -22.11 34.38 36.40
N THR E 448 -22.77 33.41 37.01
CA THR E 448 -22.50 33.01 38.37
C THR E 448 -21.57 31.81 38.39
N MET E 449 -21.16 31.42 39.61
CA MET E 449 -20.29 30.26 39.75
C MET E 449 -21.00 28.98 39.35
N ASP E 450 -22.31 28.89 39.56
CA ASP E 450 -23.05 27.70 39.18
C ASP E 450 -23.02 27.49 37.67
N ASP E 451 -23.10 28.58 36.90
CA ASP E 451 -22.98 28.48 35.45
C ASP E 451 -21.62 27.92 35.05
N PHE E 452 -20.55 28.39 35.72
CA PHE E 452 -19.22 27.87 35.44
C PHE E 452 -19.10 26.40 35.82
N ARG E 453 -19.71 26.00 36.93
CA ARG E 453 -19.70 24.60 37.31
C ARG E 453 -20.41 23.73 36.28
N TRP E 454 -21.55 24.19 35.77
CA TRP E 454 -22.25 23.44 34.74
C TRP E 454 -21.43 23.36 33.45
N ALA E 455 -20.81 24.47 33.05
CA ALA E 455 -19.96 24.46 31.87
C ALA E 455 -18.78 23.51 32.05
N LEU E 456 -18.22 23.47 33.26
CA LEU E 456 -17.16 22.53 33.57
C LEU E 456 -17.64 21.09 33.43
N SER E 457 -18.85 20.82 33.93
CA SER E 457 -19.40 19.46 33.82
C SER E 457 -19.61 19.07 32.36
N GLN E 458 -19.98 20.03 31.51
CA GLN E 458 -20.24 19.73 30.11
C GLN E 458 -19.02 19.88 29.21
N SER E 459 -17.89 20.35 29.72
CA SER E 459 -16.73 20.63 28.89
C SER E 459 -15.91 19.37 28.65
N ASN E 460 -15.44 19.21 27.41
CA ASN E 460 -14.57 18.10 27.04
C ASN E 460 -13.25 18.64 26.52
N PRO E 461 -12.17 18.53 27.28
CA PRO E 461 -10.90 19.14 26.84
C PRO E 461 -10.34 18.45 25.61
N SER E 462 -9.58 19.23 24.83
CA SER E 462 -8.97 18.73 23.60
C SER E 462 -7.53 18.29 23.78
N ALA E 463 -6.92 18.51 24.94
CA ALA E 463 -5.52 18.18 25.17
C ALA E 463 -5.33 17.26 26.36
N LEU E 464 -6.31 16.40 26.64
CA LEU E 464 -6.19 15.49 27.78
C LEU E 464 -5.21 14.36 27.49
N ARG E 465 -5.04 13.98 26.23
CA ARG E 465 -4.16 12.89 25.86
C ARG E 465 -2.73 13.34 25.60
N GLU E 466 -2.46 14.64 25.69
CA GLU E 466 -1.10 15.15 25.50
C GLU E 466 -0.27 14.88 26.76
N THR E 467 1.02 14.65 26.55
CA THR E 467 1.92 14.43 27.68
C THR E 467 2.02 15.69 28.52
N VAL E 468 1.87 15.53 29.84
CA VAL E 468 1.92 16.65 30.76
C VAL E 468 3.37 16.94 31.10
N VAL E 469 3.81 18.17 30.84
CA VAL E 469 5.18 18.61 31.12
C VAL E 469 5.07 19.88 31.95
N GLU E 470 5.33 19.76 33.25
CA GLU E 470 5.13 20.88 34.16
C GLU E 470 5.90 20.61 35.45
N VAL E 471 5.99 21.63 36.28
CA VAL E 471 6.60 21.49 37.60
C VAL E 471 5.57 20.90 38.55
N PRO E 472 5.89 19.80 39.24
CA PRO E 472 4.90 19.17 40.13
C PRO E 472 4.56 20.05 41.32
N GLN E 473 3.34 19.87 41.81
CA GLN E 473 2.89 20.56 43.02
C GLN E 473 3.38 19.88 44.29
N VAL E 474 3.87 18.64 44.20
CA VAL E 474 4.27 17.90 45.38
C VAL E 474 5.56 18.50 45.94
N THR E 475 5.56 18.79 47.24
CA THR E 475 6.72 19.30 47.95
C THR E 475 7.15 18.30 49.01
N TRP E 476 8.16 18.71 49.79
CA TRP E 476 8.69 17.82 50.82
C TRP E 476 7.74 17.66 52.01
N GLU E 477 6.88 18.66 52.27
CA GLU E 477 5.87 18.50 53.31
C GLU E 477 4.82 17.45 52.93
N ASP E 478 4.61 17.25 51.63
CA ASP E 478 3.74 16.20 51.12
C ASP E 478 4.30 14.80 51.36
N ILE E 479 5.57 14.68 51.73
CA ILE E 479 6.20 13.40 52.00
C ILE E 479 6.55 13.32 53.48
N GLY E 480 6.19 12.22 54.11
CA GLY E 480 6.51 11.99 55.51
C GLY E 480 7.69 11.05 55.63
N GLY E 481 8.63 11.40 56.51
CA GLY E 481 9.81 10.59 56.69
C GLY E 481 10.78 10.69 55.53
N LEU E 482 11.57 9.63 55.35
CA LEU E 482 12.52 9.51 54.24
C LEU E 482 13.55 10.63 54.24
N GLU E 483 13.98 11.07 55.42
CA GLU E 483 14.86 12.23 55.50
C GLU E 483 16.22 11.96 54.88
N ASP E 484 16.80 10.79 55.13
CA ASP E 484 18.06 10.42 54.50
C ASP E 484 17.92 10.31 52.98
N VAL E 485 16.79 9.75 52.53
CA VAL E 485 16.52 9.66 51.10
C VAL E 485 16.37 11.05 50.50
N LYS E 486 15.71 11.95 51.23
CA LYS E 486 15.57 13.33 50.75
C LYS E 486 16.94 14.00 50.63
N ARG E 487 17.80 13.82 51.62
CA ARG E 487 19.13 14.41 51.57
C ARG E 487 19.96 13.82 50.43
N GLU E 488 19.86 12.51 50.22
CA GLU E 488 20.62 11.85 49.17
C GLU E 488 20.15 12.33 47.80
N LEU E 489 18.84 12.45 47.59
CA LEU E 489 18.31 12.98 46.35
C LEU E 489 18.75 14.42 46.13
N GLN E 490 18.69 15.24 47.18
CA GLN E 490 19.12 16.63 47.05
C GLN E 490 20.59 16.71 46.65
N GLU E 491 21.44 15.92 47.30
CA GLU E 491 22.84 15.91 46.89
C GLU E 491 22.98 15.51 45.43
N LEU E 492 22.43 14.36 45.06
CA LEU E 492 22.63 13.80 43.72
C LEU E 492 22.15 14.78 42.64
N VAL E 493 21.04 15.47 42.87
CA VAL E 493 20.46 16.30 41.82
C VAL E 493 20.97 17.73 41.86
N GLN E 494 21.29 18.28 43.04
CA GLN E 494 21.56 19.71 43.15
C GLN E 494 23.03 20.04 43.31
N TYR E 495 23.82 19.17 43.94
CA TYR E 495 25.23 19.49 44.12
C TYR E 495 25.96 19.72 42.80
N PRO E 496 25.76 18.93 41.74
CA PRO E 496 26.35 19.30 40.45
C PRO E 496 25.84 20.62 39.92
N VAL E 497 24.57 20.95 40.15
CA VAL E 497 24.02 22.22 39.67
C VAL E 497 24.58 23.39 40.46
N GLU E 498 24.63 23.27 41.79
CA GLU E 498 24.99 24.41 42.61
C GLU E 498 26.51 24.56 42.74
N HIS E 499 27.24 23.44 42.78
CA HIS E 499 28.69 23.47 42.95
C HIS E 499 29.35 22.60 41.87
N PRO E 500 29.30 23.04 40.61
CA PRO E 500 29.98 22.28 39.56
C PRO E 500 31.49 22.31 39.66
N ASP E 501 32.06 23.40 40.18
CA ASP E 501 33.50 23.51 40.29
C ASP E 501 34.09 22.48 41.24
N LYS E 502 33.32 22.10 42.27
CA LYS E 502 33.79 21.04 43.17
C LYS E 502 33.90 19.71 42.44
N PHE E 503 32.93 19.40 41.58
CA PHE E 503 33.01 18.17 40.81
C PHE E 503 34.14 18.22 39.79
N LEU E 504 34.36 19.38 39.17
CA LEU E 504 35.46 19.52 38.22
C LEU E 504 36.81 19.36 38.91
N LYS E 505 36.94 19.91 40.13
CA LYS E 505 38.23 19.88 40.82
C LYS E 505 38.67 18.45 41.12
N PHE E 506 37.74 17.61 41.59
CA PHE E 506 38.06 16.22 41.89
C PHE E 506 37.97 15.32 40.66
N GLY E 507 37.57 15.85 39.52
CA GLY E 507 37.57 15.08 38.29
C GLY E 507 36.50 14.02 38.18
N MET E 508 35.42 14.14 38.93
CA MET E 508 34.34 13.15 38.91
C MET E 508 33.16 13.68 38.13
N THR E 509 32.72 12.92 37.12
CA THR E 509 31.49 13.25 36.41
C THR E 509 30.30 12.75 37.22
N PRO E 510 29.33 13.61 37.54
CA PRO E 510 28.24 13.19 38.42
C PRO E 510 27.34 12.16 37.76
N SER E 511 26.76 11.29 38.57
CA SER E 511 25.77 10.34 38.08
C SER E 511 24.48 11.09 37.76
N LYS E 512 23.92 10.80 36.59
CA LYS E 512 22.74 11.49 36.09
C LYS E 512 21.55 10.53 36.01
N GLY E 513 21.63 9.41 36.72
CA GLY E 513 20.57 8.43 36.73
C GLY E 513 20.43 7.67 38.04
N VAL E 514 19.22 7.66 38.59
CA VAL E 514 18.93 7.00 39.86
C VAL E 514 17.73 6.09 39.69
N LEU E 515 17.76 4.95 40.37
CA LEU E 515 16.67 3.99 40.40
C LEU E 515 16.16 3.87 41.83
N PHE E 516 14.87 4.19 42.02
CA PHE E 516 14.19 3.95 43.28
C PHE E 516 13.66 2.52 43.28
N TYR E 517 13.95 1.77 44.34
CA TYR E 517 13.39 0.44 44.47
C TYR E 517 12.90 0.24 45.90
N GLY E 518 11.86 -0.57 46.04
CA GLY E 518 11.28 -0.85 47.33
C GLY E 518 9.85 -1.35 47.22
N PRO E 519 9.22 -1.59 48.37
CA PRO E 519 7.85 -2.09 48.36
C PRO E 519 6.90 -1.03 47.80
N PRO E 520 5.77 -1.46 47.24
CA PRO E 520 4.85 -0.51 46.63
C PRO E 520 4.23 0.44 47.65
N GLY E 521 3.87 1.62 47.18
CA GLY E 521 3.20 2.60 48.01
C GLY E 521 4.04 3.17 49.13
N CYS E 522 5.33 3.43 48.88
CA CYS E 522 6.22 3.99 49.89
C CYS E 522 6.74 5.37 49.54
N GLY E 523 6.35 5.93 48.39
CA GLY E 523 6.65 7.30 48.06
C GLY E 523 7.67 7.54 46.97
N LYS E 524 7.95 6.55 46.12
CA LYS E 524 8.92 6.76 45.05
C LYS E 524 8.44 7.81 44.06
N THR E 525 7.17 7.74 43.66
CA THR E 525 6.61 8.77 42.79
C THR E 525 6.60 10.13 43.47
N LEU E 526 6.25 10.15 44.76
CA LEU E 526 6.28 11.40 45.51
C LEU E 526 7.69 11.97 45.59
N LEU E 527 8.68 11.11 45.81
CA LEU E 527 10.06 11.58 45.88
C LEU E 527 10.52 12.16 44.55
N ALA E 528 10.18 11.49 43.43
CA ALA E 528 10.54 12.03 42.13
C ALA E 528 9.88 13.38 41.89
N LYS E 529 8.59 13.49 42.20
CA LYS E 529 7.89 14.76 42.01
C LYS E 529 8.47 15.85 42.90
N ALA E 530 8.81 15.51 44.15
CA ALA E 530 9.33 16.52 45.06
C ALA E 530 10.72 16.99 44.66
N ILE E 531 11.58 16.09 44.19
CA ILE E 531 12.90 16.52 43.76
C ILE E 531 12.80 17.34 42.47
N ALA E 532 11.81 17.05 41.63
CA ALA E 532 11.57 17.91 40.48
C ALA E 532 11.06 19.28 40.92
N ASN E 533 10.24 19.32 41.97
CA ASN E 533 9.66 20.58 42.42
C ASN E 533 10.70 21.47 43.07
N GLU E 534 11.60 20.89 43.88
CA GLU E 534 12.58 21.70 44.58
C GLU E 534 13.49 22.43 43.61
N CYS E 535 13.92 21.74 42.55
CA CYS E 535 14.74 22.35 41.51
C CYS E 535 13.93 23.19 40.54
N GLN E 536 12.61 23.21 40.67
CA GLN E 536 11.71 23.92 39.75
C GLN E 536 11.95 23.48 38.32
N ALA E 537 12.15 22.18 38.12
CA ALA E 537 12.35 21.60 36.81
C ALA E 537 11.07 20.94 36.32
N ASN E 538 10.94 20.82 35.01
CA ASN E 538 9.80 20.13 34.43
C ASN E 538 9.86 18.65 34.79
N PHE E 539 8.68 18.04 34.87
CA PHE E 539 8.54 16.65 35.26
C PHE E 539 7.75 15.90 34.18
N ILE E 540 8.34 14.83 33.66
CA ILE E 540 7.68 13.94 32.71
C ILE E 540 7.61 12.57 33.34
N SER E 541 6.39 12.04 33.47
CA SER E 541 6.15 10.75 34.09
C SER E 541 5.71 9.75 33.03
N ILE E 542 6.46 8.67 32.90
CA ILE E 542 6.11 7.56 32.03
C ILE E 542 5.73 6.39 32.92
N LYS E 543 4.45 6.04 32.92
CA LYS E 543 3.95 5.01 33.80
C LYS E 543 4.00 3.64 33.13
N GLY E 544 3.73 2.60 33.93
CA GLY E 544 3.73 1.24 33.45
C GLY E 544 2.79 0.96 32.30
N PRO E 545 1.54 1.47 32.32
CA PRO E 545 0.66 1.24 31.16
C PRO E 545 1.19 1.79 29.85
N GLU E 546 1.94 2.90 29.86
CA GLU E 546 2.49 3.41 28.61
C GLU E 546 3.57 2.49 28.05
N LEU E 547 4.47 2.03 28.91
CA LEU E 547 5.47 1.05 28.49
C LEU E 547 4.80 -0.23 27.99
N LEU E 548 3.75 -0.67 28.68
CA LEU E 548 3.04 -1.87 28.25
C LEU E 548 2.33 -1.65 26.91
N THR E 549 1.83 -0.43 26.67
CA THR E 549 1.22 -0.12 25.39
C THR E 549 2.24 -0.22 24.28
N MET E 550 3.45 0.31 24.52
CA MET E 550 4.50 0.19 23.50
C MET E 550 4.94 -1.25 23.31
N TRP E 551 4.91 -2.04 24.39
CA TRP E 551 5.32 -3.44 24.29
C TRP E 551 4.30 -4.27 23.52
N PHE E 552 3.03 -4.16 23.87
CA PHE E 552 1.99 -4.95 23.21
C PHE E 552 1.86 -4.58 21.73
N GLY E 553 1.91 -3.28 21.42
CA GLY E 553 1.82 -2.84 20.05
C GLY E 553 3.09 -2.92 19.25
N GLU E 554 4.19 -3.35 19.89
CA GLU E 554 5.50 -3.44 19.25
C GLU E 554 5.87 -2.11 18.59
N SER E 555 5.74 -1.03 19.35
CA SER E 555 5.94 0.34 18.89
C SER E 555 7.10 0.99 19.62
N GLU E 556 8.27 0.34 19.59
CA GLU E 556 9.43 0.84 20.32
C GLU E 556 9.75 2.29 19.97
N ALA E 557 9.54 2.68 18.72
CA ALA E 557 10.01 3.95 18.19
C ALA E 557 9.43 5.14 18.91
N ASN E 558 8.30 4.98 19.62
CA ASN E 558 7.75 6.08 20.39
C ASN E 558 8.60 6.46 21.60
N VAL E 559 9.42 5.52 22.10
CA VAL E 559 10.28 5.83 23.24
C VAL E 559 11.14 7.03 22.95
N ARG E 560 11.75 7.08 21.77
CA ARG E 560 12.56 8.23 21.39
C ARG E 560 11.78 9.53 21.51
N GLU E 561 10.52 9.53 21.08
CA GLU E 561 9.69 10.73 21.21
C GLU E 561 9.72 11.24 22.65
N ILE E 562 9.54 10.35 23.62
CA ILE E 562 9.55 10.75 25.02
C ILE E 562 10.84 11.50 25.33
N PHE E 563 11.98 10.92 24.96
CA PHE E 563 13.25 11.56 25.28
C PHE E 563 13.37 12.90 24.57
N ASP E 564 12.84 12.99 23.33
CA ASP E 564 12.86 14.28 22.65
C ASP E 564 12.13 15.33 23.46
N LYS E 565 10.98 14.97 24.03
CA LYS E 565 10.27 15.90 24.89
C LYS E 565 11.16 16.33 26.05
N ALA E 566 11.86 15.38 26.67
CA ALA E 566 12.72 15.71 27.81
C ALA E 566 13.82 16.67 27.39
N ARG E 567 14.21 16.65 26.11
CA ARG E 567 15.22 17.58 25.65
C ARG E 567 14.63 18.98 25.50
N GLN E 568 13.40 19.08 24.99
CA GLN E 568 12.81 20.39 24.77
C GLN E 568 12.36 21.02 26.08
N ALA E 569 12.14 20.19 27.11
CA ALA E 569 11.68 20.66 28.40
C ALA E 569 12.79 20.84 29.42
N ALA E 570 14.04 20.67 29.02
CA ALA E 570 15.14 20.78 29.97
C ALA E 570 15.23 22.21 30.51
N PRO E 571 15.53 22.39 31.81
CA PRO E 571 15.79 21.36 32.82
C PRO E 571 14.56 20.52 33.15
N CYS E 572 14.71 19.20 33.05
CA CYS E 572 13.58 18.29 33.19
C CYS E 572 14.01 17.05 33.97
N VAL E 573 13.05 16.47 34.68
CA VAL E 573 13.24 15.18 35.34
C VAL E 573 12.39 14.16 34.59
N LEU E 574 13.05 13.20 33.97
CA LEU E 574 12.37 12.12 33.25
C LEU E 574 12.20 10.95 34.20
N PHE E 575 10.95 10.64 34.53
CA PHE E 575 10.63 9.62 35.52
C PHE E 575 9.96 8.44 34.84
N PHE E 576 10.53 7.25 35.05
CA PHE E 576 9.98 6.01 34.53
C PHE E 576 9.43 5.21 35.71
N ASP E 577 8.13 5.29 35.93
CA ASP E 577 7.48 4.57 37.00
C ASP E 577 7.14 3.16 36.57
N GLN E 578 7.34 2.20 37.48
CA GLN E 578 7.06 0.79 37.26
C GLN E 578 7.83 0.27 36.04
N LEU E 579 9.15 0.27 36.17
CA LEU E 579 10.00 -0.27 35.11
C LEU E 579 9.84 -1.77 34.95
N ASP E 580 9.24 -2.44 35.94
CA ASP E 580 9.07 -3.90 35.89
C ASP E 580 7.74 -4.31 35.26
N SER E 581 6.97 -3.36 34.73
CA SER E 581 5.65 -3.70 34.20
C SER E 581 5.75 -4.71 33.06
N ILE E 582 6.66 -4.47 32.12
CA ILE E 582 6.87 -5.43 31.04
C ILE E 582 7.44 -6.74 31.57
N ALA E 583 8.29 -6.66 32.60
CA ALA E 583 8.86 -7.87 33.18
C ALA E 583 7.78 -8.75 33.80
N LYS E 584 6.82 -8.15 34.53
CA LYS E 584 5.71 -8.94 35.05
C LYS E 584 4.80 -9.42 33.94
N ALA E 585 4.58 -8.58 32.92
CA ALA E 585 3.71 -8.96 31.81
C ALA E 585 4.23 -10.22 31.12
N ARG E 586 5.54 -10.38 31.08
CA ARG E 586 6.15 -11.59 30.52
C ARG E 586 6.09 -12.77 31.47
N GLY E 587 5.59 -12.54 32.68
CA GLY E 587 5.40 -13.59 33.65
C GLY E 587 6.30 -13.55 34.87
N GLY E 588 7.12 -12.51 35.01
CA GLY E 588 7.97 -12.40 36.17
C GLY E 588 9.35 -12.97 35.93
N ASN E 589 9.93 -13.51 37.01
CA ASN E 589 11.28 -14.05 36.94
C ASN E 589 11.35 -15.28 36.04
N ILE E 590 10.39 -16.19 36.18
CA ILE E 590 10.37 -17.45 35.44
C ILE E 590 9.25 -17.50 34.42
N GLY E 591 8.66 -16.35 34.07
CA GLY E 591 7.51 -16.35 33.18
C GLY E 591 7.84 -16.80 31.77
N ASP E 592 8.95 -16.31 31.22
CA ASP E 592 9.30 -16.57 29.84
C ASP E 592 10.69 -17.18 29.75
N GLY E 593 10.94 -17.84 28.61
CA GLY E 593 12.26 -18.42 28.38
C GLY E 593 13.35 -17.36 28.26
N GLY E 594 13.04 -16.26 27.58
CA GLY E 594 14.02 -15.19 27.45
C GLY E 594 14.34 -14.54 28.79
N GLY E 595 15.52 -13.93 28.86
CA GLY E 595 15.96 -13.38 30.13
C GLY E 595 16.28 -11.90 30.14
N ALA E 596 15.43 -11.11 30.81
CA ALA E 596 15.72 -9.72 31.18
C ALA E 596 16.16 -8.89 29.98
N ALA E 597 15.37 -8.93 28.92
CA ALA E 597 15.65 -8.12 27.73
C ALA E 597 14.37 -8.00 26.92
N ASP E 598 13.89 -6.78 26.75
CA ASP E 598 12.71 -6.52 25.95
C ASP E 598 12.92 -5.29 25.07
N ARG E 599 12.06 -5.16 24.07
CA ARG E 599 12.24 -4.14 23.03
C ARG E 599 12.16 -2.73 23.60
N VAL E 600 11.19 -2.46 24.48
CA VAL E 600 10.98 -1.11 24.97
C VAL E 600 12.13 -0.67 25.87
N ILE E 601 12.54 -1.55 26.80
CA ILE E 601 13.66 -1.22 27.66
C ILE E 601 14.95 -1.09 26.86
N ASN E 602 15.07 -1.85 25.77
CA ASN E 602 16.24 -1.71 24.89
C ASN E 602 16.29 -0.31 24.28
N GLN E 603 15.16 0.17 23.76
CA GLN E 603 15.13 1.53 23.24
C GLN E 603 15.38 2.55 24.34
N ILE E 604 14.90 2.29 25.55
CA ILE E 604 15.17 3.19 26.66
C ILE E 604 16.67 3.25 26.95
N LEU E 605 17.35 2.10 26.88
CA LEU E 605 18.79 2.08 27.07
C LEU E 605 19.51 2.90 26.02
N THR E 606 19.13 2.72 24.75
CA THR E 606 19.77 3.50 23.69
C THR E 606 19.52 4.99 23.87
N GLU E 607 18.29 5.37 24.25
CA GLU E 607 17.98 6.78 24.43
C GLU E 607 18.69 7.36 25.65
N MET E 608 18.89 6.56 26.70
CA MET E 608 19.68 7.02 27.84
C MET E 608 21.13 7.27 27.43
N ASP E 609 21.70 6.37 26.62
CA ASP E 609 23.04 6.59 26.12
C ASP E 609 23.11 7.86 25.29
N GLY E 610 22.09 8.12 24.48
CA GLY E 610 22.02 9.36 23.73
C GLY E 610 21.87 10.61 24.58
N MET E 611 21.10 10.52 25.66
CA MET E 611 20.83 11.63 26.56
C MET E 611 21.95 11.88 27.57
N SER E 612 22.92 10.96 27.65
CA SER E 612 24.01 11.13 28.61
C SER E 612 24.75 12.46 28.42
N THR E 613 24.74 13.03 27.23
CA THR E 613 25.43 14.29 26.96
C THR E 613 24.60 15.51 27.32
N LYS E 614 23.31 15.35 27.64
CA LYS E 614 22.45 16.48 28.02
C LYS E 614 22.52 16.63 29.53
N LYS E 615 23.21 17.67 30.00
CA LYS E 615 23.49 17.81 31.43
C LYS E 615 22.24 18.06 32.24
N ASN E 616 21.31 18.88 31.75
CA ASN E 616 20.18 19.32 32.56
C ASN E 616 18.95 18.44 32.41
N VAL E 617 19.11 17.18 32.00
CA VAL E 617 18.02 16.20 32.02
C VAL E 617 18.43 15.07 32.96
N PHE E 618 17.68 14.91 34.04
CA PHE E 618 17.94 13.88 35.03
C PHE E 618 16.88 12.78 34.91
N ILE E 619 17.34 11.54 34.81
CA ILE E 619 16.45 10.39 34.60
C ILE E 619 16.32 9.62 35.89
N ILE E 620 15.07 9.35 36.29
CA ILE E 620 14.76 8.60 37.49
C ILE E 620 13.90 7.40 37.11
N GLY E 621 14.26 6.23 37.63
CA GLY E 621 13.47 5.03 37.44
C GLY E 621 12.95 4.54 38.78
N ALA E 622 11.78 3.90 38.75
CA ALA E 622 11.18 3.31 39.93
C ALA E 622 10.69 1.92 39.61
N THR E 623 10.86 1.00 40.55
CA THR E 623 10.41 -0.38 40.39
C THR E 623 10.10 -0.98 41.75
N ASN E 624 9.07 -1.82 41.78
CA ASN E 624 8.76 -2.63 42.96
C ASN E 624 9.38 -4.02 42.90
N ARG E 625 9.97 -4.39 41.77
CA ARG E 625 10.57 -5.70 41.57
C ARG E 625 11.97 -5.52 40.98
N PRO E 626 12.93 -5.09 41.80
CA PRO E 626 14.30 -4.88 41.28
C PRO E 626 14.97 -6.15 40.79
N ASP E 627 14.50 -7.32 41.26
CA ASP E 627 15.13 -8.57 40.87
C ASP E 627 14.93 -8.86 39.38
N ILE E 628 13.74 -8.56 38.84
CA ILE E 628 13.46 -8.85 37.43
C ILE E 628 13.75 -7.67 36.52
N ILE E 629 14.45 -6.65 37.01
CA ILE E 629 14.85 -5.53 36.16
C ILE E 629 16.06 -5.94 35.32
N ASP E 630 16.08 -5.48 34.07
CA ASP E 630 17.22 -5.72 33.20
C ASP E 630 18.47 -5.11 33.80
N PRO E 631 19.51 -5.89 34.07
CA PRO E 631 20.72 -5.32 34.70
C PRO E 631 21.42 -4.27 33.84
N ALA E 632 21.21 -4.30 32.52
CA ALA E 632 21.88 -3.34 31.65
C ALA E 632 21.46 -1.90 31.96
N ILE E 633 20.33 -1.72 32.63
CA ILE E 633 19.89 -0.37 32.98
C ILE E 633 20.65 0.18 34.18
N LEU E 634 21.38 -0.67 34.90
CA LEU E 634 22.15 -0.23 36.05
C LEU E 634 23.60 0.06 35.72
N ARG E 635 23.99 -0.03 34.45
CA ARG E 635 25.37 0.21 34.07
C ARG E 635 25.68 1.70 34.10
N PRO E 636 26.97 2.06 34.16
CA PRO E 636 27.34 3.48 34.17
C PRO E 636 26.84 4.20 32.92
N GLY E 637 26.47 5.47 33.10
CA GLY E 637 25.78 6.22 32.07
C GLY E 637 24.28 6.00 32.05
N ARG E 638 23.79 5.12 32.90
CA ARG E 638 22.36 4.79 33.00
C ARG E 638 21.95 4.95 34.46
N LEU E 639 20.82 4.40 34.91
CA LEU E 639 20.40 4.57 36.30
C LEU E 639 21.37 3.79 37.18
N ASP E 640 22.57 4.36 37.34
CA ASP E 640 23.65 3.72 38.06
C ASP E 640 23.65 4.01 39.55
N GLN E 641 22.83 4.95 40.02
CA GLN E 641 22.61 5.14 41.45
C GLN E 641 21.37 4.35 41.83
N LEU E 642 21.39 3.73 43.02
CA LEU E 642 20.28 2.94 43.50
C LEU E 642 19.90 3.39 44.90
N ILE E 643 18.62 3.69 45.10
CA ILE E 643 18.11 4.11 46.39
C ILE E 643 16.98 3.18 46.80
N TYR E 644 17.09 2.61 47.99
CA TYR E 644 16.05 1.75 48.55
C TYR E 644 15.05 2.59 49.32
N ILE E 645 13.79 2.50 48.94
CA ILE E 645 12.71 3.19 49.66
C ILE E 645 11.98 2.14 50.50
N PRO E 646 12.28 2.06 51.79
CA PRO E 646 11.71 0.98 52.61
C PRO E 646 10.32 1.35 53.14
N LEU E 647 9.72 0.39 53.81
CA LEU E 647 8.48 0.66 54.54
C LEU E 647 8.77 1.66 55.66
N PRO E 648 7.86 2.59 55.92
CA PRO E 648 8.11 3.59 56.96
C PRO E 648 8.14 2.96 58.34
N ASP E 649 8.98 3.52 59.21
CA ASP E 649 8.95 3.15 60.61
C ASP E 649 7.91 4.00 61.34
N GLU E 650 7.85 3.85 62.67
CA GLU E 650 6.77 4.45 63.43
C GLU E 650 6.76 5.96 63.31
N LYS E 651 7.92 6.59 63.43
CA LYS E 651 8.00 8.05 63.28
C LYS E 651 7.60 8.48 61.87
N SER E 652 8.10 7.77 60.86
CA SER E 652 7.71 8.08 59.49
C SER E 652 6.23 7.84 59.27
N ARG E 653 5.66 6.85 59.96
CA ARG E 653 4.23 6.60 59.82
C ARG E 653 3.40 7.71 60.47
N VAL E 654 3.86 8.24 61.60
CA VAL E 654 3.22 9.42 62.17
C VAL E 654 3.28 10.58 61.18
N ALA E 655 4.45 10.78 60.56
CA ALA E 655 4.58 11.87 59.59
C ALA E 655 3.65 11.66 58.39
N ILE E 656 3.54 10.42 57.91
CA ILE E 656 2.67 10.13 56.77
C ILE E 656 1.21 10.38 57.12
N LEU E 657 0.78 9.92 58.30
CA LEU E 657 -0.60 10.13 58.73
C LEU E 657 -0.90 11.62 58.89
N LYS E 658 0.06 12.37 59.43
CA LYS E 658 -0.12 13.82 59.56
C LYS E 658 -0.22 14.49 58.19
N ALA E 659 0.62 14.07 57.24
CA ALA E 659 0.59 14.66 55.91
C ALA E 659 -0.71 14.36 55.18
N ASN E 660 -1.23 13.13 55.34
CA ASN E 660 -2.46 12.76 54.64
C ASN E 660 -3.67 13.48 55.21
N LEU E 661 -3.62 13.87 56.49
CA LEU E 661 -4.77 14.45 57.19
C LEU E 661 -4.70 15.96 57.26
N ARG E 662 -3.78 16.60 56.53
CA ARG E 662 -3.67 18.06 56.57
C ARG E 662 -4.93 18.73 56.06
N LYS E 663 -5.51 18.20 54.99
CA LYS E 663 -6.68 18.76 54.33
C LYS E 663 -7.99 18.22 54.88
N SER E 664 -7.96 17.38 55.91
CA SER E 664 -9.16 16.82 56.51
C SER E 664 -9.31 17.33 57.94
N PRO E 665 -10.48 17.84 58.32
CA PRO E 665 -10.69 18.27 59.70
C PRO E 665 -10.73 17.08 60.65
N VAL E 666 -9.75 17.02 61.55
CA VAL E 666 -9.60 15.90 62.47
C VAL E 666 -9.64 16.43 63.90
N ALA E 667 -10.44 15.79 64.74
CA ALA E 667 -10.50 16.18 66.14
C ALA E 667 -9.18 15.89 66.83
N LYS E 668 -8.78 16.77 67.75
CA LYS E 668 -7.48 16.65 68.38
C LYS E 668 -7.43 15.50 69.38
N ASP E 669 -8.59 14.91 69.72
CA ASP E 669 -8.59 13.75 70.59
C ASP E 669 -8.03 12.52 69.88
N VAL E 670 -8.03 12.53 68.54
CA VAL E 670 -7.45 11.42 67.78
C VAL E 670 -5.93 11.42 67.95
N ASP E 671 -5.38 10.27 68.31
CA ASP E 671 -3.94 10.12 68.53
C ASP E 671 -3.35 9.39 67.34
N LEU E 672 -2.62 10.12 66.50
CA LEU E 672 -2.02 9.51 65.31
C LEU E 672 -0.82 8.64 65.69
N GLU E 673 -0.18 8.91 66.84
CA GLU E 673 0.95 8.10 67.26
C GLU E 673 0.52 6.67 67.53
N PHE E 674 -0.64 6.48 68.17
CA PHE E 674 -1.15 5.14 68.39
C PHE E 674 -1.50 4.45 67.08
N LEU E 675 -2.09 5.19 66.14
CA LEU E 675 -2.38 4.63 64.82
C LEU E 675 -1.12 4.16 64.14
N ALA E 676 -0.04 4.93 64.25
CA ALA E 676 1.21 4.55 63.61
C ALA E 676 1.85 3.35 64.30
N LYS E 677 1.82 3.31 65.63
CA LYS E 677 2.47 2.23 66.34
C LYS E 677 1.70 0.91 66.18
N MET E 678 0.40 0.99 65.92
CA MET E 678 -0.36 -0.23 65.71
C MET E 678 -0.23 -0.76 64.29
N THR E 679 0.08 0.12 63.33
CA THR E 679 0.22 -0.27 61.92
C THR E 679 1.69 -0.55 61.61
N ASN E 680 2.16 -1.71 62.09
CA ASN E 680 3.59 -2.00 62.04
C ASN E 680 4.09 -2.17 60.61
N GLY E 681 3.43 -3.00 59.82
CA GLY E 681 3.92 -3.32 58.49
C GLY E 681 3.23 -2.57 57.37
N PHE E 682 2.52 -1.49 57.71
CA PHE E 682 1.76 -0.76 56.72
C PHE E 682 2.66 0.14 55.89
N SER E 683 2.26 0.38 54.65
CA SER E 683 2.92 1.32 53.77
C SER E 683 2.18 2.66 53.79
N GLY E 684 2.75 3.64 53.10
CA GLY E 684 2.10 4.94 53.01
C GLY E 684 0.76 4.87 52.31
N ALA E 685 0.66 4.03 51.28
CA ALA E 685 -0.61 3.84 50.57
C ALA E 685 -1.66 3.24 51.50
N ASP E 686 -1.26 2.30 52.35
CA ASP E 686 -2.21 1.72 53.30
C ASP E 686 -2.70 2.75 54.32
N LEU E 687 -1.79 3.60 54.81
CA LEU E 687 -2.20 4.66 55.73
C LEU E 687 -3.13 5.65 55.05
N THR E 688 -2.85 5.98 53.79
CA THR E 688 -3.76 6.83 53.03
C THR E 688 -5.12 6.18 52.86
N GLU E 689 -5.13 4.85 52.65
CA GLU E 689 -6.39 4.13 52.58
C GLU E 689 -7.18 4.23 53.89
N ILE E 690 -6.48 4.09 55.02
CA ILE E 690 -7.15 4.21 56.32
C ILE E 690 -7.75 5.60 56.47
N CYS E 691 -6.97 6.64 56.13
CA CYS E 691 -7.47 8.01 56.26
C CYS E 691 -8.66 8.25 55.35
N GLN E 692 -8.60 7.74 54.11
CA GLN E 692 -9.70 7.93 53.18
C GLN E 692 -10.96 7.22 53.65
N ARG E 693 -10.82 6.02 54.20
CA ARG E 693 -11.99 5.32 54.72
C ARG E 693 -12.58 6.03 55.92
N ALA E 694 -11.73 6.57 56.79
CA ALA E 694 -12.24 7.36 57.91
C ALA E 694 -13.00 8.59 57.43
N CYS E 695 -12.45 9.29 56.43
CA CYS E 695 -13.16 10.43 55.86
C CYS E 695 -14.48 10.01 55.24
N LYS E 696 -14.50 8.86 54.57
CA LYS E 696 -15.73 8.36 53.96
C LYS E 696 -16.79 8.08 55.03
N LEU E 697 -16.38 7.46 56.14
CA LEU E 697 -17.31 7.20 57.23
C LEU E 697 -17.85 8.51 57.82
N ALA E 698 -16.97 9.49 58.01
CA ALA E 698 -17.40 10.78 58.55
C ALA E 698 -18.38 11.47 57.60
N ILE E 699 -18.09 11.43 56.29
CA ILE E 699 -18.97 12.06 55.32
C ILE E 699 -20.33 11.35 55.29
N ARG E 700 -20.33 10.02 55.37
CA ARG E 700 -21.60 9.30 55.40
C ARG E 700 -22.40 9.68 56.64
N GLU E 701 -21.73 9.77 57.80
CA GLU E 701 -22.42 10.18 59.02
C GLU E 701 -23.02 11.57 58.88
N SER E 702 -22.24 12.52 58.36
CA SER E 702 -22.72 13.89 58.23
C SER E 702 -23.88 13.98 57.25
N ILE E 703 -23.80 13.24 56.14
CA ILE E 703 -24.89 13.25 55.17
C ILE E 703 -26.15 12.65 55.77
N GLU E 704 -26.01 11.55 56.52
CA GLU E 704 -27.18 10.92 57.12
C GLU E 704 -27.79 11.81 58.20
N SER E 705 -26.95 12.53 58.96
CA SER E 705 -27.47 13.45 59.97
C SER E 705 -28.19 14.64 59.34
N GLU E 706 -27.62 15.16 58.25
CA GLU E 706 -28.29 16.23 57.52
C GLU E 706 -29.61 15.77 56.94
N ILE E 707 -29.66 14.53 56.45
CA ILE E 707 -30.92 13.97 55.94
C ILE E 707 -31.93 13.80 57.07
N ARG E 708 -31.45 13.37 58.25
CA ARG E 708 -32.36 13.20 59.38
C ARG E 708 -32.96 14.53 59.80
N ARG E 709 -32.14 15.58 59.88
CA ARG E 709 -32.67 16.90 60.23
C ARG E 709 -33.59 17.43 59.13
N GLU E 710 -33.24 17.18 57.87
CA GLU E 710 -34.04 17.65 56.74
C GLU E 710 -35.40 16.96 56.71
N ARG E 711 -35.45 15.70 57.16
CA ARG E 711 -36.74 15.04 57.39
C ARG E 711 -37.48 15.64 58.58
N GLU E 712 -36.80 15.83 59.71
CA GLU E 712 -37.51 16.23 60.92
C GLU E 712 -38.12 17.62 60.78
N ARG E 713 -37.41 18.54 60.11
CA ARG E 713 -37.94 19.89 59.96
C ARG E 713 -39.23 19.90 59.15
N GLN E 714 -39.38 18.94 58.24
CA GLN E 714 -40.55 18.85 57.38
C GLN E 714 -41.71 18.18 58.11
N PRO E 727 -23.21 18.46 64.68
CA PRO E 727 -23.30 17.05 64.32
C PRO E 727 -21.93 16.40 64.15
N VAL E 728 -21.40 16.41 62.93
CA VAL E 728 -20.09 15.83 62.64
C VAL E 728 -19.22 16.90 61.99
N PRO E 729 -18.52 17.71 62.77
CA PRO E 729 -17.65 18.74 62.16
C PRO E 729 -16.25 18.22 61.85
N GLU E 730 -15.86 17.12 62.49
CA GLU E 730 -14.50 16.60 62.38
C GLU E 730 -14.54 15.07 62.37
N ILE E 731 -13.47 14.47 61.87
CA ILE E 731 -13.30 13.03 61.98
C ILE E 731 -12.95 12.67 63.41
N ARG E 732 -13.56 11.59 63.91
CA ARG E 732 -13.48 11.21 65.31
C ARG E 732 -12.77 9.87 65.44
N ARG E 733 -12.55 9.47 66.70
CA ARG E 733 -11.80 8.25 66.97
C ARG E 733 -12.56 7.00 66.54
N ASP E 734 -13.89 7.01 66.68
CA ASP E 734 -14.68 5.87 66.25
C ASP E 734 -14.59 5.68 64.74
N HIS E 735 -14.49 6.79 64.00
CA HIS E 735 -14.29 6.69 62.56
C HIS E 735 -13.01 5.95 62.24
N PHE E 736 -11.93 6.29 62.94
CA PHE E 736 -10.63 5.66 62.67
C PHE E 736 -10.62 4.21 63.10
N GLU E 737 -11.34 3.88 64.19
CA GLU E 737 -11.47 2.48 64.59
C GLU E 737 -12.23 1.67 63.54
N GLU E 738 -13.33 2.21 63.04
CA GLU E 738 -14.11 1.52 62.02
C GLU E 738 -13.35 1.42 60.71
N ALA E 739 -12.43 2.37 60.45
CA ALA E 739 -11.54 2.25 59.30
C ALA E 739 -10.50 1.16 59.54
N MET E 740 -10.00 1.05 60.77
CA MET E 740 -9.05 -0.01 61.11
C MET E 740 -9.70 -1.39 61.10
N ARG E 741 -11.03 -1.47 61.08
CA ARG E 741 -11.66 -2.73 60.64
C ARG E 741 -11.04 -3.25 59.35
N PHE E 742 -11.16 -2.47 58.27
CA PHE E 742 -10.82 -2.90 56.92
C PHE E 742 -9.36 -2.68 56.55
N ALA E 743 -8.57 -2.08 57.44
CA ALA E 743 -7.18 -1.78 57.10
C ALA E 743 -6.33 -3.02 57.19
N ARG E 744 -5.53 -3.29 56.17
CA ARG E 744 -4.67 -4.46 56.12
C ARG E 744 -3.41 -4.13 55.35
N ARG E 745 -2.31 -4.78 55.71
CA ARG E 745 -1.00 -4.47 55.15
C ARG E 745 -0.84 -5.12 53.79
N SER E 746 -0.50 -4.31 52.78
CA SER E 746 -0.41 -4.82 51.41
C SER E 746 0.87 -5.62 51.17
N VAL E 747 1.93 -5.32 51.90
CA VAL E 747 3.24 -5.92 51.68
C VAL E 747 3.50 -6.94 52.78
N SER E 748 3.72 -8.18 52.39
CA SER E 748 4.02 -9.24 53.34
C SER E 748 5.51 -9.24 53.70
N ASP E 749 5.86 -10.04 54.70
CA ASP E 749 7.25 -10.13 55.12
C ASP E 749 8.12 -10.79 54.07
N ASN E 750 7.53 -11.66 53.24
CA ASN E 750 8.26 -12.27 52.14
C ASN E 750 8.84 -11.20 51.23
N ASP E 751 8.01 -10.23 50.83
CA ASP E 751 8.46 -9.18 49.93
C ASP E 751 9.53 -8.32 50.59
N ILE E 752 9.33 -7.97 51.86
CA ILE E 752 10.32 -7.17 52.58
C ILE E 752 11.67 -7.87 52.57
N ARG E 753 11.68 -9.16 52.89
CA ARG E 753 12.95 -9.88 52.90
C ARG E 753 13.57 -9.94 51.51
N LYS E 754 12.74 -10.08 50.47
CA LYS E 754 13.31 -10.09 49.12
C LYS E 754 14.04 -8.77 48.84
N TYR E 755 13.45 -7.65 49.22
CA TYR E 755 14.14 -6.37 49.10
C TYR E 755 15.40 -6.34 49.96
N GLU E 756 15.38 -7.01 51.12
CA GLU E 756 16.55 -7.01 51.98
C GLU E 756 17.73 -7.73 51.35
N MET E 757 17.51 -8.91 50.77
CA MET E 757 18.63 -9.55 50.06
C MET E 757 18.95 -8.87 48.73
N PHE E 758 18.03 -8.09 48.17
CA PHE E 758 18.44 -7.24 47.05
C PHE E 758 19.40 -6.14 47.54
N ALA E 759 19.11 -5.56 48.70
CA ALA E 759 19.94 -4.47 49.22
C ALA E 759 21.29 -4.99 49.68
N GLN E 760 21.32 -6.17 50.30
CA GLN E 760 22.58 -6.74 50.78
C GLN E 760 23.50 -7.07 49.61
N THR E 761 22.96 -7.57 48.51
CA THR E 761 23.75 -7.97 47.36
C THR E 761 24.09 -6.81 46.43
N LEU E 762 24.03 -5.57 46.92
CA LEU E 762 24.40 -4.43 46.11
C LEU E 762 25.92 -4.34 45.96
N SER E 770 35.10 -2.99 58.33
CA SER E 770 36.17 -3.96 58.47
C SER E 770 37.47 -3.47 57.85
N PHE E 771 37.39 -2.88 56.66
CA PHE E 771 38.61 -2.54 55.94
C PHE E 771 39.19 -1.22 56.44
N ARG E 772 40.46 -1.30 56.85
CA ARG E 772 41.28 -0.15 57.22
C ARG E 772 42.61 -0.22 56.50
N PHE E 773 43.12 0.95 56.15
CA PHE E 773 44.50 1.07 55.70
C PHE E 773 45.43 0.70 56.85
N PRO E 774 46.62 0.17 56.54
CA PRO E 774 47.56 -0.18 57.61
C PRO E 774 47.95 1.06 58.42
N SER E 775 48.08 0.88 59.72
CA SER E 775 48.41 1.99 60.61
C SER E 775 49.83 2.48 60.40
N LEU F 12 50.95 11.99 -0.87
CA LEU F 12 50.24 12.17 0.39
C LEU F 12 48.85 12.73 0.12
N SER F 13 47.90 12.41 1.01
CA SER F 13 46.50 12.72 0.74
C SER F 13 46.26 14.23 0.64
N THR F 14 46.87 15.01 1.54
CA THR F 14 46.70 16.45 1.56
C THR F 14 47.90 17.19 1.01
N ALA F 15 48.69 16.54 0.14
CA ALA F 15 49.83 17.19 -0.46
C ALA F 15 49.43 18.34 -1.38
N ILE F 16 48.21 18.29 -1.92
CA ILE F 16 47.74 19.38 -2.77
C ILE F 16 47.47 20.65 -1.97
N LEU F 17 47.08 20.53 -0.71
CA LEU F 17 46.86 21.69 0.14
C LEU F 17 48.17 22.38 0.52
N LYS F 18 49.29 21.69 0.35
CA LYS F 18 50.60 22.30 0.58
C LYS F 18 50.88 23.39 -0.45
N GLN F 19 50.95 24.64 0.02
CA GLN F 19 51.47 25.70 -0.84
C GLN F 19 52.97 25.86 -0.61
N LYS F 20 53.68 26.13 -1.69
CA LYS F 20 55.10 25.78 -1.83
C LYS F 20 55.97 26.88 -1.23
N ASN F 21 57.14 26.48 -0.74
CA ASN F 21 58.17 27.42 -0.32
C ASN F 21 58.88 27.98 -1.55
N ARG F 22 58.36 29.10 -2.07
CA ARG F 22 58.82 29.68 -3.31
C ARG F 22 59.29 31.11 -3.10
N PRO F 23 60.23 31.59 -3.92
CA PRO F 23 60.67 32.99 -3.79
C PRO F 23 59.54 33.99 -3.99
N ASN F 24 58.58 33.68 -4.87
CA ASN F 24 57.46 34.59 -5.08
C ASN F 24 56.57 34.68 -3.85
N ARG F 25 56.49 33.61 -3.07
CA ARG F 25 55.68 33.62 -1.86
C ARG F 25 56.31 34.53 -0.82
N LEU F 26 55.52 35.42 -0.25
CA LEU F 26 56.02 36.42 0.68
C LEU F 26 55.05 36.56 1.86
N ILE F 27 55.62 36.73 3.05
CA ILE F 27 54.83 36.91 4.26
C ILE F 27 54.45 38.39 4.38
N VAL F 28 53.16 38.65 4.63
CA VAL F 28 52.68 40.03 4.74
C VAL F 28 53.25 40.66 6.01
N ASP F 29 53.83 41.85 5.87
CA ASP F 29 54.44 42.56 6.99
C ASP F 29 54.00 44.02 6.96
N GLU F 30 54.10 44.66 8.12
CA GLU F 30 53.71 46.05 8.25
C GLU F 30 54.65 46.95 7.45
N ALA F 31 54.15 48.13 7.11
CA ALA F 31 54.87 49.10 6.29
C ALA F 31 55.35 50.25 7.17
N ILE F 32 56.64 50.58 7.05
CA ILE F 32 57.22 51.68 7.82
C ILE F 32 56.73 53.01 7.23
N ASN F 33 57.11 53.27 5.98
CA ASN F 33 56.65 54.45 5.25
C ASN F 33 56.34 54.03 3.81
N GLU F 34 55.11 53.59 3.58
CA GLU F 34 54.66 53.15 2.27
C GLU F 34 53.28 53.73 2.01
N ASP F 35 53.08 54.28 0.81
CA ASP F 35 51.76 54.76 0.44
C ASP F 35 50.93 53.62 -0.14
N ASN F 36 49.77 53.96 -0.70
CA ASN F 36 48.83 52.97 -1.18
C ASN F 36 49.23 52.40 -2.54
N SER F 37 50.42 52.74 -3.01
CA SER F 37 50.85 52.34 -4.35
C SER F 37 52.19 51.61 -4.40
N VAL F 38 52.88 51.46 -3.26
CA VAL F 38 54.20 50.82 -3.26
C VAL F 38 54.25 49.74 -2.21
N VAL F 39 55.16 48.79 -2.40
CA VAL F 39 55.50 47.75 -1.44
C VAL F 39 57.01 47.66 -1.38
N SER F 40 57.53 47.19 -0.25
CA SER F 40 58.96 47.15 0.00
C SER F 40 59.43 45.72 0.23
N LEU F 41 60.56 45.38 -0.37
CA LEU F 41 61.17 44.06 -0.25
C LEU F 41 62.65 44.22 0.03
N SER F 42 63.29 43.14 0.47
CA SER F 42 64.72 43.16 0.73
C SER F 42 65.49 43.05 -0.57
N GLN F 43 66.67 43.68 -0.59
CA GLN F 43 67.50 43.67 -1.81
C GLN F 43 67.87 42.27 -2.29
N PRO F 44 68.25 41.32 -1.42
CA PRO F 44 68.43 39.95 -1.91
C PRO F 44 67.18 39.37 -2.55
N LYS F 45 66.00 39.78 -2.11
CA LYS F 45 64.78 39.29 -2.71
C LYS F 45 64.60 39.81 -4.14
N MET F 46 64.90 41.09 -4.38
CA MET F 46 64.88 41.58 -5.76
C MET F 46 65.95 40.90 -6.60
N ASP F 47 67.14 40.67 -6.02
CA ASP F 47 68.19 40.00 -6.77
C ASP F 47 67.76 38.59 -7.18
N GLU F 48 67.13 37.86 -6.26
CA GLU F 48 66.65 36.52 -6.57
C GLU F 48 65.51 36.55 -7.58
N LEU F 49 64.62 37.53 -7.47
CA LEU F 49 63.46 37.66 -8.34
C LEU F 49 63.72 38.49 -9.58
N GLN F 50 64.94 39.00 -9.75
CA GLN F 50 65.31 39.83 -10.91
C GLN F 50 64.38 41.03 -11.05
N LEU F 51 64.07 41.67 -9.92
CA LEU F 51 63.17 42.81 -9.88
C LEU F 51 63.96 44.10 -9.69
N PHE F 52 63.68 45.10 -10.52
CA PHE F 52 64.30 46.41 -10.41
C PHE F 52 63.46 47.32 -9.52
N ARG F 53 64.13 48.27 -8.87
CA ARG F 53 63.43 49.26 -8.07
C ARG F 53 62.59 50.15 -8.98
N GLY F 54 61.35 50.41 -8.57
CA GLY F 54 60.41 51.17 -9.36
C GLY F 54 59.58 50.35 -10.32
N ASP F 55 59.85 49.05 -10.44
CA ASP F 55 59.07 48.20 -11.33
C ASP F 55 57.66 48.02 -10.80
N THR F 56 56.69 47.94 -11.71
CA THR F 56 55.33 47.61 -11.34
C THR F 56 55.19 46.10 -11.18
N VAL F 57 54.59 45.68 -10.08
CA VAL F 57 54.52 44.27 -9.69
C VAL F 57 53.09 43.90 -9.37
N LEU F 58 52.69 42.70 -9.80
CA LEU F 58 51.37 42.15 -9.56
C LEU F 58 51.41 41.26 -8.32
N LEU F 59 50.50 41.51 -7.38
CA LEU F 59 50.39 40.76 -6.14
C LEU F 59 49.06 40.02 -6.13
N LYS F 60 49.13 38.72 -5.88
CA LYS F 60 47.95 37.85 -5.79
C LYS F 60 47.79 37.37 -4.37
N GLY F 61 46.55 37.39 -3.89
CA GLY F 61 46.25 36.98 -2.53
C GLY F 61 45.06 36.03 -2.43
N LYS F 62 44.49 35.92 -1.24
CA LYS F 62 43.35 35.04 -1.02
C LYS F 62 42.12 35.57 -1.74
N LYS F 63 41.25 34.64 -2.14
CA LYS F 63 39.94 34.94 -2.73
C LYS F 63 40.04 35.67 -4.06
N ARG F 64 40.81 35.14 -5.01
CA ARG F 64 40.82 35.62 -6.40
C ARG F 64 41.36 37.05 -6.51
N ARG F 65 42.03 37.54 -5.48
CA ARG F 65 42.39 38.94 -5.40
C ARG F 65 43.73 39.23 -6.05
N GLU F 66 43.74 40.32 -6.83
CA GLU F 66 44.94 40.80 -7.51
C GLU F 66 45.07 42.31 -7.25
N ALA F 67 46.32 42.78 -7.30
CA ALA F 67 46.61 44.20 -7.14
C ALA F 67 47.95 44.50 -7.80
N VAL F 68 48.23 45.79 -7.99
CA VAL F 68 49.50 46.24 -8.56
C VAL F 68 50.14 47.25 -7.63
N CYS F 69 51.45 47.14 -7.46
CA CYS F 69 52.21 48.06 -6.61
C CYS F 69 53.54 48.37 -7.27
N ILE F 70 54.32 49.23 -6.62
CA ILE F 70 55.66 49.58 -7.06
C ILE F 70 56.64 48.97 -6.07
N VAL F 71 57.54 48.13 -6.57
CA VAL F 71 58.49 47.42 -5.72
C VAL F 71 59.65 48.35 -5.38
N LEU F 72 59.97 48.43 -4.09
CA LEU F 72 61.06 49.27 -3.59
C LEU F 72 61.94 48.45 -2.66
N SER F 73 63.10 49.01 -2.34
CA SER F 73 64.08 48.34 -1.50
C SER F 73 63.98 48.86 -0.07
N ASP F 74 64.13 47.96 0.89
CA ASP F 74 64.13 48.32 2.31
C ASP F 74 65.14 47.43 3.02
N ASP F 75 66.19 48.06 3.56
CA ASP F 75 67.25 47.31 4.24
C ASP F 75 66.79 46.73 5.58
N THR F 76 65.70 47.23 6.14
CA THR F 76 65.13 46.69 7.38
C THR F 76 64.11 45.60 7.12
N CYS F 77 63.78 45.33 5.86
CA CYS F 77 62.78 44.33 5.52
C CYS F 77 63.43 42.94 5.44
N SER F 78 62.74 41.95 5.99
CA SER F 78 63.23 40.59 5.94
C SER F 78 63.13 40.03 4.53
N ASP F 79 63.96 39.02 4.25
CA ASP F 79 63.99 38.42 2.92
C ASP F 79 62.66 37.76 2.57
N GLU F 80 62.05 37.08 3.54
CA GLU F 80 60.82 36.33 3.31
C GLU F 80 59.56 37.16 3.54
N LYS F 81 59.70 38.45 3.86
CA LYS F 81 58.56 39.29 4.18
C LYS F 81 58.47 40.45 3.19
N ILE F 82 57.26 40.98 3.05
CA ILE F 82 56.99 42.14 2.22
C ILE F 82 56.29 43.19 3.07
N ARG F 83 56.82 44.41 3.08
CA ARG F 83 56.21 45.50 3.82
C ARG F 83 54.97 45.97 3.07
N MET F 84 53.92 46.31 3.81
CA MET F 84 52.59 46.33 3.22
C MET F 84 51.68 47.17 4.10
N ASN F 85 51.14 48.25 3.52
CA ASN F 85 50.26 49.13 4.30
C ASN F 85 48.85 48.52 4.39
N ARG F 86 48.03 49.14 5.23
CA ARG F 86 46.71 48.57 5.54
C ARG F 86 45.77 48.60 4.34
N VAL F 87 45.83 49.64 3.52
CA VAL F 87 44.87 49.79 2.43
C VAL F 87 44.99 48.63 1.44
N VAL F 88 46.21 48.32 1.03
CA VAL F 88 46.38 47.27 0.03
C VAL F 88 46.27 45.90 0.68
N ARG F 89 46.49 45.80 1.99
CA ARG F 89 46.11 44.58 2.71
C ARG F 89 44.62 44.34 2.61
N ASN F 90 43.82 45.39 2.78
CA ASN F 90 42.37 45.26 2.58
C ASN F 90 42.04 44.93 1.14
N ASN F 91 42.81 45.47 0.20
CA ASN F 91 42.57 45.20 -1.22
C ASN F 91 42.76 43.72 -1.54
N LEU F 92 43.82 43.11 -1.00
CA LEU F 92 44.09 41.69 -1.24
C LEU F 92 43.37 40.76 -0.26
N ARG F 93 42.58 41.32 0.67
CA ARG F 93 41.86 40.53 1.66
C ARG F 93 42.79 39.63 2.46
N VAL F 94 43.93 40.19 2.88
CA VAL F 94 44.93 39.46 3.64
C VAL F 94 45.25 40.23 4.91
N ARG F 95 45.76 39.50 5.90
CA ARG F 95 46.14 40.06 7.18
C ARG F 95 47.64 39.90 7.39
N LEU F 96 48.14 40.46 8.49
CA LEU F 96 49.55 40.33 8.82
C LEU F 96 49.90 38.87 9.08
N GLY F 97 50.99 38.42 8.48
CA GLY F 97 51.42 37.04 8.56
C GLY F 97 50.91 36.15 7.44
N ASP F 98 50.00 36.65 6.61
CA ASP F 98 49.50 35.87 5.49
C ASP F 98 50.56 35.78 4.39
N VAL F 99 50.30 34.91 3.42
CA VAL F 99 51.22 34.66 2.31
C VAL F 99 50.58 35.18 1.03
N ILE F 100 51.32 36.00 0.29
CA ILE F 100 50.90 36.50 -1.01
C ILE F 100 51.95 36.11 -2.04
N SER F 101 51.59 36.26 -3.31
CA SER F 101 52.49 35.94 -4.41
C SER F 101 52.78 37.20 -5.21
N ILE F 102 54.05 37.39 -5.57
CA ILE F 102 54.50 38.56 -6.30
C ILE F 102 55.07 38.11 -7.64
N GLN F 103 54.70 38.81 -8.71
CA GLN F 103 55.19 38.52 -10.04
C GLN F 103 55.40 39.83 -10.78
N PRO F 104 56.24 39.83 -11.82
CA PRO F 104 56.33 41.02 -12.67
C PRO F 104 55.02 41.25 -13.40
N CYS F 105 54.73 42.53 -13.68
CA CYS F 105 53.51 42.95 -14.37
C CYS F 105 53.91 43.82 -15.55
N PRO F 106 54.40 43.22 -16.62
CA PRO F 106 54.88 44.02 -17.75
C PRO F 106 53.75 44.58 -18.59
N ASP F 107 54.10 45.58 -19.40
CA ASP F 107 53.19 46.19 -20.38
C ASP F 107 51.95 46.78 -19.72
N VAL F 108 52.16 47.56 -18.66
CA VAL F 108 51.06 48.32 -18.05
C VAL F 108 51.02 49.69 -18.70
N LYS F 109 49.96 49.96 -19.45
CA LYS F 109 49.85 51.18 -20.23
C LYS F 109 49.26 52.31 -19.39
N TYR F 110 49.46 53.54 -19.87
CA TYR F 110 48.89 54.70 -19.21
C TYR F 110 47.38 54.68 -19.32
N GLY F 111 46.71 55.01 -18.23
CA GLY F 111 45.26 54.98 -18.20
C GLY F 111 44.68 56.05 -19.11
N LYS F 112 43.69 55.64 -19.92
CA LYS F 112 42.99 56.61 -20.77
C LYS F 112 41.84 57.28 -20.01
N ARG F 113 41.11 56.52 -19.21
CA ARG F 113 39.97 57.07 -18.47
C ARG F 113 39.65 56.13 -17.31
N ILE F 114 39.51 56.70 -16.11
CA ILE F 114 39.17 55.92 -14.92
C ILE F 114 37.97 56.54 -14.23
N HIS F 115 37.01 55.69 -13.86
CA HIS F 115 35.81 56.06 -13.13
C HIS F 115 35.89 55.43 -11.74
N VAL F 116 35.76 56.26 -10.72
CA VAL F 116 35.83 55.82 -9.33
C VAL F 116 34.56 56.29 -8.61
N LEU F 117 34.30 55.68 -7.46
CA LEU F 117 33.13 56.01 -6.66
C LEU F 117 33.48 55.91 -5.18
N PRO F 118 32.98 56.83 -4.35
CA PRO F 118 33.30 56.81 -2.93
C PRO F 118 32.40 55.87 -2.14
N ILE F 119 32.88 55.54 -0.94
CA ILE F 119 32.10 54.73 0.00
C ILE F 119 31.16 55.63 0.79
N ASP F 120 29.98 55.12 1.13
CA ASP F 120 28.90 55.98 1.58
C ASP F 120 29.24 56.72 2.86
N ASP F 121 29.67 56.01 3.90
CA ASP F 121 29.94 56.70 5.16
C ASP F 121 31.16 57.61 5.09
N THR F 122 32.15 57.26 4.26
CA THR F 122 33.28 58.15 4.02
C THR F 122 32.86 59.43 3.34
N VAL F 123 31.77 59.42 2.57
CA VAL F 123 31.28 60.61 1.89
C VAL F 123 30.02 61.16 2.54
N GLU F 124 29.46 60.46 3.53
CA GLU F 124 28.30 60.98 4.26
C GLU F 124 28.65 62.30 4.93
N GLY F 125 27.90 63.34 4.58
CA GLY F 125 28.17 64.67 5.07
C GLY F 125 29.18 65.45 4.26
N ILE F 126 29.80 64.85 3.25
CA ILE F 126 30.76 65.52 2.40
C ILE F 126 30.02 66.06 1.19
N THR F 127 29.98 67.39 1.05
CA THR F 127 29.27 68.05 -0.03
C THR F 127 30.19 68.76 -1.00
N GLY F 128 31.49 68.82 -0.72
CA GLY F 128 32.42 69.49 -1.60
C GLY F 128 32.75 68.67 -2.84
N ASN F 129 33.50 69.29 -3.74
CA ASN F 129 33.92 68.62 -4.96
C ASN F 129 34.92 67.52 -4.61
N LEU F 130 34.51 66.27 -4.84
CA LEU F 130 35.38 65.14 -4.50
C LEU F 130 36.67 65.18 -5.31
N PHE F 131 36.57 65.49 -6.59
CA PHE F 131 37.75 65.47 -7.47
C PHE F 131 38.84 66.38 -6.93
N GLU F 132 38.58 67.69 -6.90
CA GLU F 132 39.61 68.66 -6.55
C GLU F 132 40.14 68.44 -5.12
N VAL F 133 39.23 68.13 -4.18
CA VAL F 133 39.65 68.01 -2.79
C VAL F 133 40.49 66.76 -2.58
N TYR F 134 40.10 65.64 -3.17
CA TYR F 134 40.71 64.35 -2.86
C TYR F 134 41.54 63.76 -4.00
N LEU F 135 40.93 63.56 -5.17
CA LEU F 135 41.56 62.74 -6.20
C LEU F 135 42.70 63.47 -6.90
N LYS F 136 42.51 64.76 -7.19
CA LYS F 136 43.54 65.50 -7.92
C LYS F 136 44.85 65.59 -7.15
N PRO F 137 44.89 65.98 -5.86
CA PRO F 137 46.17 65.94 -5.14
C PRO F 137 46.71 64.53 -4.97
N TYR F 138 45.83 63.52 -4.94
CA TYR F 138 46.29 62.15 -4.74
C TYR F 138 46.91 61.56 -5.99
N PHE F 139 46.52 62.05 -7.17
CA PHE F 139 46.98 61.49 -8.44
C PHE F 139 47.81 62.48 -9.26
N LEU F 140 48.29 63.56 -8.64
CA LEU F 140 49.05 64.58 -9.35
C LEU F 140 50.53 64.23 -9.30
N GLU F 141 51.12 63.96 -10.48
CA GLU F 141 52.54 63.64 -10.61
C GLU F 141 52.93 62.48 -9.70
N ALA F 142 52.15 61.41 -9.75
CA ALA F 142 52.38 60.24 -8.91
C ALA F 142 52.53 58.98 -9.75
N TYR F 143 51.79 58.90 -10.87
CA TYR F 143 51.81 57.74 -11.75
C TYR F 143 51.47 56.45 -11.00
N ARG F 144 50.40 56.52 -10.21
CA ARG F 144 50.02 55.37 -9.38
C ARG F 144 49.42 54.27 -10.24
N PRO F 145 49.83 53.01 -10.04
CA PRO F 145 49.16 51.89 -10.72
C PRO F 145 47.93 51.46 -9.95
N ILE F 146 46.82 51.25 -10.68
CA ILE F 146 45.55 50.91 -10.06
C ILE F 146 44.93 49.74 -10.80
N ARG F 147 43.92 49.14 -10.17
CA ARG F 147 43.18 48.02 -10.72
C ARG F 147 41.68 48.28 -10.57
N LYS F 148 40.91 47.71 -11.50
CA LYS F 148 39.46 47.74 -11.38
C LYS F 148 39.03 47.03 -10.10
N GLY F 149 38.14 47.67 -9.35
CA GLY F 149 37.68 47.14 -8.09
C GLY F 149 38.57 47.45 -6.90
N ASP F 150 39.64 48.21 -7.09
CA ASP F 150 40.51 48.58 -5.99
C ASP F 150 39.80 49.51 -5.02
N ILE F 151 40.16 49.38 -3.74
CA ILE F 151 39.65 50.25 -2.69
C ILE F 151 40.83 51.02 -2.11
N PHE F 152 40.80 52.34 -2.22
CA PHE F 152 41.91 53.17 -1.76
C PHE F 152 41.40 54.36 -0.97
N LEU F 153 42.11 54.70 0.09
CA LEU F 153 41.72 55.77 1.01
C LEU F 153 42.53 57.03 0.69
N VAL F 154 41.84 58.18 0.62
CA VAL F 154 42.46 59.44 0.25
C VAL F 154 42.28 60.43 1.40
N ARG F 155 43.37 61.14 1.72
CA ARG F 155 43.34 62.17 2.75
C ARG F 155 42.77 63.47 2.16
N GLY F 156 42.80 64.53 2.97
CA GLY F 156 42.24 65.80 2.56
C GLY F 156 40.81 66.00 3.05
N GLY F 157 40.30 67.21 2.81
CA GLY F 157 39.02 67.58 3.33
C GLY F 157 39.05 67.69 4.84
N MET F 158 37.87 67.54 5.42
CA MET F 158 37.75 67.32 6.86
C MET F 158 37.93 65.85 7.23
N ARG F 159 37.80 64.94 6.25
CA ARG F 159 37.64 63.52 6.53
C ARG F 159 38.15 62.71 5.36
N ALA F 160 39.01 61.74 5.64
CA ALA F 160 39.52 60.87 4.59
C ALA F 160 38.39 60.04 3.99
N VAL F 161 38.44 59.85 2.67
CA VAL F 161 37.36 59.22 1.93
C VAL F 161 37.90 58.02 1.18
N GLU F 162 37.20 56.89 1.28
CA GLU F 162 37.55 55.70 0.55
C GLU F 162 36.85 55.69 -0.80
N PHE F 163 37.59 55.29 -1.83
CA PHE F 163 37.08 55.25 -3.20
C PHE F 163 37.28 53.87 -3.78
N LYS F 164 36.36 53.47 -4.64
CA LYS F 164 36.40 52.21 -5.35
C LYS F 164 36.56 52.48 -6.84
N VAL F 165 37.59 51.88 -7.45
CA VAL F 165 37.84 52.04 -8.88
C VAL F 165 36.84 51.16 -9.63
N VAL F 166 35.78 51.76 -10.16
CA VAL F 166 34.73 50.98 -10.79
C VAL F 166 34.95 50.78 -12.29
N GLU F 167 35.81 51.57 -12.92
CA GLU F 167 36.06 51.37 -14.33
C GLU F 167 37.45 51.88 -14.70
N THR F 168 38.16 51.13 -15.53
CA THR F 168 39.46 51.53 -16.04
C THR F 168 39.53 51.33 -17.54
N ASP F 169 40.25 52.21 -18.21
CA ASP F 169 40.59 52.05 -19.62
C ASP F 169 41.97 52.63 -19.86
N PRO F 170 42.96 51.82 -20.29
CA PRO F 170 42.82 50.39 -20.61
C PRO F 170 42.65 49.49 -19.39
N SER F 171 42.08 48.31 -19.60
CA SER F 171 41.70 47.39 -18.54
C SER F 171 42.57 46.13 -18.58
N PRO F 172 42.78 45.47 -17.43
CA PRO F 172 42.30 45.90 -16.11
C PRO F 172 43.26 46.86 -15.41
N TYR F 173 44.55 46.73 -15.72
CA TYR F 173 45.58 47.50 -15.03
C TYR F 173 45.98 48.70 -15.88
N CYS F 174 46.04 49.87 -15.23
CA CYS F 174 46.39 51.10 -15.92
C CYS F 174 47.18 52.01 -14.97
N ILE F 175 47.97 52.89 -15.57
CA ILE F 175 48.75 53.87 -14.82
C ILE F 175 48.01 55.20 -14.87
N VAL F 176 47.93 55.87 -13.71
CA VAL F 176 47.26 57.16 -13.65
C VAL F 176 48.22 58.23 -14.15
N ALA F 177 48.18 58.50 -15.45
CA ALA F 177 49.04 59.49 -16.08
C ALA F 177 48.45 60.89 -15.88
N PRO F 178 49.28 61.93 -16.06
CA PRO F 178 48.73 63.30 -15.95
C PRO F 178 47.58 63.58 -16.90
N ASP F 179 47.58 62.98 -18.09
CA ASP F 179 46.49 63.17 -19.04
C ASP F 179 45.36 62.17 -18.86
N THR F 180 45.46 61.27 -17.88
CA THR F 180 44.38 60.34 -17.60
C THR F 180 43.18 61.09 -17.04
N VAL F 181 41.99 60.80 -17.56
CA VAL F 181 40.77 61.49 -17.16
C VAL F 181 40.14 60.70 -16.01
N ILE F 182 40.11 61.31 -14.83
CA ILE F 182 39.56 60.70 -13.63
C ILE F 182 38.20 61.35 -13.36
N HIS F 183 37.16 60.53 -13.19
CA HIS F 183 35.86 61.08 -12.84
C HIS F 183 35.18 60.20 -11.79
N CYS F 184 34.36 60.84 -10.97
CA CYS F 184 33.70 60.21 -9.83
C CYS F 184 32.24 60.64 -9.75
N GLU F 185 31.55 60.67 -10.89
CA GLU F 185 30.14 61.02 -10.94
C GLU F 185 29.32 59.75 -11.16
N GLY F 186 28.53 59.38 -10.16
CA GLY F 186 27.69 58.20 -10.26
C GLY F 186 27.09 57.87 -8.91
N GLU F 187 26.30 56.80 -8.90
CA GLU F 187 25.69 56.35 -7.67
C GLU F 187 26.78 55.85 -6.71
N PRO F 188 26.86 56.39 -5.50
CA PRO F 188 27.94 56.00 -4.58
C PRO F 188 27.86 54.52 -4.24
N ILE F 189 29.03 53.88 -4.13
CA ILE F 189 29.09 52.47 -3.81
C ILE F 189 28.67 52.27 -2.36
N LYS F 190 27.58 51.55 -2.15
CA LYS F 190 27.04 51.34 -0.82
C LYS F 190 27.95 50.46 0.01
N ARG F 191 27.89 50.66 1.33
CA ARG F 191 28.72 49.87 2.23
C ARG F 191 28.28 48.41 2.28
N GLU F 192 27.01 48.15 1.96
CA GLU F 192 26.51 46.78 1.99
C GLU F 192 27.23 45.91 0.96
N ASP F 193 27.43 46.45 -0.24
CA ASP F 193 28.13 45.74 -1.29
C ASP F 193 29.57 45.46 -0.88
N GLU F 194 30.24 46.47 -0.32
CA GLU F 194 31.63 46.30 0.12
C GLU F 194 31.73 45.25 1.22
N GLU F 195 30.80 45.27 2.17
CA GLU F 195 30.82 44.29 3.26
C GLU F 195 30.54 42.88 2.74
N GLU F 196 29.60 42.75 1.80
CA GLU F 196 29.31 41.45 1.22
C GLU F 196 30.52 40.91 0.47
N SER F 197 31.21 41.78 -0.28
CA SER F 197 32.43 41.35 -0.97
C SER F 197 33.51 40.97 0.03
N LEU F 198 33.63 41.72 1.12
CA LEU F 198 34.67 41.43 2.11
C LEU F 198 34.42 40.10 2.80
N ASN F 199 33.16 39.82 3.15
CA ASN F 199 32.82 38.62 3.90
C ASN F 199 32.47 37.45 3.01
N GLU F 200 32.95 37.44 1.76
CA GLU F 200 32.71 36.30 0.89
C GLU F 200 33.50 35.09 1.38
N VAL F 201 32.93 33.90 1.15
CA VAL F 201 33.48 32.69 1.73
C VAL F 201 34.60 32.14 0.86
N GLY F 202 35.75 31.88 1.48
CA GLY F 202 36.84 31.18 0.83
C GLY F 202 37.09 29.84 1.47
N TYR F 203 38.17 29.15 1.07
CA TYR F 203 38.46 27.85 1.67
C TYR F 203 38.80 27.97 3.15
N ASP F 204 39.33 29.12 3.57
CA ASP F 204 39.70 29.32 4.96
C ASP F 204 38.49 29.41 5.89
N ASP F 205 37.28 29.53 5.34
CA ASP F 205 36.07 29.58 6.14
C ASP F 205 35.49 28.20 6.44
N ILE F 206 36.14 27.13 5.99
CA ILE F 206 35.69 25.77 6.24
C ILE F 206 36.63 25.12 7.24
N GLY F 207 36.07 24.56 8.31
CA GLY F 207 36.85 23.89 9.33
C GLY F 207 36.48 22.42 9.41
N GLY F 208 37.48 21.60 9.74
CA GLY F 208 37.25 20.18 9.92
C GLY F 208 37.06 19.38 8.66
N CYS F 209 37.38 19.94 7.49
CA CYS F 209 37.19 19.26 6.21
C CYS F 209 38.48 19.30 5.39
N ARG F 210 39.61 19.02 6.02
CA ARG F 210 40.89 19.14 5.34
C ARG F 210 41.05 18.03 4.28
N LYS F 211 40.72 16.79 4.67
CA LYS F 211 40.67 15.70 3.69
C LYS F 211 39.74 16.04 2.54
N GLN F 212 38.54 16.52 2.85
CA GLN F 212 37.54 16.74 1.81
C GLN F 212 37.95 17.87 0.88
N LEU F 213 38.56 18.92 1.44
CA LEU F 213 39.06 20.01 0.61
C LEU F 213 40.19 19.53 -0.31
N ALA F 214 41.10 18.70 0.22
CA ALA F 214 42.16 18.17 -0.62
C ALA F 214 41.59 17.31 -1.75
N GLN F 215 40.62 16.46 -1.43
CA GLN F 215 40.01 15.61 -2.44
C GLN F 215 39.28 16.43 -3.51
N ILE F 216 38.58 17.49 -3.08
CA ILE F 216 37.87 18.34 -4.03
C ILE F 216 38.85 19.06 -4.95
N LYS F 217 39.95 19.57 -4.39
CA LYS F 217 40.95 20.20 -5.24
C LYS F 217 41.56 19.19 -6.22
N GLU F 218 41.79 17.96 -5.77
CA GLU F 218 42.37 16.95 -6.64
C GLU F 218 41.41 16.57 -7.77
N MET F 219 40.13 16.46 -7.48
CA MET F 219 39.15 15.96 -8.45
C MET F 219 38.43 17.06 -9.22
N VAL F 220 38.52 18.32 -8.79
CA VAL F 220 37.80 19.38 -9.46
C VAL F 220 38.79 20.43 -9.97
N GLU F 221 39.54 21.04 -9.05
CA GLU F 221 40.44 22.12 -9.44
C GLU F 221 41.60 21.60 -10.29
N LEU F 222 42.17 20.46 -9.91
CA LEU F 222 43.33 19.95 -10.64
C LEU F 222 43.03 19.57 -12.09
N PRO F 223 41.98 18.78 -12.40
CA PRO F 223 41.74 18.43 -13.81
C PRO F 223 41.51 19.62 -14.71
N LEU F 224 40.77 20.63 -14.24
CA LEU F 224 40.55 21.83 -15.05
C LEU F 224 41.79 22.72 -15.07
N ARG F 225 42.57 22.71 -13.99
CA ARG F 225 43.73 23.56 -13.88
C ARG F 225 44.79 23.12 -14.90
N HIS F 226 45.07 21.81 -14.92
CA HIS F 226 46.11 21.20 -15.75
C HIS F 226 45.56 19.95 -16.42
N PRO F 227 44.72 20.10 -17.44
CA PRO F 227 44.25 18.90 -18.16
C PRO F 227 45.36 18.10 -18.80
N ALA F 228 46.43 18.75 -19.24
CA ALA F 228 47.56 18.05 -19.86
C ALA F 228 48.25 17.12 -18.87
N LEU F 229 48.16 17.41 -17.57
CA LEU F 229 48.74 16.53 -16.57
C LEU F 229 48.10 15.14 -16.62
N PHE F 230 46.76 15.09 -16.74
CA PHE F 230 46.07 13.82 -16.85
C PHE F 230 46.18 13.25 -18.27
N LYS F 231 46.26 14.10 -19.28
CA LYS F 231 46.41 13.62 -20.64
C LYS F 231 47.75 12.89 -20.83
N GLU F 232 48.83 13.43 -20.25
CA GLU F 232 50.15 12.83 -20.43
C GLU F 232 50.21 11.44 -19.81
N ILE F 233 49.66 11.28 -18.61
CA ILE F 233 49.69 9.98 -17.94
C ILE F 233 48.60 9.05 -18.45
N GLY F 234 47.80 9.50 -19.41
CA GLY F 234 46.82 8.66 -20.07
C GLY F 234 45.64 8.22 -19.23
N VAL F 235 45.10 9.10 -18.41
CA VAL F 235 43.88 8.82 -17.65
C VAL F 235 42.91 9.99 -17.84
N LYS F 236 41.63 9.70 -17.69
CA LYS F 236 40.59 10.70 -17.83
C LYS F 236 40.03 11.05 -16.45
N PRO F 237 39.98 12.33 -16.10
CA PRO F 237 39.48 12.73 -14.78
C PRO F 237 38.00 12.43 -14.65
N PRO F 238 37.55 12.05 -13.46
CA PRO F 238 36.12 11.87 -13.22
C PRO F 238 35.30 13.08 -13.63
N ARG F 239 34.07 12.81 -14.07
CA ARG F 239 33.16 13.85 -14.52
C ARG F 239 32.19 14.28 -13.42
N GLY F 240 31.83 13.39 -12.51
CA GLY F 240 30.83 13.69 -11.51
C GLY F 240 31.28 13.48 -10.08
N ILE F 241 31.27 14.55 -9.30
CA ILE F 241 31.63 14.52 -7.88
C ILE F 241 30.39 14.88 -7.08
N LEU F 242 29.99 14.00 -6.17
CA LEU F 242 28.81 14.17 -5.34
C LEU F 242 29.24 14.36 -3.89
N LEU F 243 28.93 15.52 -3.33
CA LEU F 243 29.17 15.77 -1.92
C LEU F 243 27.97 15.28 -1.11
N TYR F 244 28.22 14.45 -0.10
CA TYR F 244 27.13 14.01 0.75
C TYR F 244 27.53 14.14 2.22
N GLY F 245 26.52 14.11 3.08
CA GLY F 245 26.71 14.22 4.51
C GLY F 245 25.43 14.70 5.17
N PRO F 246 25.39 14.63 6.50
CA PRO F 246 24.20 15.08 7.22
C PRO F 246 24.00 16.58 7.06
N PRO F 247 22.78 17.07 7.26
CA PRO F 247 22.52 18.51 7.05
C PRO F 247 23.35 19.38 7.98
N GLY F 248 23.78 20.51 7.45
CA GLY F 248 24.55 21.47 8.22
C GLY F 248 26.03 21.19 8.31
N THR F 249 26.56 20.26 7.52
CA THR F 249 27.98 19.93 7.58
C THR F 249 28.84 20.83 6.72
N GLY F 250 28.25 21.70 5.91
CA GLY F 250 28.98 22.65 5.13
C GLY F 250 29.11 22.37 3.64
N LYS F 251 28.23 21.55 3.06
CA LYS F 251 28.30 21.27 1.64
C LYS F 251 28.03 22.53 0.82
N THR F 252 26.99 23.29 1.18
CA THR F 252 26.72 24.55 0.51
C THR F 252 27.82 25.57 0.78
N LEU F 253 28.37 25.57 2.00
CA LEU F 253 29.50 26.44 2.30
C LEU F 253 30.70 26.09 1.44
N ILE F 254 30.96 24.80 1.25
CA ILE F 254 32.04 24.36 0.37
C ILE F 254 31.76 24.79 -1.07
N ALA F 255 30.49 24.73 -1.49
CA ALA F 255 30.14 25.20 -2.82
C ALA F 255 30.43 26.69 -2.98
N ARG F 256 30.06 27.48 -1.98
CA ARG F 256 30.34 28.92 -2.02
C ARG F 256 31.83 29.17 -2.07
N ALA F 257 32.59 28.44 -1.27
CA ALA F 257 34.04 28.60 -1.27
C ALA F 257 34.63 28.26 -2.63
N VAL F 258 34.19 27.15 -3.23
CA VAL F 258 34.71 26.76 -4.54
C VAL F 258 34.37 27.83 -5.57
N ALA F 259 33.15 28.37 -5.50
CA ALA F 259 32.76 29.42 -6.42
C ALA F 259 33.64 30.67 -6.26
N ASN F 260 33.96 31.03 -5.03
CA ASN F 260 34.76 32.23 -4.80
C ASN F 260 36.25 31.99 -4.91
N GLU F 261 36.69 30.74 -5.09
CA GLU F 261 38.11 30.42 -5.10
C GLU F 261 38.60 29.86 -6.43
N THR F 262 37.71 29.62 -7.38
CA THR F 262 38.07 28.90 -8.58
C THR F 262 38.34 29.87 -9.72
N GLY F 263 39.28 29.50 -10.60
CA GLY F 263 39.50 30.27 -11.80
C GLY F 263 38.56 29.85 -12.92
N ALA F 264 38.01 28.65 -12.83
CA ALA F 264 37.07 28.18 -13.84
C ALA F 264 35.74 28.90 -13.70
N PHE F 265 34.98 28.90 -14.79
CA PHE F 265 33.64 29.45 -14.77
C PHE F 265 32.74 28.60 -13.87
N PHE F 266 31.98 29.25 -13.00
CA PHE F 266 31.15 28.57 -12.02
C PHE F 266 29.68 28.85 -12.29
N PHE F 267 28.88 27.79 -12.39
CA PHE F 267 27.44 27.90 -12.50
C PHE F 267 26.81 27.15 -11.34
N LEU F 268 25.91 27.81 -10.63
CA LEU F 268 25.25 27.23 -9.46
C LEU F 268 23.81 26.88 -9.81
N ILE F 269 23.42 25.64 -9.52
CA ILE F 269 22.05 25.17 -9.70
C ILE F 269 21.53 24.70 -8.35
N ASN F 270 20.35 25.15 -7.98
CA ASN F 270 19.69 24.71 -6.75
C ASN F 270 18.55 23.77 -7.12
N GLY F 271 18.24 22.84 -6.22
CA GLY F 271 17.11 21.95 -6.40
C GLY F 271 15.79 22.70 -6.47
N PRO F 272 15.40 23.35 -5.37
CA PRO F 272 14.16 24.15 -5.39
C PRO F 272 14.16 25.23 -6.45
N GLU F 273 15.34 25.74 -6.84
CA GLU F 273 15.47 26.55 -8.05
C GLU F 273 14.74 25.91 -9.22
N ILE F 274 15.17 24.71 -9.61
CA ILE F 274 14.66 24.08 -10.82
C ILE F 274 13.23 23.57 -10.61
N MET F 275 12.95 23.00 -9.45
CA MET F 275 11.66 22.36 -9.24
C MET F 275 10.52 23.35 -9.05
N SER F 276 10.81 24.62 -8.79
CA SER F 276 9.76 25.62 -8.62
C SER F 276 9.27 26.20 -9.94
N LYS F 277 9.92 25.88 -11.05
CA LYS F 277 9.53 26.40 -12.35
C LYS F 277 8.46 25.52 -12.98
N LEU F 278 7.75 26.10 -13.95
CA LEU F 278 6.74 25.36 -14.67
C LEU F 278 7.38 24.30 -15.55
N ALA F 279 6.59 23.29 -15.90
CA ALA F 279 7.08 22.22 -16.77
C ALA F 279 7.53 22.80 -18.10
N GLY F 280 8.72 22.41 -18.53
CA GLY F 280 9.35 22.94 -19.72
C GLY F 280 10.27 24.11 -19.48
N GLU F 281 10.16 24.79 -18.34
CA GLU F 281 11.13 25.82 -17.97
C GLU F 281 12.25 25.27 -17.11
N SER F 282 11.97 24.26 -16.29
CA SER F 282 13.03 23.58 -15.54
C SER F 282 14.02 22.91 -16.48
N GLU F 283 13.50 22.17 -17.46
CA GLU F 283 14.36 21.50 -18.43
C GLU F 283 15.15 22.52 -19.25
N SER F 284 14.50 23.62 -19.65
CA SER F 284 15.19 24.65 -20.41
C SER F 284 16.31 25.28 -19.59
N ASN F 285 16.05 25.54 -18.30
CA ASN F 285 17.09 26.11 -17.44
C ASN F 285 18.26 25.14 -17.26
N LEU F 286 17.97 23.85 -17.08
CA LEU F 286 19.04 22.87 -16.93
C LEU F 286 19.88 22.78 -18.20
N ARG F 287 19.24 22.70 -19.36
CA ARG F 287 19.97 22.65 -20.62
C ARG F 287 20.78 23.92 -20.86
N LYS F 288 20.19 25.08 -20.52
CA LYS F 288 20.91 26.34 -20.68
C LYS F 288 22.12 26.40 -19.76
N ALA F 289 21.99 25.88 -18.54
CA ALA F 289 23.13 25.84 -17.63
C ALA F 289 24.25 24.98 -18.18
N PHE F 290 23.91 23.79 -18.70
CA PHE F 290 24.95 22.92 -19.24
C PHE F 290 25.61 23.55 -20.47
N GLU F 291 24.81 24.16 -21.34
CA GLU F 291 25.37 24.81 -22.53
C GLU F 291 26.23 26.01 -22.16
N GLU F 292 25.81 26.78 -21.15
CA GLU F 292 26.60 27.91 -20.68
C GLU F 292 27.93 27.45 -20.12
N ALA F 293 27.93 26.35 -19.36
CA ALA F 293 29.17 25.81 -18.84
C ALA F 293 30.08 25.33 -19.97
N GLU F 294 29.51 24.67 -20.97
CA GLU F 294 30.32 24.17 -22.08
C GLU F 294 30.91 25.32 -22.90
N LYS F 295 30.17 26.42 -23.02
CA LYS F 295 30.67 27.57 -23.77
C LYS F 295 31.82 28.26 -23.06
N ASN F 296 31.76 28.33 -21.73
CA ASN F 296 32.78 29.01 -20.93
C ASN F 296 33.78 28.05 -20.31
N ALA F 297 34.13 26.97 -21.02
CA ALA F 297 35.06 25.99 -20.49
C ALA F 297 36.44 26.59 -20.28
N PRO F 298 37.17 26.15 -19.25
CA PRO F 298 36.76 25.15 -18.25
C PRO F 298 35.72 25.69 -17.27
N ALA F 299 34.77 24.86 -16.88
CA ALA F 299 33.65 25.29 -16.06
C ALA F 299 33.32 24.25 -15.02
N ILE F 300 32.67 24.71 -13.95
CA ILE F 300 32.16 23.85 -12.88
C ILE F 300 30.66 24.08 -12.78
N ILE F 301 29.89 23.00 -12.79
CA ILE F 301 28.46 23.04 -12.53
C ILE F 301 28.23 22.46 -11.14
N PHE F 302 27.65 23.24 -10.25
CA PHE F 302 27.27 22.75 -8.93
C PHE F 302 25.76 22.69 -8.84
N ILE F 303 25.24 21.49 -8.55
CA ILE F 303 23.81 21.27 -8.39
C ILE F 303 23.57 21.03 -6.91
N ASP F 304 23.25 22.09 -6.17
CA ASP F 304 22.95 21.98 -4.76
C ASP F 304 21.58 21.35 -4.57
N GLU F 305 21.47 20.49 -3.56
CA GLU F 305 20.24 19.74 -3.27
C GLU F 305 19.81 18.92 -4.48
N LEU F 306 20.67 17.97 -4.84
CA LEU F 306 20.40 17.12 -6.02
C LEU F 306 19.17 16.25 -5.81
N ASP F 307 18.88 15.84 -4.58
CA ASP F 307 17.73 14.99 -4.33
C ASP F 307 16.42 15.71 -4.62
N ALA F 308 16.43 17.04 -4.64
CA ALA F 308 15.21 17.78 -4.96
C ALA F 308 14.81 17.58 -6.41
N ILE F 309 15.78 17.47 -7.32
CA ILE F 309 15.49 17.32 -8.74
C ILE F 309 15.57 15.89 -9.23
N ALA F 310 16.31 15.02 -8.54
CA ALA F 310 16.57 13.66 -9.04
C ALA F 310 16.33 12.63 -7.94
N PRO F 311 15.07 12.38 -7.58
CA PRO F 311 14.76 11.22 -6.75
C PRO F 311 14.73 9.94 -7.58
N LYS F 312 14.49 8.83 -6.90
CA LYS F 312 14.40 7.55 -7.60
C LYS F 312 13.22 7.56 -8.56
N ARG F 313 13.50 7.21 -9.83
CA ARG F 313 12.49 7.37 -10.87
C ARG F 313 11.27 6.49 -10.64
N GLU F 314 11.50 5.24 -10.25
CA GLU F 314 10.37 4.34 -10.00
C GLU F 314 9.54 4.81 -8.81
N LYS F 315 10.20 5.31 -7.76
CA LYS F 315 9.53 5.84 -6.59
C LYS F 315 9.01 7.26 -6.79
N THR F 316 9.01 7.76 -8.02
CA THR F 316 8.45 9.05 -8.36
C THR F 316 7.18 8.86 -9.16
N HIS F 317 6.20 9.73 -8.93
CA HIS F 317 4.91 9.62 -9.58
C HIS F 317 4.67 10.68 -10.64
N GLY F 318 5.34 11.82 -10.58
CA GLY F 318 5.17 12.85 -11.58
C GLY F 318 5.77 12.46 -12.92
N GLU F 319 5.04 12.81 -13.99
CA GLU F 319 5.57 12.61 -15.33
C GLU F 319 6.70 13.59 -15.59
N VAL F 320 6.49 14.85 -15.21
CA VAL F 320 7.48 15.90 -15.45
C VAL F 320 8.73 15.65 -14.62
N GLU F 321 8.57 15.12 -13.40
CA GLU F 321 9.73 14.83 -12.56
C GLU F 321 10.62 13.76 -13.19
N ARG F 322 10.01 12.68 -13.69
CA ARG F 322 10.79 11.65 -14.37
C ARG F 322 11.45 12.21 -15.62
N ARG F 323 10.75 13.07 -16.35
CA ARG F 323 11.35 13.69 -17.52
C ARG F 323 12.56 14.56 -17.14
N ILE F 324 12.48 15.27 -16.02
CA ILE F 324 13.60 16.08 -15.55
C ILE F 324 14.78 15.19 -15.18
N VAL F 325 14.53 14.08 -14.49
CA VAL F 325 15.62 13.15 -14.15
C VAL F 325 16.27 12.59 -15.41
N SER F 326 15.45 12.21 -16.39
CA SER F 326 16.00 11.70 -17.65
C SER F 326 16.81 12.76 -18.38
N GLN F 327 16.34 14.02 -18.35
CA GLN F 327 17.09 15.11 -18.98
C GLN F 327 18.43 15.31 -18.29
N LEU F 328 18.46 15.24 -16.96
CA LEU F 328 19.72 15.35 -16.24
C LEU F 328 20.67 14.23 -16.60
N LEU F 329 20.16 13.00 -16.70
CA LEU F 329 21.01 11.87 -17.11
C LEU F 329 21.57 12.09 -18.51
N THR F 330 20.73 12.57 -19.43
CA THR F 330 21.19 12.83 -20.79
C THR F 330 22.26 13.91 -20.83
N LEU F 331 22.06 14.98 -20.05
CA LEU F 331 23.05 16.05 -20.02
C LEU F 331 24.38 15.58 -19.43
N MET F 332 24.31 14.75 -18.38
CA MET F 332 25.54 14.18 -17.82
C MET F 332 26.25 13.29 -18.83
N ASP F 333 25.50 12.50 -19.60
CA ASP F 333 26.12 11.67 -20.62
C ASP F 333 26.64 12.48 -21.81
N GLY F 334 26.11 13.69 -22.01
CA GLY F 334 26.48 14.47 -23.17
C GLY F 334 27.89 15.01 -23.13
N LEU F 335 28.51 15.10 -21.96
CA LEU F 335 29.88 15.56 -21.86
C LEU F 335 30.83 14.56 -22.51
N LYS F 336 31.80 15.07 -23.26
CA LYS F 336 32.76 14.25 -23.98
C LYS F 336 34.15 14.26 -23.36
N GLN F 337 34.29 14.73 -22.12
CA GLN F 337 35.53 14.69 -21.35
C GLN F 337 36.60 15.62 -21.93
N ARG F 338 36.32 16.23 -23.08
CA ARG F 338 37.11 17.33 -23.60
C ARG F 338 36.40 18.65 -23.44
N ALA F 339 35.12 18.63 -23.05
CA ALA F 339 34.39 19.86 -22.79
C ALA F 339 34.94 20.58 -21.56
N HIS F 340 35.78 19.90 -20.77
CA HIS F 340 36.40 20.48 -19.58
C HIS F 340 35.34 21.05 -18.63
N VAL F 341 34.24 20.32 -18.50
CA VAL F 341 33.15 20.70 -17.60
C VAL F 341 33.05 19.60 -16.55
N ILE F 342 33.14 19.99 -15.28
CA ILE F 342 33.00 19.08 -14.16
C ILE F 342 31.72 19.44 -13.42
N VAL F 343 30.86 18.44 -13.22
CA VAL F 343 29.59 18.63 -12.55
C VAL F 343 29.73 18.19 -11.10
N MET F 344 29.44 19.10 -10.18
CA MET F 344 29.45 18.81 -8.75
C MET F 344 28.02 18.85 -8.23
N ALA F 345 27.73 18.00 -7.26
CA ALA F 345 26.40 17.97 -6.66
C ALA F 345 26.53 17.75 -5.16
N ALA F 346 25.58 18.30 -4.42
CA ALA F 346 25.53 18.14 -2.97
C ALA F 346 24.15 17.60 -2.59
N THR F 347 24.14 16.61 -1.71
CA THR F 347 22.89 16.09 -1.19
C THR F 347 23.12 15.57 0.22
N ASN F 348 22.10 15.72 1.06
CA ASN F 348 22.11 15.13 2.39
C ASN F 348 21.34 13.82 2.46
N ARG F 349 20.82 13.35 1.32
CA ARG F 349 20.16 12.05 1.21
C ARG F 349 20.74 11.31 0.01
N PRO F 350 21.97 10.81 0.13
CA PRO F 350 22.59 10.12 -1.02
C PRO F 350 21.83 8.90 -1.49
N ASN F 351 21.16 8.18 -0.59
CA ASN F 351 20.36 7.03 -1.00
C ASN F 351 19.13 7.47 -1.78
N SER F 352 18.63 8.68 -1.54
CA SER F 352 17.46 9.16 -2.24
C SER F 352 17.74 9.48 -3.71
N ILE F 353 19.02 9.58 -4.09
CA ILE F 353 19.36 9.86 -5.48
C ILE F 353 19.03 8.66 -6.35
N ASP F 354 18.57 8.92 -7.57
CA ASP F 354 18.35 7.86 -8.53
C ASP F 354 19.67 7.12 -8.78
N PRO F 355 19.70 5.80 -8.65
CA PRO F 355 20.97 5.07 -8.82
C PRO F 355 21.61 5.26 -10.18
N ALA F 356 20.82 5.52 -11.22
CA ALA F 356 21.40 5.71 -12.55
C ALA F 356 22.40 6.86 -12.58
N LEU F 357 22.19 7.89 -11.76
CA LEU F 357 23.10 9.01 -11.71
C LEU F 357 24.42 8.69 -11.02
N ARG F 358 24.53 7.54 -10.36
CA ARG F 358 25.75 7.14 -9.69
C ARG F 358 26.55 6.12 -10.48
N ARG F 359 26.29 6.01 -11.78
CA ARG F 359 26.97 5.05 -12.64
C ARG F 359 28.25 5.66 -13.20
N PHE F 360 28.90 4.93 -14.10
CA PHE F 360 30.10 5.41 -14.76
C PHE F 360 29.75 6.52 -15.75
N GLY F 361 30.65 7.49 -15.87
CA GLY F 361 30.39 8.66 -16.69
C GLY F 361 29.43 9.65 -16.07
N ARG F 362 29.12 9.49 -14.79
CA ARG F 362 28.13 10.29 -14.07
C ARG F 362 28.73 10.54 -12.70
N PHE F 363 27.88 10.84 -11.72
CA PHE F 363 28.39 11.14 -10.39
C PHE F 363 29.00 9.88 -9.78
N ASP F 364 30.19 9.52 -10.26
CA ASP F 364 30.87 8.30 -9.84
C ASP F 364 31.81 8.52 -8.66
N ARG F 365 32.26 9.75 -8.43
CA ARG F 365 33.07 10.07 -7.26
C ARG F 365 32.19 10.66 -6.18
N GLU F 366 32.42 10.26 -4.93
CA GLU F 366 31.62 10.74 -3.80
C GLU F 366 32.54 11.19 -2.69
N VAL F 367 32.26 12.37 -2.13
CA VAL F 367 33.03 12.94 -1.04
C VAL F 367 32.10 13.06 0.17
N ASP F 368 32.52 12.48 1.29
CA ASP F 368 31.71 12.46 2.51
C ASP F 368 32.09 13.65 3.39
N ILE F 369 31.21 14.64 3.46
CA ILE F 369 31.36 15.74 4.41
C ILE F 369 30.69 15.27 5.70
N GLY F 370 31.44 14.55 6.51
CA GLY F 370 30.89 13.93 7.70
C GLY F 370 30.81 14.85 8.89
N ILE F 371 30.43 14.26 10.02
CA ILE F 371 30.36 15.01 11.28
C ILE F 371 31.77 15.34 11.76
N PRO F 372 32.08 16.59 12.08
CA PRO F 372 33.42 16.91 12.56
C PRO F 372 33.70 16.31 13.93
N ASP F 373 34.98 16.04 14.18
CA ASP F 373 35.43 15.60 15.48
C ASP F 373 35.73 16.81 16.36
N ALA F 374 36.38 16.57 17.51
CA ALA F 374 36.65 17.66 18.45
C ALA F 374 37.58 18.71 17.83
N THR F 375 38.63 18.27 17.14
CA THR F 375 39.53 19.21 16.47
C THR F 375 38.80 19.96 15.36
N GLY F 376 38.00 19.25 14.57
CA GLY F 376 37.27 19.89 13.50
C GLY F 376 36.28 20.93 14.01
N ARG F 377 35.56 20.60 15.08
CA ARG F 377 34.59 21.55 15.61
C ARG F 377 35.28 22.69 16.35
N LEU F 378 36.48 22.46 16.90
CA LEU F 378 37.28 23.57 17.41
C LEU F 378 37.66 24.52 16.28
N GLU F 379 38.05 23.97 15.14
CA GLU F 379 38.35 24.79 13.97
C GLU F 379 37.13 25.58 13.53
N ILE F 380 35.96 24.93 13.51
CA ILE F 380 34.73 25.62 13.13
C ILE F 380 34.40 26.74 14.11
N LEU F 381 34.56 26.50 15.41
CA LEU F 381 34.30 27.53 16.39
C LEU F 381 35.25 28.70 16.24
N GLN F 382 36.52 28.42 15.96
CA GLN F 382 37.48 29.50 15.74
C GLN F 382 37.13 30.31 14.50
N ILE F 383 36.68 29.64 13.44
CA ILE F 383 36.30 30.35 12.22
C ILE F 383 35.08 31.23 12.48
N HIS F 384 34.08 30.69 13.18
CA HIS F 384 32.81 31.40 13.30
C HIS F 384 32.91 32.57 14.29
N THR F 385 33.81 32.48 15.27
CA THR F 385 33.97 33.52 16.27
C THR F 385 35.12 34.47 15.96
N LYS F 386 35.67 34.40 14.74
CA LYS F 386 36.83 35.25 14.41
C LYS F 386 36.45 36.72 14.38
N ASN F 387 35.22 37.04 13.98
CA ASN F 387 34.73 38.41 13.95
C ASN F 387 33.75 38.69 15.08
N MET F 388 33.75 37.85 16.11
CA MET F 388 32.83 37.96 17.24
C MET F 388 33.57 38.55 18.43
N LYS F 389 32.90 39.44 19.14
CA LYS F 389 33.48 40.06 20.34
C LYS F 389 33.44 39.06 21.48
N LEU F 390 34.61 38.59 21.89
CA LEU F 390 34.72 37.58 22.94
C LEU F 390 35.52 38.13 24.11
N ALA F 391 35.41 37.47 25.25
CA ALA F 391 36.16 37.80 26.44
C ALA F 391 37.28 36.79 26.63
N ASP F 392 38.15 37.08 27.60
CA ASP F 392 39.31 36.23 27.85
C ASP F 392 38.95 34.90 28.50
N ASP F 393 37.82 34.83 29.20
CA ASP F 393 37.43 33.58 29.86
C ASP F 393 36.90 32.55 28.86
N VAL F 394 36.66 32.94 27.62
CA VAL F 394 36.09 32.03 26.62
C VAL F 394 37.19 31.06 26.19
N ASP F 395 36.95 29.77 26.46
CA ASP F 395 37.87 28.71 26.06
C ASP F 395 37.21 27.91 24.94
N LEU F 396 37.64 28.15 23.70
CA LEU F 396 37.06 27.42 22.57
C LEU F 396 37.44 25.95 22.64
N GLU F 397 38.53 25.63 23.34
CA GLU F 397 38.84 24.26 23.69
C GLU F 397 37.66 23.61 24.40
N GLN F 398 37.15 24.27 25.44
CA GLN F 398 36.19 23.63 26.33
C GLN F 398 34.84 23.48 25.65
N VAL F 399 34.45 24.48 24.86
CA VAL F 399 33.25 24.38 24.05
C VAL F 399 33.37 23.24 23.05
N ALA F 400 34.52 23.13 22.40
CA ALA F 400 34.70 22.09 21.40
C ALA F 400 34.61 20.70 22.00
N ASN F 401 35.18 20.51 23.19
CA ASN F 401 35.12 19.18 23.82
C ASN F 401 33.69 18.83 24.28
N GLU F 402 32.85 19.85 24.48
CA GLU F 402 31.52 19.67 25.05
C GLU F 402 30.41 19.61 24.00
N THR F 403 30.75 19.70 22.72
CA THR F 403 29.76 19.76 21.65
C THR F 403 29.74 18.50 20.79
N HIS F 404 29.83 17.33 21.42
CA HIS F 404 29.64 16.08 20.71
C HIS F 404 28.27 16.04 20.06
N GLY F 405 28.22 15.59 18.81
CA GLY F 405 27.00 15.55 18.04
C GLY F 405 26.67 16.83 17.30
N HIS F 406 27.47 17.87 17.46
CA HIS F 406 27.24 19.13 16.78
C HIS F 406 27.88 19.12 15.39
N VAL F 407 27.19 19.69 14.42
CA VAL F 407 27.75 19.96 13.10
C VAL F 407 28.00 21.47 13.03
N GLY F 408 28.62 21.92 11.94
CA GLY F 408 28.97 23.34 11.84
C GLY F 408 27.79 24.27 12.01
N ALA F 409 26.63 23.88 11.47
CA ALA F 409 25.42 24.70 11.64
C ALA F 409 25.01 24.75 13.12
N ASP F 410 25.13 23.63 13.83
CA ASP F 410 24.83 23.63 15.26
C ASP F 410 25.78 24.54 16.02
N LEU F 411 27.06 24.55 15.66
CA LEU F 411 28.02 25.44 16.32
C LEU F 411 27.73 26.91 16.01
N ALA F 412 27.31 27.21 14.78
CA ALA F 412 26.90 28.58 14.45
C ALA F 412 25.69 29.00 15.28
N ALA F 413 24.71 28.11 15.42
CA ALA F 413 23.56 28.41 16.26
C ALA F 413 23.96 28.59 17.72
N LEU F 414 24.93 27.79 18.18
CA LEU F 414 25.44 27.92 19.54
C LEU F 414 26.07 29.28 19.77
N CYS F 415 26.89 29.74 18.82
CA CYS F 415 27.50 31.06 18.95
C CYS F 415 26.44 32.17 18.92
N SER F 416 25.44 32.04 18.05
CA SER F 416 24.36 33.02 18.01
C SER F 416 23.61 33.08 19.33
N GLU F 417 23.32 31.91 19.93
CA GLU F 417 22.63 31.90 21.21
C GLU F 417 23.48 32.46 22.33
N ALA F 418 24.80 32.21 22.29
CA ALA F 418 25.68 32.83 23.28
C ALA F 418 25.66 34.34 23.17
N ALA F 419 25.69 34.87 21.94
CA ALA F 419 25.60 36.31 21.76
C ALA F 419 24.26 36.85 22.24
N LEU F 420 23.18 36.11 21.99
CA LEU F 420 21.87 36.53 22.47
C LEU F 420 21.81 36.58 23.99
N GLN F 421 22.43 35.61 24.66
CA GLN F 421 22.49 35.66 26.12
C GLN F 421 23.33 36.83 26.59
N ALA F 422 24.40 37.15 25.87
CA ALA F 422 25.20 38.34 26.20
C ALA F 422 24.35 39.60 26.11
N ILE F 423 23.49 39.69 25.09
CA ILE F 423 22.59 40.83 24.96
C ILE F 423 21.54 40.83 26.07
N ARG F 424 21.07 39.64 26.46
CA ARG F 424 20.13 39.54 27.56
C ARG F 424 20.73 40.10 28.84
N LYS F 425 22.04 39.88 29.03
CA LYS F 425 22.73 40.39 30.21
C LYS F 425 22.78 41.93 30.22
N LYS F 426 22.59 42.58 29.08
CA LYS F 426 22.57 44.05 29.00
C LYS F 426 21.17 44.58 28.68
N MET F 427 20.17 43.70 28.67
CA MET F 427 18.77 44.09 28.43
C MET F 427 18.33 45.33 29.20
N ASP F 428 18.82 45.54 30.41
CA ASP F 428 18.29 46.63 31.23
C ASP F 428 18.63 47.99 30.64
N LEU F 429 19.78 48.09 29.99
CA LEU F 429 20.19 49.34 29.37
C LEU F 429 19.70 49.49 27.94
N ILE F 430 18.95 48.52 27.42
CA ILE F 430 18.49 48.52 26.04
C ILE F 430 16.97 48.44 26.05
N ASP F 431 16.32 49.39 25.36
CA ASP F 431 14.86 49.39 25.26
C ASP F 431 14.46 49.24 23.81
N LEU F 432 13.37 48.51 23.59
CA LEU F 432 12.86 48.31 22.23
C LEU F 432 12.38 49.63 21.64
N GLU F 433 11.67 50.44 22.44
CA GLU F 433 11.11 51.69 21.95
C GLU F 433 12.19 52.71 21.66
N ASP F 434 13.38 52.54 22.23
CA ASP F 434 14.48 53.45 21.97
C ASP F 434 14.85 53.44 20.50
N GLU F 435 15.03 54.63 19.93
CA GLU F 435 15.43 54.77 18.53
C GLU F 435 16.90 54.44 18.31
N THR F 436 17.73 54.51 19.34
CA THR F 436 19.14 54.21 19.22
C THR F 436 19.65 53.62 20.53
N ILE F 437 20.78 52.93 20.46
CA ILE F 437 21.38 52.25 21.60
C ILE F 437 22.67 52.97 21.97
N ASP F 438 22.86 53.23 23.26
CA ASP F 438 24.02 53.97 23.72
C ASP F 438 25.32 53.24 23.37
N ALA F 439 26.34 54.02 23.01
CA ALA F 439 27.61 53.44 22.60
C ALA F 439 28.36 52.78 23.75
N GLU F 440 28.11 53.21 25.00
CA GLU F 440 28.71 52.52 26.14
C GLU F 440 28.24 51.07 26.21
N VAL F 441 26.95 50.84 25.97
CA VAL F 441 26.46 49.48 25.88
C VAL F 441 27.10 48.76 24.71
N MET F 442 27.26 49.45 23.58
CA MET F 442 27.83 48.83 22.39
C MET F 442 29.24 48.30 22.63
N ASN F 443 30.13 49.13 23.19
CA ASN F 443 31.50 48.66 23.41
C ASN F 443 31.59 47.79 24.65
N SER F 444 30.57 47.84 25.53
CA SER F 444 30.55 46.92 26.67
C SER F 444 30.16 45.51 26.24
N LEU F 445 29.38 45.37 25.17
CA LEU F 445 28.93 44.06 24.72
C LEU F 445 30.08 43.13 24.39
N ALA F 446 30.17 42.01 25.11
CA ALA F 446 31.14 40.96 24.83
C ALA F 446 30.51 39.63 25.22
N VAL F 447 30.95 38.58 24.54
CA VAL F 447 30.47 37.22 24.80
C VAL F 447 31.45 36.56 25.77
N THR F 448 30.97 36.24 26.96
CA THR F 448 31.79 35.62 27.99
C THR F 448 31.62 34.11 27.97
N MET F 449 32.41 33.43 28.81
CA MET F 449 32.32 31.98 28.89
C MET F 449 30.98 31.53 29.47
N ASP F 450 30.39 32.33 30.37
CA ASP F 450 29.09 31.98 30.94
C ASP F 450 28.00 31.96 29.87
N ASP F 451 28.07 32.88 28.92
CA ASP F 451 27.12 32.87 27.81
C ASP F 451 27.26 31.59 26.99
N PHE F 452 28.49 31.16 26.75
CA PHE F 452 28.72 29.92 26.01
C PHE F 452 28.22 28.72 26.81
N ARG F 453 28.41 28.72 28.13
CA ARG F 453 27.89 27.63 28.95
C ARG F 453 26.37 27.57 28.89
N TRP F 454 25.70 28.72 28.94
CA TRP F 454 24.26 28.73 28.84
C TRP F 454 23.80 28.25 27.47
N ALA F 455 24.46 28.70 26.40
CA ALA F 455 24.12 28.23 25.06
C ALA F 455 24.33 26.73 24.94
N LEU F 456 25.39 26.21 25.56
CA LEU F 456 25.61 24.76 25.58
C LEU F 456 24.48 24.04 26.29
N SER F 457 24.03 24.60 27.42
CA SER F 457 22.93 23.98 28.15
C SER F 457 21.66 23.97 27.33
N GLN F 458 21.42 25.01 26.52
CA GLN F 458 20.21 25.09 25.73
C GLN F 458 20.33 24.47 24.34
N SER F 459 21.51 24.02 23.94
CA SER F 459 21.71 23.53 22.58
C SER F 459 21.29 22.07 22.44
N ASN F 460 20.63 21.77 21.34
CA ASN F 460 20.22 20.41 21.01
C ASN F 460 20.86 19.98 19.71
N PRO F 461 21.86 19.10 19.73
CA PRO F 461 22.56 18.74 18.50
C PRO F 461 21.66 17.98 17.53
N SER F 462 21.97 18.13 16.24
CA SER F 462 21.20 17.48 15.18
C SER F 462 21.82 16.15 14.71
N ALA F 463 23.02 15.82 15.17
CA ALA F 463 23.72 14.61 14.72
C ALA F 463 24.07 13.68 15.86
N LEU F 464 23.29 13.67 16.94
CA LEU F 464 23.59 12.81 18.07
C LEU F 464 23.29 11.35 17.78
N ARG F 465 22.34 11.08 16.89
CA ARG F 465 21.95 9.72 16.56
C ARG F 465 22.77 9.13 15.41
N GLU F 466 23.69 9.90 14.83
CA GLU F 466 24.54 9.39 13.77
C GLU F 466 25.64 8.52 14.36
N THR F 467 26.05 7.50 13.60
CA THR F 467 27.13 6.63 14.05
C THR F 467 28.44 7.42 14.14
N VAL F 468 29.12 7.27 15.27
CA VAL F 468 30.37 7.97 15.49
C VAL F 468 31.51 7.19 14.86
N VAL F 469 32.24 7.83 13.95
CA VAL F 469 33.37 7.21 13.26
C VAL F 469 34.56 8.14 13.45
N GLU F 470 35.48 7.76 14.33
CA GLU F 470 36.59 8.63 14.69
C GLU F 470 37.68 7.79 15.34
N VAL F 471 38.84 8.41 15.51
CA VAL F 471 39.94 7.77 16.22
C VAL F 471 39.70 7.93 17.73
N PRO F 472 39.72 6.83 18.50
CA PRO F 472 39.44 6.96 19.93
C PRO F 472 40.54 7.71 20.67
N GLN F 473 40.13 8.35 21.77
CA GLN F 473 41.07 9.03 22.65
C GLN F 473 41.78 8.08 23.59
N VAL F 474 41.28 6.85 23.74
CA VAL F 474 41.86 5.91 24.70
C VAL F 474 43.22 5.44 24.20
N THR F 475 44.23 5.54 25.06
CA THR F 475 45.58 5.08 24.77
C THR F 475 45.95 3.94 25.72
N TRP F 476 47.20 3.49 25.60
CA TRP F 476 47.66 2.39 26.44
C TRP F 476 47.86 2.80 27.90
N GLU F 477 48.13 4.08 28.17
CA GLU F 477 48.21 4.53 29.56
C GLU F 477 46.85 4.48 30.23
N ASP F 478 45.77 4.61 29.45
CA ASP F 478 44.41 4.46 29.95
C ASP F 478 44.08 3.04 30.37
N ILE F 479 44.91 2.07 30.00
CA ILE F 479 44.71 0.67 30.37
C ILE F 479 45.82 0.24 31.31
N GLY F 480 45.44 -0.40 32.42
CA GLY F 480 46.40 -0.92 33.37
C GLY F 480 46.57 -2.41 33.20
N GLY F 481 47.82 -2.86 33.22
CA GLY F 481 48.11 -4.27 33.04
C GLY F 481 47.89 -4.73 31.60
N LEU F 482 47.60 -6.02 31.45
CA LEU F 482 47.30 -6.63 30.16
C LEU F 482 48.44 -6.50 29.16
N GLU F 483 49.69 -6.57 29.65
CA GLU F 483 50.84 -6.31 28.79
C GLU F 483 50.98 -7.36 27.69
N ASP F 484 50.78 -8.64 28.03
CA ASP F 484 50.83 -9.68 27.01
C ASP F 484 49.70 -9.52 26.01
N VAL F 485 48.52 -9.13 26.49
CA VAL F 485 47.38 -8.88 25.60
C VAL F 485 47.68 -7.70 24.70
N LYS F 486 48.31 -6.66 25.24
CA LYS F 486 48.69 -5.51 24.42
C LYS F 486 49.68 -5.92 23.33
N ARG F 487 50.68 -6.72 23.69
CA ARG F 487 51.66 -7.16 22.71
C ARG F 487 51.02 -8.04 21.64
N GLU F 488 50.10 -8.93 22.04
CA GLU F 488 49.45 -9.82 21.10
C GLU F 488 48.56 -9.02 20.13
N LEU F 489 47.83 -8.03 20.64
CA LEU F 489 47.03 -7.17 19.78
C LEU F 489 47.91 -6.39 18.82
N GLN F 490 49.02 -5.84 19.33
CA GLN F 490 49.91 -5.09 18.47
C GLN F 490 50.46 -5.96 17.35
N GLU F 491 50.88 -7.18 17.67
CA GLU F 491 51.34 -8.08 16.63
C GLU F 491 50.23 -8.33 15.61
N LEU F 492 49.06 -8.78 16.07
CA LEU F 492 47.98 -9.18 15.18
C LEU F 492 47.57 -8.05 14.24
N VAL F 493 47.53 -6.82 14.75
CA VAL F 493 47.00 -5.71 13.96
C VAL F 493 48.08 -5.01 13.15
N GLN F 494 49.31 -4.93 13.65
CA GLN F 494 50.31 -4.06 13.03
C GLN F 494 51.36 -4.81 12.24
N TYR F 495 51.70 -6.04 12.62
CA TYR F 495 52.72 -6.77 11.87
C TYR F 495 52.36 -6.95 10.41
N PRO F 496 51.13 -7.30 10.03
CA PRO F 496 50.78 -7.29 8.60
C PRO F 496 50.91 -5.92 7.97
N VAL F 497 50.59 -4.86 8.70
CA VAL F 497 50.68 -3.51 8.14
C VAL F 497 52.15 -3.09 7.97
N GLU F 498 52.97 -3.35 8.99
CA GLU F 498 54.33 -2.82 8.97
C GLU F 498 55.27 -3.74 8.20
N HIS F 499 55.06 -5.05 8.26
CA HIS F 499 55.93 -6.03 7.60
C HIS F 499 55.10 -7.00 6.77
N PRO F 500 54.48 -6.51 5.68
CA PRO F 500 53.71 -7.43 4.82
C PRO F 500 54.58 -8.43 4.08
N ASP F 501 55.82 -8.05 3.74
CA ASP F 501 56.70 -8.94 2.99
C ASP F 501 57.05 -10.18 3.81
N LYS F 502 57.13 -10.06 5.13
CA LYS F 502 57.38 -11.23 5.97
C LYS F 502 56.23 -12.23 5.88
N PHE F 503 54.99 -11.73 5.86
CA PHE F 503 53.84 -12.61 5.73
C PHE F 503 53.79 -13.23 4.34
N LEU F 504 54.13 -12.45 3.31
CA LEU F 504 54.15 -13.00 1.96
C LEU F 504 55.22 -14.07 1.80
N LYS F 505 56.39 -13.88 2.43
CA LYS F 505 57.48 -14.83 2.27
C LYS F 505 57.12 -16.21 2.81
N PHE F 506 56.48 -16.25 3.98
CA PHE F 506 56.08 -17.51 4.58
C PHE F 506 54.74 -18.01 4.05
N GLY F 507 54.06 -17.24 3.21
CA GLY F 507 52.84 -17.69 2.58
C GLY F 507 51.64 -17.76 3.49
N MET F 508 51.63 -17.02 4.59
CA MET F 508 50.52 -17.03 5.54
C MET F 508 49.68 -15.76 5.39
N THR F 509 48.38 -15.94 5.16
CA THR F 509 47.46 -14.81 5.16
C THR F 509 47.10 -14.46 6.60
N PRO F 510 47.29 -13.21 7.02
CA PRO F 510 47.07 -12.88 8.44
C PRO F 510 45.61 -12.96 8.82
N SER F 511 45.37 -13.31 10.08
CA SER F 511 44.00 -13.29 10.61
C SER F 511 43.54 -11.86 10.76
N LYS F 512 42.32 -11.59 10.31
CA LYS F 512 41.77 -10.23 10.30
C LYS F 512 40.57 -10.14 11.25
N GLY F 513 40.45 -11.09 12.18
CA GLY F 513 39.38 -11.11 13.14
C GLY F 513 39.74 -11.71 14.48
N VAL F 514 39.47 -10.97 15.54
CA VAL F 514 39.79 -11.38 16.91
C VAL F 514 38.55 -11.23 17.77
N LEU F 515 38.40 -12.16 18.72
CA LEU F 515 37.32 -12.14 19.70
C LEU F 515 37.92 -12.02 21.08
N PHE F 516 37.58 -10.95 21.79
CA PHE F 516 37.91 -10.81 23.20
C PHE F 516 36.84 -11.50 24.04
N TYR F 517 37.27 -12.35 24.97
CA TYR F 517 36.34 -12.97 25.89
C TYR F 517 36.91 -12.94 27.30
N GLY F 518 36.02 -12.85 28.28
CA GLY F 518 36.41 -12.80 29.66
C GLY F 518 35.34 -12.21 30.55
N PRO F 519 35.63 -12.07 31.84
CA PRO F 519 34.64 -11.52 32.74
C PRO F 519 34.36 -10.06 32.44
N PRO F 520 33.17 -9.56 32.79
CA PRO F 520 32.82 -8.18 32.47
C PRO F 520 33.70 -7.17 33.19
N GLY F 521 33.86 -6.00 32.57
CA GLY F 521 34.60 -4.92 33.18
C GLY F 521 36.08 -5.17 33.34
N CYS F 522 36.71 -5.81 32.36
CA CYS F 522 38.14 -6.09 32.43
C CYS F 522 38.95 -5.37 31.35
N GLY F 523 38.30 -4.60 30.48
CA GLY F 523 39.00 -3.75 29.54
C GLY F 523 38.95 -4.15 28.08
N LYS F 524 37.99 -4.99 27.68
CA LYS F 524 37.90 -5.37 26.27
C LYS F 524 37.58 -4.18 25.38
N THR F 525 36.62 -3.35 25.80
CA THR F 525 36.33 -2.14 25.04
C THR F 525 37.52 -1.19 25.03
N LEU F 526 38.20 -1.06 26.18
CA LEU F 526 39.40 -0.23 26.24
C LEU F 526 40.48 -0.76 25.32
N LEU F 527 40.67 -2.08 25.28
CA LEU F 527 41.69 -2.65 24.41
C LEU F 527 41.38 -2.40 22.94
N ALA F 528 40.10 -2.57 22.55
CA ALA F 528 39.73 -2.28 21.17
C ALA F 528 39.98 -0.82 20.82
N LYS F 529 39.57 0.09 21.71
CA LYS F 529 39.79 1.51 21.45
C LYS F 529 41.27 1.85 21.38
N ALA F 530 42.07 1.25 22.26
CA ALA F 530 43.50 1.56 22.28
C ALA F 530 44.21 1.02 21.05
N ILE F 531 43.85 -0.18 20.59
CA ILE F 531 44.49 -0.70 19.38
C ILE F 531 44.05 0.09 18.16
N ALA F 532 42.82 0.62 18.18
CA ALA F 532 42.42 1.54 17.11
C ALA F 532 43.20 2.84 17.18
N ASN F 533 43.48 3.32 18.39
CA ASN F 533 44.17 4.60 18.56
C ASN F 533 45.63 4.50 18.14
N GLU F 534 46.30 3.39 18.49
CA GLU F 534 47.73 3.26 18.17
C GLU F 534 47.96 3.28 16.67
N CYS F 535 47.10 2.60 15.90
CA CYS F 535 47.18 2.60 14.45
C CYS F 535 46.59 3.86 13.83
N GLN F 536 45.99 4.74 14.64
CA GLN F 536 45.33 5.95 14.15
C GLN F 536 44.27 5.61 13.12
N ALA F 537 43.53 4.53 13.37
CA ALA F 537 42.45 4.08 12.51
C ALA F 537 41.12 4.51 13.09
N ASN F 538 40.12 4.63 12.22
CA ASN F 538 38.77 4.93 12.67
C ASN F 538 38.20 3.77 13.47
N PHE F 539 37.32 4.09 14.41
CA PHE F 539 36.73 3.12 15.31
C PHE F 539 35.22 3.20 15.21
N ILE F 540 34.58 2.07 14.92
CA ILE F 540 33.14 1.95 14.91
C ILE F 540 32.74 0.92 15.97
N SER F 541 31.91 1.33 16.91
CA SER F 541 31.49 0.47 18.00
C SER F 541 30.02 0.14 17.84
N ILE F 542 29.72 -1.16 17.75
CA ILE F 542 28.36 -1.66 17.72
C ILE F 542 28.09 -2.36 19.05
N LYS F 543 27.25 -1.75 19.87
CA LYS F 543 26.99 -2.27 21.20
C LYS F 543 25.83 -3.26 21.19
N GLY F 544 25.64 -3.92 22.34
CA GLY F 544 24.57 -4.87 22.51
C GLY F 544 23.18 -4.34 22.27
N PRO F 545 22.83 -3.14 22.76
CA PRO F 545 21.49 -2.60 22.45
C PRO F 545 21.21 -2.43 20.97
N GLU F 546 22.21 -2.11 20.15
CA GLU F 546 21.95 -1.97 18.71
C GLU F 546 21.64 -3.32 18.07
N LEU F 547 22.42 -4.35 18.42
CA LEU F 547 22.11 -5.69 17.94
C LEU F 547 20.74 -6.14 18.41
N LEU F 548 20.40 -5.83 19.66
CA LEU F 548 19.09 -6.20 20.19
C LEU F 548 17.98 -5.44 19.48
N THR F 549 18.23 -4.19 19.11
CA THR F 549 17.24 -3.43 18.35
C THR F 549 16.99 -4.08 16.99
N MET F 550 18.06 -4.51 16.33
CA MET F 550 17.87 -5.19 15.05
C MET F 550 17.18 -6.55 15.24
N TRP F 551 17.43 -7.22 16.37
CA TRP F 551 16.81 -8.52 16.61
C TRP F 551 15.31 -8.38 16.90
N PHE F 552 14.95 -7.47 17.81
CA PHE F 552 13.54 -7.30 18.17
C PHE F 552 12.72 -6.80 16.99
N GLY F 553 13.26 -5.84 16.24
CA GLY F 553 12.55 -5.31 15.08
C GLY F 553 12.64 -6.16 13.83
N GLU F 554 13.39 -7.26 13.89
CA GLU F 554 13.60 -8.14 12.73
C GLU F 554 14.09 -7.35 11.52
N SER F 555 15.11 -6.54 11.75
CA SER F 555 15.67 -5.62 10.77
C SER F 555 17.11 -5.97 10.44
N GLU F 556 17.34 -7.23 10.04
CA GLU F 556 18.69 -7.71 9.77
C GLU F 556 19.41 -6.81 8.78
N ALA F 557 18.70 -6.27 7.79
CA ALA F 557 19.31 -5.59 6.65
C ALA F 557 20.14 -4.39 7.05
N ASN F 558 19.93 -3.83 8.24
CA ASN F 558 20.76 -2.72 8.70
C ASN F 558 22.19 -3.13 9.00
N VAL F 559 22.43 -4.41 9.29
CA VAL F 559 23.79 -4.87 9.57
C VAL F 559 24.72 -4.52 8.41
N ARG F 560 24.27 -4.78 7.19
CA ARG F 560 25.08 -4.45 6.02
C ARG F 560 25.47 -2.97 6.02
N GLU F 561 24.54 -2.08 6.39
CA GLU F 561 24.86 -0.66 6.47
C GLU F 561 26.10 -0.44 7.33
N ILE F 562 26.15 -1.08 8.50
CA ILE F 562 27.30 -0.92 9.39
C ILE F 562 28.58 -1.25 8.64
N PHE F 563 28.60 -2.40 7.98
CA PHE F 563 29.82 -2.81 7.28
C PHE F 563 30.15 -1.84 6.16
N ASP F 564 29.12 -1.30 5.48
CA ASP F 564 29.39 -0.30 4.46
C ASP F 564 30.13 0.89 5.06
N LYS F 565 29.71 1.34 6.24
CA LYS F 565 30.43 2.41 6.91
C LYS F 565 31.88 2.03 7.13
N ALA F 566 32.13 0.80 7.59
CA ALA F 566 33.49 0.36 7.85
C ALA F 566 34.31 0.38 6.57
N ARG F 567 33.67 0.22 5.41
CA ARG F 567 34.41 0.28 4.16
C ARG F 567 34.77 1.73 3.81
N GLN F 568 33.86 2.67 4.07
CA GLN F 568 34.13 4.05 3.71
C GLN F 568 35.11 4.69 4.69
N ALA F 569 35.21 4.13 5.89
CA ALA F 569 36.07 4.66 6.94
C ALA F 569 37.41 3.95 7.04
N ALA F 570 37.71 3.03 6.12
CA ALA F 570 38.96 2.29 6.19
C ALA F 570 40.15 3.23 6.00
N PRO F 571 41.25 3.04 6.75
CA PRO F 571 41.48 2.00 7.76
C PRO F 571 40.60 2.17 9.00
N CYS F 572 39.87 1.11 9.36
CA CYS F 572 38.89 1.18 10.41
C CYS F 572 38.94 -0.09 11.24
N VAL F 573 38.59 0.04 12.52
CA VAL F 573 38.40 -1.09 13.42
C VAL F 573 36.91 -1.21 13.70
N LEU F 574 36.32 -2.31 13.26
CA LEU F 574 34.90 -2.58 13.49
C LEU F 574 34.79 -3.42 14.76
N PHE F 575 34.18 -2.85 15.80
CA PHE F 575 34.11 -3.48 17.11
C PHE F 575 32.67 -3.85 17.42
N PHE F 576 32.44 -5.12 17.72
CA PHE F 576 31.13 -5.63 18.11
C PHE F 576 31.18 -5.97 19.60
N ASP F 577 30.70 -5.05 20.43
CA ASP F 577 30.68 -5.26 21.87
C ASP F 577 29.44 -6.03 22.27
N GLN F 578 29.61 -6.95 23.22
CA GLN F 578 28.53 -7.79 23.75
C GLN F 578 27.85 -8.57 22.63
N LEU F 579 28.62 -9.46 22.01
CA LEU F 579 28.06 -10.33 20.97
C LEU F 579 27.05 -11.32 21.52
N ASP F 580 27.02 -11.52 22.84
CA ASP F 580 26.09 -12.46 23.46
C ASP F 580 24.78 -11.83 23.86
N SER F 581 24.54 -10.56 23.52
CA SER F 581 23.33 -9.88 23.96
C SER F 581 22.07 -10.57 23.44
N ILE F 582 22.06 -10.93 22.16
CA ILE F 582 20.94 -11.67 21.60
C ILE F 582 20.86 -13.06 22.20
N ALA F 583 22.01 -13.67 22.49
CA ALA F 583 22.02 -15.00 23.09
C ALA F 583 21.38 -14.99 24.47
N LYS F 584 21.70 -13.98 25.30
CA LYS F 584 21.04 -13.87 26.59
C LYS F 584 19.57 -13.51 26.43
N ALA F 585 19.25 -12.64 25.46
CA ALA F 585 17.86 -12.25 25.26
C ALA F 585 16.98 -13.44 24.93
N ARG F 586 17.55 -14.45 24.27
CA ARG F 586 16.83 -15.69 23.99
C ARG F 586 16.77 -16.60 25.19
N GLY F 587 17.44 -16.22 26.28
CA GLY F 587 17.38 -16.98 27.51
C GLY F 587 18.66 -17.65 27.93
N GLY F 588 19.75 -17.44 27.20
CA GLY F 588 21.02 -18.05 27.55
C GLY F 588 21.27 -19.36 26.85
N ASN F 589 21.96 -20.25 27.57
CA ASN F 589 22.33 -21.55 26.99
C ASN F 589 21.09 -22.42 26.76
N ILE F 590 20.18 -22.46 27.74
CA ILE F 590 19.00 -23.30 27.67
C ILE F 590 17.73 -22.49 27.53
N GLY F 591 17.82 -21.22 27.15
CA GLY F 591 16.65 -20.37 27.10
C GLY F 591 15.65 -20.79 26.03
N ASP F 592 16.13 -21.11 24.84
CA ASP F 592 15.26 -21.39 23.71
C ASP F 592 15.58 -22.77 23.13
N GLY F 593 14.60 -23.32 22.41
CA GLY F 593 14.81 -24.59 21.75
C GLY F 593 15.88 -24.53 20.66
N GLY F 594 15.88 -23.45 19.89
CA GLY F 594 16.89 -23.31 18.85
C GLY F 594 18.29 -23.17 19.44
N GLY F 595 19.28 -23.50 18.62
CA GLY F 595 20.64 -23.50 19.12
C GLY F 595 21.63 -22.63 18.37
N ALA F 596 22.07 -21.56 19.03
CA ALA F 596 23.22 -20.75 18.62
C ALA F 596 23.13 -20.32 17.16
N ALA F 597 22.00 -19.72 16.79
CA ALA F 597 21.82 -19.19 15.45
C ALA F 597 20.69 -18.18 15.48
N ASP F 598 21.00 -16.92 15.14
CA ASP F 598 20.00 -15.86 15.08
C ASP F 598 20.23 -15.03 13.83
N ARG F 599 19.20 -14.26 13.48
CA ARG F 599 19.17 -13.52 12.22
C ARG F 599 20.28 -12.48 12.14
N VAL F 600 20.49 -11.72 13.21
CA VAL F 600 21.46 -10.63 13.17
C VAL F 600 22.88 -11.17 13.06
N ILE F 601 23.21 -12.17 13.87
CA ILE F 601 24.55 -12.76 13.79
C ILE F 601 24.76 -13.45 12.45
N ASN F 602 23.69 -13.98 11.86
CA ASN F 602 23.79 -14.57 10.52
C ASN F 602 24.19 -13.52 9.49
N GLN F 603 23.53 -12.35 9.53
CA GLN F 603 23.92 -11.28 8.63
C GLN F 603 25.34 -10.81 8.91
N ILE F 604 25.73 -10.79 10.18
CA ILE F 604 27.10 -10.42 10.53
C ILE F 604 28.09 -11.40 9.91
N LEU F 605 27.77 -12.69 9.93
CA LEU F 605 28.63 -13.69 9.32
C LEU F 605 28.77 -13.45 7.81
N THR F 606 27.63 -13.21 7.14
CA THR F 606 27.70 -12.96 5.70
C THR F 606 28.51 -11.71 5.39
N GLU F 607 28.34 -10.65 6.20
CA GLU F 607 29.08 -9.42 5.96
C GLU F 607 30.56 -9.58 6.25
N MET F 608 30.91 -10.41 7.25
CA MET F 608 32.31 -10.71 7.50
C MET F 608 32.93 -11.44 6.31
N ASP F 609 32.19 -12.42 5.76
CA ASP F 609 32.69 -13.11 4.57
C ASP F 609 32.88 -12.12 3.41
N GLY F 610 31.96 -11.17 3.26
CA GLY F 610 32.12 -10.14 2.25
C GLY F 610 33.29 -9.21 2.49
N MET F 611 33.55 -8.86 3.75
CA MET F 611 34.61 -7.94 4.14
C MET F 611 35.99 -8.61 4.20
N SER F 612 36.05 -9.93 4.09
CA SER F 612 37.32 -10.63 4.16
C SER F 612 38.31 -10.13 3.11
N THR F 613 37.82 -9.57 1.99
CA THR F 613 38.71 -9.08 0.94
C THR F 613 39.20 -7.65 1.18
N LYS F 614 38.65 -6.95 2.17
CA LYS F 614 39.08 -5.59 2.48
C LYS F 614 40.19 -5.67 3.52
N LYS F 615 41.42 -5.40 3.09
CA LYS F 615 42.58 -5.62 3.95
C LYS F 615 42.61 -4.68 5.15
N ASN F 616 42.26 -3.42 4.95
CA ASN F 616 42.45 -2.41 6.00
C ASN F 616 41.23 -2.23 6.90
N VAL F 617 40.35 -3.22 6.99
CA VAL F 617 39.26 -3.22 7.96
C VAL F 617 39.47 -4.41 8.89
N PHE F 618 39.69 -4.15 10.16
CA PHE F 618 39.91 -5.17 11.16
C PHE F 618 38.68 -5.26 12.06
N ILE F 619 38.17 -6.48 12.23
CA ILE F 619 36.94 -6.72 12.98
C ILE F 619 37.29 -7.31 14.33
N ILE F 620 36.76 -6.73 15.40
CA ILE F 620 36.98 -7.18 16.77
C ILE F 620 35.61 -7.47 17.39
N GLY F 621 35.49 -8.61 18.05
CA GLY F 621 34.30 -8.95 18.80
C GLY F 621 34.64 -9.10 20.27
N ALA F 622 33.66 -8.80 21.12
CA ALA F 622 33.80 -8.94 22.56
C ALA F 622 32.56 -9.61 23.13
N THR F 623 32.77 -10.50 24.10
CA THR F 623 31.67 -11.19 24.75
C THR F 623 32.08 -11.56 26.16
N ASN F 624 31.10 -11.51 27.07
CA ASN F 624 31.27 -12.00 28.43
C ASN F 624 30.77 -13.43 28.59
N ARG F 625 30.14 -14.00 27.56
CA ARG F 625 29.59 -15.35 27.60
C ARG F 625 30.03 -16.09 26.34
N PRO F 626 31.31 -16.49 26.27
CA PRO F 626 31.78 -17.19 25.06
C PRO F 626 31.11 -18.54 24.85
N ASP F 627 30.53 -19.13 25.89
CA ASP F 627 29.90 -20.45 25.75
C ASP F 627 28.67 -20.39 24.85
N ILE F 628 27.87 -19.31 24.97
CA ILE F 628 26.64 -19.20 24.18
C ILE F 628 26.84 -18.43 22.88
N ILE F 629 28.09 -18.20 22.47
CA ILE F 629 28.35 -17.56 21.19
C ILE F 629 28.20 -18.58 20.07
N ASP F 630 27.66 -18.14 18.94
CA ASP F 630 27.52 -18.99 17.77
C ASP F 630 28.91 -19.44 17.31
N PRO F 631 29.20 -20.74 17.26
CA PRO F 631 30.54 -21.18 16.85
C PRO F 631 30.92 -20.79 15.44
N ALA F 632 29.93 -20.54 14.57
CA ALA F 632 30.24 -20.19 13.18
C ALA F 632 31.02 -18.89 13.09
N ILE F 633 30.97 -18.06 14.13
CA ILE F 633 31.71 -16.80 14.09
C ILE F 633 33.19 -17.01 14.38
N LEU F 634 33.57 -18.19 14.85
CA LEU F 634 34.97 -18.50 15.14
C LEU F 634 35.66 -19.22 14.00
N ARG F 635 34.98 -19.42 12.87
CA ARG F 635 35.57 -20.13 11.75
C ARG F 635 36.58 -19.24 11.02
N PRO F 636 37.48 -19.84 10.23
CA PRO F 636 38.46 -19.03 9.49
C PRO F 636 37.78 -18.05 8.55
N GLY F 637 38.40 -16.88 8.38
CA GLY F 637 37.79 -15.77 7.70
C GLY F 637 36.88 -14.93 8.57
N ARG F 638 36.70 -15.33 9.82
CA ARG F 638 35.85 -14.64 10.79
C ARG F 638 36.69 -14.39 12.04
N LEU F 639 36.10 -14.08 13.20
CA LEU F 639 36.88 -13.81 14.40
C LEU F 639 37.53 -15.11 14.84
N ASP F 640 38.57 -15.50 14.10
CA ASP F 640 39.24 -16.78 14.29
C ASP F 640 40.38 -16.71 15.30
N GLN F 641 40.78 -15.52 15.73
CA GLN F 641 41.70 -15.36 16.84
C GLN F 641 40.88 -15.15 18.11
N LEU F 642 41.33 -15.74 19.22
CA LEU F 642 40.63 -15.63 20.48
C LEU F 642 41.61 -15.18 21.56
N ILE F 643 41.23 -14.12 22.29
CA ILE F 643 42.06 -13.60 23.37
C ILE F 643 41.23 -13.57 24.64
N TYR F 644 41.76 -14.18 25.69
CA TYR F 644 41.11 -14.18 27.00
C TYR F 644 41.57 -12.96 27.78
N ILE F 645 40.61 -12.14 28.22
CA ILE F 645 40.90 -10.99 29.07
C ILE F 645 40.51 -11.36 30.49
N PRO F 646 41.46 -11.74 31.34
CA PRO F 646 41.12 -12.23 32.68
C PRO F 646 40.95 -11.09 33.68
N LEU F 647 40.54 -11.46 34.89
CA LEU F 647 40.53 -10.51 35.98
C LEU F 647 41.95 -10.07 36.28
N PRO F 648 42.18 -8.80 36.59
CA PRO F 648 43.55 -8.33 36.86
C PRO F 648 44.11 -8.95 38.12
N ASP F 649 45.42 -9.18 38.10
CA ASP F 649 46.12 -9.57 39.32
C ASP F 649 46.53 -8.32 40.09
N GLU F 650 47.28 -8.52 41.17
CA GLU F 650 47.55 -7.42 42.09
C GLU F 650 48.32 -6.28 41.42
N LYS F 651 49.34 -6.61 40.63
CA LYS F 651 50.08 -5.56 39.93
C LYS F 651 49.20 -4.85 38.92
N SER F 652 48.40 -5.61 38.17
CA SER F 652 47.47 -4.99 37.23
C SER F 652 46.42 -4.16 37.96
N ARG F 653 46.04 -4.58 39.16
CA ARG F 653 45.07 -3.79 39.92
C ARG F 653 45.68 -2.48 40.42
N VAL F 654 46.96 -2.51 40.81
CA VAL F 654 47.65 -1.26 41.13
C VAL F 654 47.66 -0.35 39.92
N ALA F 655 47.97 -0.92 38.74
CA ALA F 655 48.00 -0.11 37.51
C ALA F 655 46.63 0.47 37.21
N ILE F 656 45.57 -0.32 37.38
CA ILE F 656 44.21 0.15 37.10
C ILE F 656 43.83 1.28 38.06
N LEU F 657 44.13 1.11 39.35
CA LEU F 657 43.82 2.15 40.33
C LEU F 657 44.59 3.42 40.03
N LYS F 658 45.85 3.29 39.63
CA LYS F 658 46.63 4.47 39.26
C LYS F 658 46.06 5.16 38.03
N ALA F 659 45.63 4.38 37.03
CA ALA F 659 45.07 4.97 35.82
C ALA F 659 43.76 5.69 36.10
N ASN F 660 42.91 5.10 36.96
CA ASN F 660 41.63 5.72 37.25
C ASN F 660 41.78 7.01 38.05
N LEU F 661 42.85 7.14 38.83
CA LEU F 661 43.03 8.27 39.74
C LEU F 661 43.95 9.34 39.17
N ARG F 662 44.29 9.27 37.89
CA ARG F 662 45.19 10.26 37.30
C ARG F 662 44.56 11.64 37.33
N LYS F 663 43.27 11.73 37.04
CA LYS F 663 42.55 13.00 36.96
C LYS F 663 41.94 13.42 38.29
N SER F 664 42.17 12.68 39.36
CA SER F 664 41.63 13.01 40.67
C SER F 664 42.76 13.35 41.63
N PRO F 665 42.69 14.47 42.35
CA PRO F 665 43.74 14.79 43.32
C PRO F 665 43.68 13.84 44.52
N VAL F 666 44.74 13.05 44.69
CA VAL F 666 44.80 12.04 45.73
C VAL F 666 46.01 12.33 46.61
N ALA F 667 45.80 12.31 47.93
CA ALA F 667 46.90 12.50 48.87
C ALA F 667 47.86 11.33 48.78
N LYS F 668 49.16 11.64 48.91
CA LYS F 668 50.19 10.61 48.73
C LYS F 668 50.23 9.64 49.90
N ASP F 669 49.53 9.94 51.00
CA ASP F 669 49.46 9.00 52.10
C ASP F 669 48.61 7.79 51.75
N VAL F 670 47.74 7.92 50.74
CA VAL F 670 46.93 6.79 50.30
C VAL F 670 47.81 5.77 49.60
N ASP F 671 47.70 4.51 50.02
CA ASP F 671 48.51 3.43 49.47
C ASP F 671 47.63 2.60 48.54
N LEU F 672 47.85 2.74 47.23
CA LEU F 672 47.05 1.99 46.26
C LEU F 672 47.44 0.52 46.24
N GLU F 673 48.66 0.19 46.65
CA GLU F 673 49.08 -1.21 46.68
C GLU F 673 48.25 -2.01 47.66
N PHE F 674 47.97 -1.44 48.83
CA PHE F 674 47.11 -2.11 49.80
C PHE F 674 45.69 -2.26 49.27
N LEU F 675 45.18 -1.23 48.60
CA LEU F 675 43.85 -1.31 47.99
C LEU F 675 43.80 -2.45 46.98
N ALA F 676 44.85 -2.61 46.17
CA ALA F 676 44.86 -3.66 45.17
C ALA F 676 44.99 -5.03 45.81
N LYS F 677 45.83 -5.17 46.84
CA LYS F 677 46.03 -6.48 47.45
C LYS F 677 44.80 -6.92 48.25
N MET F 678 44.01 -5.96 48.72
CA MET F 678 42.80 -6.34 49.45
C MET F 678 41.65 -6.68 48.51
N THR F 679 41.66 -6.16 47.29
CA THR F 679 40.60 -6.39 46.32
C THR F 679 40.99 -7.55 45.40
N ASN F 680 40.91 -8.77 45.95
CA ASN F 680 41.45 -9.93 45.26
C ASN F 680 40.69 -10.26 43.98
N GLY F 681 39.36 -10.35 44.06
CA GLY F 681 38.57 -10.79 42.93
C GLY F 681 37.89 -9.66 42.18
N PHE F 682 38.35 -8.43 42.39
CA PHE F 682 37.70 -7.28 41.78
C PHE F 682 38.12 -7.14 40.32
N SER F 683 37.23 -6.58 39.52
CA SER F 683 37.52 -6.23 38.13
C SER F 683 37.88 -4.76 38.02
N GLY F 684 38.27 -4.35 36.82
CA GLY F 684 38.60 -2.94 36.61
C GLY F 684 37.40 -2.03 36.82
N ALA F 685 36.20 -2.49 36.43
CA ALA F 685 35.00 -1.71 36.66
C ALA F 685 34.73 -1.55 38.15
N ASP F 686 34.97 -2.58 38.95
CA ASP F 686 34.79 -2.48 40.39
C ASP F 686 35.76 -1.49 41.01
N LEU F 687 37.02 -1.51 40.57
CA LEU F 687 38.00 -0.55 41.06
C LEU F 687 37.62 0.88 40.67
N THR F 688 37.13 1.06 39.45
CA THR F 688 36.63 2.37 39.04
C THR F 688 35.45 2.80 39.89
N GLU F 689 34.58 1.85 40.26
CA GLU F 689 33.47 2.17 41.16
C GLU F 689 33.99 2.64 42.51
N ILE F 690 35.01 1.97 43.05
CA ILE F 690 35.59 2.38 44.33
C ILE F 690 36.14 3.79 44.23
N CYS F 691 36.90 4.06 43.17
CA CYS F 691 37.49 5.39 42.99
C CYS F 691 36.40 6.45 42.86
N GLN F 692 35.34 6.16 42.09
CA GLN F 692 34.27 7.12 41.91
C GLN F 692 33.53 7.39 43.21
N ARG F 693 33.31 6.35 44.02
CA ARG F 693 32.64 6.57 45.31
C ARG F 693 33.53 7.38 46.25
N ALA F 694 34.83 7.13 46.24
CA ALA F 694 35.74 7.94 47.05
C ALA F 694 35.71 9.41 46.62
N CYS F 695 35.72 9.65 45.30
CA CYS F 695 35.62 11.02 44.81
C CYS F 695 34.29 11.65 45.22
N LYS F 696 33.21 10.88 45.17
CA LYS F 696 31.90 11.39 45.59
C LYS F 696 31.91 11.79 47.06
N LEU F 697 32.51 10.95 47.91
CA LEU F 697 32.59 11.27 49.33
C LEU F 697 33.41 12.54 49.55
N ALA F 698 34.54 12.66 48.84
CA ALA F 698 35.38 13.85 48.98
C ALA F 698 34.65 15.10 48.52
N ILE F 699 33.91 15.01 47.40
CA ILE F 699 33.16 16.15 46.90
C ILE F 699 32.05 16.54 47.87
N ARG F 700 31.38 15.55 48.46
CA ARG F 700 30.34 15.86 49.45
C ARG F 700 30.94 16.55 50.66
N GLU F 701 32.10 16.07 51.12
CA GLU F 701 32.77 16.70 52.25
C GLU F 701 33.13 18.14 51.94
N SER F 702 33.71 18.38 50.75
CA SER F 702 34.14 19.72 50.39
C SER F 702 32.95 20.66 50.25
N ILE F 703 31.86 20.17 49.65
CA ILE F 703 30.66 21.00 49.50
C ILE F 703 30.07 21.33 50.87
N GLU F 704 30.03 20.36 51.78
CA GLU F 704 29.48 20.61 53.10
C GLU F 704 30.36 21.58 53.89
N SER F 705 31.69 21.48 53.74
CA SER F 705 32.59 22.40 54.41
C SER F 705 32.46 23.81 53.87
N GLU F 706 32.32 23.94 52.54
CA GLU F 706 32.11 25.24 51.94
C GLU F 706 30.77 25.83 52.40
N ILE F 707 29.74 25.00 52.53
CA ILE F 707 28.46 25.46 53.04
C ILE F 707 28.59 25.90 54.49
N ARG F 708 29.36 25.15 55.30
CA ARG F 708 29.54 25.53 56.69
C ARG F 708 30.25 26.88 56.82
N ARG F 709 31.29 27.10 56.03
CA ARG F 709 31.98 28.38 56.06
C ARG F 709 31.08 29.50 55.53
N GLU F 710 30.29 29.20 54.49
CA GLU F 710 29.41 30.19 53.90
C GLU F 710 28.31 30.59 54.88
N ARG F 711 27.87 29.66 55.73
CA ARG F 711 27.00 30.00 56.85
C ARG F 711 27.72 30.82 57.90
N GLU F 712 28.91 30.40 58.31
CA GLU F 712 29.56 31.06 59.44
C GLU F 712 29.91 32.50 59.12
N ARG F 713 30.35 32.77 57.89
CA ARG F 713 30.74 34.14 57.54
C ARG F 713 29.54 35.08 57.61
N GLN F 714 28.34 34.56 57.38
CA GLN F 714 27.12 35.36 57.41
C GLN F 714 26.63 35.57 58.83
N PRO F 727 40.64 22.81 53.72
CA PRO F 727 39.57 21.86 54.03
C PRO F 727 39.82 20.47 53.43
N VAL F 728 39.30 20.25 52.23
CA VAL F 728 39.47 18.98 51.54
C VAL F 728 40.07 19.26 50.16
N PRO F 729 41.39 19.30 50.04
CA PRO F 729 42.01 19.54 48.73
C PRO F 729 42.25 18.26 47.95
N GLU F 730 42.26 17.12 48.64
CA GLU F 730 42.59 15.84 48.03
C GLU F 730 41.73 14.74 48.64
N ILE F 731 41.63 13.63 47.91
CA ILE F 731 40.99 12.44 48.46
C ILE F 731 41.91 11.80 49.49
N ARG F 732 41.33 11.37 50.61
CA ARG F 732 42.07 10.90 51.76
C ARG F 732 41.78 9.42 52.00
N ARG F 733 42.51 8.85 52.98
CA ARG F 733 42.39 7.42 53.25
C ARG F 733 41.03 7.05 53.82
N ASP F 734 40.45 7.94 54.64
CA ASP F 734 39.12 7.66 55.18
C ASP F 734 38.08 7.61 54.07
N HIS F 735 38.25 8.43 53.03
CA HIS F 735 37.36 8.36 51.89
C HIS F 735 37.40 6.99 51.24
N PHE F 736 38.61 6.45 51.06
CA PHE F 736 38.75 5.15 50.40
C PHE F 736 38.24 4.03 51.29
N GLU F 737 38.40 4.17 52.61
CA GLU F 737 37.83 3.18 53.52
C GLU F 737 36.30 3.19 53.46
N GLU F 738 35.70 4.37 53.47
CA GLU F 738 34.24 4.47 53.39
C GLU F 738 33.73 4.02 52.03
N ALA F 739 34.56 4.14 50.99
CA ALA F 739 34.20 3.56 49.70
C ALA F 739 34.29 2.04 49.72
N MET F 740 35.28 1.51 50.42
CA MET F 740 35.42 0.06 50.58
C MET F 740 34.32 -0.54 51.46
N ARG F 741 33.58 0.29 52.19
CA ARG F 741 32.27 -0.16 52.68
C ARG F 741 31.45 -0.84 51.59
N PHE F 742 31.11 -0.08 50.54
CA PHE F 742 30.16 -0.49 49.51
C PHE F 742 30.80 -1.26 48.37
N ALA F 743 32.12 -1.43 48.37
CA ALA F 743 32.77 -2.10 47.26
C ALA F 743 32.59 -3.61 47.36
N ARG F 744 32.19 -4.24 46.25
CA ARG F 744 31.95 -5.67 46.22
C ARG F 744 32.28 -6.19 44.83
N ARG F 745 32.72 -7.44 44.76
CA ARG F 745 33.21 -8.02 43.52
C ARG F 745 32.04 -8.49 42.67
N SER F 746 32.01 -8.03 41.42
CA SER F 746 30.87 -8.32 40.54
C SER F 746 30.93 -9.73 39.98
N VAL F 747 32.12 -10.31 39.84
CA VAL F 747 32.32 -11.60 39.21
C VAL F 747 32.61 -12.63 40.29
N SER F 748 31.78 -13.66 40.35
CA SER F 748 31.98 -14.74 41.31
C SER F 748 32.98 -15.75 40.77
N ASP F 749 33.39 -16.68 41.66
CA ASP F 749 34.33 -17.71 41.26
C ASP F 749 33.71 -18.68 40.26
N ASN F 750 32.39 -18.85 40.29
CA ASN F 750 31.70 -19.67 39.31
C ASN F 750 32.00 -19.19 37.90
N ASP F 751 31.84 -17.88 37.68
CA ASP F 751 32.07 -17.32 36.35
C ASP F 751 33.53 -17.47 35.94
N ILE F 752 34.45 -17.20 36.87
CA ILE F 752 35.88 -17.33 36.55
C ILE F 752 36.19 -18.74 36.09
N ARG F 753 35.68 -19.73 36.83
CA ARG F 753 35.94 -21.11 36.44
C ARG F 753 35.32 -21.44 35.09
N LYS F 754 34.13 -20.89 34.80
CA LYS F 754 33.55 -21.15 33.49
C LYS F 754 34.46 -20.64 32.38
N TYR F 755 35.03 -19.44 32.54
CA TYR F 755 36.01 -18.95 31.59
C TYR F 755 37.24 -19.85 31.54
N GLU F 756 37.61 -20.45 32.69
CA GLU F 756 38.80 -21.30 32.70
C GLU F 756 38.58 -22.56 31.86
N MET F 757 37.44 -23.24 32.01
CA MET F 757 37.21 -24.39 31.12
C MET F 757 36.87 -23.96 29.70
N PHE F 758 36.45 -22.73 29.46
CA PHE F 758 36.41 -22.27 28.08
C PHE F 758 37.82 -22.14 27.50
N ALA F 759 38.76 -21.62 28.31
CA ALA F 759 40.12 -21.43 27.83
C ALA F 759 40.85 -22.76 27.65
N GLN F 760 40.62 -23.70 28.56
CA GLN F 760 41.25 -25.01 28.45
C GLN F 760 40.79 -25.77 27.21
N THR F 761 39.51 -25.66 26.87
CA THR F 761 38.94 -26.37 25.74
C THR F 761 39.15 -25.65 24.41
N LEU F 762 40.11 -24.75 24.33
CA LEU F 762 40.41 -24.07 23.07
C LEU F 762 41.14 -25.02 22.11
N SER F 770 54.74 -31.32 25.93
CA SER F 770 54.84 -32.77 25.83
C SER F 770 55.37 -33.22 24.48
N PHE F 771 54.88 -32.61 23.40
CA PHE F 771 55.22 -33.10 22.07
C PHE F 771 56.58 -32.57 21.63
N ARG F 772 57.47 -33.50 21.29
CA ARG F 772 58.77 -33.24 20.68
C ARG F 772 58.94 -34.12 19.45
N PHE F 773 59.62 -33.55 18.45
CA PHE F 773 60.09 -34.33 17.33
C PHE F 773 61.13 -35.34 17.83
N PRO F 774 61.25 -36.50 17.17
CA PRO F 774 62.25 -37.48 17.60
C PRO F 774 63.65 -36.90 17.52
N SER F 775 64.49 -37.26 18.49
CA SER F 775 65.85 -36.74 18.56
C SER F 775 66.71 -37.30 17.44
#